data_8UGK
#
_entry.id   8UGK
#
_cell.length_a   1.00
_cell.length_b   1.00
_cell.length_c   1.00
_cell.angle_alpha   90.00
_cell.angle_beta   90.00
_cell.angle_gamma   90.00
#
_symmetry.space_group_name_H-M   'P 1'
#
loop_
_entity.id
_entity.type
_entity.pdbx_description
1 polymer 'Cytochrome b-c1 complex subunit 1, mitochondrial'
2 polymer 'Cytochrome b-c1 complex subunit 2, mitochondrial'
3 polymer 'Cytochrome b'
4 polymer 'Cytochrome c1, heme protein, mitochondrial'
5 polymer 'Cytochrome b-c1 complex subunit Rieske, mitochondrial'
6 polymer 'Cytochrome b-c1 complex subunit 7'
7 polymer 'Cytochrome b-c1 complex subunit 8'
8 polymer 'Cytochrome b-c1 complex subunit 6, mitochondrial'
9 polymer 'Ubiquinol-cytochrome c reductase complex 7.2 kDa protein'
10 polymer 'Cytochrome b-c1 complex subunit 10'
11 non-polymer CARDIOLIPIN
12 non-polymer 1,2-Distearoyl-sn-glycerophosphoethanolamine
13 non-polymer 'PROTOPORPHYRIN IX CONTAINING FE'
14 non-polymer 'HEME C'
15 non-polymer 'FE2/S2 (INORGANIC) CLUSTER'
16 non-polymer 1,2-DIACYL-SN-GLYCERO-3-PHOSPHOCHOLINE
17 water water
#
loop_
_entity_poly.entity_id
_entity_poly.type
_entity_poly.pdbx_seq_one_letter_code
_entity_poly.pdbx_strand_id
1 'polypeptide(L)'
;MAASAVCRVAGTGSRVLLRTCRSPALLRSPALRGTATYAQALQSVPETQVSQLDNGLRVASEQSSQPTCTVGVWIDAGSR
YENEKNNGAGYFVEHLAFKGTKNRPGSALEKEVESMGAHLNAYSTREHTAYYIKALSKDLPKAVELLADIVQNCSLEDSQ
IEKERDVILQELQENDSSMRDVVFDYLHATAFQGTPLAQSVEGPSENVRKLSRADLTEYVSQHYKAPRMVLAAAGGVEHR
QLLDLAQKHFSSLSGTYVEDAVPAFTPCRFTGSEIRHRDDALPLAHVAIAVEGPGWANPDNVPLQVANAIIGHYDSTYGG
GTHMSSTLASVAATRKLCQSFQTFNICYAETGLLGAHFVCDNMSIDDMMFFLQGQWMRLCTSATESEVVRGKNILRNALV
SHLDGTTPVCEDIGRSLLTYGRRIPLAEWESRIAEVDASVVREVCSKYFYDQCPAVAGLGPIEQLPDYNRIRSGMFWLRF
;
3A,3N
2 'polypeptide(L)'
;MKLITRAGSFSRFYSLKVAPKALASAAPAGVPLQPQDLEFTRLPNGLVIASLENYAPASRIGLFIKAGSRYEDSNNLGTS
HLLRLASSLTTKGASSFKITRGIEAVGGKLSVTSTRESMAYTVECLRDDIEILMEFLLNVTAAPEFRRWEVAALQSQLRI
DKAVAFQNPQAQVLENLHAAAYRNALANSLYCPDYRIGKVTPDQLHYYVQNHFTSARMALIGLGVSHPVLKQVAERFLNM
RGGLGLSGAKAKYRGGEIRDQNGDSLVHAALVAESAATGSAEANAFSVLQHVLGAGPHVKRGSNATSSLYQAVAKGVHQP
FDVSAFNASYSDSGLFGIYTISQAASAGDVIKSAYDQVKTIAQGNLSNTDVQAAKNKLKAGYLMSVESSEGFLDEVGSQA
LVAGSYVQPSTVLQQIDSVADADVINAAKKFVSGRKSMAASGNLGHTPFVDEL
;
3B,3O
3 'polypeptide(L)'
;MTNIRKSHPLMKIINNAFIDLPAPSNISSWWNFGSLLGICLILQILTGLFLAMHYTSDTTTAFSSVTHICRDVNYGWVIR
YLHANGASMFFICLFIHVGRGLYYGSYMFLETWNIGVVLLFTVMATAFMGYVLPWGQMSFWGATVITNLLSAIPYIGTDL
VEWIWGGFSVDKATLTRFFAFHFILPFIITALAAVHLLFLHETGSNNPTGISSDMDKIPFHPYYTIKDILGALFMMLILL
ILVLFSPDLLGDPDNYTPANPLNTPPHIKPEWYFLFAYAILRSIPNKLGGVLALVASILILILMPMLHTSKQRSMMFRPL
SQCLFWMLVADLITLTWIGGQPVEHPFIIIGQLASILYFLIILVLMPITSIIENNLLKW
;
3C,3P
4 'polypeptide(L)'
;MSAAAAASLRGAVLGPRGAGLPGARARGLLCGPRPGQLPLRTPQALSLSSKSGLSRGRKVILSALGMLAAGGAGLAVALH
SAVSATDLELHAPSYPWSHRGLLSSLDHTSIRRGFQVYKQVCSSCHSMDYVAYRHLVGVCYTEEEAKALAEEVEVQDGPN
EDGEMFMRPGKLSDYFPKPYPNPEAARAANNGALPPDLSYIVRARHGGEDYVFSLLTGYCEPPTGVSLREGLYFNPYFPG
QAIAMAPPIYNEVLEFDDGTPATMSQVAKDVCTFLRWASEPEHDHRKRMGLKMLMMMGLLLPLVYAMKRHKWSVLKSRKL
AYRPP
;
3D,3Q
5 'polypeptide(L)'
;MLSVASRSGPFAPVLSATSRGVAGALRPLVQAALPATSESPVLDAKRSFLCRESLSGQAAGRPLVASVGLNVPASVRYSH
TDIRVPDFSDYRRAEVLDSTKSSKESSDARKGFSYLITATTTVGVAYAAKNAVSQFVSSMSASADVLAMSKIEIKLSDIP
EGKNMAFKWRGKPLFVRHRTKKEIDQEAAVEVSQLRDPQHDLERVKKPEWVILIGVCTHLGCVPIANAGDFGGYYCPCHG
SHYDASGRIRKGPAPLNLEVPTYEFTSDDLVIVG
;
3E,3I,3R,3V
6 'polypeptide(L)'
;MASRPAVAASSKWLEGIRKWYYNAAGFNKLGLMRDDTIYEDDDVKEAIRRLPENLYNDRVFRIKRALDLTMRQQILPKEQ
WTKYEEDKFYLEPYLKEVIRERKEREEWAKK
;
3F,3S
7 'polypeptide(L)'
;MGREFGHLTRMRHVITYSLSPFEQRAFPHYFTKGIPNVLRRTRACILRVAPPFVVFYLVYTWGTQEFEKSKRKNPAAYEN
DK
;
3G,3T
8 'polypeptide(L)'
;MGLEDEQRMLTGSGDPKEEEEEEEELVDPLTTVREQCEQIEKCIKARERLELCDQRVSSRSQTEEDCTEELFDFLHARDH
CVAHKLFNSLK
;
3H,3U
9 'polypeptide(L)' MAAPTLTARLYSLLFRRTSTFALTIAVGALFFERAFDQGADAIYEHINQGKLWKHIKHKYENKE 3J,3W
10 'polypeptide(L)' MLSRFLGPRYRELARNWIPTASMWGAVGAVGLVWATDWRLILDWVPYINGKFKKED 3X,3Y
#
loop_
_chem_comp.id
_chem_comp.type
_chem_comp.name
_chem_comp.formula
3PE non-polymer 1,2-Distearoyl-sn-glycerophosphoethanolamine 'C41 H82 N O8 P'
CDL non-polymer CARDIOLIPIN 'C81 H156 O17 P2 -2'
FES non-polymer 'FE2/S2 (INORGANIC) CLUSTER' 'Fe2 S2'
HEC non-polymer 'HEME C' 'C34 H34 Fe N4 O4'
HEM non-polymer 'PROTOPORPHYRIN IX CONTAINING FE' 'C34 H32 Fe N4 O4'
PC1 non-polymer 1,2-DIACYL-SN-GLYCERO-3-PHOSPHOCHOLINE 'C44 H88 N O8 P'
#
# COMPACT_ATOMS: atom_id res chain seq x y z
N ALA A 36 7.90 -55.44 32.76
CA ALA A 36 7.66 -55.53 31.33
C ALA A 36 8.32 -54.37 30.61
N THR A 37 8.48 -54.50 29.29
CA THR A 37 9.20 -53.52 28.48
C THR A 37 8.33 -52.97 27.36
N TYR A 38 7.01 -52.97 27.58
CA TYR A 38 5.99 -52.52 26.64
C TYR A 38 5.86 -53.49 25.49
N ALA A 39 6.85 -54.37 25.32
CA ALA A 39 6.74 -55.47 24.39
C ALA A 39 6.25 -56.70 25.12
N GLN A 40 6.67 -56.85 26.37
CA GLN A 40 6.11 -57.88 27.23
C GLN A 40 4.76 -57.46 27.80
N ALA A 41 4.52 -56.16 27.93
CA ALA A 41 3.22 -55.69 28.42
C ALA A 41 2.14 -55.85 27.38
N LEU A 42 2.47 -55.60 26.10
CA LEU A 42 1.51 -55.88 25.03
C LEU A 42 1.20 -57.37 24.94
N GLN A 43 2.23 -58.21 25.11
CA GLN A 43 2.04 -59.66 25.08
C GLN A 43 1.27 -60.17 26.29
N SER A 44 1.15 -59.37 27.35
CA SER A 44 0.45 -59.78 28.55
C SER A 44 -0.97 -59.24 28.63
N VAL A 45 -1.41 -58.53 27.60
CA VAL A 45 -2.79 -58.02 27.57
C VAL A 45 -3.76 -59.19 27.45
N PRO A 46 -4.86 -59.21 28.20
CA PRO A 46 -5.79 -60.34 28.12
C PRO A 46 -6.40 -60.48 26.74
N GLU A 47 -6.77 -61.71 26.40
CA GLU A 47 -7.23 -62.06 25.06
C GLU A 47 -8.74 -61.94 24.96
N THR A 48 -9.21 -61.31 23.88
CA THR A 48 -10.63 -61.26 23.60
C THR A 48 -11.11 -62.63 23.14
N GLN A 49 -12.05 -63.20 23.89
CA GLN A 49 -12.61 -64.50 23.56
C GLN A 49 -13.93 -64.29 22.82
N VAL A 50 -14.09 -64.98 21.69
CA VAL A 50 -15.25 -64.82 20.83
C VAL A 50 -15.88 -66.18 20.58
N SER A 51 -17.21 -66.23 20.69
CA SER A 51 -18.02 -67.39 20.37
C SER A 51 -19.22 -66.96 19.54
N GLN A 52 -20.12 -67.89 19.23
CA GLN A 52 -21.28 -67.58 18.40
C GLN A 52 -22.44 -68.45 18.82
N LEU A 53 -23.64 -67.89 18.77
CA LEU A 53 -24.85 -68.67 18.93
C LEU A 53 -25.26 -69.27 17.59
N ASP A 54 -26.17 -70.24 17.63
CA ASP A 54 -26.67 -70.83 16.40
C ASP A 54 -27.35 -69.80 15.53
N ASN A 55 -28.04 -68.84 16.14
CA ASN A 55 -28.67 -67.77 15.38
C ASN A 55 -27.66 -66.85 14.72
N GLY A 56 -26.39 -66.99 15.04
CA GLY A 56 -25.36 -66.14 14.47
C GLY A 56 -24.97 -64.95 15.29
N LEU A 57 -25.51 -64.82 16.50
CA LEU A 57 -25.08 -63.75 17.40
C LEU A 57 -23.69 -64.07 17.94
N ARG A 58 -22.76 -63.15 17.73
CA ARG A 58 -21.40 -63.30 18.21
C ARG A 58 -21.29 -62.76 19.63
N VAL A 59 -20.54 -63.47 20.47
CA VAL A 59 -20.36 -63.13 21.87
C VAL A 59 -18.87 -62.94 22.11
N ALA A 60 -18.46 -61.75 22.55
CA ALA A 60 -17.05 -61.44 22.69
C ALA A 60 -16.78 -60.77 24.03
N SER A 61 -15.70 -61.16 24.69
CA SER A 61 -15.42 -60.63 26.02
C SER A 61 -13.92 -60.54 26.26
N GLU A 62 -13.50 -59.43 26.87
CA GLU A 62 -12.16 -59.29 27.43
C GLU A 62 -12.26 -59.22 28.94
N GLN A 63 -11.71 -60.20 29.62
CA GLN A 63 -11.81 -60.35 31.07
C GLN A 63 -10.67 -59.63 31.79
N SER A 64 -11.00 -59.05 32.93
CA SER A 64 -10.03 -58.50 33.85
C SER A 64 -10.40 -58.95 35.26
N SER A 65 -9.71 -58.40 36.25
CA SER A 65 -10.03 -58.62 37.66
C SER A 65 -10.75 -57.42 38.27
N GLN A 66 -11.29 -56.53 37.44
CA GLN A 66 -12.02 -55.39 37.97
C GLN A 66 -13.38 -55.85 38.51
N PRO A 67 -13.87 -55.19 39.57
CA PRO A 67 -15.20 -55.51 40.09
C PRO A 67 -16.36 -54.90 39.33
N THR A 68 -16.10 -54.24 38.19
CA THR A 68 -17.14 -53.68 37.36
C THR A 68 -16.94 -54.15 35.92
N CYS A 69 -18.03 -54.12 35.16
CA CYS A 69 -18.00 -54.56 33.78
C CYS A 69 -18.82 -53.60 32.93
N THR A 70 -18.57 -53.63 31.63
CA THR A 70 -19.44 -53.03 30.65
C THR A 70 -19.86 -54.12 29.68
N VAL A 71 -21.17 -54.26 29.47
CA VAL A 71 -21.70 -55.24 28.53
C VAL A 71 -22.70 -54.55 27.61
N GLY A 72 -22.60 -54.82 26.32
CA GLY A 72 -23.43 -54.13 25.36
C GLY A 72 -23.72 -54.97 24.14
N VAL A 73 -24.62 -54.43 23.32
CA VAL A 73 -24.95 -54.97 22.01
C VAL A 73 -24.58 -53.91 20.97
N TRP A 74 -23.77 -54.32 20.01
CA TRP A 74 -23.40 -53.49 18.87
C TRP A 74 -24.04 -54.09 17.61
N ILE A 75 -24.75 -53.26 16.86
CA ILE A 75 -25.56 -53.69 15.73
C ILE A 75 -25.06 -52.98 14.48
N ASP A 76 -24.93 -53.75 13.40
CA ASP A 76 -24.58 -53.25 12.07
C ASP A 76 -25.80 -52.55 11.45
N ALA A 77 -26.15 -51.42 12.06
CA ALA A 77 -27.31 -50.66 11.62
C ALA A 77 -26.99 -49.17 11.77
N GLY A 78 -27.38 -48.40 10.76
CA GLY A 78 -27.09 -46.99 10.78
C GLY A 78 -27.96 -46.24 9.79
N SER A 79 -27.61 -44.98 9.59
CA SER A 79 -28.36 -44.15 8.65
C SER A 79 -28.05 -44.50 7.21
N ARG A 80 -26.83 -44.99 6.94
CA ARG A 80 -26.48 -45.40 5.58
C ARG A 80 -27.31 -46.59 5.13
N TYR A 81 -27.92 -47.32 6.06
CA TYR A 81 -28.89 -48.36 5.75
C TYR A 81 -30.30 -47.81 5.53
N GLU A 82 -30.51 -46.51 5.75
CA GLU A 82 -31.81 -45.90 5.56
C GLU A 82 -31.86 -45.18 4.22
N ASN A 83 -33.04 -45.18 3.61
CA ASN A 83 -33.28 -44.39 2.41
C ASN A 83 -33.90 -43.05 2.82
N GLU A 84 -34.35 -42.28 1.84
CA GLU A 84 -34.84 -40.94 2.14
C GLU A 84 -36.16 -40.94 2.91
N LYS A 85 -36.96 -42.01 2.79
CA LYS A 85 -38.24 -42.05 3.50
C LYS A 85 -38.11 -42.55 4.93
N ASN A 86 -37.16 -43.42 5.21
CA ASN A 86 -36.97 -43.99 6.53
C ASN A 86 -35.88 -43.29 7.32
N ASN A 87 -35.14 -42.39 6.69
CA ASN A 87 -34.00 -41.72 7.32
C ASN A 87 -34.40 -41.08 8.64
N GLY A 88 -33.70 -41.48 9.71
CA GLY A 88 -34.02 -41.07 11.06
C GLY A 88 -34.67 -42.14 11.90
N ALA A 89 -35.06 -43.27 11.30
CA ALA A 89 -35.76 -44.31 12.04
C ALA A 89 -34.87 -44.96 13.09
N GLY A 90 -33.59 -45.14 12.78
CA GLY A 90 -32.70 -45.76 13.76
C GLY A 90 -32.47 -44.90 14.97
N TYR A 91 -32.29 -43.60 14.77
CA TYR A 91 -32.19 -42.67 15.88
C TYR A 91 -33.47 -42.64 16.71
N PHE A 92 -34.62 -42.72 16.03
CA PHE A 92 -35.91 -42.78 16.72
C PHE A 92 -36.03 -44.04 17.56
N VAL A 93 -35.55 -45.17 17.04
CA VAL A 93 -35.60 -46.43 17.77
C VAL A 93 -34.67 -46.40 18.98
N GLU A 94 -33.48 -45.80 18.80
CA GLU A 94 -32.59 -45.58 19.94
C GLU A 94 -33.26 -44.69 20.98
N HIS A 95 -34.03 -43.71 20.53
CA HIS A 95 -34.74 -42.82 21.44
C HIS A 95 -35.76 -43.59 22.27
N LEU A 96 -36.45 -44.56 21.67
CA LEU A 96 -37.49 -45.32 22.34
C LEU A 96 -36.96 -46.55 23.05
N ALA A 97 -35.63 -46.76 23.03
CA ALA A 97 -35.07 -48.03 23.49
C ALA A 97 -35.36 -48.29 24.96
N PHE A 98 -35.11 -47.29 25.80
CA PHE A 98 -35.25 -47.46 27.25
C PHE A 98 -36.61 -47.01 27.77
N LYS A 99 -37.51 -46.57 26.91
CA LYS A 99 -38.82 -46.08 27.32
C LYS A 99 -39.84 -47.20 27.52
N GLY A 100 -39.40 -48.46 27.58
CA GLY A 100 -40.30 -49.53 27.93
C GLY A 100 -40.30 -50.71 26.98
N THR A 101 -40.32 -51.91 27.53
CA THR A 101 -40.50 -53.13 26.77
C THR A 101 -41.74 -53.85 27.27
N LYS A 102 -42.17 -54.88 26.54
CA LYS A 102 -43.37 -55.61 26.91
C LYS A 102 -43.26 -56.23 28.30
N ASN A 103 -42.03 -56.51 28.74
CA ASN A 103 -41.81 -57.06 30.07
C ASN A 103 -41.62 -55.95 31.11
N ARG A 104 -40.93 -54.87 30.73
CA ARG A 104 -40.62 -53.78 31.65
C ARG A 104 -41.28 -52.51 31.15
N PRO A 105 -42.50 -52.20 31.56
CA PRO A 105 -43.22 -51.06 30.98
C PRO A 105 -42.67 -49.73 31.48
N GLY A 106 -42.39 -48.83 30.53
CA GLY A 106 -41.99 -47.47 30.82
C GLY A 106 -40.77 -47.32 31.71
N SER A 107 -40.96 -46.71 32.87
CA SER A 107 -39.87 -46.40 33.79
C SER A 107 -39.34 -47.61 34.53
N ALA A 108 -40.08 -48.72 34.56
CA ALA A 108 -39.64 -49.90 35.29
C ALA A 108 -38.22 -50.29 34.93
N LEU A 109 -37.93 -50.42 33.63
CA LEU A 109 -36.57 -50.75 33.21
C LEU A 109 -35.57 -49.77 33.82
N GLU A 110 -35.82 -48.47 33.66
CA GLU A 110 -34.91 -47.48 34.21
C GLU A 110 -34.74 -47.71 35.71
N LYS A 111 -35.85 -47.91 36.42
CA LYS A 111 -35.77 -48.14 37.84
C LYS A 111 -34.82 -49.29 38.14
N GLU A 112 -34.99 -50.41 37.44
CA GLU A 112 -34.13 -51.56 37.66
C GLU A 112 -32.67 -51.17 37.47
N VAL A 113 -32.36 -50.52 36.35
CA VAL A 113 -30.97 -50.09 36.14
C VAL A 113 -30.53 -49.21 37.29
N GLU A 114 -31.33 -48.19 37.60
CA GLU A 114 -30.94 -47.25 38.63
C GLU A 114 -30.91 -47.92 40.00
N SER A 115 -31.69 -48.98 40.17
CA SER A 115 -31.71 -49.58 41.50
C SER A 115 -30.48 -50.43 41.77
N MET A 116 -29.63 -50.68 40.77
CA MET A 116 -28.41 -51.43 41.00
C MET A 116 -27.15 -50.60 40.84
N GLY A 117 -27.28 -49.31 40.56
CA GLY A 117 -26.13 -48.46 40.34
C GLY A 117 -25.55 -48.50 38.94
N ALA A 118 -26.22 -49.18 38.01
CA ALA A 118 -25.74 -49.34 36.65
C ALA A 118 -26.06 -48.10 35.82
N HIS A 119 -25.42 -48.02 34.66
CA HIS A 119 -25.61 -46.89 33.75
C HIS A 119 -25.92 -47.40 32.35
N LEU A 120 -27.08 -47.03 31.84
CA LEU A 120 -27.55 -47.41 30.51
C LEU A 120 -27.25 -46.29 29.52
N ASN A 121 -26.56 -46.62 28.44
CA ASN A 121 -26.21 -45.64 27.42
C ASN A 121 -26.43 -46.23 26.04
N ALA A 122 -26.59 -45.35 25.05
CA ALA A 122 -26.82 -45.78 23.68
C ALA A 122 -26.22 -44.75 22.74
N TYR A 123 -25.90 -45.19 21.53
CA TYR A 123 -25.48 -44.25 20.49
C TYR A 123 -25.74 -44.83 19.11
N SER A 124 -25.76 -43.94 18.12
CA SER A 124 -26.00 -44.30 16.73
C SER A 124 -25.07 -43.50 15.83
N THR A 125 -24.56 -44.16 14.79
CA THR A 125 -23.73 -43.52 13.79
C THR A 125 -24.37 -43.75 12.42
N ARG A 126 -23.64 -43.48 11.34
CA ARG A 126 -24.15 -43.82 10.03
C ARG A 126 -24.05 -45.31 9.74
N GLU A 127 -23.29 -46.06 10.53
CA GLU A 127 -23.10 -47.48 10.25
C GLU A 127 -23.39 -48.36 11.46
N HIS A 128 -23.16 -47.86 12.67
CA HIS A 128 -23.27 -48.68 13.86
C HIS A 128 -24.31 -48.13 14.84
N THR A 129 -24.85 -49.03 15.66
CA THR A 129 -25.74 -48.68 16.75
C THR A 129 -25.32 -49.47 17.98
N ALA A 130 -25.39 -48.87 19.16
CA ALA A 130 -24.93 -49.54 20.36
C ALA A 130 -25.84 -49.24 21.55
N TYR A 131 -26.08 -50.28 22.34
CA TYR A 131 -26.77 -50.18 23.63
C TYR A 131 -25.92 -50.89 24.68
N TYR A 132 -25.48 -50.18 25.71
CA TYR A 132 -24.62 -50.84 26.68
C TYR A 132 -24.92 -50.39 28.11
N ILE A 133 -24.53 -51.26 29.05
CA ILE A 133 -24.68 -51.04 30.48
C ILE A 133 -23.30 -51.10 31.14
N LYS A 134 -23.03 -50.12 31.99
CA LYS A 134 -21.92 -50.18 32.94
C LYS A 134 -22.49 -50.65 34.27
N ALA A 135 -22.09 -51.85 34.71
CA ALA A 135 -22.66 -52.42 35.92
C ALA A 135 -21.54 -52.97 36.80
N LEU A 136 -21.92 -53.43 37.99
CA LEU A 136 -21.02 -54.23 38.80
C LEU A 136 -20.94 -55.64 38.21
N SER A 137 -19.80 -56.28 38.46
CA SER A 137 -19.55 -57.60 37.85
C SER A 137 -20.58 -58.64 38.29
N LYS A 138 -21.17 -58.47 39.47
CA LYS A 138 -22.20 -59.39 39.92
C LYS A 138 -23.56 -59.10 39.31
N ASP A 139 -23.70 -57.98 38.60
CA ASP A 139 -24.93 -57.61 37.94
C ASP A 139 -24.97 -57.99 36.47
N LEU A 140 -23.95 -58.71 35.98
CA LEU A 140 -23.91 -59.08 34.56
C LEU A 140 -25.11 -59.89 34.10
N PRO A 141 -25.59 -60.92 34.82
CA PRO A 141 -26.81 -61.61 34.36
C PRO A 141 -27.96 -60.65 34.08
N LYS A 142 -28.37 -59.89 35.09
CA LYS A 142 -29.45 -58.93 34.91
C LYS A 142 -29.14 -57.95 33.79
N ALA A 143 -27.93 -57.37 33.79
CA ALA A 143 -27.54 -56.49 32.70
C ALA A 143 -27.74 -57.18 31.36
N VAL A 144 -27.24 -58.41 31.22
CA VAL A 144 -27.41 -59.11 29.95
C VAL A 144 -28.90 -59.27 29.64
N GLU A 145 -29.67 -59.70 30.64
CA GLU A 145 -31.11 -59.82 30.44
C GLU A 145 -31.67 -58.47 30.01
N LEU A 146 -31.29 -57.40 30.71
CA LEU A 146 -31.84 -56.09 30.38
C LEU A 146 -31.52 -55.72 28.95
N LEU A 147 -30.37 -56.15 28.44
CA LEU A 147 -30.03 -55.81 27.06
C LEU A 147 -30.88 -56.59 26.07
N ALA A 148 -31.03 -57.90 26.30
CA ALA A 148 -31.75 -58.70 25.31
C ALA A 148 -33.15 -58.17 25.12
N ASP A 149 -33.88 -58.04 26.24
CA ASP A 149 -35.18 -57.38 26.23
C ASP A 149 -35.14 -56.08 25.42
N ILE A 150 -34.17 -55.21 25.69
CA ILE A 150 -34.16 -53.90 25.04
C ILE A 150 -34.05 -54.06 23.53
N VAL A 151 -33.18 -54.95 23.06
CA VAL A 151 -33.05 -55.08 21.62
C VAL A 151 -34.16 -55.95 21.06
N GLN A 152 -34.77 -56.79 21.88
CA GLN A 152 -35.71 -57.76 21.33
C GLN A 152 -37.16 -57.34 21.45
N ASN A 153 -37.51 -56.61 22.50
CA ASN A 153 -38.91 -56.47 22.86
C ASN A 153 -39.31 -55.02 23.14
N CYS A 154 -38.67 -54.06 22.47
CA CYS A 154 -39.05 -52.66 22.64
C CYS A 154 -40.53 -52.47 22.29
N SER A 155 -41.23 -51.74 23.16
CA SER A 155 -42.68 -51.58 23.01
C SER A 155 -43.03 -50.80 21.74
N LEU A 156 -42.28 -49.75 21.45
CA LEU A 156 -42.57 -48.85 20.33
C LEU A 156 -44.01 -48.36 20.40
N GLU A 157 -44.40 -47.85 21.57
CA GLU A 157 -45.77 -47.42 21.80
C GLU A 157 -46.02 -46.05 21.18
N ASP A 158 -47.18 -45.88 20.55
CA ASP A 158 -47.45 -44.70 19.74
C ASP A 158 -47.43 -43.42 20.58
N SER A 159 -47.97 -43.47 21.79
CA SER A 159 -47.91 -42.31 22.67
C SER A 159 -46.46 -41.90 22.92
N GLN A 160 -45.62 -42.89 23.23
CA GLN A 160 -44.20 -42.62 23.41
C GLN A 160 -43.58 -42.14 22.11
N ILE A 161 -44.05 -42.64 20.97
CA ILE A 161 -43.53 -42.20 19.67
C ILE A 161 -43.83 -40.72 19.45
N GLU A 162 -44.99 -40.23 19.88
CA GLU A 162 -45.28 -38.79 19.75
C GLU A 162 -44.45 -37.96 20.71
N LYS A 163 -44.31 -38.41 21.96
CA LYS A 163 -43.48 -37.67 22.91
C LYS A 163 -42.03 -37.60 22.42
N GLU A 164 -41.51 -38.71 21.90
CA GLU A 164 -40.16 -38.69 21.37
C GLU A 164 -40.08 -37.91 20.07
N ARG A 165 -41.17 -37.81 19.31
CA ARG A 165 -41.18 -36.91 18.17
C ARG A 165 -40.89 -35.48 18.60
N ASP A 166 -41.60 -35.02 19.62
CA ASP A 166 -41.32 -33.68 20.15
C ASP A 166 -39.89 -33.55 20.64
N VAL A 167 -39.41 -34.56 21.38
CA VAL A 167 -38.05 -34.50 21.91
C VAL A 167 -37.02 -34.44 20.78
N ILE A 168 -37.23 -35.24 19.74
CA ILE A 168 -36.25 -35.32 18.65
C ILE A 168 -36.22 -34.02 17.86
N LEU A 169 -37.38 -33.38 17.69
CA LEU A 169 -37.38 -32.06 17.05
C LEU A 169 -36.59 -31.04 17.87
N GLN A 170 -36.81 -31.02 19.19
CA GLN A 170 -36.03 -30.09 20.01
C GLN A 170 -34.54 -30.41 19.97
N GLU A 171 -34.19 -31.70 19.91
CA GLU A 171 -32.77 -32.06 19.84
C GLU A 171 -32.17 -31.70 18.49
N LEU A 172 -32.97 -31.73 17.42
CA LEU A 172 -32.51 -31.23 16.13
C LEU A 172 -32.14 -29.76 16.22
N GLN A 173 -33.01 -28.96 16.86
CA GLN A 173 -32.68 -27.55 17.03
C GLN A 173 -31.47 -27.35 17.94
N GLU A 174 -31.30 -28.22 18.94
CA GLU A 174 -30.11 -28.19 19.78
C GLU A 174 -28.84 -28.51 18.98
N ASN A 175 -28.94 -29.47 18.06
CA ASN A 175 -27.80 -29.85 17.23
C ASN A 175 -27.45 -28.76 16.22
N ASP A 176 -28.44 -27.98 15.79
CA ASP A 176 -28.15 -26.82 14.94
C ASP A 176 -27.19 -25.84 15.59
N SER A 177 -27.19 -25.76 16.92
CA SER A 177 -26.33 -24.82 17.63
C SER A 177 -24.87 -25.24 17.63
N SER A 178 -24.60 -26.51 17.33
CA SER A 178 -23.24 -27.06 17.41
C SER A 178 -22.61 -26.96 16.02
N MET A 179 -21.67 -26.03 15.85
CA MET A 179 -21.12 -25.75 14.53
C MET A 179 -20.31 -26.93 14.00
N ARG A 180 -19.62 -27.65 14.89
CA ARG A 180 -18.84 -28.82 14.46
C ARG A 180 -19.74 -29.92 13.93
N ASP A 181 -20.83 -30.21 14.65
CA ASP A 181 -21.77 -31.23 14.20
C ASP A 181 -22.37 -30.87 12.85
N VAL A 182 -22.73 -29.60 12.69
CA VAL A 182 -23.29 -29.13 11.42
C VAL A 182 -22.26 -29.23 10.30
N VAL A 183 -21.02 -28.84 10.58
CA VAL A 183 -20.02 -28.84 9.51
C VAL A 183 -19.67 -30.25 9.10
N PHE A 184 -19.70 -31.22 10.03
CA PHE A 184 -19.45 -32.60 9.63
C PHE A 184 -20.65 -33.24 8.94
N ASP A 185 -21.88 -32.87 9.33
CA ASP A 185 -23.03 -33.28 8.54
C ASP A 185 -22.96 -32.71 7.12
N TYR A 186 -22.55 -31.45 6.99
CA TYR A 186 -22.36 -30.86 5.67
C TYR A 186 -21.30 -31.59 4.87
N LEU A 187 -20.18 -31.93 5.52
CA LEU A 187 -19.11 -32.64 4.84
C LEU A 187 -19.59 -33.99 4.32
N HIS A 188 -20.31 -34.72 5.16
CA HIS A 188 -20.89 -35.99 4.72
C HIS A 188 -21.89 -35.79 3.60
N ALA A 189 -22.68 -34.71 3.65
CA ALA A 189 -23.72 -34.50 2.67
C ALA A 189 -23.15 -34.18 1.30
N THR A 190 -22.06 -33.43 1.25
CA THR A 190 -21.48 -33.08 -0.05
C THR A 190 -20.51 -34.15 -0.54
N ALA A 191 -19.76 -34.79 0.37
CA ALA A 191 -18.81 -35.81 -0.03
C ALA A 191 -19.52 -37.03 -0.60
N PHE A 192 -20.65 -37.40 0.00
CA PHE A 192 -21.38 -38.60 -0.36
C PHE A 192 -22.75 -38.29 -0.97
N GLN A 193 -22.86 -37.16 -1.67
CA GLN A 193 -24.13 -36.73 -2.25
C GLN A 193 -24.70 -37.80 -3.19
N GLY A 194 -26.00 -38.04 -3.07
CA GLY A 194 -26.67 -39.03 -3.88
C GLY A 194 -26.63 -40.43 -3.31
N THR A 195 -25.79 -40.67 -2.33
CA THR A 195 -25.59 -41.91 -1.61
C THR A 195 -26.24 -41.83 -0.24
N PRO A 196 -26.52 -42.98 0.38
CA PRO A 196 -27.08 -42.97 1.74
C PRO A 196 -26.09 -42.58 2.83
N LEU A 197 -24.81 -42.42 2.50
CA LEU A 197 -23.82 -41.89 3.44
C LEU A 197 -23.90 -40.38 3.57
N ALA A 198 -24.54 -39.68 2.62
CA ALA A 198 -24.80 -38.26 2.78
C ALA A 198 -25.86 -38.01 3.84
N GLN A 199 -26.74 -38.97 4.06
CA GLN A 199 -27.79 -38.83 5.05
C GLN A 199 -27.22 -38.52 6.42
N SER A 200 -27.96 -37.74 7.19
CA SER A 200 -27.64 -37.56 8.59
C SER A 200 -28.22 -38.72 9.40
N VAL A 201 -27.69 -38.90 10.60
CA VAL A 201 -28.18 -39.96 11.48
C VAL A 201 -29.63 -39.72 11.86
N GLU A 202 -29.95 -38.48 12.24
CA GLU A 202 -31.26 -38.14 12.74
C GLU A 202 -32.30 -37.99 11.63
N GLY A 203 -31.87 -37.78 10.39
CA GLY A 203 -32.78 -37.57 9.30
C GLY A 203 -33.30 -36.16 9.27
N PRO A 204 -33.94 -35.77 8.18
CA PRO A 204 -34.57 -34.45 8.13
C PRO A 204 -35.77 -34.38 9.06
N SER A 205 -36.10 -33.16 9.49
CA SER A 205 -37.18 -32.98 10.47
C SER A 205 -38.53 -33.42 9.92
N GLU A 206 -38.70 -33.37 8.59
CA GLU A 206 -39.93 -33.85 7.97
C GLU A 206 -40.14 -35.34 8.20
N ASN A 207 -39.06 -36.13 8.09
CA ASN A 207 -39.16 -37.55 8.41
C ASN A 207 -39.46 -37.77 9.88
N VAL A 208 -38.84 -36.96 10.75
CA VAL A 208 -39.13 -37.04 12.19
C VAL A 208 -40.62 -36.86 12.42
N ARG A 209 -41.23 -35.89 11.76
CA ARG A 209 -42.67 -35.69 11.90
C ARG A 209 -43.48 -36.79 11.25
N LYS A 210 -42.94 -37.49 10.25
CA LYS A 210 -43.74 -38.45 9.50
C LYS A 210 -43.56 -39.91 9.91
N LEU A 211 -42.46 -40.24 10.59
CA LEU A 211 -42.21 -41.64 10.93
C LEU A 211 -43.31 -42.18 11.84
N SER A 212 -43.83 -43.35 11.48
CA SER A 212 -44.91 -44.00 12.21
C SER A 212 -44.37 -45.20 12.98
N ARG A 213 -45.26 -45.82 13.76
CA ARG A 213 -44.88 -47.05 14.45
C ARG A 213 -44.54 -48.16 13.45
N ALA A 214 -45.27 -48.22 12.34
CA ALA A 214 -44.98 -49.24 11.33
C ALA A 214 -43.60 -49.04 10.73
N ASP A 215 -43.20 -47.78 10.50
CA ASP A 215 -41.84 -47.50 10.03
C ASP A 215 -40.81 -48.07 11.00
N LEU A 216 -40.99 -47.82 12.30
CA LEU A 216 -39.99 -48.23 13.28
C LEU A 216 -39.97 -49.73 13.49
N THR A 217 -41.15 -50.36 13.53
CA THR A 217 -41.19 -51.81 13.63
C THR A 217 -40.55 -52.47 12.42
N GLU A 218 -40.75 -51.90 11.23
CA GLU A 218 -40.07 -52.44 10.05
C GLU A 218 -38.56 -52.27 10.16
N TYR A 219 -38.10 -51.11 10.64
CA TYR A 219 -36.66 -50.90 10.79
C TYR A 219 -36.05 -51.92 11.75
N VAL A 220 -36.70 -52.14 12.89
CA VAL A 220 -36.18 -53.10 13.86
C VAL A 220 -36.23 -54.51 13.28
N SER A 221 -37.31 -54.86 12.57
CA SER A 221 -37.43 -56.20 12.03
C SER A 221 -36.44 -56.48 10.91
N GLN A 222 -35.97 -55.45 10.22
CA GLN A 222 -35.01 -55.70 9.15
C GLN A 222 -33.56 -55.46 9.57
N HIS A 223 -33.30 -54.77 10.68
CA HIS A 223 -31.92 -54.48 11.03
C HIS A 223 -31.46 -55.05 12.37
N TYR A 224 -32.36 -55.32 13.31
CA TYR A 224 -31.96 -55.84 14.61
C TYR A 224 -31.97 -57.37 14.59
N LYS A 225 -31.02 -57.92 13.83
CA LYS A 225 -30.92 -59.35 13.62
C LYS A 225 -29.67 -59.90 14.28
N ALA A 226 -29.76 -61.15 14.75
CA ALA A 226 -28.64 -61.79 15.42
C ALA A 226 -27.37 -61.82 14.57
N PRO A 227 -27.40 -62.20 13.29
CA PRO A 227 -26.15 -62.20 12.51
C PRO A 227 -25.50 -60.84 12.38
N ARG A 228 -26.23 -59.75 12.62
CA ARG A 228 -25.67 -58.42 12.53
C ARG A 228 -25.38 -57.81 13.91
N MET A 229 -25.61 -58.55 14.99
CA MET A 229 -25.40 -58.09 16.35
C MET A 229 -24.20 -58.78 16.99
N VAL A 230 -23.54 -58.06 17.90
CA VAL A 230 -22.41 -58.56 18.68
C VAL A 230 -22.66 -58.20 20.15
N LEU A 231 -22.67 -59.21 21.01
CA LEU A 231 -22.77 -59.02 22.46
C LEU A 231 -21.36 -58.96 23.03
N ALA A 232 -20.90 -57.76 23.33
CA ALA A 232 -19.56 -57.55 23.86
C ALA A 232 -19.61 -57.33 25.37
N ALA A 233 -18.54 -57.72 26.04
CA ALA A 233 -18.38 -57.46 27.47
C ALA A 233 -16.90 -57.33 27.81
N ALA A 234 -16.55 -56.25 28.48
CA ALA A 234 -15.20 -56.02 28.98
C ALA A 234 -15.24 -55.76 30.47
N GLY A 235 -14.32 -56.39 31.19
CA GLY A 235 -14.22 -56.18 32.62
C GLY A 235 -14.13 -57.47 33.39
N GLY A 236 -14.68 -57.50 34.61
CA GLY A 236 -14.67 -58.72 35.38
C GLY A 236 -15.70 -59.72 34.91
N VAL A 237 -15.63 -60.09 33.63
CA VAL A 237 -16.63 -60.94 33.00
C VAL A 237 -15.97 -62.21 32.48
N GLU A 238 -16.45 -63.35 32.93
CA GLU A 238 -16.03 -64.63 32.38
C GLU A 238 -16.77 -64.90 31.08
N HIS A 239 -16.05 -65.33 30.05
CA HIS A 239 -16.65 -65.54 28.73
C HIS A 239 -17.65 -66.69 28.74
N ARG A 240 -17.36 -67.76 29.49
CA ARG A 240 -18.28 -68.88 29.53
C ARG A 240 -19.62 -68.48 30.13
N GLN A 241 -19.59 -67.66 31.19
CA GLN A 241 -20.83 -67.21 31.82
C GLN A 241 -21.60 -66.26 30.90
N LEU A 242 -20.89 -65.33 30.24
CA LEU A 242 -21.56 -64.45 29.29
C LEU A 242 -22.18 -65.23 28.14
N LEU A 243 -21.49 -66.26 27.66
CA LEU A 243 -22.02 -67.10 26.59
C LEU A 243 -23.26 -67.84 27.05
N ASP A 244 -23.27 -68.34 28.29
CA ASP A 244 -24.47 -68.97 28.81
C ASP A 244 -25.62 -67.98 28.94
N LEU A 245 -25.31 -66.74 29.33
CA LEU A 245 -26.34 -65.70 29.39
C LEU A 245 -26.92 -65.38 28.02
N ALA A 246 -26.05 -65.27 27.00
CA ALA A 246 -26.49 -64.99 25.65
C ALA A 246 -27.32 -66.14 25.10
N GLN A 247 -26.94 -67.38 25.39
CA GLN A 247 -27.76 -68.51 24.99
C GLN A 247 -29.07 -68.59 25.76
N LYS A 248 -29.15 -67.97 26.94
CA LYS A 248 -30.41 -67.98 27.67
C LYS A 248 -31.32 -66.80 27.34
N HIS A 249 -30.77 -65.72 26.79
CA HIS A 249 -31.53 -64.49 26.58
C HIS A 249 -31.62 -64.05 25.13
N PHE A 250 -30.66 -64.40 24.29
CA PHE A 250 -30.65 -63.98 22.90
C PHE A 250 -30.95 -65.10 21.91
N SER A 251 -31.10 -66.34 22.38
CA SER A 251 -31.21 -67.46 21.45
C SER A 251 -32.49 -67.40 20.63
N SER A 252 -33.47 -66.60 21.07
CA SER A 252 -34.71 -66.47 20.31
C SER A 252 -34.47 -65.76 18.98
N LEU A 253 -33.51 -64.82 18.96
CA LEU A 253 -33.27 -63.93 17.83
C LEU A 253 -33.13 -64.65 16.50
N SER A 254 -33.28 -63.89 15.41
CA SER A 254 -33.18 -64.38 14.03
C SER A 254 -32.07 -65.42 13.85
N GLY A 255 -32.40 -66.56 13.26
CA GLY A 255 -31.49 -67.66 13.15
C GLY A 255 -30.35 -67.39 12.17
N THR A 256 -29.62 -68.47 11.88
CA THR A 256 -28.59 -68.46 10.84
C THR A 256 -27.49 -67.44 11.10
N VAL A 262 -32.37 -60.08 1.35
CA VAL A 262 -31.91 -59.26 2.46
C VAL A 262 -31.19 -58.02 1.93
N PRO A 263 -31.69 -56.84 2.31
CA PRO A 263 -31.07 -55.59 1.86
C PRO A 263 -29.99 -55.05 2.78
N ALA A 264 -28.74 -54.95 2.30
CA ALA A 264 -27.67 -54.38 3.11
C ALA A 264 -26.49 -53.89 2.27
N PHE A 265 -26.25 -52.58 2.32
CA PHE A 265 -25.04 -51.95 1.80
C PHE A 265 -24.99 -51.88 0.28
N THR A 266 -24.91 -50.67 -0.24
CA THR A 266 -24.35 -50.40 -1.55
C THR A 266 -23.22 -49.42 -1.37
N PRO A 267 -22.18 -49.50 -2.21
CA PRO A 267 -21.07 -48.55 -2.09
C PRO A 267 -21.55 -47.12 -2.28
N CYS A 268 -20.78 -46.18 -1.75
CA CYS A 268 -21.15 -44.77 -1.76
C CYS A 268 -20.07 -43.99 -2.49
N ARG A 269 -20.44 -43.47 -3.66
CA ARG A 269 -19.54 -42.63 -4.44
C ARG A 269 -19.13 -41.39 -3.67
N PHE A 270 -17.84 -41.06 -3.74
CA PHE A 270 -17.31 -39.85 -3.16
C PHE A 270 -17.29 -38.75 -4.22
N THR A 271 -17.51 -37.51 -3.79
CA THR A 271 -17.52 -36.39 -4.72
C THR A 271 -16.65 -35.25 -4.17
N GLY A 272 -15.68 -34.83 -4.97
CA GLY A 272 -15.03 -33.56 -4.73
C GLY A 272 -16.03 -32.45 -4.96
N SER A 273 -16.28 -31.63 -3.94
CA SER A 273 -17.39 -30.68 -3.96
C SER A 273 -17.26 -29.78 -2.74
N GLU A 274 -18.04 -28.70 -2.74
CA GLU A 274 -18.06 -27.80 -1.60
C GLU A 274 -19.48 -27.36 -1.28
N ILE A 275 -19.75 -27.19 0.00
CA ILE A 275 -21.00 -26.60 0.49
C ILE A 275 -20.62 -25.47 1.45
N ARG A 276 -20.98 -24.25 1.09
CA ARG A 276 -20.64 -23.07 1.89
C ARG A 276 -21.92 -22.41 2.37
N HIS A 277 -22.13 -22.42 3.69
CA HIS A 277 -23.23 -21.71 4.33
C HIS A 277 -22.64 -20.49 5.00
N ARG A 278 -22.89 -19.32 4.43
CA ARG A 278 -22.39 -18.08 4.97
C ARG A 278 -23.39 -17.51 5.97
N ASP A 279 -22.92 -17.29 7.20
CA ASP A 279 -23.68 -16.60 8.24
C ASP A 279 -22.65 -15.72 8.97
N ASP A 280 -22.55 -14.48 8.51
CA ASP A 280 -21.64 -13.51 9.14
C ASP A 280 -22.09 -13.10 10.53
N ALA A 281 -23.24 -13.57 11.00
CA ALA A 281 -23.59 -13.38 12.39
C ALA A 281 -22.83 -14.32 13.32
N LEU A 282 -22.24 -15.38 12.78
CA LEU A 282 -21.49 -16.33 13.60
C LEU A 282 -20.10 -15.77 13.91
N PRO A 283 -19.64 -15.87 15.17
CA PRO A 283 -18.35 -15.26 15.52
C PRO A 283 -17.15 -15.93 14.88
N LEU A 284 -17.19 -17.25 14.76
CA LEU A 284 -16.07 -18.01 14.21
C LEU A 284 -16.58 -18.88 13.06
N ALA A 285 -15.68 -19.12 12.10
CA ALA A 285 -15.96 -19.98 10.97
C ALA A 285 -15.42 -21.38 11.20
N HIS A 286 -16.19 -22.38 10.77
CA HIS A 286 -15.79 -23.77 10.79
C HIS A 286 -15.55 -24.23 9.36
N VAL A 287 -14.42 -24.89 9.12
CA VAL A 287 -14.06 -25.38 7.80
C VAL A 287 -13.61 -26.82 7.92
N ALA A 288 -14.25 -27.72 7.18
CA ALA A 288 -13.85 -29.12 7.15
C ALA A 288 -13.52 -29.54 5.73
N ILE A 289 -12.33 -30.09 5.54
CA ILE A 289 -11.86 -30.51 4.23
C ILE A 289 -11.38 -31.95 4.34
N ALA A 290 -11.86 -32.79 3.43
CA ALA A 290 -11.51 -34.21 3.47
C ALA A 290 -11.38 -34.73 2.05
N VAL A 291 -10.42 -35.63 1.84
CA VAL A 291 -10.37 -36.42 0.65
C VAL A 291 -10.99 -37.78 0.95
N GLU A 292 -11.22 -38.56 -0.10
CA GLU A 292 -11.67 -39.92 0.08
C GLU A 292 -10.55 -40.75 0.70
N GLY A 293 -10.77 -41.20 1.93
CA GLY A 293 -9.85 -42.07 2.60
C GLY A 293 -10.32 -43.50 2.59
N PRO A 294 -9.48 -44.40 3.10
CA PRO A 294 -9.77 -45.83 3.03
C PRO A 294 -10.90 -46.22 3.96
N GLY A 295 -11.46 -47.40 3.69
CA GLY A 295 -12.43 -48.02 4.56
C GLY A 295 -11.77 -48.71 5.73
N TRP A 296 -12.60 -49.46 6.47
CA TRP A 296 -12.17 -50.01 7.76
C TRP A 296 -11.00 -50.98 7.62
N ALA A 297 -11.13 -51.95 6.73
CA ALA A 297 -10.21 -53.08 6.71
C ALA A 297 -8.94 -52.81 5.90
N ASN A 298 -8.76 -51.59 5.41
CA ASN A 298 -7.61 -51.27 4.58
C ASN A 298 -6.38 -51.02 5.46
N PRO A 299 -5.27 -51.73 5.23
CA PRO A 299 -4.06 -51.46 6.03
C PRO A 299 -3.54 -50.03 5.89
N ASP A 300 -3.80 -49.35 4.77
CA ASP A 300 -3.38 -47.97 4.59
C ASP A 300 -3.80 -47.08 5.75
N ASN A 301 -4.78 -47.52 6.53
CA ASN A 301 -5.26 -46.74 7.65
C ASN A 301 -4.16 -46.48 8.68
N VAL A 302 -3.29 -47.47 8.90
CA VAL A 302 -2.26 -47.31 9.95
C VAL A 302 -1.24 -46.26 9.55
N PRO A 303 -0.62 -46.29 8.36
CA PRO A 303 0.25 -45.16 7.99
C PRO A 303 -0.47 -43.83 7.94
N LEU A 304 -1.70 -43.79 7.40
CA LEU A 304 -2.42 -42.53 7.31
C LEU A 304 -2.68 -41.93 8.69
N GLN A 305 -3.09 -42.76 9.66
CA GLN A 305 -3.21 -42.27 11.03
C GLN A 305 -1.89 -41.72 11.53
N VAL A 306 -0.78 -42.41 11.25
CA VAL A 306 0.54 -41.89 11.61
C VAL A 306 0.69 -40.50 11.03
N ALA A 307 0.36 -40.35 9.75
CA ALA A 307 0.53 -39.06 9.10
C ALA A 307 -0.32 -37.99 9.78
N ASN A 308 -1.55 -38.36 10.18
CA ASN A 308 -2.39 -37.37 10.85
C ASN A 308 -1.78 -36.95 12.17
N ALA A 309 -1.14 -37.89 12.88
CA ALA A 309 -0.46 -37.55 14.11
C ALA A 309 0.70 -36.59 13.88
N ILE A 310 1.30 -36.64 12.68
CA ILE A 310 2.34 -35.67 12.36
C ILE A 310 1.75 -34.27 12.28
N ILE A 311 0.54 -34.15 11.73
CA ILE A 311 -0.08 -32.84 11.66
C ILE A 311 -0.67 -32.47 13.01
N GLY A 312 -1.25 -33.44 13.70
CA GLY A 312 -1.66 -33.23 15.06
C GLY A 312 -2.93 -32.42 15.19
N HIS A 313 -3.06 -31.80 16.36
CA HIS A 313 -4.24 -31.06 16.74
C HIS A 313 -3.81 -29.83 17.52
N TYR A 314 -4.73 -28.91 17.71
CA TYR A 314 -4.43 -27.69 18.45
C TYR A 314 -5.72 -27.03 18.89
N ASP A 315 -5.72 -26.46 20.09
CA ASP A 315 -6.60 -25.34 20.38
C ASP A 315 -5.88 -24.36 21.28
N SER A 316 -6.48 -23.18 21.41
CA SER A 316 -5.89 -22.04 22.09
C SER A 316 -5.72 -22.24 23.59
N THR A 317 -6.11 -23.39 24.12
CA THR A 317 -5.91 -23.72 25.53
C THR A 317 -4.80 -24.75 25.70
N TYR A 318 -3.77 -24.68 24.85
CA TYR A 318 -2.68 -25.65 24.89
C TYR A 318 -1.49 -25.04 25.63
N GLY A 319 -0.78 -25.88 26.38
CA GLY A 319 0.44 -25.42 27.01
C GLY A 319 1.54 -25.11 26.01
N GLY A 320 1.74 -26.00 25.03
CA GLY A 320 2.94 -25.95 24.21
C GLY A 320 3.02 -24.86 23.18
N GLY A 321 1.89 -24.48 22.59
CA GLY A 321 1.84 -23.40 21.64
C GLY A 321 2.90 -23.39 20.55
N THR A 322 3.77 -22.38 20.61
CA THR A 322 4.77 -22.14 19.58
C THR A 322 5.86 -23.21 19.54
N HIS A 323 6.03 -23.99 20.60
CA HIS A 323 7.08 -25.00 20.67
C HIS A 323 6.63 -26.36 20.17
N MET A 324 5.40 -26.49 19.67
CA MET A 324 4.90 -27.79 19.28
C MET A 324 5.60 -28.31 18.02
N SER A 325 5.81 -29.63 17.98
CA SER A 325 6.51 -30.24 16.85
C SER A 325 5.69 -30.14 15.58
N SER A 326 4.36 -30.22 15.69
CA SER A 326 3.51 -30.00 14.54
C SER A 326 3.71 -28.58 14.02
N THR A 327 4.06 -28.48 12.74
CA THR A 327 4.29 -27.16 12.13
C THR A 327 3.03 -26.32 12.13
N LEU A 328 1.89 -26.92 11.79
CA LEU A 328 0.64 -26.18 11.75
C LEU A 328 0.25 -25.71 13.15
N ALA A 329 0.46 -26.54 14.17
CA ALA A 329 0.13 -26.13 15.52
C ALA A 329 0.98 -24.95 15.97
N SER A 330 2.27 -24.97 15.64
CA SER A 330 3.16 -23.88 16.05
C SER A 330 2.86 -22.60 15.27
N VAL A 331 2.52 -22.72 13.99
CA VAL A 331 2.15 -21.52 13.23
C VAL A 331 0.82 -20.96 13.72
N ALA A 332 -0.13 -21.83 14.06
CA ALA A 332 -1.41 -21.37 14.57
C ALA A 332 -1.26 -20.73 15.94
N ALA A 333 -0.34 -21.22 16.76
CA ALA A 333 -0.13 -20.61 18.07
C ALA A 333 0.65 -19.31 17.95
N THR A 334 1.65 -19.26 17.07
CA THR A 334 2.45 -18.05 16.91
C THR A 334 1.63 -16.91 16.31
N ARG A 335 0.85 -17.20 15.27
CA ARG A 335 0.07 -16.17 14.58
C ARG A 335 -1.34 -16.04 15.11
N LYS A 336 -1.78 -16.91 16.01
CA LYS A 336 -3.18 -16.95 16.47
C LYS A 336 -4.12 -17.09 15.28
N LEU A 337 -3.79 -18.01 14.37
CA LEU A 337 -4.54 -18.18 13.13
C LEU A 337 -5.88 -18.89 13.33
N CYS A 338 -6.04 -19.65 14.41
CA CYS A 338 -7.25 -20.44 14.57
C CYS A 338 -7.49 -20.66 16.06
N GLN A 339 -8.72 -21.06 16.38
CA GLN A 339 -9.05 -21.47 17.73
C GLN A 339 -8.81 -22.96 17.96
N SER A 340 -8.85 -23.76 16.90
CA SER A 340 -8.61 -25.19 16.99
C SER A 340 -8.48 -25.76 15.59
N PHE A 341 -7.77 -26.87 15.50
CA PHE A 341 -7.79 -27.72 14.32
C PHE A 341 -7.56 -29.16 14.77
N GLN A 342 -8.18 -30.09 14.04
CA GLN A 342 -8.09 -31.52 14.29
C GLN A 342 -7.97 -32.25 12.96
N THR A 343 -7.13 -33.26 12.91
CA THR A 343 -7.15 -34.19 11.79
C THR A 343 -8.11 -35.33 12.10
N PHE A 344 -8.63 -35.95 11.05
CA PHE A 344 -9.55 -37.05 11.24
C PHE A 344 -9.37 -38.09 10.14
N ASN A 345 -9.66 -39.34 10.52
CA ASN A 345 -9.75 -40.49 9.62
C ASN A 345 -11.07 -41.20 9.93
N ILE A 346 -12.15 -40.70 9.34
CA ILE A 346 -13.45 -41.35 9.43
C ILE A 346 -13.49 -42.51 8.46
N CYS A 347 -13.85 -43.69 8.95
CA CYS A 347 -13.91 -44.88 8.11
C CYS A 347 -15.33 -45.41 8.02
N TYR A 348 -15.71 -45.82 6.82
CA TYR A 348 -16.87 -46.66 6.59
C TYR A 348 -16.35 -47.97 5.99
N ALA A 349 -17.28 -48.87 5.65
CA ALA A 349 -16.86 -50.19 5.20
C ALA A 349 -15.96 -50.11 3.98
N GLU A 350 -16.26 -49.18 3.07
CA GLU A 350 -15.59 -49.16 1.77
C GLU A 350 -14.96 -47.81 1.41
N THR A 351 -15.22 -46.76 2.18
CA THR A 351 -14.64 -45.46 1.91
C THR A 351 -14.53 -44.72 3.23
N GLY A 352 -14.15 -43.45 3.18
CA GLY A 352 -14.10 -42.67 4.40
C GLY A 352 -13.69 -41.24 4.10
N LEU A 353 -13.64 -40.47 5.16
CA LEU A 353 -13.25 -39.06 5.09
C LEU A 353 -11.90 -38.91 5.77
N LEU A 354 -10.88 -38.58 5.00
CA LEU A 354 -9.54 -38.33 5.51
C LEU A 354 -9.26 -36.84 5.39
N GLY A 355 -9.17 -36.14 6.52
CA GLY A 355 -8.97 -34.71 6.41
C GLY A 355 -8.76 -33.94 7.69
N ALA A 356 -9.26 -32.71 7.72
CA ALA A 356 -9.01 -31.79 8.82
C ALA A 356 -10.18 -30.84 8.98
N HIS A 357 -10.47 -30.51 10.23
CA HIS A 357 -11.47 -29.52 10.61
C HIS A 357 -10.80 -28.43 11.42
N PHE A 358 -11.07 -27.17 11.08
CA PHE A 358 -10.50 -26.08 11.84
C PHE A 358 -11.52 -24.97 12.06
N VAL A 359 -11.31 -24.22 13.14
CA VAL A 359 -12.16 -23.12 13.55
C VAL A 359 -11.30 -21.86 13.66
N CYS A 360 -11.73 -20.78 13.03
CA CYS A 360 -10.91 -19.57 13.03
C CYS A 360 -11.79 -18.35 12.75
N ASP A 361 -11.21 -17.17 12.97
CA ASP A 361 -11.95 -15.96 12.65
C ASP A 361 -11.97 -15.74 11.13
N ASN A 362 -12.81 -14.79 10.71
CA ASN A 362 -13.09 -14.63 9.29
C ASN A 362 -11.83 -14.28 8.50
N MET A 363 -10.92 -13.53 9.08
CA MET A 363 -9.76 -13.03 8.36
C MET A 363 -8.58 -14.00 8.36
N SER A 364 -8.75 -15.25 8.80
CA SER A 364 -7.62 -16.18 8.79
C SER A 364 -7.89 -17.50 8.08
N ILE A 365 -9.11 -17.73 7.56
CA ILE A 365 -9.44 -19.00 6.92
C ILE A 365 -8.41 -19.33 5.85
N ASP A 366 -8.14 -18.35 4.99
CA ASP A 366 -7.19 -18.54 3.90
C ASP A 366 -5.85 -19.03 4.42
N ASP A 367 -5.30 -18.35 5.43
CA ASP A 367 -4.02 -18.78 5.98
C ASP A 367 -4.12 -20.21 6.48
N MET A 368 -5.20 -20.53 7.20
CA MET A 368 -5.35 -21.87 7.75
C MET A 368 -5.40 -22.91 6.64
N MET A 369 -5.99 -22.56 5.49
CA MET A 369 -5.98 -23.49 4.38
C MET A 369 -4.57 -23.66 3.85
N PHE A 370 -3.87 -22.54 3.63
CA PHE A 370 -2.56 -22.56 3.00
C PHE A 370 -1.58 -23.40 3.80
N PHE A 371 -1.54 -23.20 5.12
CA PHE A 371 -0.60 -23.96 5.94
C PHE A 371 -1.05 -25.41 6.10
N LEU A 372 -2.35 -25.67 6.02
CA LEU A 372 -2.80 -27.06 6.17
C LEU A 372 -2.48 -27.88 4.92
N GLN A 373 -2.91 -27.41 3.75
CA GLN A 373 -2.61 -28.10 2.51
C GLN A 373 -1.11 -28.24 2.31
N GLY A 374 -0.35 -27.19 2.63
CA GLY A 374 1.09 -27.29 2.56
C GLY A 374 1.63 -28.44 3.38
N GLN A 375 1.13 -28.60 4.61
CA GLN A 375 1.56 -29.73 5.41
C GLN A 375 1.26 -31.04 4.70
N TRP A 376 0.05 -31.17 4.16
CA TRP A 376 -0.28 -32.36 3.37
C TRP A 376 0.77 -32.57 2.29
N MET A 377 1.07 -31.53 1.51
CA MET A 377 2.05 -31.69 0.45
C MET A 377 3.41 -32.04 1.01
N ARG A 378 3.80 -31.39 2.11
CA ARG A 378 5.10 -31.67 2.69
C ARG A 378 5.19 -33.12 3.11
N LEU A 379 4.07 -33.73 3.49
CA LEU A 379 4.08 -35.13 3.86
C LEU A 379 4.12 -36.04 2.64
N CYS A 380 3.47 -35.63 1.55
CA CYS A 380 3.43 -36.50 0.37
C CYS A 380 4.79 -36.60 -0.28
N THR A 381 5.58 -35.53 -0.24
CA THR A 381 6.83 -35.44 -0.98
C THR A 381 8.07 -35.58 -0.12
N SER A 382 8.03 -35.14 1.14
CA SER A 382 9.23 -35.03 1.97
C SER A 382 8.95 -35.43 3.43
N ALA A 383 8.34 -36.61 3.64
CA ALA A 383 7.85 -37.01 4.96
C ALA A 383 8.88 -36.94 6.10
N THR A 384 10.11 -37.44 5.91
CA THR A 384 11.17 -37.36 6.92
C THR A 384 10.98 -38.34 8.08
N GLU A 385 12.06 -39.03 8.48
CA GLU A 385 11.96 -40.20 9.35
C GLU A 385 11.63 -39.81 10.79
N SER A 386 12.23 -38.75 11.32
CA SER A 386 12.06 -38.44 12.74
C SER A 386 10.63 -38.07 13.09
N GLU A 387 9.96 -37.30 12.24
CA GLU A 387 8.58 -36.98 12.56
C GLU A 387 7.65 -38.16 12.29
N VAL A 388 8.05 -39.08 11.40
CA VAL A 388 7.36 -40.35 11.29
C VAL A 388 7.50 -41.15 12.59
N VAL A 389 8.67 -41.08 13.23
CA VAL A 389 8.90 -41.73 14.51
C VAL A 389 8.00 -41.10 15.58
N ARG A 390 7.95 -39.77 15.62
CA ARG A 390 7.08 -39.09 16.56
C ARG A 390 5.62 -39.47 16.33
N GLY A 391 5.18 -39.49 15.08
CA GLY A 391 3.80 -39.84 14.78
C GLY A 391 3.48 -41.27 15.13
N LYS A 392 4.44 -42.17 14.95
CA LYS A 392 4.25 -43.56 15.38
C LYS A 392 4.10 -43.65 16.89
N ASN A 393 4.93 -42.90 17.63
CA ASN A 393 4.81 -42.88 19.09
C ASN A 393 3.45 -42.31 19.51
N ILE A 394 3.00 -41.26 18.83
CA ILE A 394 1.70 -40.68 19.12
C ILE A 394 0.59 -41.70 18.86
N LEU A 395 0.67 -42.42 17.75
CA LEU A 395 -0.36 -43.40 17.44
C LEU A 395 -0.39 -44.53 18.46
N ARG A 396 0.77 -45.05 18.85
CA ARG A 396 0.78 -46.11 19.88
C ARG A 396 0.18 -45.59 21.18
N ASN A 397 0.53 -44.36 21.55
CA ASN A 397 0.01 -43.77 22.77
C ASN A 397 -1.50 -43.58 22.68
N ALA A 398 -2.00 -43.15 21.52
CA ALA A 398 -3.44 -42.98 21.35
C ALA A 398 -4.15 -44.31 21.49
N LEU A 399 -3.60 -45.36 20.90
CA LEU A 399 -4.26 -46.66 20.91
C LEU A 399 -4.28 -47.25 22.31
N VAL A 400 -3.17 -47.15 23.05
CA VAL A 400 -3.13 -47.70 24.40
C VAL A 400 -3.98 -46.86 25.36
N SER A 401 -3.89 -45.53 25.27
CA SER A 401 -4.59 -44.67 26.22
C SER A 401 -6.10 -44.71 26.00
N HIS A 402 -6.52 -44.91 24.74
CA HIS A 402 -7.95 -44.97 24.45
C HIS A 402 -8.60 -46.14 25.18
N LEU A 403 -7.92 -47.28 25.25
CA LEU A 403 -8.50 -48.49 25.82
C LEU A 403 -8.33 -48.56 27.32
N ASP A 404 -8.73 -47.50 28.03
CA ASP A 404 -8.57 -47.40 29.48
C ASP A 404 -9.96 -47.38 30.12
N GLY A 405 -10.31 -48.44 30.83
CA GLY A 405 -11.62 -48.64 31.37
C GLY A 405 -12.38 -49.73 30.63
N THR A 406 -13.41 -50.25 31.29
CA THR A 406 -14.20 -51.33 30.71
C THR A 406 -15.01 -50.85 29.50
N THR A 407 -15.55 -49.63 29.57
CA THR A 407 -16.39 -49.14 28.49
C THR A 407 -15.64 -48.96 27.17
N PRO A 408 -14.46 -48.30 27.12
CA PRO A 408 -13.74 -48.23 25.84
C PRO A 408 -13.37 -49.60 25.29
N VAL A 409 -13.04 -50.56 26.16
CA VAL A 409 -12.69 -51.90 25.68
C VAL A 409 -13.93 -52.60 25.14
N CYS A 410 -15.07 -52.43 25.80
CA CYS A 410 -16.32 -53.02 25.30
C CYS A 410 -16.70 -52.44 23.94
N GLU A 411 -16.55 -51.12 23.79
CA GLU A 411 -16.80 -50.52 22.48
C GLU A 411 -15.80 -51.01 21.45
N ASP A 412 -14.53 -51.14 21.83
CA ASP A 412 -13.53 -51.63 20.91
C ASP A 412 -13.89 -53.03 20.42
N ILE A 413 -14.30 -53.89 21.35
CA ILE A 413 -14.67 -55.25 20.98
C ILE A 413 -15.87 -55.26 20.03
N GLY A 414 -16.94 -54.54 20.40
CA GLY A 414 -18.13 -54.56 19.57
C GLY A 414 -17.93 -53.94 18.19
N ARG A 415 -17.38 -52.72 18.16
CA ARG A 415 -17.13 -52.06 16.88
C ARG A 415 -16.09 -52.81 16.06
N SER A 416 -15.09 -53.42 16.70
CA SER A 416 -14.07 -54.14 15.97
C SER A 416 -14.65 -55.37 15.31
N LEU A 417 -15.47 -56.14 16.05
CA LEU A 417 -16.11 -57.30 15.44
C LEU A 417 -17.08 -56.88 14.33
N LEU A 418 -17.65 -55.67 14.40
CA LEU A 418 -18.46 -55.24 13.27
C LEU A 418 -17.62 -54.82 12.06
N THR A 419 -16.50 -54.13 12.29
CA THR A 419 -15.75 -53.56 11.18
C THR A 419 -14.70 -54.51 10.61
N TYR A 420 -14.03 -55.29 11.46
CA TYR A 420 -13.03 -56.24 11.00
C TYR A 420 -13.45 -57.69 11.12
N GLY A 421 -14.57 -57.99 11.77
CA GLY A 421 -14.86 -59.37 12.08
C GLY A 421 -13.90 -59.99 13.07
N ARG A 422 -13.16 -59.16 13.79
CA ARG A 422 -12.12 -59.63 14.69
C ARG A 422 -11.73 -58.48 15.60
N ARG A 423 -11.28 -58.84 16.80
CA ARG A 423 -10.58 -57.91 17.67
C ARG A 423 -9.10 -57.95 17.30
N ILE A 424 -8.60 -56.86 16.74
CA ILE A 424 -7.17 -56.80 16.47
C ILE A 424 -6.44 -56.51 17.77
N PRO A 425 -5.48 -57.34 18.18
CA PRO A 425 -4.74 -57.08 19.41
C PRO A 425 -3.82 -55.87 19.26
N LEU A 426 -3.47 -55.30 20.41
CA LEU A 426 -2.57 -54.15 20.41
C LEU A 426 -1.17 -54.54 19.97
N ALA A 427 -0.76 -55.78 20.21
CA ALA A 427 0.51 -56.26 19.67
C ALA A 427 0.50 -56.21 18.15
N GLU A 428 -0.61 -56.58 17.53
CA GLU A 428 -0.72 -56.48 16.08
C GLU A 428 -0.72 -55.03 15.61
N TRP A 429 -1.44 -54.15 16.30
CA TRP A 429 -1.39 -52.74 15.94
C TRP A 429 0.04 -52.23 16.01
N GLU A 430 0.78 -52.67 17.02
CA GLU A 430 2.19 -52.29 17.16
C GLU A 430 3.04 -52.84 16.02
N SER A 431 2.76 -54.07 15.60
CA SER A 431 3.48 -54.63 14.45
C SER A 431 3.22 -53.80 13.19
N ARG A 432 1.98 -53.36 13.00
CA ARG A 432 1.65 -52.56 11.84
C ARG A 432 2.25 -51.16 11.92
N ILE A 433 2.34 -50.59 13.11
CA ILE A 433 2.98 -49.28 13.27
C ILE A 433 4.49 -49.39 13.06
N ALA A 434 5.10 -50.46 13.59
CA ALA A 434 6.55 -50.62 13.48
C ALA A 434 7.02 -50.71 12.04
N GLU A 435 6.15 -51.19 11.15
CA GLU A 435 6.48 -51.30 9.73
C GLU A 435 6.13 -50.03 8.95
N VAL A 436 6.05 -48.89 9.61
CA VAL A 436 5.85 -47.60 8.95
C VAL A 436 7.15 -46.81 8.98
N ASP A 437 7.52 -46.22 7.85
CA ASP A 437 8.65 -45.32 7.76
C ASP A 437 8.26 -44.13 6.92
N ALA A 438 9.23 -43.26 6.66
CA ALA A 438 8.95 -42.05 5.89
C ALA A 438 8.63 -42.37 4.43
N SER A 439 9.24 -43.42 3.88
CA SER A 439 8.88 -43.85 2.54
C SER A 439 7.42 -44.30 2.49
N VAL A 440 6.98 -45.07 3.49
CA VAL A 440 5.61 -45.56 3.52
C VAL A 440 4.63 -44.40 3.69
N VAL A 441 4.94 -43.46 4.58
CA VAL A 441 4.07 -42.30 4.80
C VAL A 441 4.00 -41.45 3.53
N ARG A 442 5.16 -41.18 2.91
CA ARG A 442 5.17 -40.44 1.65
C ARG A 442 4.29 -41.11 0.61
N GLU A 443 4.43 -42.42 0.46
CA GLU A 443 3.67 -43.15 -0.55
C GLU A 443 2.16 -43.11 -0.29
N VAL A 444 1.75 -43.33 0.96
CA VAL A 444 0.31 -43.39 1.22
C VAL A 444 -0.32 -42.00 1.19
N CYS A 445 0.37 -40.99 1.71
CA CYS A 445 -0.17 -39.63 1.61
C CYS A 445 -0.19 -39.17 0.16
N SER A 446 0.74 -39.64 -0.67
CA SER A 446 0.65 -39.37 -2.10
C SER A 446 -0.59 -40.04 -2.69
N LYS A 447 -0.83 -41.30 -2.31
CA LYS A 447 -1.95 -42.05 -2.86
C LYS A 447 -3.29 -41.44 -2.49
N TYR A 448 -3.41 -40.85 -1.30
CA TYR A 448 -4.71 -40.35 -0.87
C TYR A 448 -4.89 -38.85 -0.97
N PHE A 449 -3.83 -38.07 -0.75
CA PHE A 449 -3.92 -36.61 -0.69
C PHE A 449 -3.50 -35.93 -2.00
N TYR A 450 -2.38 -36.34 -2.58
CA TYR A 450 -1.76 -35.55 -3.63
C TYR A 450 -2.59 -35.57 -4.91
N ASP A 451 -2.91 -34.36 -5.39
CA ASP A 451 -3.67 -34.17 -6.63
C ASP A 451 -5.02 -34.88 -6.58
N GLN A 452 -5.68 -34.78 -5.42
CA GLN A 452 -7.00 -35.35 -5.23
C GLN A 452 -8.01 -34.24 -5.00
N CYS A 453 -9.23 -34.44 -5.47
CA CYS A 453 -10.29 -33.48 -5.24
C CYS A 453 -10.81 -33.64 -3.82
N PRO A 454 -10.75 -32.60 -2.99
CA PRO A 454 -11.36 -32.69 -1.66
C PRO A 454 -12.82 -32.29 -1.67
N ALA A 455 -13.52 -32.72 -0.62
CA ALA A 455 -14.83 -32.22 -0.25
C ALA A 455 -14.66 -31.21 0.87
N VAL A 456 -15.40 -30.11 0.78
CA VAL A 456 -15.20 -28.93 1.62
C VAL A 456 -16.54 -28.49 2.19
N ALA A 457 -16.56 -28.22 3.50
CA ALA A 457 -17.69 -27.64 4.20
C ALA A 457 -17.24 -26.33 4.84
N GLY A 458 -17.98 -25.26 4.57
CA GLY A 458 -17.75 -24.00 5.27
C GLY A 458 -18.99 -23.51 5.97
N LEU A 459 -18.87 -23.09 7.22
CA LEU A 459 -20.02 -22.59 7.98
C LEU A 459 -19.61 -21.33 8.73
N GLY A 460 -20.34 -20.24 8.50
CA GLY A 460 -20.17 -19.03 9.25
C GLY A 460 -19.68 -17.86 8.43
N PRO A 461 -18.84 -17.02 9.03
CA PRO A 461 -18.25 -15.88 8.29
C PRO A 461 -17.11 -16.33 7.38
N ILE A 462 -17.48 -16.96 6.27
CA ILE A 462 -16.56 -17.74 5.46
C ILE A 462 -16.28 -17.08 4.11
N GLU A 463 -16.44 -15.75 4.00
CA GLU A 463 -16.15 -15.09 2.74
C GLU A 463 -14.70 -15.32 2.31
N GLN A 464 -13.79 -15.40 3.27
CA GLN A 464 -12.38 -15.64 2.98
C GLN A 464 -12.05 -17.11 2.86
N LEU A 465 -13.03 -18.01 2.95
CA LEU A 465 -12.78 -19.39 2.59
C LEU A 465 -12.44 -19.45 1.11
N PRO A 466 -11.29 -19.99 0.74
CA PRO A 466 -10.85 -19.90 -0.67
C PRO A 466 -11.77 -20.61 -1.63
N ASP A 467 -11.82 -20.06 -2.84
CA ASP A 467 -12.61 -20.65 -3.92
C ASP A 467 -12.14 -22.08 -4.20
N TYR A 468 -13.08 -22.94 -4.62
CA TYR A 468 -12.78 -24.36 -4.73
C TYR A 468 -11.59 -24.63 -5.64
N ASN A 469 -11.46 -23.87 -6.73
CA ASN A 469 -10.33 -24.06 -7.63
C ASN A 469 -9.01 -23.78 -6.93
N ARG A 470 -8.97 -22.76 -6.07
CA ARG A 470 -7.75 -22.43 -5.34
C ARG A 470 -7.36 -23.52 -4.35
N ILE A 471 -8.35 -24.11 -3.65
CA ILE A 471 -8.08 -25.25 -2.78
C ILE A 471 -7.58 -26.44 -3.58
N ARG A 472 -8.28 -26.74 -4.68
CA ARG A 472 -7.92 -27.87 -5.53
C ARG A 472 -6.50 -27.73 -6.06
N SER A 473 -6.10 -26.51 -6.43
CA SER A 473 -4.72 -26.24 -6.81
C SER A 473 -3.78 -26.35 -5.62
N GLY A 474 -4.24 -26.04 -4.42
CA GLY A 474 -3.47 -26.30 -3.22
C GLY A 474 -3.28 -27.76 -2.90
N MET A 475 -3.96 -28.65 -3.62
CA MET A 475 -3.80 -30.09 -3.42
C MET A 475 -2.65 -30.69 -4.25
N PHE A 476 -1.87 -29.88 -4.96
CA PHE A 476 -0.66 -30.35 -5.61
C PHE A 476 0.39 -29.25 -5.53
N TRP A 477 1.64 -29.61 -5.80
CA TRP A 477 2.75 -28.67 -5.80
C TRP A 477 3.39 -28.59 -7.19
N LEU A 478 3.66 -27.38 -7.65
CA LEU A 478 4.37 -27.23 -8.92
C LEU A 478 5.86 -27.50 -8.79
N ARG A 479 6.44 -27.24 -7.61
CA ARG A 479 7.85 -27.55 -7.40
C ARG A 479 8.10 -29.05 -7.52
N PHE A 480 7.10 -29.86 -7.21
CA PHE A 480 7.25 -31.30 -7.22
C PHE A 480 6.75 -31.88 -8.53
N PRO B 35 -1.47 -58.86 39.13
CA PRO B 35 -0.99 -57.53 38.72
C PRO B 35 -0.38 -56.76 39.88
N GLN B 36 0.06 -57.49 40.91
CA GLN B 36 0.76 -56.93 42.07
C GLN B 36 -0.18 -56.09 42.94
N ASP B 37 0.35 -55.56 44.04
CA ASP B 37 -0.44 -54.83 45.03
C ASP B 37 0.13 -53.43 45.21
N LEU B 38 -0.74 -52.48 45.51
CA LEU B 38 -0.34 -51.10 45.72
C LEU B 38 0.67 -51.02 46.86
N GLU B 39 1.81 -50.39 46.59
CA GLU B 39 2.89 -50.24 47.54
C GLU B 39 2.97 -48.78 47.96
N PHE B 40 2.75 -48.52 49.25
CA PHE B 40 2.59 -47.17 49.79
C PHE B 40 3.61 -46.96 50.90
N THR B 41 4.46 -45.95 50.76
CA THR B 41 5.43 -45.61 51.78
C THR B 41 5.50 -44.09 51.96
N ARG B 42 5.94 -43.66 53.13
CA ARG B 42 6.09 -42.26 53.46
C ARG B 42 7.51 -42.01 53.94
N LEU B 43 8.21 -41.11 53.26
CA LEU B 43 9.63 -40.87 53.49
C LEU B 43 9.84 -39.96 54.70
N PRO B 44 11.06 -39.93 55.26
CA PRO B 44 11.35 -39.01 56.37
C PRO B 44 11.08 -37.55 56.04
N ASN B 45 11.23 -37.14 54.79
CA ASN B 45 10.89 -35.77 54.42
C ASN B 45 9.39 -35.52 54.43
N GLY B 46 8.58 -36.55 54.70
CA GLY B 46 7.14 -36.42 54.73
C GLY B 46 6.47 -36.67 53.40
N LEU B 47 7.24 -36.75 52.31
CA LEU B 47 6.68 -37.07 51.02
C LEU B 47 6.11 -38.47 51.01
N VAL B 48 5.00 -38.64 50.33
CA VAL B 48 4.39 -39.96 50.18
C VAL B 48 4.70 -40.45 48.77
N ILE B 49 5.03 -41.74 48.65
CA ILE B 49 5.18 -42.38 47.36
C ILE B 49 4.36 -43.65 47.35
N ALA B 50 3.51 -43.79 46.34
CA ALA B 50 2.69 -44.98 46.18
C ALA B 50 2.78 -45.44 44.74
N SER B 51 3.04 -46.72 44.53
CA SER B 51 3.24 -47.26 43.20
C SER B 51 2.48 -48.57 43.05
N LEU B 52 1.79 -48.72 41.93
CA LEU B 52 1.18 -49.98 41.55
C LEU B 52 1.67 -50.35 40.16
N GLU B 53 2.42 -51.43 40.07
CA GLU B 53 2.86 -51.95 38.78
C GLU B 53 1.80 -52.91 38.28
N ASN B 54 0.90 -52.41 37.43
CA ASN B 54 -0.15 -53.21 36.84
C ASN B 54 0.31 -53.94 35.57
N TYR B 55 1.51 -53.65 35.09
CA TYR B 55 2.09 -54.19 33.86
C TYR B 55 1.36 -53.72 32.61
N ALA B 56 0.61 -52.62 32.71
CA ALA B 56 -0.03 -52.03 31.56
C ALA B 56 1.00 -51.37 30.65
N PRO B 57 0.77 -51.38 29.33
CA PRO B 57 1.77 -50.79 28.42
C PRO B 57 2.06 -49.32 28.69
N ALA B 58 1.09 -48.56 29.16
CA ALA B 58 1.32 -47.17 29.52
C ALA B 58 1.58 -47.04 31.01
N SER B 59 2.39 -46.04 31.35
CA SER B 59 2.65 -45.64 32.72
C SER B 59 2.09 -44.24 32.94
N ARG B 60 1.62 -43.99 34.16
CA ARG B 60 1.06 -42.71 34.56
C ARG B 60 1.65 -42.32 35.91
N ILE B 61 2.24 -41.14 35.99
CA ILE B 61 2.87 -40.66 37.21
C ILE B 61 2.22 -39.34 37.59
N GLY B 62 1.72 -39.26 38.82
CA GLY B 62 1.15 -38.02 39.31
C GLY B 62 1.84 -37.52 40.56
N LEU B 63 2.20 -36.24 40.56
CA LEU B 63 2.65 -35.56 41.77
C LEU B 63 1.48 -34.73 42.29
N PHE B 64 1.00 -35.07 43.47
CA PHE B 64 -0.15 -34.42 44.08
C PHE B 64 0.34 -33.53 45.21
N ILE B 65 -0.11 -32.28 45.23
CA ILE B 65 0.36 -31.26 46.15
C ILE B 65 -0.84 -30.57 46.77
N LYS B 66 -0.74 -30.24 48.05
CA LYS B 66 -1.73 -29.37 48.70
C LYS B 66 -1.43 -27.94 48.28
N ALA B 67 -1.90 -27.56 47.10
CA ALA B 67 -1.58 -26.25 46.56
C ALA B 67 -2.72 -25.60 45.78
N GLY B 68 -3.96 -25.88 46.13
CA GLY B 68 -5.09 -25.29 45.46
C GLY B 68 -5.23 -23.81 45.78
N SER B 69 -6.29 -23.22 45.23
CA SER B 69 -6.54 -21.79 45.43
C SER B 69 -6.95 -21.45 46.86
N ARG B 70 -7.22 -22.45 47.70
CA ARG B 70 -7.53 -22.15 49.10
C ARG B 70 -6.32 -21.64 49.87
N TYR B 71 -5.12 -21.72 49.29
CA TYR B 71 -3.92 -21.21 49.92
C TYR B 71 -3.56 -19.80 49.47
N GLU B 72 -4.30 -19.24 48.52
CA GLU B 72 -4.16 -17.84 48.17
C GLU B 72 -4.74 -16.95 49.27
N ASP B 73 -4.27 -15.71 49.31
CA ASP B 73 -4.89 -14.68 50.13
C ASP B 73 -5.33 -13.54 49.23
N SER B 74 -5.79 -12.42 49.80
CA SER B 74 -6.34 -11.34 48.99
C SER B 74 -5.30 -10.65 48.12
N ASN B 75 -4.01 -10.88 48.35
CA ASN B 75 -2.97 -10.19 47.62
C ASN B 75 -2.41 -10.99 46.43
N ASN B 76 -2.63 -12.30 46.39
CA ASN B 76 -2.10 -13.12 45.31
C ASN B 76 -3.17 -13.99 44.65
N LEU B 77 -4.39 -13.46 44.53
CA LEU B 77 -5.46 -14.21 43.87
C LEU B 77 -5.14 -14.39 42.39
N GLY B 78 -5.33 -15.61 41.90
CA GLY B 78 -4.99 -15.96 40.54
C GLY B 78 -3.57 -16.46 40.36
N THR B 79 -2.74 -16.40 41.40
CA THR B 79 -1.36 -16.89 41.29
C THR B 79 -1.34 -18.38 40.94
N SER B 80 -2.21 -19.16 41.59
CA SER B 80 -2.22 -20.60 41.38
C SER B 80 -2.88 -20.99 40.06
N HIS B 81 -3.77 -20.15 39.54
CA HIS B 81 -4.31 -20.38 38.20
C HIS B 81 -3.22 -20.20 37.14
N LEU B 82 -2.43 -19.13 37.24
CA LEU B 82 -1.30 -18.96 36.34
C LEU B 82 -0.28 -20.07 36.54
N LEU B 83 -0.09 -20.54 37.78
CA LEU B 83 0.79 -21.67 38.04
C LEU B 83 0.29 -22.94 37.36
N ARG B 84 -1.03 -23.17 37.38
CA ARG B 84 -1.60 -24.29 36.64
C ARG B 84 -1.29 -24.17 35.15
N LEU B 85 -1.42 -22.98 34.59
CA LEU B 85 -1.06 -22.78 33.18
C LEU B 85 0.44 -22.76 32.93
N ALA B 86 1.27 -22.75 33.98
CA ALA B 86 2.69 -22.46 33.85
C ALA B 86 3.58 -23.68 33.63
N SER B 87 3.03 -24.90 33.70
CA SER B 87 3.83 -26.04 33.29
C SER B 87 4.13 -25.91 31.80
N SER B 88 5.24 -26.50 31.37
CA SER B 88 5.82 -26.38 30.04
C SER B 88 6.56 -25.04 29.86
N LEU B 89 6.74 -24.25 30.91
CA LEU B 89 7.65 -23.12 30.84
C LEU B 89 9.06 -23.58 31.21
N THR B 90 10.03 -22.71 30.97
CA THR B 90 11.43 -23.07 31.18
C THR B 90 11.70 -23.37 32.65
N THR B 91 12.40 -24.49 32.89
CA THR B 91 12.85 -24.89 34.20
C THR B 91 14.36 -24.90 34.24
N LYS B 92 14.90 -25.10 35.44
CA LYS B 92 16.35 -25.10 35.60
C LYS B 92 17.01 -26.22 34.80
N GLY B 93 16.31 -27.32 34.62
CA GLY B 93 16.86 -28.47 33.92
C GLY B 93 16.40 -28.69 32.50
N ALA B 94 15.42 -27.92 32.01
CA ALA B 94 14.96 -28.08 30.63
C ALA B 94 14.24 -26.82 30.19
N SER B 95 14.56 -26.36 28.98
CA SER B 95 13.88 -25.20 28.42
C SER B 95 12.44 -25.56 28.04
N SER B 96 11.66 -24.52 27.75
CA SER B 96 10.27 -24.72 27.34
C SER B 96 10.19 -25.52 26.06
N PHE B 97 11.01 -25.17 25.07
CA PHE B 97 11.08 -25.92 23.82
C PHE B 97 11.47 -27.37 24.09
N LYS B 98 12.44 -27.58 24.99
CA LYS B 98 12.87 -28.92 25.32
C LYS B 98 11.75 -29.75 25.91
N ILE B 99 10.97 -29.20 26.82
CA ILE B 99 9.87 -29.92 27.44
C ILE B 99 8.77 -30.23 26.42
N THR B 100 8.34 -29.24 25.64
CA THR B 100 7.30 -29.46 24.63
C THR B 100 7.74 -30.51 23.61
N ARG B 101 8.89 -30.28 22.97
CA ARG B 101 9.37 -31.17 21.93
C ARG B 101 9.69 -32.56 22.47
N GLY B 102 10.29 -32.64 23.66
CA GLY B 102 10.72 -33.91 24.18
C GLY B 102 9.62 -34.72 24.82
N ILE B 103 8.47 -34.09 25.12
CA ILE B 103 7.34 -34.87 25.59
C ILE B 103 6.54 -35.32 24.37
N GLU B 104 6.43 -34.46 23.36
CA GLU B 104 5.73 -34.87 22.15
C GLU B 104 6.50 -35.90 21.33
N ALA B 105 7.82 -35.98 21.48
CA ALA B 105 8.59 -36.96 20.73
C ALA B 105 8.19 -38.38 21.08
N VAL B 106 7.89 -38.65 22.35
CA VAL B 106 7.54 -39.98 22.81
C VAL B 106 6.03 -40.20 22.87
N GLY B 107 5.26 -39.32 22.23
CA GLY B 107 3.81 -39.38 22.32
C GLY B 107 3.25 -39.10 23.69
N GLY B 108 4.02 -38.43 24.56
CA GLY B 108 3.64 -38.29 25.95
C GLY B 108 2.68 -37.16 26.22
N LYS B 109 2.18 -37.15 27.46
CA LYS B 109 1.20 -36.17 27.94
C LYS B 109 1.66 -35.58 29.25
N LEU B 110 1.54 -34.26 29.38
CA LEU B 110 1.77 -33.53 30.63
C LEU B 110 0.53 -32.70 30.93
N SER B 111 -0.14 -33.01 32.04
CA SER B 111 -1.39 -32.36 32.41
C SER B 111 -1.31 -31.85 33.84
N VAL B 112 -1.99 -30.72 34.11
CA VAL B 112 -2.10 -30.18 35.46
C VAL B 112 -3.57 -30.00 35.78
N THR B 113 -4.04 -30.69 36.81
CA THR B 113 -5.43 -30.62 37.25
C THR B 113 -5.50 -30.06 38.66
N SER B 114 -6.26 -28.99 38.83
CA SER B 114 -6.38 -28.33 40.13
C SER B 114 -7.80 -28.44 40.66
N THR B 115 -7.90 -28.65 41.96
CA THR B 115 -9.12 -28.41 42.73
C THR B 115 -8.85 -27.21 43.64
N ARG B 116 -9.81 -26.91 44.51
CA ARG B 116 -9.61 -25.80 45.43
C ARG B 116 -8.53 -26.12 46.45
N GLU B 117 -8.27 -27.40 46.70
CA GLU B 117 -7.32 -27.81 47.74
C GLU B 117 -6.05 -28.48 47.20
N SER B 118 -6.03 -28.94 45.95
CA SER B 118 -4.90 -29.71 45.47
C SER B 118 -4.53 -29.31 44.06
N MET B 119 -3.28 -29.59 43.71
CA MET B 119 -2.77 -29.51 42.35
C MET B 119 -2.10 -30.84 42.02
N ALA B 120 -2.52 -31.47 40.93
CA ALA B 120 -1.95 -32.73 40.49
C ALA B 120 -1.26 -32.52 39.15
N TYR B 121 0.02 -32.84 39.10
CA TYR B 121 0.80 -32.81 37.87
C TYR B 121 0.99 -34.25 37.39
N THR B 122 0.44 -34.58 36.22
CA THR B 122 0.47 -35.94 35.72
C THR B 122 1.26 -36.00 34.42
N VAL B 123 2.17 -36.96 34.32
CA VAL B 123 2.82 -37.33 33.07
C VAL B 123 2.36 -38.73 32.72
N GLU B 124 1.86 -38.90 31.50
CA GLU B 124 1.43 -40.21 31.04
C GLU B 124 2.12 -40.53 29.72
N CYS B 125 2.70 -41.71 29.61
CA CYS B 125 3.34 -42.14 28.36
C CYS B 125 3.41 -43.66 28.34
N LEU B 126 4.15 -44.20 27.39
CA LEU B 126 4.38 -45.64 27.37
C LEU B 126 5.42 -46.02 28.43
N ARG B 127 5.41 -47.28 28.84
CA ARG B 127 6.22 -47.66 29.99
C ARG B 127 7.72 -47.65 29.71
N ASP B 128 8.13 -47.54 28.46
CA ASP B 128 9.55 -47.46 28.13
C ASP B 128 10.11 -46.04 28.24
N ASP B 129 9.25 -45.02 28.28
CA ASP B 129 9.70 -43.63 28.24
C ASP B 129 9.44 -42.89 29.55
N ILE B 130 9.22 -43.61 30.65
CA ILE B 130 8.76 -42.95 31.87
C ILE B 130 9.87 -42.17 32.54
N GLU B 131 11.14 -42.53 32.31
CA GLU B 131 12.23 -41.77 32.92
C GLU B 131 12.30 -40.35 32.35
N ILE B 132 12.15 -40.22 31.03
CA ILE B 132 12.17 -38.89 30.41
C ILE B 132 11.04 -38.03 30.96
N LEU B 133 9.84 -38.59 31.01
CA LEU B 133 8.68 -37.84 31.49
C LEU B 133 8.83 -37.51 32.98
N MET B 134 9.43 -38.40 33.76
CA MET B 134 9.60 -38.12 35.18
C MET B 134 10.64 -37.04 35.42
N GLU B 135 11.73 -37.03 34.65
CA GLU B 135 12.67 -35.92 34.76
C GLU B 135 11.99 -34.60 34.39
N PHE B 136 11.17 -34.61 33.34
CA PHE B 136 10.43 -33.41 32.98
C PHE B 136 9.50 -32.97 34.12
N LEU B 137 8.77 -33.91 34.70
CA LEU B 137 7.81 -33.59 35.76
C LEU B 137 8.51 -33.03 36.99
N LEU B 138 9.66 -33.60 37.32
CA LEU B 138 10.40 -33.18 38.50
C LEU B 138 11.05 -31.82 38.27
N ASN B 139 11.49 -31.55 37.04
CA ASN B 139 11.96 -30.21 36.71
C ASN B 139 10.82 -29.20 36.81
N VAL B 140 9.63 -29.57 36.35
CA VAL B 140 8.49 -28.66 36.35
C VAL B 140 8.10 -28.30 37.78
N THR B 141 8.10 -29.28 38.68
CA THR B 141 7.60 -29.02 40.03
C THR B 141 8.68 -28.54 41.00
N ALA B 142 9.92 -28.98 40.85
CA ALA B 142 10.95 -28.70 41.85
C ALA B 142 11.93 -27.60 41.45
N ALA B 143 12.14 -27.37 40.15
CA ALA B 143 13.06 -26.33 39.68
C ALA B 143 12.41 -25.45 38.63
N PRO B 144 11.34 -24.72 38.97
CA PRO B 144 10.73 -23.81 37.99
C PRO B 144 11.46 -22.48 37.98
N GLU B 145 11.61 -21.88 36.80
CA GLU B 145 12.36 -20.65 36.68
C GLU B 145 11.50 -19.39 36.60
N PHE B 146 10.28 -19.51 36.09
CA PHE B 146 9.33 -18.39 35.99
C PHE B 146 10.00 -17.13 35.45
N ARG B 147 10.51 -17.24 34.23
CA ARG B 147 11.15 -16.11 33.58
C ARG B 147 10.15 -15.01 33.30
N ARG B 148 10.58 -13.77 33.49
CA ARG B 148 9.66 -12.64 33.52
C ARG B 148 8.95 -12.46 32.19
N TRP B 149 9.65 -12.68 31.07
CA TRP B 149 9.02 -12.52 29.76
C TRP B 149 8.08 -13.67 29.42
N GLU B 150 8.43 -14.91 29.82
CA GLU B 150 7.52 -16.02 29.63
C GLU B 150 6.28 -15.89 30.52
N VAL B 151 6.45 -15.34 31.72
CA VAL B 151 5.32 -15.13 32.62
C VAL B 151 4.42 -14.02 32.10
N ALA B 152 5.02 -12.96 31.53
CA ALA B 152 4.22 -11.87 30.98
C ALA B 152 3.57 -12.25 29.65
N ALA B 153 4.08 -13.27 28.97
CA ALA B 153 3.45 -13.80 27.76
C ALA B 153 2.44 -14.91 28.07
N LEU B 154 2.23 -15.20 29.35
CA LEU B 154 1.26 -16.20 29.79
C LEU B 154 0.02 -15.60 30.41
N GLN B 155 0.00 -14.29 30.66
CA GLN B 155 -1.16 -13.65 31.28
C GLN B 155 -2.38 -13.70 30.36
N SER B 156 -2.17 -13.78 29.06
CA SER B 156 -3.30 -13.81 28.13
C SER B 156 -4.10 -15.11 28.25
N GLN B 157 -3.43 -16.22 28.56
CA GLN B 157 -4.16 -17.46 28.73
C GLN B 157 -4.99 -17.49 30.01
N LEU B 158 -4.72 -16.61 30.98
CA LEU B 158 -5.67 -16.48 32.09
C LEU B 158 -7.03 -16.07 31.56
N ARG B 159 -7.07 -15.04 30.71
CA ARG B 159 -8.32 -14.59 30.11
C ARG B 159 -8.92 -15.67 29.21
N ILE B 160 -8.10 -16.28 28.36
CA ILE B 160 -8.62 -17.30 27.45
C ILE B 160 -9.19 -18.48 28.24
N ASP B 161 -8.42 -18.98 29.19
CA ASP B 161 -8.79 -20.15 29.97
C ASP B 161 -10.06 -19.89 30.76
N LYS B 162 -10.16 -18.72 31.41
CA LYS B 162 -11.34 -18.43 32.20
C LYS B 162 -12.57 -18.23 31.32
N ALA B 163 -12.43 -17.58 30.16
CA ALA B 163 -13.58 -17.41 29.28
C ALA B 163 -14.07 -18.75 28.74
N VAL B 164 -13.14 -19.66 28.41
CA VAL B 164 -13.54 -20.99 27.97
C VAL B 164 -14.28 -21.73 29.09
N ALA B 165 -13.79 -21.63 30.33
CA ALA B 165 -14.49 -22.26 31.46
C ALA B 165 -15.86 -21.63 31.72
N PHE B 166 -15.96 -20.32 31.57
CA PHE B 166 -17.19 -19.59 31.83
C PHE B 166 -18.18 -19.68 30.69
N GLN B 167 -17.80 -20.30 29.57
CA GLN B 167 -18.81 -20.69 28.60
C GLN B 167 -19.74 -21.77 29.13
N ASN B 168 -19.38 -22.44 30.22
CA ASN B 168 -20.27 -23.33 30.94
C ASN B 168 -20.91 -22.53 32.07
N PRO B 169 -22.23 -22.40 32.12
CA PRO B 169 -22.85 -21.52 33.14
C PRO B 169 -22.63 -21.99 34.56
N GLN B 170 -22.23 -23.24 34.75
CA GLN B 170 -22.03 -23.77 36.09
C GLN B 170 -20.70 -23.37 36.69
N ALA B 171 -19.70 -23.10 35.86
CA ALA B 171 -18.39 -22.73 36.39
C ALA B 171 -18.50 -21.49 37.27
N GLN B 172 -19.15 -20.43 36.75
CA GLN B 172 -19.26 -19.20 37.52
C GLN B 172 -20.28 -19.31 38.64
N VAL B 173 -21.31 -20.14 38.48
CA VAL B 173 -22.24 -20.36 39.58
C VAL B 173 -21.53 -21.04 40.75
N LEU B 174 -20.69 -22.04 40.46
CA LEU B 174 -19.95 -22.69 41.54
C LEU B 174 -18.89 -21.77 42.13
N GLU B 175 -18.27 -20.92 41.30
CA GLU B 175 -17.35 -19.91 41.83
C GLU B 175 -18.08 -18.98 42.80
N ASN B 176 -19.26 -18.49 42.40
CA ASN B 176 -20.03 -17.60 43.25
C ASN B 176 -20.58 -18.31 44.48
N LEU B 177 -20.91 -19.60 44.35
CA LEU B 177 -21.37 -20.36 45.51
C LEU B 177 -20.28 -20.47 46.55
N HIS B 178 -19.05 -20.70 46.12
CA HIS B 178 -17.96 -20.73 47.08
C HIS B 178 -17.67 -19.35 47.64
N ALA B 179 -17.75 -18.31 46.82
CA ALA B 179 -17.55 -16.96 47.32
C ALA B 179 -18.60 -16.58 48.35
N ALA B 180 -19.83 -17.06 48.19
CA ALA B 180 -20.90 -16.69 49.10
C ALA B 180 -21.03 -17.64 50.27
N ALA B 181 -20.50 -18.84 50.18
CA ALA B 181 -20.52 -19.78 51.29
C ALA B 181 -19.38 -19.56 52.26
N TYR B 182 -18.28 -18.98 51.82
CA TYR B 182 -17.09 -18.85 52.62
C TYR B 182 -16.61 -17.40 52.63
N ARG B 183 -15.98 -17.04 53.73
CA ARG B 183 -15.39 -15.74 53.89
C ARG B 183 -14.01 -15.62 53.26
N ASN B 184 -13.12 -16.59 53.48
CA ASN B 184 -11.72 -16.39 53.09
C ASN B 184 -11.13 -17.38 52.10
N ALA B 185 -11.13 -18.67 52.44
CA ALA B 185 -10.14 -19.57 51.88
C ALA B 185 -10.68 -20.35 50.68
N LEU B 186 -11.69 -21.19 50.92
CA LEU B 186 -12.43 -21.82 49.85
C LEU B 186 -13.28 -20.83 49.07
N ALA B 187 -13.40 -19.60 49.58
CA ALA B 187 -14.03 -18.53 48.83
C ALA B 187 -13.24 -18.17 47.57
N ASN B 188 -11.98 -18.57 47.50
CA ASN B 188 -11.12 -18.24 46.36
C ASN B 188 -11.50 -19.06 45.15
N SER B 189 -11.55 -18.40 44.00
CA SER B 189 -11.88 -19.03 42.74
C SER B 189 -10.72 -19.88 42.24
N LEU B 190 -11.06 -20.93 41.47
CA LEU B 190 -10.04 -21.65 40.72
C LEU B 190 -9.49 -20.82 39.58
N TYR B 191 -10.11 -19.70 39.25
CA TYR B 191 -9.71 -18.87 38.14
C TYR B 191 -9.24 -17.51 38.64
N CYS B 192 -8.41 -16.90 37.86
CA CYS B 192 -7.84 -15.61 38.21
C CYS B 192 -8.90 -14.52 38.17
N PRO B 193 -8.94 -13.63 39.16
CA PRO B 193 -9.77 -12.44 39.04
C PRO B 193 -9.38 -11.65 37.79
N ASP B 194 -10.39 -11.02 37.17
CA ASP B 194 -10.14 -10.28 35.94
C ASP B 194 -9.13 -9.15 36.18
N TYR B 195 -9.24 -8.47 37.31
CA TYR B 195 -8.31 -7.40 37.62
C TYR B 195 -6.91 -7.92 37.90
N ARG B 196 -6.79 -9.17 38.35
CA ARG B 196 -5.49 -9.74 38.64
C ARG B 196 -4.80 -10.30 37.40
N ILE B 197 -5.49 -10.37 36.27
CA ILE B 197 -4.87 -10.82 35.03
C ILE B 197 -3.90 -9.76 34.53
N GLY B 198 -2.71 -10.20 34.12
CA GLY B 198 -1.68 -9.26 33.74
C GLY B 198 -0.96 -8.64 34.92
N LYS B 199 -1.20 -9.16 36.13
CA LYS B 199 -0.58 -8.63 37.35
C LYS B 199 -0.01 -9.71 38.24
N VAL B 200 -0.28 -10.99 37.98
CA VAL B 200 0.39 -12.06 38.70
C VAL B 200 1.86 -12.08 38.30
N THR B 201 2.72 -11.77 39.25
CA THR B 201 4.14 -11.56 39.04
C THR B 201 4.92 -12.86 39.21
N PRO B 202 6.14 -12.92 38.65
CA PRO B 202 6.99 -14.10 38.92
C PRO B 202 7.32 -14.28 40.38
N ASP B 203 7.42 -13.19 41.16
CA ASP B 203 7.67 -13.33 42.59
C ASP B 203 6.53 -14.03 43.30
N GLN B 204 5.29 -13.75 42.88
CA GLN B 204 4.15 -14.46 43.47
C GLN B 204 4.23 -15.95 43.16
N LEU B 205 4.60 -16.31 41.92
CA LEU B 205 4.74 -17.72 41.58
C LEU B 205 5.88 -18.39 42.35
N HIS B 206 7.02 -17.70 42.48
CA HIS B 206 8.15 -18.28 43.20
C HIS B 206 7.81 -18.46 44.68
N TYR B 207 7.23 -17.45 45.30
CA TYR B 207 6.80 -17.55 46.69
C TYR B 207 5.79 -18.68 46.87
N TYR B 208 4.86 -18.80 45.93
CA TYR B 208 3.84 -19.85 46.01
C TYR B 208 4.46 -21.23 45.96
N VAL B 209 5.34 -21.47 44.98
CA VAL B 209 5.96 -22.79 44.89
C VAL B 209 6.82 -23.05 46.12
N GLN B 210 7.59 -22.05 46.55
CA GLN B 210 8.46 -22.22 47.72
C GLN B 210 7.67 -22.51 48.99
N ASN B 211 6.40 -22.10 49.07
CA ASN B 211 5.64 -22.30 50.28
C ASN B 211 4.58 -23.39 50.21
N HIS B 212 4.31 -23.97 49.04
CA HIS B 212 3.26 -24.98 48.99
C HIS B 212 3.76 -26.28 48.38
N PHE B 213 4.84 -26.20 47.61
CA PHE B 213 5.40 -27.36 46.91
C PHE B 213 6.50 -28.02 47.75
N THR B 214 6.17 -28.31 49.00
CA THR B 214 7.14 -28.90 49.92
C THR B 214 6.83 -30.37 50.15
N SER B 215 7.84 -31.10 50.67
CA SER B 215 7.78 -32.55 50.67
C SER B 215 6.63 -33.08 51.51
N ALA B 216 6.41 -32.52 52.70
CA ALA B 216 5.36 -33.01 53.56
C ALA B 216 4.00 -32.50 53.11
N ARG B 217 3.94 -32.01 51.87
CA ARG B 217 2.69 -31.64 51.22
C ARG B 217 2.53 -32.34 49.88
N MET B 218 3.33 -33.37 49.60
CA MET B 218 3.44 -33.94 48.29
C MET B 218 3.31 -35.46 48.35
N ALA B 219 2.75 -36.01 47.29
CA ALA B 219 2.57 -37.45 47.14
C ALA B 219 2.80 -37.80 45.68
N LEU B 220 3.84 -38.57 45.42
CA LEU B 220 4.14 -39.07 44.09
C LEU B 220 3.55 -40.47 43.95
N ILE B 221 2.64 -40.62 42.99
CA ILE B 221 1.88 -41.85 42.82
C ILE B 221 2.04 -42.31 41.38
N GLY B 222 2.61 -43.50 41.20
CA GLY B 222 2.82 -44.04 39.88
C GLY B 222 2.06 -45.33 39.63
N LEU B 223 1.21 -45.31 38.62
CA LEU B 223 0.55 -46.51 38.11
C LEU B 223 1.35 -47.04 36.94
N GLY B 224 1.78 -48.29 37.04
CA GLY B 224 2.62 -48.88 36.01
C GLY B 224 4.09 -48.61 36.18
N VAL B 225 4.56 -48.48 37.42
CA VAL B 225 5.99 -48.28 37.70
C VAL B 225 6.35 -49.11 38.92
N SER B 226 7.66 -49.28 39.12
CA SER B 226 8.17 -50.01 40.26
C SER B 226 8.42 -49.04 41.41
N HIS B 227 8.16 -49.50 42.64
CA HIS B 227 8.32 -48.64 43.80
C HIS B 227 9.74 -48.12 43.98
N PRO B 228 10.80 -48.93 43.87
CA PRO B 228 12.16 -48.36 43.96
C PRO B 228 12.44 -47.29 42.92
N VAL B 229 11.85 -47.39 41.72
CA VAL B 229 12.06 -46.36 40.72
C VAL B 229 11.49 -45.04 41.19
N LEU B 230 10.27 -45.07 41.73
CA LEU B 230 9.66 -43.85 42.27
C LEU B 230 10.45 -43.32 43.46
N LYS B 231 11.01 -44.20 44.27
CA LYS B 231 11.85 -43.73 45.37
C LYS B 231 13.10 -43.02 44.85
N GLN B 232 13.77 -43.60 43.85
CA GLN B 232 14.94 -42.93 43.29
C GLN B 232 14.56 -41.58 42.69
N VAL B 233 13.38 -41.51 42.06
CA VAL B 233 12.89 -40.26 41.50
C VAL B 233 12.66 -39.23 42.61
N ALA B 234 12.01 -39.66 43.70
CA ALA B 234 11.75 -38.83 44.87
C ALA B 234 13.01 -38.45 45.63
N GLU B 235 14.11 -39.16 45.40
CA GLU B 235 15.40 -38.86 46.01
C GLU B 235 16.21 -37.85 45.19
N ARG B 236 16.16 -37.96 43.87
CA ARG B 236 16.96 -37.05 43.04
C ARG B 236 16.45 -35.62 43.13
N PHE B 237 15.18 -35.44 43.48
CA PHE B 237 14.56 -34.13 43.64
C PHE B 237 13.67 -34.14 44.89
N LEU B 238 12.75 -33.19 44.97
CA LEU B 238 11.71 -33.16 45.99
C LEU B 238 12.31 -33.11 47.39
N ASN B 239 13.33 -32.27 47.56
CA ASN B 239 13.97 -32.03 48.84
C ASN B 239 13.96 -30.55 49.17
N MET B 240 12.84 -29.88 48.86
CA MET B 240 12.70 -28.44 49.05
C MET B 240 12.86 -28.06 50.51
N ARG B 241 11.94 -28.50 51.37
CA ARG B 241 12.07 -28.21 52.80
C ARG B 241 11.73 -29.41 53.68
N GLY B 242 11.13 -30.46 53.13
CA GLY B 242 10.76 -31.62 53.91
C GLY B 242 9.81 -31.27 55.03
N GLY B 243 9.06 -30.18 54.84
CA GLY B 243 8.18 -29.65 55.86
C GLY B 243 6.84 -29.26 55.31
N LEU B 244 6.08 -28.47 56.08
CA LEU B 244 4.67 -28.26 55.82
C LEU B 244 4.37 -26.97 55.08
N GLY B 245 5.39 -26.18 54.73
CA GLY B 245 5.18 -24.98 53.96
C GLY B 245 4.28 -23.99 54.67
N LEU B 246 3.55 -23.20 53.88
CA LEU B 246 2.65 -22.21 54.45
C LEU B 246 1.37 -22.87 54.93
N SER B 247 1.02 -22.62 56.19
CA SER B 247 -0.14 -23.25 56.82
C SER B 247 -1.37 -22.38 56.54
N GLY B 248 -2.19 -22.82 55.59
CA GLY B 248 -3.32 -22.01 55.17
C GLY B 248 -4.42 -21.94 56.21
N ALA B 249 -5.27 -20.93 56.06
CA ALA B 249 -6.29 -20.62 57.04
C ALA B 249 -7.43 -21.64 56.99
N LYS B 250 -8.11 -21.77 58.13
CA LYS B 250 -9.32 -22.58 58.17
C LYS B 250 -10.44 -21.86 57.43
N ALA B 251 -11.21 -22.62 56.65
CA ALA B 251 -12.30 -22.05 55.87
C ALA B 251 -13.44 -21.67 56.79
N LYS B 252 -13.89 -20.42 56.69
CA LYS B 252 -14.90 -19.85 57.57
C LYS B 252 -16.21 -19.77 56.81
N TYR B 253 -17.24 -20.43 57.34
CA TYR B 253 -18.56 -20.36 56.71
C TYR B 253 -19.09 -18.93 56.76
N ARG B 254 -19.57 -18.46 55.62
CA ARG B 254 -20.12 -17.13 55.45
C ARG B 254 -21.65 -17.16 55.50
N GLY B 255 -22.27 -17.97 54.66
CA GLY B 255 -23.72 -18.00 54.58
C GLY B 255 -24.31 -16.87 53.78
N GLY B 256 -23.61 -16.38 52.76
CA GLY B 256 -24.07 -15.27 51.95
C GLY B 256 -24.81 -15.71 50.70
N GLU B 257 -25.12 -14.72 49.87
CA GLU B 257 -25.84 -14.96 48.63
C GLU B 257 -25.26 -14.09 47.53
N ILE B 258 -24.98 -14.70 46.38
CA ILE B 258 -24.48 -13.99 45.21
C ILE B 258 -25.42 -14.27 44.05
N ARG B 259 -25.97 -13.21 43.47
CA ARG B 259 -26.92 -13.31 42.37
C ARG B 259 -26.35 -12.60 41.15
N ASP B 260 -26.31 -13.31 40.02
CA ASP B 260 -25.72 -12.82 38.77
C ASP B 260 -26.81 -12.77 37.71
N GLN B 261 -27.52 -11.65 37.64
CA GLN B 261 -28.44 -11.43 36.54
C GLN B 261 -27.68 -11.25 35.24
N ASN B 262 -27.94 -12.12 34.27
CA ASN B 262 -27.29 -12.00 32.97
C ASN B 262 -28.24 -12.38 31.84
N GLY B 263 -29.49 -12.66 32.16
CA GLY B 263 -30.52 -12.80 31.15
C GLY B 263 -30.61 -14.15 30.46
N ASP B 264 -29.60 -15.01 30.68
CA ASP B 264 -29.51 -16.34 30.05
C ASP B 264 -30.87 -17.03 30.07
N SER B 265 -31.17 -17.78 28.99
CA SER B 265 -32.48 -18.42 28.85
C SER B 265 -32.83 -19.25 30.07
N LEU B 266 -31.84 -19.93 30.64
CA LEU B 266 -32.03 -20.75 31.82
C LEU B 266 -31.47 -20.04 33.04
N VAL B 267 -31.95 -20.47 34.20
CA VAL B 267 -31.44 -20.00 35.49
C VAL B 267 -30.77 -21.19 36.14
N HIS B 268 -29.50 -21.00 36.51
CA HIS B 268 -28.76 -21.98 37.29
C HIS B 268 -28.72 -21.47 38.73
N ALA B 269 -29.24 -22.28 39.66
CA ALA B 269 -29.24 -21.92 41.06
C ALA B 269 -28.61 -23.04 41.88
N ALA B 270 -27.77 -22.65 42.84
CA ALA B 270 -27.17 -23.57 43.78
C ALA B 270 -27.50 -23.08 45.19
N LEU B 271 -28.03 -23.97 46.01
CA LEU B 271 -28.41 -23.63 47.38
C LEU B 271 -27.85 -24.70 48.31
N VAL B 272 -26.91 -24.31 49.17
CA VAL B 272 -26.18 -25.28 49.99
C VAL B 272 -26.18 -24.84 51.44
N ALA B 273 -25.85 -25.79 52.31
CA ALA B 273 -25.49 -25.56 53.70
C ALA B 273 -24.16 -26.25 53.95
N GLU B 274 -23.55 -25.93 55.08
CA GLU B 274 -22.32 -26.62 55.48
C GLU B 274 -22.63 -28.04 55.91
N SER B 275 -21.84 -29.01 55.43
CA SER B 275 -22.18 -30.40 55.73
C SER B 275 -21.17 -31.13 56.60
N ALA B 276 -19.95 -31.36 56.11
CA ALA B 276 -18.95 -32.15 56.83
C ALA B 276 -17.67 -32.22 56.02
N ALA B 277 -16.57 -32.48 56.71
CA ALA B 277 -15.27 -32.64 56.04
C ALA B 277 -15.13 -34.06 55.52
N THR B 278 -14.31 -34.20 54.48
CA THR B 278 -14.20 -35.48 53.79
C THR B 278 -13.54 -36.53 54.69
N GLY B 279 -14.01 -37.77 54.57
CA GLY B 279 -13.51 -38.83 55.42
C GLY B 279 -14.06 -38.77 56.82
N SER B 280 -15.37 -38.96 56.95
CA SER B 280 -16.02 -39.05 58.24
C SER B 280 -17.31 -39.82 58.06
N ALA B 281 -17.90 -40.25 59.17
CA ALA B 281 -19.21 -40.91 59.10
C ALA B 281 -20.26 -39.94 58.58
N GLU B 282 -20.21 -38.68 59.00
CA GLU B 282 -21.14 -37.69 58.50
C GLU B 282 -20.97 -37.46 57.01
N ALA B 283 -19.72 -37.43 56.53
CA ALA B 283 -19.49 -37.24 55.09
C ALA B 283 -20.07 -38.39 54.29
N ASN B 284 -19.94 -39.62 54.81
CA ASN B 284 -20.52 -40.77 54.14
C ASN B 284 -22.04 -40.71 54.16
N ALA B 285 -22.62 -40.26 55.28
CA ALA B 285 -24.07 -40.06 55.33
C ALA B 285 -24.51 -39.04 54.30
N PHE B 286 -23.71 -37.98 54.10
CA PHE B 286 -24.04 -36.99 53.08
C PHE B 286 -23.89 -37.54 51.67
N SER B 287 -22.95 -38.47 51.45
CA SER B 287 -22.87 -39.15 50.15
C SER B 287 -24.09 -40.02 49.90
N VAL B 288 -24.52 -40.78 50.90
CA VAL B 288 -25.72 -41.59 50.78
C VAL B 288 -26.94 -40.72 50.56
N LEU B 289 -26.99 -39.55 51.22
CA LEU B 289 -28.09 -38.61 51.04
C LEU B 289 -28.08 -38.01 49.64
N GLN B 290 -26.89 -37.73 49.11
CA GLN B 290 -26.81 -37.26 47.73
C GLN B 290 -27.38 -38.29 46.77
N HIS B 291 -27.09 -39.56 46.99
CA HIS B 291 -27.62 -40.56 46.06
C HIS B 291 -29.06 -40.95 46.37
N VAL B 292 -29.56 -40.66 47.57
CA VAL B 292 -31.00 -40.78 47.83
C VAL B 292 -31.76 -39.71 47.07
N LEU B 293 -31.30 -38.45 47.19
CA LEU B 293 -31.97 -37.34 46.53
C LEU B 293 -31.83 -37.42 45.02
N GLY B 294 -30.73 -37.94 44.52
CA GLY B 294 -30.47 -37.97 43.11
C GLY B 294 -29.22 -37.19 42.77
N ALA B 295 -28.25 -37.84 42.13
CA ALA B 295 -26.92 -37.27 41.97
C ALA B 295 -26.45 -37.42 40.54
N GLY B 296 -27.34 -37.25 39.58
CA GLY B 296 -26.99 -37.39 38.19
C GLY B 296 -27.69 -38.56 37.53
N PRO B 297 -27.75 -38.56 36.20
CA PRO B 297 -28.57 -39.55 35.50
C PRO B 297 -27.82 -40.85 35.21
N HIS B 298 -28.55 -41.97 35.37
CA HIS B 298 -28.00 -43.29 35.08
C HIS B 298 -28.37 -43.77 33.68
N VAL B 299 -29.56 -43.39 33.19
CA VAL B 299 -30.12 -43.91 31.95
C VAL B 299 -30.19 -42.76 30.95
N LYS B 300 -29.71 -43.01 29.73
CA LYS B 300 -29.66 -41.97 28.71
C LYS B 300 -31.06 -41.50 28.35
N ARG B 301 -31.27 -40.18 28.40
CA ARG B 301 -32.56 -39.55 28.11
C ARG B 301 -33.68 -40.12 28.97
N GLY B 302 -33.36 -40.53 30.20
CA GLY B 302 -34.32 -41.25 30.99
C GLY B 302 -35.39 -40.38 31.60
N SER B 303 -35.70 -40.62 32.87
CA SER B 303 -36.70 -39.86 33.58
C SER B 303 -36.22 -39.62 35.01
N ASN B 304 -35.04 -40.17 35.32
CA ASN B 304 -34.46 -40.12 36.66
C ASN B 304 -35.47 -40.61 37.70
N ALA B 305 -36.00 -41.81 37.47
CA ALA B 305 -37.12 -42.31 38.26
C ALA B 305 -36.76 -42.47 39.74
N THR B 306 -35.55 -42.94 40.03
CA THR B 306 -35.15 -43.17 41.41
C THR B 306 -34.69 -41.91 42.11
N SER B 307 -34.56 -40.80 41.38
CA SER B 307 -34.22 -39.52 41.98
C SER B 307 -35.47 -38.92 42.64
N SER B 308 -35.44 -38.80 43.97
CA SER B 308 -36.61 -38.26 44.66
C SER B 308 -36.75 -36.76 44.43
N LEU B 309 -35.63 -36.03 44.34
CA LEU B 309 -35.70 -34.62 44.01
C LEU B 309 -36.30 -34.41 42.63
N TYR B 310 -35.86 -35.19 41.65
CA TYR B 310 -36.36 -35.04 40.28
C TYR B 310 -37.85 -35.33 40.21
N GLN B 311 -38.30 -36.38 40.90
CA GLN B 311 -39.73 -36.69 40.90
C GLN B 311 -40.54 -35.59 41.59
N ALA B 312 -40.02 -35.04 42.68
CA ALA B 312 -40.70 -33.94 43.35
C ALA B 312 -40.84 -32.74 42.43
N VAL B 313 -39.78 -32.41 41.68
CA VAL B 313 -39.85 -31.27 40.77
C VAL B 313 -40.76 -31.57 39.58
N ALA B 314 -40.69 -32.79 39.05
CA ALA B 314 -41.48 -33.14 37.87
C ALA B 314 -42.95 -33.34 38.20
N LYS B 315 -43.30 -33.46 39.48
CA LYS B 315 -44.71 -33.51 39.85
C LYS B 315 -45.43 -32.25 39.40
N GLY B 316 -44.82 -31.09 39.63
CA GLY B 316 -45.50 -29.83 39.37
C GLY B 316 -44.91 -28.99 38.26
N VAL B 317 -43.64 -29.19 37.94
CA VAL B 317 -42.96 -28.40 36.93
C VAL B 317 -42.95 -29.21 35.63
N HIS B 318 -43.70 -28.72 34.64
CA HIS B 318 -43.87 -29.39 33.37
C HIS B 318 -43.03 -28.75 32.27
N GLN B 319 -42.09 -27.91 32.64
CA GLN B 319 -41.11 -27.28 31.78
C GLN B 319 -39.80 -28.05 31.84
N PRO B 320 -38.94 -27.90 30.83
CA PRO B 320 -37.62 -28.54 30.90
C PRO B 320 -36.85 -28.07 32.12
N PHE B 321 -36.21 -29.01 32.81
CA PHE B 321 -35.49 -28.70 34.03
C PHE B 321 -34.47 -29.79 34.30
N ASP B 322 -33.54 -29.49 35.19
CA ASP B 322 -32.67 -30.48 35.82
C ASP B 322 -32.54 -30.13 37.28
N VAL B 323 -32.42 -31.15 38.12
CA VAL B 323 -32.13 -30.95 39.53
C VAL B 323 -31.28 -32.11 40.01
N SER B 324 -30.26 -31.80 40.82
CA SER B 324 -29.45 -32.82 41.46
C SER B 324 -29.10 -32.35 42.86
N ALA B 325 -28.66 -33.30 43.68
CA ALA B 325 -28.04 -33.00 44.95
C ALA B 325 -26.56 -32.73 44.72
N PHE B 326 -26.04 -31.76 45.47
CA PHE B 326 -24.67 -31.28 45.30
C PHE B 326 -23.88 -31.57 46.56
N ASN B 327 -22.76 -32.25 46.41
CA ASN B 327 -21.89 -32.61 47.52
C ASN B 327 -20.47 -32.16 47.19
N ALA B 328 -19.89 -31.39 48.10
CA ALA B 328 -18.57 -30.79 47.93
C ALA B 328 -17.80 -30.99 49.23
N SER B 329 -17.05 -32.07 49.36
CA SER B 329 -16.38 -32.35 50.62
C SER B 329 -14.92 -31.91 50.55
N TYR B 330 -14.44 -31.33 51.63
CA TYR B 330 -13.07 -30.82 51.69
C TYR B 330 -12.45 -31.24 53.01
N SER B 331 -11.17 -30.90 53.16
CA SER B 331 -10.40 -31.36 54.32
C SER B 331 -10.99 -30.82 55.62
N ASP B 332 -11.42 -29.57 55.64
CA ASP B 332 -11.85 -28.92 56.86
C ASP B 332 -13.32 -28.52 56.86
N SER B 333 -14.05 -28.78 55.78
CA SER B 333 -15.46 -28.40 55.69
C SER B 333 -16.06 -29.10 54.48
N GLY B 334 -17.34 -28.84 54.26
CA GLY B 334 -18.04 -29.37 53.10
C GLY B 334 -19.31 -28.59 52.86
N LEU B 335 -19.84 -28.73 51.66
CA LEU B 335 -21.08 -28.09 51.24
C LEU B 335 -22.02 -29.15 50.70
N PHE B 336 -23.23 -29.20 51.25
CA PHE B 336 -24.27 -30.08 50.72
C PHE B 336 -25.51 -29.26 50.40
N GLY B 337 -26.09 -29.51 49.25
CA GLY B 337 -27.31 -28.80 48.88
C GLY B 337 -27.92 -29.28 47.59
N ILE B 338 -28.54 -28.37 46.85
CA ILE B 338 -29.25 -28.70 45.62
C ILE B 338 -28.78 -27.76 44.51
N TYR B 339 -28.61 -28.34 43.32
CA TYR B 339 -28.33 -27.57 42.12
C TYR B 339 -29.49 -27.77 41.16
N THR B 340 -30.06 -26.66 40.69
CA THR B 340 -31.19 -26.69 39.78
C THR B 340 -30.85 -25.88 38.54
N ILE B 341 -31.31 -26.38 37.40
CA ILE B 341 -31.34 -25.66 36.14
C ILE B 341 -32.78 -25.60 35.71
N SER B 342 -33.29 -24.41 35.42
CA SER B 342 -34.71 -24.33 35.07
C SER B 342 -34.96 -23.14 34.16
N GLN B 343 -36.20 -23.07 33.66
CA GLN B 343 -36.65 -21.87 32.99
C GLN B 343 -36.72 -20.72 34.00
N ALA B 344 -36.46 -19.51 33.52
CA ALA B 344 -36.49 -18.34 34.39
C ALA B 344 -37.83 -18.22 35.11
N ALA B 345 -38.93 -18.50 34.39
CA ALA B 345 -40.26 -18.36 34.98
C ALA B 345 -40.50 -19.41 36.07
N SER B 346 -40.03 -20.63 35.86
CA SER B 346 -40.31 -21.73 36.79
C SER B 346 -39.18 -21.96 37.80
N ALA B 347 -38.25 -21.02 37.93
CA ALA B 347 -37.10 -21.20 38.82
C ALA B 347 -37.54 -21.38 40.27
N GLY B 348 -38.43 -20.50 40.74
CA GLY B 348 -38.88 -20.58 42.12
C GLY B 348 -39.61 -21.88 42.42
N ASP B 349 -40.48 -22.32 41.50
CA ASP B 349 -41.21 -23.56 41.73
C ASP B 349 -40.28 -24.76 41.82
N VAL B 350 -39.27 -24.82 40.95
CA VAL B 350 -38.31 -25.92 40.98
C VAL B 350 -37.55 -25.91 42.30
N ILE B 351 -37.06 -24.73 42.71
CA ILE B 351 -36.26 -24.65 43.92
C ILE B 351 -37.09 -25.02 45.15
N LYS B 352 -38.30 -24.47 45.26
CA LYS B 352 -39.16 -24.80 46.39
C LYS B 352 -39.50 -26.27 46.42
N SER B 353 -39.77 -26.86 45.25
CA SER B 353 -40.10 -28.28 45.18
C SER B 353 -38.93 -29.13 45.68
N ALA B 354 -37.72 -28.85 45.18
CA ALA B 354 -36.55 -29.61 45.61
C ALA B 354 -36.29 -29.45 47.10
N TYR B 355 -36.33 -28.21 47.59
CA TYR B 355 -36.04 -27.95 48.99
C TYR B 355 -37.07 -28.62 49.89
N ASP B 356 -38.34 -28.65 49.47
CA ASP B 356 -39.36 -29.29 50.29
C ASP B 356 -39.24 -30.80 50.27
N GLN B 357 -38.76 -31.37 49.16
CA GLN B 357 -38.47 -32.81 49.17
C GLN B 357 -37.36 -33.12 50.18
N VAL B 358 -36.31 -32.29 50.19
CA VAL B 358 -35.25 -32.48 51.18
C VAL B 358 -35.80 -32.35 52.60
N LYS B 359 -36.67 -31.36 52.84
CA LYS B 359 -37.30 -31.23 54.16
C LYS B 359 -38.16 -32.43 54.53
N THR B 360 -38.79 -33.07 53.54
CA THR B 360 -39.57 -34.26 53.80
C THR B 360 -38.69 -35.43 54.20
N ILE B 361 -37.49 -35.51 53.61
CA ILE B 361 -36.53 -36.51 54.08
C ILE B 361 -36.04 -36.17 55.48
N ALA B 362 -35.86 -34.88 55.78
CA ALA B 362 -35.48 -34.47 57.12
C ALA B 362 -36.57 -34.75 58.15
N GLN B 363 -37.83 -34.85 57.70
CA GLN B 363 -38.93 -35.18 58.61
C GLN B 363 -39.05 -36.67 58.89
N GLY B 364 -38.09 -37.48 58.44
CA GLY B 364 -38.10 -38.89 58.71
C GLY B 364 -38.80 -39.75 57.67
N ASN B 365 -39.07 -39.21 56.48
CA ASN B 365 -39.70 -39.97 55.41
C ASN B 365 -38.59 -40.45 54.48
N LEU B 366 -38.12 -41.67 54.74
CA LEU B 366 -37.03 -42.28 53.98
C LEU B 366 -37.08 -43.77 54.23
N SER B 367 -37.36 -44.55 53.19
CA SER B 367 -37.50 -45.98 53.36
C SER B 367 -36.14 -46.67 53.32
N ASN B 368 -36.13 -47.95 53.70
CA ASN B 368 -34.90 -48.72 53.63
C ASN B 368 -34.54 -49.07 52.19
N THR B 369 -35.54 -49.30 51.32
CA THR B 369 -35.24 -49.66 49.94
C THR B 369 -34.58 -48.50 49.21
N ASP B 370 -35.01 -47.28 49.47
CA ASP B 370 -34.39 -46.12 48.83
C ASP B 370 -32.95 -45.94 49.30
N VAL B 371 -32.67 -46.24 50.56
CA VAL B 371 -31.30 -46.11 51.05
C VAL B 371 -30.42 -47.25 50.53
N GLN B 372 -30.98 -48.46 50.40
CA GLN B 372 -30.25 -49.53 49.75
C GLN B 372 -29.92 -49.17 48.30
N ALA B 373 -30.88 -48.59 47.58
CA ALA B 373 -30.64 -48.17 46.22
C ALA B 373 -29.58 -47.07 46.15
N ALA B 374 -29.63 -46.12 47.09
CA ALA B 374 -28.63 -45.05 47.13
C ALA B 374 -27.24 -45.61 47.41
N LYS B 375 -27.15 -46.57 48.34
CA LYS B 375 -25.87 -47.20 48.62
C LYS B 375 -25.34 -47.94 47.41
N ASN B 376 -26.22 -48.65 46.69
CA ASN B 376 -25.79 -49.33 45.47
C ASN B 376 -25.27 -48.33 44.44
N LYS B 377 -25.99 -47.22 44.26
CA LYS B 377 -25.53 -46.18 43.33
C LYS B 377 -24.16 -45.66 43.73
N LEU B 378 -23.99 -45.35 45.02
CA LEU B 378 -22.73 -44.77 45.50
C LEU B 378 -21.57 -45.76 45.34
N LYS B 379 -21.79 -47.02 45.72
CA LYS B 379 -20.73 -48.01 45.63
C LYS B 379 -20.36 -48.31 44.18
N ALA B 380 -21.36 -48.44 43.31
CA ALA B 380 -21.08 -48.68 41.90
C ALA B 380 -20.35 -47.49 41.28
N GLY B 381 -20.75 -46.27 41.63
CA GLY B 381 -20.06 -45.09 41.11
C GLY B 381 -18.62 -45.00 41.59
N TYR B 382 -18.38 -45.34 42.85
CA TYR B 382 -17.01 -45.32 43.36
C TYR B 382 -16.15 -46.34 42.64
N LEU B 383 -16.65 -47.57 42.48
CA LEU B 383 -15.87 -48.59 41.79
C LEU B 383 -15.67 -48.25 40.32
N MET B 384 -16.65 -47.59 39.69
CA MET B 384 -16.50 -47.21 38.29
C MET B 384 -15.57 -46.02 38.10
N SER B 385 -15.43 -45.17 39.13
CA SER B 385 -14.52 -44.04 39.02
C SER B 385 -13.06 -44.47 38.92
N VAL B 386 -12.71 -45.60 39.56
CA VAL B 386 -11.32 -46.04 39.58
C VAL B 386 -11.02 -47.05 38.49
N GLU B 387 -11.95 -47.30 37.56
CA GLU B 387 -11.66 -48.18 36.43
C GLU B 387 -10.51 -47.64 35.60
N SER B 388 -10.59 -46.37 35.21
CA SER B 388 -9.56 -45.78 34.38
C SER B 388 -8.30 -45.52 35.21
N SER B 389 -7.17 -45.50 34.51
CA SER B 389 -5.90 -45.18 35.18
C SER B 389 -5.92 -43.77 35.75
N GLU B 390 -6.53 -42.84 35.01
CA GLU B 390 -6.66 -41.47 35.51
C GLU B 390 -7.47 -41.44 36.80
N GLY B 391 -8.60 -42.14 36.83
CA GLY B 391 -9.44 -42.13 38.02
C GLY B 391 -8.78 -42.80 39.21
N PHE B 392 -8.16 -43.96 38.99
CA PHE B 392 -7.48 -44.66 40.08
C PHE B 392 -6.32 -43.82 40.60
N LEU B 393 -5.55 -43.21 39.71
CA LEU B 393 -4.45 -42.34 40.14
C LEU B 393 -4.97 -41.16 40.94
N ASP B 394 -6.07 -40.54 40.49
CA ASP B 394 -6.62 -39.41 41.22
C ASP B 394 -7.09 -39.82 42.61
N GLU B 395 -7.75 -40.98 42.71
CA GLU B 395 -8.20 -41.46 44.01
C GLU B 395 -7.03 -41.73 44.94
N VAL B 396 -5.98 -42.39 44.44
CA VAL B 396 -4.83 -42.70 45.28
C VAL B 396 -4.13 -41.41 45.71
N GLY B 397 -4.00 -40.45 44.78
CA GLY B 397 -3.35 -39.19 45.11
C GLY B 397 -4.10 -38.38 46.16
N SER B 398 -5.41 -38.25 45.98
CA SER B 398 -6.20 -37.50 46.95
C SER B 398 -6.21 -38.22 48.30
N GLN B 399 -6.24 -39.55 48.29
CA GLN B 399 -6.16 -40.30 49.55
C GLN B 399 -4.84 -40.05 50.26
N ALA B 400 -3.73 -40.05 49.52
CA ALA B 400 -2.43 -39.84 50.12
C ALA B 400 -2.28 -38.42 50.65
N LEU B 401 -2.90 -37.44 50.00
CA LEU B 401 -2.84 -36.07 50.51
C LEU B 401 -3.72 -35.89 51.75
N VAL B 402 -5.02 -36.21 51.61
CA VAL B 402 -5.98 -35.91 52.66
C VAL B 402 -5.72 -36.76 53.91
N ALA B 403 -5.50 -38.06 53.72
CA ALA B 403 -5.43 -38.99 54.84
C ALA B 403 -4.03 -39.53 55.11
N GLY B 404 -3.11 -39.43 54.17
CA GLY B 404 -1.78 -40.00 54.37
C GLY B 404 -1.76 -41.50 54.43
N SER B 405 -2.80 -42.17 53.92
CA SER B 405 -2.88 -43.61 53.91
C SER B 405 -3.79 -44.05 52.78
N TYR B 406 -3.52 -45.24 52.25
CA TYR B 406 -4.35 -45.85 51.21
C TYR B 406 -5.23 -46.93 51.82
N VAL B 407 -6.50 -46.95 51.40
CA VAL B 407 -7.44 -47.99 51.80
C VAL B 407 -8.09 -48.57 50.55
N GLN B 408 -8.23 -49.89 50.52
CA GLN B 408 -8.77 -50.58 49.36
C GLN B 408 -10.25 -50.26 49.18
N PRO B 409 -10.80 -50.48 47.98
CA PRO B 409 -12.23 -50.21 47.77
C PRO B 409 -13.15 -51.02 48.67
N SER B 410 -12.73 -52.20 49.13
CA SER B 410 -13.61 -53.01 49.98
C SER B 410 -13.91 -52.29 51.30
N THR B 411 -12.89 -51.66 51.88
CA THR B 411 -13.10 -50.87 53.09
C THR B 411 -14.02 -49.68 52.81
N VAL B 412 -13.83 -49.01 51.67
CA VAL B 412 -14.70 -47.90 51.30
C VAL B 412 -16.14 -48.37 51.20
N LEU B 413 -16.36 -49.53 50.58
CA LEU B 413 -17.70 -50.05 50.40
C LEU B 413 -18.34 -50.43 51.73
N GLN B 414 -17.57 -51.04 52.64
CA GLN B 414 -18.19 -51.37 53.93
C GLN B 414 -18.41 -50.13 54.80
N GLN B 415 -17.63 -49.08 54.60
CA GLN B 415 -17.96 -47.81 55.24
C GLN B 415 -19.27 -47.25 54.70
N ILE B 416 -19.50 -47.39 53.39
CA ILE B 416 -20.80 -47.02 52.84
C ILE B 416 -21.91 -47.88 53.45
N ASP B 417 -21.65 -49.18 53.58
CA ASP B 417 -22.66 -50.08 54.15
C ASP B 417 -23.00 -49.72 55.59
N SER B 418 -22.00 -49.28 56.36
CA SER B 418 -22.22 -49.02 57.77
C SER B 418 -23.20 -47.86 57.99
N VAL B 419 -23.23 -46.91 57.05
CA VAL B 419 -24.13 -45.75 57.11
C VAL B 419 -25.56 -46.20 57.34
N ALA B 420 -26.16 -45.72 58.42
CA ALA B 420 -27.51 -46.13 58.77
C ALA B 420 -28.54 -45.14 58.20
N ASP B 421 -29.82 -45.52 58.35
CA ASP B 421 -30.92 -44.67 57.90
C ASP B 421 -30.96 -43.36 58.67
N ALA B 422 -30.75 -43.42 59.99
CA ALA B 422 -30.79 -42.21 60.80
C ALA B 422 -29.66 -41.26 60.46
N ASP B 423 -28.51 -41.80 60.03
CA ASP B 423 -27.43 -40.93 59.59
C ASP B 423 -27.84 -40.10 58.38
N VAL B 424 -28.58 -40.69 57.45
CA VAL B 424 -29.03 -39.96 56.27
C VAL B 424 -30.11 -38.96 56.63
N ILE B 425 -31.13 -39.41 57.38
CA ILE B 425 -32.22 -38.55 57.80
C ILE B 425 -31.71 -37.31 58.50
CA ASN B 426 -29.43 -36.53 60.42
C ASN B 426 -28.72 -35.55 59.50
N ALA B 427 -28.17 -36.08 58.39
CA ALA B 427 -27.55 -35.21 57.39
C ALA B 427 -28.59 -34.29 56.76
N ALA B 428 -29.74 -34.84 56.37
CA ALA B 428 -30.78 -34.01 55.75
C ALA B 428 -31.29 -32.95 56.72
N LYS B 429 -31.47 -33.34 58.00
CA LYS B 429 -31.85 -32.38 59.02
C LYS B 429 -30.81 -31.27 59.16
N LYS B 430 -29.53 -31.63 59.15
CA LYS B 430 -28.49 -30.62 59.26
C LYS B 430 -28.53 -29.66 58.08
N PHE B 431 -28.79 -30.17 56.89
CA PHE B 431 -28.94 -29.26 55.75
C PHE B 431 -30.14 -28.34 55.91
N VAL B 432 -31.27 -28.89 56.34
CA VAL B 432 -32.49 -28.09 56.46
C VAL B 432 -32.33 -27.02 57.53
N SER B 433 -31.83 -27.41 58.70
CA SER B 433 -31.65 -26.49 59.81
C SER B 433 -30.42 -25.61 59.66
N GLY B 434 -29.55 -25.92 58.71
CA GLY B 434 -28.33 -25.16 58.56
C GLY B 434 -28.55 -23.88 57.76
N ARG B 435 -27.72 -22.89 58.07
CA ARG B 435 -27.69 -21.65 57.33
C ARG B 435 -27.32 -21.92 55.87
N LYS B 436 -27.90 -21.15 54.97
CA LYS B 436 -27.84 -21.41 53.54
C LYS B 436 -27.02 -20.36 52.82
N SER B 437 -26.26 -20.80 51.83
CA SER B 437 -25.63 -19.92 50.87
C SER B 437 -26.16 -20.25 49.48
N MET B 438 -26.40 -19.21 48.69
CA MET B 438 -27.05 -19.38 47.41
C MET B 438 -26.31 -18.60 46.34
N ALA B 439 -26.23 -19.20 45.16
CA ALA B 439 -25.70 -18.52 43.98
C ALA B 439 -26.58 -18.83 42.78
N ALA B 440 -27.08 -17.79 42.12
CA ALA B 440 -27.91 -17.98 40.93
C ALA B 440 -27.38 -17.12 39.79
N SER B 441 -27.69 -17.57 38.57
CA SER B 441 -27.32 -16.86 37.35
C SER B 441 -28.41 -17.03 36.31
N GLY B 442 -28.63 -15.99 35.52
CA GLY B 442 -29.67 -15.95 34.52
C GLY B 442 -30.60 -14.76 34.69
N ASN B 443 -31.82 -14.86 34.18
CA ASN B 443 -32.85 -13.85 34.46
C ASN B 443 -33.52 -14.22 35.77
N LEU B 444 -33.19 -13.49 36.84
CA LEU B 444 -33.56 -13.90 38.18
C LEU B 444 -34.79 -13.17 38.70
N GLY B 445 -35.61 -12.61 37.82
CA GLY B 445 -36.79 -11.88 38.26
C GLY B 445 -37.75 -12.75 39.04
N HIS B 446 -37.73 -14.06 38.80
CA HIS B 446 -38.57 -15.00 39.51
C HIS B 446 -37.78 -15.94 40.40
N THR B 447 -36.51 -15.67 40.59
CA THR B 447 -35.70 -16.51 41.47
C THR B 447 -35.84 -16.02 42.91
N PRO B 448 -36.11 -16.91 43.86
CA PRO B 448 -36.20 -16.48 45.25
C PRO B 448 -34.86 -16.02 45.82
N PHE B 449 -34.90 -15.48 47.04
CA PHE B 449 -33.71 -15.18 47.82
C PHE B 449 -33.56 -16.24 48.90
N VAL B 450 -32.36 -16.29 49.49
CA VAL B 450 -32.08 -17.20 50.59
C VAL B 450 -33.09 -17.07 51.72
N ASP B 451 -33.62 -15.87 51.93
CA ASP B 451 -34.52 -15.61 53.05
C ASP B 451 -35.98 -15.89 52.73
N GLU B 452 -36.36 -15.84 51.46
CA GLU B 452 -37.73 -16.13 51.07
C GLU B 452 -37.82 -17.48 50.39
N MET C 1 5.51 -18.28 10.25
CA MET C 1 5.52 -18.52 8.82
C MET C 1 4.52 -17.63 8.10
N THR C 2 4.82 -17.33 6.84
CA THR C 2 3.93 -16.52 6.01
C THR C 2 3.90 -17.11 4.60
N ASN C 3 2.88 -16.71 3.85
CA ASN C 3 2.86 -16.92 2.41
C ASN C 3 3.55 -15.71 1.78
N ILE C 4 4.71 -15.93 1.15
CA ILE C 4 5.49 -14.82 0.62
C ILE C 4 4.71 -14.09 -0.47
N ARG C 5 3.76 -14.78 -1.11
CA ARG C 5 2.88 -14.12 -2.07
C ARG C 5 2.08 -13.01 -1.42
N LYS C 6 1.69 -13.20 -0.15
CA LYS C 6 0.94 -12.19 0.58
C LYS C 6 1.82 -11.28 1.43
N SER C 7 3.00 -11.74 1.85
CA SER C 7 3.82 -10.94 2.76
C SER C 7 4.90 -10.12 2.03
N HIS C 8 5.46 -10.65 0.95
CA HIS C 8 6.55 -9.94 0.28
C HIS C 8 6.04 -8.64 -0.34
N PRO C 9 6.72 -7.51 -0.09
CA PRO C 9 6.21 -6.19 -0.53
C PRO C 9 5.89 -6.07 -2.01
N LEU C 10 6.73 -6.60 -2.89
CA LEU C 10 6.40 -6.59 -4.32
C LEU C 10 5.32 -7.61 -4.64
N MET C 11 5.48 -8.83 -4.13
CA MET C 11 4.50 -9.87 -4.42
C MET C 11 3.16 -9.54 -3.77
N LYS C 12 3.15 -8.77 -2.69
CA LYS C 12 1.89 -8.32 -2.11
C LYS C 12 1.12 -7.43 -3.07
N ILE C 13 1.81 -6.49 -3.72
CA ILE C 13 1.16 -5.63 -4.71
C ILE C 13 0.64 -6.46 -5.88
N ILE C 14 1.47 -7.37 -6.39
CA ILE C 14 1.06 -8.21 -7.51
C ILE C 14 -0.14 -9.06 -7.13
N ASN C 15 -0.09 -9.64 -5.92
CA ASN C 15 -1.15 -10.48 -5.40
C ASN C 15 -2.46 -9.73 -5.29
N ASN C 16 -2.41 -8.49 -4.78
CA ASN C 16 -3.62 -7.70 -4.65
C ASN C 16 -4.14 -7.17 -5.98
N ALA C 17 -3.30 -7.09 -7.00
CA ALA C 17 -3.76 -6.59 -8.29
C ALA C 17 -4.28 -7.67 -9.22
N PHE C 18 -3.70 -8.88 -9.21
CA PHE C 18 -4.10 -9.87 -10.21
C PHE C 18 -4.32 -11.28 -9.69
N ILE C 19 -4.23 -11.55 -8.39
CA ILE C 19 -4.35 -12.92 -7.91
C ILE C 19 -5.52 -13.01 -6.94
N ASP C 20 -5.41 -12.26 -5.85
CA ASP C 20 -6.41 -12.27 -4.79
C ASP C 20 -7.36 -11.08 -4.90
N LEU C 21 -7.30 -10.35 -6.00
CA LEU C 21 -8.25 -9.28 -6.26
C LEU C 21 -9.67 -9.85 -6.32
N PRO C 22 -10.59 -9.36 -5.49
CA PRO C 22 -12.00 -9.76 -5.64
C PRO C 22 -12.61 -9.11 -6.87
N ALA C 23 -13.11 -9.92 -7.78
CA ALA C 23 -13.67 -9.49 -9.03
C ALA C 23 -15.12 -9.96 -9.15
N PRO C 24 -15.99 -9.19 -9.79
CA PRO C 24 -17.38 -9.65 -9.97
C PRO C 24 -17.41 -10.94 -10.76
N SER C 25 -18.28 -11.84 -10.36
CA SER C 25 -18.35 -13.15 -10.99
C SER C 25 -19.05 -13.12 -12.34
N ASN C 26 -19.65 -11.99 -12.73
CA ASN C 26 -20.49 -11.94 -13.91
C ASN C 26 -20.01 -10.95 -14.99
N ILE C 27 -18.84 -10.35 -14.84
CA ILE C 27 -18.36 -9.43 -15.88
C ILE C 27 -18.15 -10.18 -17.18
N SER C 28 -18.60 -9.59 -18.27
CA SER C 28 -18.73 -10.27 -19.54
C SER C 28 -17.45 -10.16 -20.36
N SER C 29 -17.52 -10.59 -21.62
CA SER C 29 -16.39 -10.47 -22.54
C SER C 29 -15.97 -9.03 -22.73
N TRP C 30 -16.92 -8.09 -22.57
CA TRP C 30 -16.61 -6.68 -22.71
C TRP C 30 -15.64 -6.18 -21.64
N TRP C 31 -15.55 -6.89 -20.52
CA TRP C 31 -14.58 -6.57 -19.48
C TRP C 31 -13.20 -7.15 -19.78
N ASN C 32 -13.06 -7.90 -20.88
CA ASN C 32 -11.77 -8.39 -21.33
C ASN C 32 -10.88 -7.30 -21.93
N PHE C 33 -11.47 -6.27 -22.52
CA PHE C 33 -10.71 -5.31 -23.32
C PHE C 33 -9.80 -4.42 -22.50
N GLY C 34 -9.91 -4.42 -21.18
CA GLY C 34 -8.88 -3.81 -20.37
C GLY C 34 -7.60 -4.56 -20.51
N SER C 35 -7.66 -5.88 -20.27
CA SER C 35 -6.46 -6.70 -20.35
C SER C 35 -5.93 -6.76 -21.78
N LEU C 36 -6.80 -6.61 -22.78
CA LEU C 36 -6.31 -6.50 -24.15
C LEU C 36 -5.53 -5.21 -24.33
N LEU C 37 -6.04 -4.09 -23.79
CA LEU C 37 -5.35 -2.82 -23.95
C LEU C 37 -3.93 -2.89 -23.41
N GLY C 38 -3.80 -3.32 -22.15
CA GLY C 38 -2.47 -3.47 -21.57
C GLY C 38 -1.60 -4.44 -22.34
N ILE C 39 -2.20 -5.44 -22.98
CA ILE C 39 -1.41 -6.33 -23.82
C ILE C 39 -0.99 -5.60 -25.10
N CYS C 40 -1.91 -4.88 -25.73
CA CYS C 40 -1.56 -4.10 -26.92
C CYS C 40 -0.42 -3.15 -26.61
N LEU C 41 -0.53 -2.41 -25.51
CA LEU C 41 0.55 -1.53 -25.08
C LEU C 41 1.88 -2.27 -25.07
N ILE C 42 1.92 -3.43 -24.41
CA ILE C 42 3.18 -4.16 -24.32
C ILE C 42 3.67 -4.53 -25.71
N LEU C 43 2.76 -5.03 -26.55
CA LEU C 43 3.14 -5.38 -27.92
C LEU C 43 3.72 -4.17 -28.64
N GLN C 44 3.08 -3.00 -28.49
CA GLN C 44 3.59 -1.83 -29.18
C GLN C 44 4.96 -1.45 -28.67
N ILE C 45 5.20 -1.60 -27.36
CA ILE C 45 6.53 -1.30 -26.85
C ILE C 45 7.53 -2.32 -27.36
N LEU C 46 7.09 -3.57 -27.51
CA LEU C 46 8.02 -4.62 -27.90
C LEU C 46 8.44 -4.49 -29.36
N THR C 47 7.46 -4.39 -30.27
CA THR C 47 7.82 -4.29 -31.68
C THR C 47 8.47 -2.95 -31.99
N GLY C 48 7.95 -1.86 -31.40
CA GLY C 48 8.52 -0.55 -31.67
C GLY C 48 9.98 -0.45 -31.28
N LEU C 49 10.32 -0.94 -30.09
CA LEU C 49 11.72 -0.98 -29.67
C LEU C 49 12.57 -1.75 -30.67
N PHE C 50 12.02 -2.82 -31.24
CA PHE C 50 12.78 -3.57 -32.23
C PHE C 50 12.78 -2.85 -33.57
N LEU C 51 11.75 -2.07 -33.86
CA LEU C 51 11.81 -1.18 -35.01
C LEU C 51 12.86 -0.09 -34.79
N ALA C 52 12.92 0.46 -33.56
CA ALA C 52 13.86 1.51 -33.24
C ALA C 52 15.30 1.04 -33.24
N MET C 53 15.54 -0.27 -33.30
CA MET C 53 16.88 -0.81 -33.49
C MET C 53 17.38 -0.66 -34.91
N HIS C 54 16.52 -0.31 -35.87
CA HIS C 54 16.92 -0.21 -37.26
C HIS C 54 16.46 1.11 -37.88
N TYR C 55 15.40 1.70 -37.34
CA TYR C 55 14.85 2.94 -37.88
C TYR C 55 15.76 4.12 -37.57
N THR C 56 15.82 5.07 -38.52
CA THR C 56 16.54 6.33 -38.33
C THR C 56 15.62 7.49 -38.70
N SER C 57 15.62 8.54 -37.88
CA SER C 57 14.65 9.62 -37.98
C SER C 57 15.13 10.81 -38.80
N ASP C 58 16.21 10.67 -39.56
CA ASP C 58 16.59 11.69 -40.53
C ASP C 58 15.71 11.54 -41.76
N THR C 59 15.23 12.67 -42.29
CA THR C 59 14.33 12.64 -43.44
C THR C 59 14.99 12.08 -44.69
N THR C 60 16.31 12.01 -44.75
CA THR C 60 16.96 11.39 -45.90
C THR C 60 16.99 9.88 -45.81
N THR C 61 16.63 9.29 -44.66
CA THR C 61 16.77 7.86 -44.47
C THR C 61 15.57 7.17 -43.82
N ALA C 62 14.57 7.92 -43.35
CA ALA C 62 13.48 7.30 -42.59
C ALA C 62 12.67 6.32 -43.42
N PHE C 63 12.21 6.76 -44.59
CA PHE C 63 11.48 5.88 -45.51
C PHE C 63 12.37 4.72 -45.96
N SER C 64 13.64 5.01 -46.25
CA SER C 64 14.58 3.96 -46.60
C SER C 64 14.85 3.03 -45.43
N SER C 65 14.94 3.58 -44.21
CA SER C 65 15.15 2.72 -43.05
C SER C 65 13.99 1.75 -42.86
N VAL C 66 12.76 2.21 -43.13
CA VAL C 66 11.60 1.34 -42.99
C VAL C 66 11.58 0.28 -44.09
N THR C 67 11.92 0.66 -45.33
CA THR C 67 12.04 -0.33 -46.40
C THR C 67 13.10 -1.37 -46.05
N HIS C 68 14.22 -0.93 -45.47
CA HIS C 68 15.26 -1.85 -45.04
C HIS C 68 14.75 -2.78 -43.95
N ILE C 69 13.97 -2.26 -43.01
CA ILE C 69 13.40 -3.09 -41.95
C ILE C 69 12.53 -4.18 -42.57
N CYS C 70 11.69 -3.82 -43.53
CA CYS C 70 10.75 -4.78 -44.11
C CYS C 70 11.37 -5.68 -45.18
N ARG C 71 12.55 -5.35 -45.71
CA ARG C 71 13.13 -6.11 -46.80
C ARG C 71 14.38 -6.91 -46.44
N ASP C 72 15.16 -6.45 -45.47
CA ASP C 72 16.45 -7.08 -45.23
C ASP C 72 16.66 -7.51 -43.79
N VAL C 73 16.06 -6.79 -42.84
CA VAL C 73 16.06 -7.22 -41.45
C VAL C 73 15.33 -8.55 -41.36
N ASN C 74 15.90 -9.50 -40.62
CA ASN C 74 15.26 -10.80 -40.46
C ASN C 74 13.94 -10.62 -39.71
N TYR C 75 12.85 -11.08 -40.34
CA TYR C 75 11.50 -10.96 -39.79
C TYR C 75 11.14 -9.51 -39.46
N GLY C 76 11.76 -8.56 -40.15
CA GLY C 76 11.45 -7.16 -39.93
C GLY C 76 10.10 -6.75 -40.49
N TRP C 77 9.64 -7.42 -41.55
CA TRP C 77 8.29 -7.17 -42.03
C TRP C 77 7.26 -7.63 -41.01
N VAL C 78 7.54 -8.74 -40.31
CA VAL C 78 6.66 -9.19 -39.25
C VAL C 78 6.56 -8.14 -38.15
N ILE C 79 7.70 -7.66 -37.68
CA ILE C 79 7.71 -6.67 -36.59
C ILE C 79 7.04 -5.39 -37.03
N ARG C 80 7.29 -4.95 -38.26
CA ARG C 80 6.73 -3.71 -38.76
C ARG C 80 5.21 -3.77 -38.85
N TYR C 81 4.67 -4.78 -39.53
CA TYR C 81 3.22 -4.79 -39.71
C TYR C 81 2.50 -5.26 -38.47
N LEU C 82 3.17 -6.03 -37.60
CA LEU C 82 2.64 -6.27 -36.27
C LEU C 82 2.50 -4.95 -35.52
N HIS C 83 3.47 -4.06 -35.65
CA HIS C 83 3.38 -2.76 -34.99
C HIS C 83 2.25 -1.90 -35.56
N ALA C 84 2.12 -1.84 -36.89
CA ALA C 84 1.09 -1.01 -37.49
C ALA C 84 -0.31 -1.54 -37.19
N ASN C 85 -0.55 -2.84 -37.43
CA ASN C 85 -1.84 -3.40 -37.12
C ASN C 85 -2.08 -3.53 -35.63
N GLY C 86 -1.02 -3.51 -34.80
CA GLY C 86 -1.22 -3.44 -33.37
C GLY C 86 -1.64 -2.07 -32.92
N ALA C 87 -1.22 -1.02 -33.63
CA ALA C 87 -1.81 0.29 -33.38
C ALA C 87 -3.29 0.29 -33.71
N SER C 88 -3.66 -0.31 -34.85
CA SER C 88 -5.07 -0.42 -35.18
C SER C 88 -5.85 -1.24 -34.14
N MET C 89 -5.26 -2.34 -33.67
CA MET C 89 -5.92 -3.14 -32.64
C MET C 89 -6.02 -2.37 -31.32
N PHE C 90 -4.98 -1.62 -30.96
CA PHE C 90 -5.03 -0.73 -29.81
C PHE C 90 -6.27 0.15 -29.87
N PHE C 91 -6.52 0.77 -31.03
CA PHE C 91 -7.63 1.70 -31.10
C PHE C 91 -8.99 0.98 -31.13
N ILE C 92 -9.06 -0.18 -31.78
CA ILE C 92 -10.27 -0.99 -31.71
C ILE C 92 -10.62 -1.31 -30.26
N CYS C 93 -9.62 -1.79 -29.52
CA CYS C 93 -9.83 -2.14 -28.12
C CYS C 93 -10.17 -0.92 -27.28
N LEU C 94 -9.54 0.22 -27.57
CA LEU C 94 -9.87 1.45 -26.84
C LEU C 94 -11.31 1.89 -27.07
N PHE C 95 -11.76 1.86 -28.32
CA PHE C 95 -13.13 2.26 -28.63
C PHE C 95 -14.14 1.33 -27.98
N ILE C 96 -13.88 0.02 -28.03
CA ILE C 96 -14.78 -0.94 -27.39
C ILE C 96 -14.77 -0.74 -25.88
N HIS C 97 -13.59 -0.44 -25.31
CA HIS C 97 -13.44 -0.25 -23.88
C HIS C 97 -14.20 0.99 -23.39
N VAL C 98 -14.07 2.10 -24.11
CA VAL C 98 -14.81 3.31 -23.77
C VAL C 98 -16.31 3.11 -24.00
N GLY C 99 -16.69 2.38 -25.06
CA GLY C 99 -18.10 2.09 -25.26
C GLY C 99 -18.69 1.27 -24.14
N ARG C 100 -17.93 0.30 -23.63
CA ARG C 100 -18.36 -0.47 -22.46
C ARG C 100 -18.53 0.44 -21.25
N GLY C 101 -17.55 1.32 -21.01
CA GLY C 101 -17.67 2.27 -19.92
C GLY C 101 -18.92 3.12 -20.02
N LEU C 102 -19.24 3.59 -21.23
CA LEU C 102 -20.43 4.39 -21.44
C LEU C 102 -21.69 3.58 -21.19
N TYR C 103 -21.76 2.38 -21.79
CA TYR C 103 -22.97 1.58 -21.72
C TYR C 103 -23.28 1.15 -20.30
N TYR C 104 -22.26 0.75 -19.53
CA TYR C 104 -22.51 0.21 -18.20
C TYR C 104 -22.32 1.24 -17.09
N GLY C 105 -22.12 2.51 -17.44
CA GLY C 105 -21.96 3.53 -16.42
C GLY C 105 -20.67 3.45 -15.65
N SER C 106 -19.64 2.83 -16.23
CA SER C 106 -18.35 2.70 -15.55
C SER C 106 -17.71 4.06 -15.27
N TYR C 107 -18.18 5.11 -15.96
CA TYR C 107 -17.66 6.45 -15.70
C TYR C 107 -18.02 6.97 -14.32
N MET C 108 -18.92 6.29 -13.60
CA MET C 108 -19.19 6.63 -12.21
C MET C 108 -18.00 6.37 -11.31
N PHE C 109 -17.02 5.60 -11.77
CA PHE C 109 -15.68 5.58 -11.17
C PHE C 109 -14.93 6.80 -11.70
N LEU C 110 -15.01 7.91 -10.97
CA LEU C 110 -14.58 9.20 -11.50
C LEU C 110 -13.09 9.22 -11.82
N GLU C 111 -12.26 8.80 -10.87
CA GLU C 111 -10.82 8.95 -11.02
C GLU C 111 -10.28 8.08 -12.14
N THR C 112 -10.69 6.80 -12.19
CA THR C 112 -10.21 5.93 -13.24
C THR C 112 -10.81 6.30 -14.59
N TRP C 113 -12.04 6.82 -14.61
CA TRP C 113 -12.59 7.33 -15.87
C TRP C 113 -11.80 8.52 -16.40
N ASN C 114 -11.46 9.46 -15.52
CA ASN C 114 -10.72 10.65 -15.95
C ASN C 114 -9.29 10.29 -16.37
N ILE C 115 -8.65 9.37 -15.64
CA ILE C 115 -7.35 8.88 -16.08
C ILE C 115 -7.49 8.18 -17.43
N GLY C 116 -8.60 7.49 -17.66
CA GLY C 116 -8.83 6.88 -18.97
C GLY C 116 -8.96 7.89 -20.09
N VAL C 117 -9.57 9.04 -19.81
CA VAL C 117 -9.60 10.11 -20.81
C VAL C 117 -8.18 10.58 -21.11
N VAL C 118 -7.37 10.79 -20.07
CA VAL C 118 -5.98 11.16 -20.26
C VAL C 118 -5.27 10.12 -21.14
N LEU C 119 -5.50 8.84 -20.85
CA LEU C 119 -4.88 7.76 -21.60
C LEU C 119 -5.31 7.78 -23.05
N LEU C 120 -6.59 8.05 -23.31
CA LEU C 120 -7.07 8.12 -24.69
C LEU C 120 -6.33 9.21 -25.45
N PHE C 121 -6.19 10.38 -24.83
CA PHE C 121 -5.46 11.47 -25.48
C PHE C 121 -4.01 11.11 -25.74
N THR C 122 -3.36 10.44 -24.79
CA THR C 122 -1.94 10.16 -24.93
C THR C 122 -1.69 9.07 -25.98
N VAL C 123 -2.56 8.05 -26.02
CA VAL C 123 -2.47 7.04 -27.08
C VAL C 123 -2.69 7.67 -28.44
N MET C 124 -3.64 8.61 -28.53
CA MET C 124 -3.88 9.29 -29.80
C MET C 124 -2.65 10.08 -30.24
N ALA C 125 -2.03 10.81 -29.31
CA ALA C 125 -0.83 11.58 -29.64
C ALA C 125 0.31 10.67 -30.08
N THR C 126 0.48 9.54 -29.39
CA THR C 126 1.52 8.59 -29.75
C THR C 126 1.30 8.02 -31.14
N ALA C 127 0.07 7.59 -31.43
CA ALA C 127 -0.20 7.01 -32.74
C ALA C 127 -0.04 8.05 -33.85
N PHE C 128 -0.50 9.28 -33.61
CA PHE C 128 -0.35 10.34 -34.59
C PHE C 128 1.13 10.59 -34.90
N MET C 129 1.95 10.75 -33.87
CA MET C 129 3.36 11.05 -34.10
C MET C 129 4.11 9.85 -34.66
N GLY C 130 3.67 8.63 -34.34
CA GLY C 130 4.28 7.46 -34.93
C GLY C 130 3.99 7.32 -36.41
N TYR C 131 2.80 7.71 -36.85
CA TYR C 131 2.46 7.54 -38.25
C TYR C 131 3.29 8.44 -39.17
N VAL C 132 3.76 9.57 -38.66
CA VAL C 132 4.66 10.43 -39.45
C VAL C 132 6.01 9.77 -39.70
N LEU C 133 6.44 8.88 -38.80
CA LEU C 133 7.80 8.37 -38.83
C LEU C 133 8.21 7.67 -40.13
N PRO C 134 7.37 6.89 -40.81
CA PRO C 134 7.80 6.33 -42.11
C PRO C 134 8.09 7.38 -43.16
N TRP C 135 7.61 8.62 -42.98
CA TRP C 135 7.88 9.74 -43.89
C TRP C 135 7.39 9.43 -45.31
N GLY C 136 6.22 8.81 -45.40
CA GLY C 136 5.51 8.69 -46.65
C GLY C 136 4.70 9.94 -46.95
N GLN C 137 4.00 9.90 -48.09
CA GLN C 137 3.18 11.03 -48.49
C GLN C 137 2.10 11.32 -47.44
N MET C 138 1.42 10.27 -46.98
CA MET C 138 0.40 10.45 -45.96
C MET C 138 1.00 10.90 -44.64
N SER C 139 2.13 10.29 -44.24
CA SER C 139 2.84 10.78 -43.07
C SER C 139 3.02 12.28 -43.12
N PHE C 140 3.66 12.77 -44.19
CA PHE C 140 4.00 14.18 -44.28
C PHE C 140 2.75 15.05 -44.32
N TRP C 141 1.81 14.77 -45.22
CA TRP C 141 0.69 15.68 -45.40
C TRP C 141 -0.35 15.59 -44.29
N GLY C 142 -0.50 14.43 -43.65
CA GLY C 142 -1.33 14.35 -42.46
C GLY C 142 -0.74 15.15 -41.32
N ALA C 143 0.58 15.03 -41.10
CA ALA C 143 1.22 15.90 -40.14
C ALA C 143 1.00 17.37 -40.50
N THR C 144 1.09 17.70 -41.80
CA THR C 144 0.92 19.08 -42.23
C THR C 144 -0.46 19.61 -41.88
N VAL C 145 -1.52 18.88 -42.27
CA VAL C 145 -2.87 19.36 -42.01
C VAL C 145 -3.15 19.43 -40.50
N ILE C 146 -2.80 18.36 -39.78
CA ILE C 146 -3.18 18.29 -38.36
C ILE C 146 -2.39 19.30 -37.54
N THR C 147 -1.12 19.54 -37.87
CA THR C 147 -0.38 20.56 -37.12
C THR C 147 -0.81 21.96 -37.51
N ASN C 148 -1.10 22.22 -38.79
CA ASN C 148 -1.54 23.56 -39.14
C ASN C 148 -2.96 23.85 -38.67
N LEU C 149 -3.70 22.82 -38.24
CA LEU C 149 -4.96 23.07 -37.54
C LEU C 149 -4.76 23.94 -36.30
N LEU C 150 -3.62 23.83 -35.65
CA LEU C 150 -3.39 24.51 -34.39
C LEU C 150 -3.16 26.02 -34.60
N SER C 151 -2.97 26.47 -35.83
CA SER C 151 -2.89 27.90 -36.10
C SER C 151 -4.21 28.62 -35.85
N ALA C 152 -5.31 27.88 -35.69
CA ALA C 152 -6.60 28.50 -35.45
C ALA C 152 -6.68 29.12 -34.07
N ILE C 153 -5.82 28.68 -33.16
CA ILE C 153 -5.77 29.17 -31.78
C ILE C 153 -5.52 30.67 -31.78
N PRO C 154 -6.27 31.45 -30.99
CA PRO C 154 -6.10 32.90 -31.03
C PRO C 154 -4.79 33.36 -30.40
N TYR C 155 -4.10 34.23 -31.13
CA TYR C 155 -2.95 35.03 -30.73
C TYR C 155 -1.65 34.26 -30.59
N ILE C 156 -1.70 32.95 -30.49
CA ILE C 156 -0.50 32.16 -30.28
C ILE C 156 -0.49 30.93 -31.18
N GLY C 157 -1.39 30.87 -32.15
CA GLY C 157 -1.49 29.68 -33.00
C GLY C 157 -0.27 29.52 -33.89
N THR C 158 0.09 30.56 -34.63
CA THR C 158 1.24 30.43 -35.51
C THR C 158 2.52 30.20 -34.72
N ASP C 159 2.69 30.91 -33.62
CA ASP C 159 3.90 30.76 -32.81
C ASP C 159 4.02 29.35 -32.26
N LEU C 160 2.91 28.77 -31.80
CA LEU C 160 2.97 27.42 -31.26
C LEU C 160 3.11 26.36 -32.35
N VAL C 161 2.51 26.57 -33.52
CA VAL C 161 2.69 25.61 -34.60
C VAL C 161 4.15 25.60 -35.06
N GLU C 162 4.74 26.79 -35.21
CA GLU C 162 6.13 26.88 -35.64
C GLU C 162 7.06 26.31 -34.58
N TRP C 163 6.73 26.51 -33.30
CA TRP C 163 7.53 25.93 -32.24
C TRP C 163 7.46 24.40 -32.25
N ILE C 164 6.26 23.84 -32.49
CA ILE C 164 6.14 22.39 -32.61
C ILE C 164 6.92 21.86 -33.80
N TRP C 165 6.84 22.57 -34.93
CA TRP C 165 7.64 22.20 -36.10
C TRP C 165 9.12 22.32 -35.85
N GLY C 166 9.54 23.35 -35.12
CA GLY C 166 10.93 23.74 -35.13
C GLY C 166 11.35 24.31 -36.47
N GLY C 167 10.50 25.12 -37.08
CA GLY C 167 10.78 25.65 -38.39
C GLY C 167 9.52 26.17 -39.04
N PHE C 168 9.64 26.53 -40.32
CA PHE C 168 8.58 27.16 -41.09
C PHE C 168 7.56 26.18 -41.64
N SER C 169 7.80 24.88 -41.51
CA SER C 169 6.89 23.86 -42.03
C SER C 169 7.21 22.55 -41.31
N VAL C 170 6.48 21.50 -41.68
CA VAL C 170 6.81 20.16 -41.23
C VAL C 170 8.06 19.70 -41.98
N ASP C 171 9.13 19.43 -41.23
CA ASP C 171 10.39 19.07 -41.86
C ASP C 171 11.24 18.19 -40.95
N LYS C 172 12.54 18.16 -41.21
CA LYS C 172 13.47 17.26 -40.52
C LYS C 172 13.37 17.34 -39.01
N ALA C 173 13.37 18.57 -38.46
CA ALA C 173 13.30 18.74 -37.02
C ALA C 173 12.01 18.15 -36.45
N THR C 174 10.90 18.33 -37.18
CA THR C 174 9.63 17.78 -36.74
C THR C 174 9.68 16.26 -36.69
N LEU C 175 10.26 15.63 -37.71
CA LEU C 175 10.35 14.16 -37.74
C LEU C 175 11.21 13.64 -36.60
N THR C 176 12.36 14.27 -36.35
CA THR C 176 13.23 13.78 -35.28
C THR C 176 12.58 13.97 -33.90
N ARG C 177 11.96 15.12 -33.65
CA ARG C 177 11.32 15.29 -32.35
C ARG C 177 10.08 14.41 -32.22
N PHE C 178 9.40 14.10 -33.32
CA PHE C 178 8.28 13.18 -33.27
C PHE C 178 8.74 11.77 -32.96
N PHE C 179 9.91 11.37 -33.47
CA PHE C 179 10.48 10.08 -33.08
C PHE C 179 10.78 10.05 -31.58
N ALA C 180 11.37 11.13 -31.05
CA ALA C 180 11.69 11.15 -29.62
C ALA C 180 10.42 11.08 -28.77
N PHE C 181 9.41 11.89 -29.10
CA PHE C 181 8.16 11.86 -28.35
C PHE C 181 7.47 10.51 -28.50
N HIS C 182 7.51 9.92 -29.69
CA HIS C 182 6.89 8.64 -29.93
C HIS C 182 7.56 7.54 -29.12
N PHE C 183 8.88 7.65 -28.96
CA PHE C 183 9.58 6.71 -28.09
C PHE C 183 9.17 6.89 -26.64
N ILE C 184 9.18 8.13 -26.14
CA ILE C 184 8.99 8.32 -24.69
C ILE C 184 7.53 8.11 -24.28
N LEU C 185 6.57 8.56 -25.09
CA LEU C 185 5.18 8.64 -24.66
C LEU C 185 4.57 7.33 -24.18
N PRO C 186 4.78 6.18 -24.85
CA PRO C 186 4.18 4.94 -24.34
C PRO C 186 4.60 4.55 -22.94
N PHE C 187 5.77 4.99 -22.47
CA PHE C 187 6.16 4.70 -21.10
C PHE C 187 5.40 5.58 -20.10
N ILE C 188 5.14 6.83 -20.46
CA ILE C 188 4.22 7.65 -19.69
C ILE C 188 2.82 7.03 -19.70
N ILE C 189 2.43 6.44 -20.83
CA ILE C 189 1.15 5.73 -20.91
C ILE C 189 1.13 4.56 -19.95
N THR C 190 2.26 3.85 -19.84
CA THR C 190 2.36 2.74 -18.90
C THR C 190 2.17 3.23 -17.47
N ALA C 191 2.81 4.34 -17.12
CA ALA C 191 2.64 4.91 -15.79
C ALA C 191 1.19 5.30 -15.53
N LEU C 192 0.55 5.93 -16.52
CA LEU C 192 -0.85 6.33 -16.38
C LEU C 192 -1.77 5.13 -16.27
N ALA C 193 -1.45 4.04 -16.97
CA ALA C 193 -2.25 2.83 -16.84
C ALA C 193 -2.10 2.23 -15.44
N ALA C 194 -0.90 2.31 -14.87
CA ALA C 194 -0.71 1.85 -13.49
C ALA C 194 -1.53 2.69 -12.52
N VAL C 195 -1.52 4.01 -12.68
CA VAL C 195 -2.35 4.89 -11.85
C VAL C 195 -3.82 4.56 -12.05
N HIS C 196 -4.18 4.26 -13.29
CA HIS C 196 -5.54 3.90 -13.65
C HIS C 196 -6.02 2.66 -12.90
N LEU C 197 -5.19 1.61 -12.90
CA LEU C 197 -5.53 0.40 -12.16
C LEU C 197 -5.52 0.64 -10.66
N LEU C 198 -4.63 1.52 -10.18
CA LEU C 198 -4.64 1.88 -8.76
C LEU C 198 -5.98 2.51 -8.37
N PHE C 199 -6.49 3.41 -9.21
CA PHE C 199 -7.79 4.03 -8.92
C PHE C 199 -8.94 3.05 -9.08
N LEU C 200 -8.85 2.13 -10.04
CA LEU C 200 -9.92 1.16 -10.23
C LEU C 200 -10.01 0.19 -9.06
N HIS C 201 -8.87 -0.30 -8.59
CA HIS C 201 -8.87 -1.30 -7.52
C HIS C 201 -9.38 -0.73 -6.21
N GLU C 202 -9.51 0.61 -6.11
CA GLU C 202 -10.10 1.22 -4.93
C GLU C 202 -11.54 0.76 -4.72
N THR C 203 -12.29 0.57 -5.79
CA THR C 203 -13.64 0.07 -5.73
C THR C 203 -13.81 -1.31 -6.34
N GLY C 204 -12.90 -1.73 -7.21
CA GLY C 204 -13.11 -2.92 -8.00
C GLY C 204 -13.95 -2.64 -9.24
N SER C 205 -14.14 -3.68 -10.03
CA SER C 205 -14.86 -3.58 -11.29
C SER C 205 -16.36 -3.42 -11.07
N ASN C 206 -16.97 -2.63 -11.95
CA ASN C 206 -18.41 -2.60 -12.17
C ASN C 206 -18.82 -3.84 -12.96
N ASN C 207 -20.12 -4.15 -12.96
CA ASN C 207 -20.52 -5.36 -13.68
C ASN C 207 -21.67 -5.02 -14.63
N PRO C 208 -22.09 -5.95 -15.50
CA PRO C 208 -23.14 -5.61 -16.48
C PRO C 208 -24.48 -5.22 -15.87
N THR C 209 -24.84 -5.73 -14.68
CA THR C 209 -26.11 -5.32 -14.08
C THR C 209 -26.06 -3.90 -13.52
N GLY C 210 -24.87 -3.36 -13.27
CA GLY C 210 -24.74 -2.06 -12.65
C GLY C 210 -24.97 -2.08 -11.16
N ILE C 211 -25.20 -3.24 -10.57
CA ILE C 211 -25.46 -3.40 -9.15
C ILE C 211 -24.17 -3.84 -8.48
N SER C 212 -23.93 -3.35 -7.27
CA SER C 212 -22.73 -3.72 -6.53
C SER C 212 -22.72 -5.21 -6.26
N SER C 213 -21.57 -5.84 -6.51
CA SER C 213 -21.43 -7.28 -6.60
C SER C 213 -20.65 -7.88 -5.43
N ASP C 214 -20.51 -7.15 -4.33
CA ASP C 214 -19.60 -7.58 -3.28
C ASP C 214 -20.03 -8.90 -2.65
N MET C 215 -21.31 -9.24 -2.72
CA MET C 215 -21.75 -10.52 -2.19
C MET C 215 -21.37 -11.69 -3.09
N ASP C 216 -20.94 -11.43 -4.32
CA ASP C 216 -20.57 -12.48 -5.27
C ASP C 216 -19.24 -12.18 -5.94
N LYS C 217 -18.22 -11.87 -5.14
CA LYS C 217 -16.87 -11.70 -5.67
C LYS C 217 -16.16 -13.03 -5.74
N ILE C 218 -15.39 -13.23 -6.80
CA ILE C 218 -14.55 -14.40 -6.98
C ILE C 218 -13.11 -13.92 -7.09
N PRO C 219 -12.13 -14.77 -6.77
CA PRO C 219 -10.74 -14.34 -6.91
C PRO C 219 -10.38 -14.15 -8.37
N PHE C 220 -9.53 -13.16 -8.63
CA PHE C 220 -9.16 -12.86 -10.01
C PHE C 220 -8.42 -14.02 -10.65
N HIS C 221 -7.49 -14.64 -9.92
CA HIS C 221 -6.46 -15.43 -10.58
C HIS C 221 -7.08 -16.53 -11.44
N PRO C 222 -7.64 -17.60 -10.87
CA PRO C 222 -7.99 -18.74 -11.74
C PRO C 222 -9.00 -18.36 -12.82
N TYR C 223 -9.94 -17.47 -12.51
CA TYR C 223 -11.06 -17.23 -13.41
C TYR C 223 -10.74 -16.20 -14.48
N TYR C 224 -10.33 -15.00 -14.07
CA TYR C 224 -10.10 -13.96 -15.05
C TYR C 224 -8.69 -13.96 -15.61
N THR C 225 -7.71 -14.62 -14.99
CA THR C 225 -6.47 -14.84 -15.72
C THR C 225 -6.70 -15.77 -16.92
N ILE C 226 -7.45 -16.86 -16.73
CA ILE C 226 -7.70 -17.77 -17.85
C ILE C 226 -8.65 -17.13 -18.88
N LYS C 227 -9.67 -16.41 -18.40
CA LYS C 227 -10.57 -15.73 -19.33
C LYS C 227 -9.84 -14.64 -20.12
N ASP C 228 -8.96 -13.88 -19.46
CA ASP C 228 -8.18 -12.85 -20.13
C ASP C 228 -7.16 -13.47 -21.09
N ILE C 229 -6.64 -14.66 -20.76
CA ILE C 229 -5.76 -15.38 -21.68
C ILE C 229 -6.52 -15.81 -22.93
N LEU C 230 -7.74 -16.32 -22.77
CA LEU C 230 -8.56 -16.67 -23.93
C LEU C 230 -8.87 -15.44 -24.78
N GLY C 231 -9.24 -14.34 -24.14
CA GLY C 231 -9.46 -13.10 -24.87
C GLY C 231 -8.22 -12.61 -25.58
N ALA C 232 -7.06 -12.76 -24.96
CA ALA C 232 -5.81 -12.36 -25.59
C ALA C 232 -5.49 -13.23 -26.80
N LEU C 233 -5.78 -14.54 -26.71
CA LEU C 233 -5.55 -15.41 -27.84
C LEU C 233 -6.48 -15.07 -29.01
N PHE C 234 -7.75 -14.74 -28.72
CA PHE C 234 -8.65 -14.30 -29.78
C PHE C 234 -8.17 -13.00 -30.42
N MET C 235 -7.74 -12.05 -29.59
CA MET C 235 -7.19 -10.81 -30.11
C MET C 235 -5.96 -11.06 -30.98
N MET C 236 -5.08 -11.96 -30.53
CA MET C 236 -3.91 -12.33 -31.32
C MET C 236 -4.33 -12.93 -32.65
N LEU C 237 -5.39 -13.73 -32.66
CA LEU C 237 -5.88 -14.30 -33.91
C LEU C 237 -6.26 -13.21 -34.89
N ILE C 238 -7.05 -12.23 -34.44
CA ILE C 238 -7.45 -11.15 -35.34
C ILE C 238 -6.22 -10.37 -35.82
N LEU C 239 -5.31 -10.07 -34.89
CA LEU C 239 -4.12 -9.30 -35.24
C LEU C 239 -3.27 -10.02 -36.27
N LEU C 240 -3.10 -11.34 -36.10
CA LEU C 240 -2.27 -12.10 -37.03
C LEU C 240 -2.98 -12.34 -38.35
N ILE C 241 -4.31 -12.43 -38.35
CA ILE C 241 -5.03 -12.45 -39.61
C ILE C 241 -4.73 -11.17 -40.39
N LEU C 242 -4.76 -10.04 -39.71
CA LEU C 242 -4.40 -8.78 -40.36
C LEU C 242 -2.95 -8.81 -40.85
N VAL C 243 -2.02 -9.19 -39.98
CA VAL C 243 -0.60 -9.10 -40.32
C VAL C 243 -0.22 -10.07 -41.43
N LEU C 244 -0.82 -11.25 -41.47
CA LEU C 244 -0.39 -12.31 -42.36
C LEU C 244 -1.29 -12.52 -43.57
N PHE C 245 -2.48 -11.94 -43.61
CA PHE C 245 -3.38 -12.16 -44.73
C PHE C 245 -3.84 -10.89 -45.42
N SER C 246 -3.88 -9.75 -44.73
CA SER C 246 -4.13 -8.46 -45.35
C SER C 246 -3.32 -7.40 -44.61
N PRO C 247 -2.00 -7.36 -44.82
CA PRO C 247 -1.15 -6.42 -44.08
C PRO C 247 -1.56 -4.98 -44.27
N ASP C 248 -2.10 -4.65 -45.44
CA ASP C 248 -2.38 -3.28 -45.85
C ASP C 248 -3.87 -2.95 -45.86
N LEU C 249 -4.68 -3.72 -45.14
CA LEU C 249 -6.12 -3.50 -45.17
C LEU C 249 -6.48 -2.13 -44.61
N LEU C 250 -5.94 -1.79 -43.44
CA LEU C 250 -6.34 -0.59 -42.73
C LEU C 250 -5.42 0.60 -43.00
N GLY C 251 -4.42 0.43 -43.86
CA GLY C 251 -3.51 1.50 -44.21
C GLY C 251 -3.89 2.19 -45.50
N ASP C 252 -2.91 2.93 -46.05
CA ASP C 252 -3.10 3.76 -47.25
C ASP C 252 -1.92 3.55 -48.20
N PRO C 253 -2.18 3.27 -49.49
CA PRO C 253 -1.06 3.08 -50.44
C PRO C 253 -0.14 4.29 -50.59
N ASP C 254 -0.63 5.51 -50.36
CA ASP C 254 0.21 6.67 -50.60
C ASP C 254 1.35 6.83 -49.60
N ASN C 255 1.33 6.09 -48.50
CA ASN C 255 2.49 6.09 -47.62
C ASN C 255 3.58 5.12 -48.07
N TYR C 256 3.37 4.39 -49.17
CA TYR C 256 4.46 3.67 -49.82
C TYR C 256 5.17 4.54 -50.84
N THR C 257 4.72 5.78 -50.99
CA THR C 257 5.38 6.82 -51.75
C THR C 257 6.11 7.74 -50.79
N PRO C 258 7.39 8.01 -51.01
CA PRO C 258 8.11 8.92 -50.10
C PRO C 258 7.52 10.32 -50.13
N ALA C 259 7.60 11.00 -48.98
CA ALA C 259 6.97 12.30 -48.80
C ALA C 259 7.45 13.29 -49.85
N ASN C 260 6.49 13.96 -50.49
CA ASN C 260 6.77 14.96 -51.52
C ASN C 260 6.13 16.28 -51.12
N PRO C 261 6.87 17.18 -50.48
CA PRO C 261 6.27 18.48 -50.12
C PRO C 261 5.82 19.30 -51.32
N LEU C 262 6.34 19.02 -52.52
CA LEU C 262 5.86 19.70 -53.71
C LEU C 262 4.50 19.19 -54.16
N ASN C 263 4.27 17.88 -54.12
CA ASN C 263 3.02 17.30 -54.60
C ASN C 263 2.13 16.88 -53.44
N THR C 264 0.88 17.33 -53.46
CA THR C 264 0.06 16.82 -52.38
C THR C 264 -0.83 15.69 -52.88
N PRO C 265 -1.14 14.73 -52.03
CA PRO C 265 -2.06 13.65 -52.42
C PRO C 265 -3.44 14.19 -52.72
N PRO C 266 -4.16 13.56 -53.64
CA PRO C 266 -5.57 13.96 -53.89
C PRO C 266 -6.43 13.89 -52.64
N HIS C 267 -6.19 12.91 -51.77
CA HIS C 267 -6.91 12.76 -50.52
C HIS C 267 -5.91 12.78 -49.39
N ILE C 268 -6.13 13.66 -48.41
CA ILE C 268 -5.32 13.63 -47.19
C ILE C 268 -6.23 13.26 -46.01
N LYS C 269 -6.29 11.98 -45.68
CA LYS C 269 -7.14 11.60 -44.53
C LYS C 269 -6.27 11.19 -43.30
N PRO C 270 -6.40 11.52 -41.87
CA PRO C 270 -5.89 10.57 -40.94
C PRO C 270 -6.19 9.12 -41.13
N GLU C 271 -5.59 8.38 -40.22
CA GLU C 271 -5.89 6.99 -40.01
C GLU C 271 -7.36 6.81 -39.63
N TRP C 272 -7.82 5.57 -39.74
CA TRP C 272 -9.24 5.30 -39.55
C TRP C 272 -9.70 5.71 -38.15
N TYR C 273 -8.89 5.45 -37.13
CA TYR C 273 -9.26 5.76 -35.76
C TYR C 273 -9.16 7.26 -35.44
N PHE C 274 -8.96 8.11 -36.44
CA PHE C 274 -9.14 9.53 -36.26
C PHE C 274 -10.31 10.09 -37.07
N LEU C 275 -10.87 9.30 -37.99
CA LEU C 275 -11.79 9.87 -38.99
C LEU C 275 -13.04 10.45 -38.36
N PHE C 276 -13.58 9.80 -37.34
CA PHE C 276 -14.78 10.34 -36.67
C PHE C 276 -14.52 11.75 -36.18
N ALA C 277 -13.33 12.03 -35.65
CA ALA C 277 -13.04 13.39 -35.22
C ALA C 277 -12.77 14.29 -36.42
N TYR C 278 -12.08 13.74 -37.44
CA TYR C 278 -11.78 14.51 -38.63
C TYR C 278 -13.06 14.92 -39.35
N ALA C 279 -14.09 14.07 -39.28
CA ALA C 279 -15.40 14.45 -39.79
C ALA C 279 -15.96 15.63 -39.00
N ILE C 280 -15.92 15.55 -37.67
CA ILE C 280 -16.58 16.57 -36.86
C ILE C 280 -15.94 17.94 -37.12
N LEU C 281 -14.62 17.99 -37.03
CA LEU C 281 -13.90 19.23 -37.34
C LEU C 281 -14.19 19.70 -38.76
N ARG C 282 -14.31 18.78 -39.71
CA ARG C 282 -14.55 19.21 -41.08
C ARG C 282 -16.00 19.62 -41.29
N SER C 283 -16.89 19.30 -40.35
CA SER C 283 -18.29 19.68 -40.52
C SER C 283 -18.47 21.17 -40.31
N ILE C 284 -17.74 21.75 -39.37
CA ILE C 284 -17.85 23.17 -39.03
C ILE C 284 -17.04 24.02 -40.01
N PRO C 285 -17.66 25.01 -40.66
CA PRO C 285 -16.89 25.89 -41.55
C PRO C 285 -15.79 26.68 -40.86
N ASN C 286 -16.01 27.11 -39.62
CA ASN C 286 -15.03 27.96 -38.94
C ASN C 286 -13.83 27.12 -38.50
N LYS C 287 -12.62 27.63 -38.76
CA LYS C 287 -11.41 26.90 -38.40
C LYS C 287 -11.35 26.61 -36.91
N LEU C 288 -11.51 27.65 -36.09
CA LEU C 288 -11.38 27.49 -34.66
C LEU C 288 -12.56 26.75 -34.06
N GLY C 289 -13.77 27.04 -34.53
CA GLY C 289 -14.93 26.25 -34.10
C GLY C 289 -14.77 24.78 -34.45
N GLY C 290 -14.20 24.50 -35.63
CA GLY C 290 -13.95 23.13 -36.01
C GLY C 290 -12.96 22.44 -35.08
N VAL C 291 -11.87 23.14 -34.74
CA VAL C 291 -10.88 22.56 -33.82
C VAL C 291 -11.50 22.36 -32.44
N LEU C 292 -12.30 23.33 -31.98
CA LEU C 292 -12.95 23.21 -30.68
C LEU C 292 -13.92 22.04 -30.65
N ALA C 293 -14.63 21.80 -31.76
CA ALA C 293 -15.51 20.64 -31.83
C ALA C 293 -14.71 19.34 -31.86
N LEU C 294 -13.61 19.31 -32.61
CA LEU C 294 -12.76 18.12 -32.65
C LEU C 294 -12.15 17.81 -31.28
N VAL C 295 -11.98 18.81 -30.43
CA VAL C 295 -11.50 18.58 -29.07
C VAL C 295 -12.64 18.24 -28.12
N ALA C 296 -13.78 18.90 -28.25
CA ALA C 296 -14.93 18.62 -27.41
C ALA C 296 -15.47 17.22 -27.64
N SER C 297 -15.32 16.67 -28.85
CA SER C 297 -15.80 15.32 -29.11
C SER C 297 -15.08 14.25 -28.28
N ILE C 298 -13.93 14.58 -27.70
CA ILE C 298 -13.25 13.68 -26.78
C ILE C 298 -13.24 14.21 -25.35
N LEU C 299 -13.30 15.53 -25.15
CA LEU C 299 -13.46 16.08 -23.82
C LEU C 299 -14.83 15.84 -23.23
N ILE C 300 -15.83 15.58 -24.07
CA ILE C 300 -17.19 15.33 -23.62
C ILE C 300 -17.30 14.05 -22.83
N LEU C 301 -16.30 13.17 -22.94
CA LEU C 301 -16.24 11.99 -22.09
C LEU C 301 -16.08 12.37 -20.62
N ILE C 302 -15.48 13.53 -20.34
CA ILE C 302 -15.35 13.99 -18.97
C ILE C 302 -16.70 14.40 -18.40
N LEU C 303 -17.68 14.67 -19.25
CA LEU C 303 -18.99 15.16 -18.79
C LEU C 303 -19.98 14.05 -18.47
N MET C 304 -19.71 12.80 -18.87
CA MET C 304 -20.70 11.73 -18.70
C MET C 304 -21.20 11.56 -17.27
N PRO C 305 -20.34 11.53 -16.23
CA PRO C 305 -20.89 11.44 -14.87
C PRO C 305 -21.84 12.57 -14.50
N MET C 306 -21.57 13.79 -14.94
CA MET C 306 -22.49 14.89 -14.69
C MET C 306 -23.74 14.82 -15.56
N LEU C 307 -23.68 14.14 -16.70
CA LEU C 307 -24.84 13.98 -17.56
C LEU C 307 -25.73 12.82 -17.14
N HIS C 308 -25.24 11.94 -16.26
CA HIS C 308 -26.03 10.79 -15.82
C HIS C 308 -27.25 11.28 -15.05
N THR C 309 -28.44 10.95 -15.57
CA THR C 309 -29.70 11.33 -14.94
C THR C 309 -30.57 10.12 -14.62
N SER C 310 -30.06 8.92 -14.79
CA SER C 310 -30.83 7.71 -14.51
C SER C 310 -30.63 7.29 -13.05
N LYS C 311 -31.67 6.67 -12.50
CA LYS C 311 -31.56 6.05 -11.18
C LYS C 311 -30.70 4.80 -11.21
N GLN C 312 -30.52 4.20 -12.38
CA GLN C 312 -29.72 3.00 -12.55
C GLN C 312 -28.36 3.37 -13.12
N ARG C 313 -27.38 2.49 -12.88
CA ARG C 313 -26.02 2.76 -13.32
C ARG C 313 -25.80 2.37 -14.78
N SER C 314 -26.07 1.12 -15.13
CA SER C 314 -25.76 0.61 -16.46
C SER C 314 -27.00 0.67 -17.35
N MET C 315 -26.82 0.29 -18.61
CA MET C 315 -27.87 0.31 -19.61
C MET C 315 -28.63 -1.00 -19.71
N MET C 316 -28.32 -1.97 -18.84
CA MET C 316 -28.90 -3.30 -18.97
C MET C 316 -30.41 -3.32 -18.84
N PHE C 317 -30.97 -2.43 -18.02
CA PHE C 317 -32.41 -2.44 -17.77
C PHE C 317 -33.10 -1.19 -18.29
N ARG C 318 -32.56 -0.59 -19.36
CA ARG C 318 -33.09 0.67 -19.90
C ARG C 318 -33.11 0.55 -21.42
N PRO C 319 -34.18 0.00 -21.99
CA PRO C 319 -34.22 -0.18 -23.46
C PRO C 319 -34.08 1.10 -24.27
N LEU C 320 -34.70 2.19 -23.81
CA LEU C 320 -34.67 3.44 -24.57
C LEU C 320 -33.25 4.00 -24.66
N SER C 321 -32.49 3.93 -23.56
CA SER C 321 -31.12 4.41 -23.60
C SER C 321 -30.20 3.45 -24.35
N GLN C 322 -30.52 2.14 -24.37
CA GLN C 322 -29.80 1.24 -25.27
C GLN C 322 -30.01 1.66 -26.72
N CYS C 323 -31.25 2.01 -27.08
CA CYS C 323 -31.53 2.51 -28.41
C CYS C 323 -30.65 3.72 -28.72
N LEU C 324 -30.59 4.68 -27.80
CA LEU C 324 -29.76 5.85 -28.03
C LEU C 324 -28.27 5.50 -28.10
N PHE C 325 -27.81 4.53 -27.30
CA PHE C 325 -26.42 4.10 -27.35
C PHE C 325 -26.05 3.52 -28.71
N TRP C 326 -26.94 2.69 -29.26
CA TRP C 326 -26.65 2.09 -30.56
C TRP C 326 -26.78 3.12 -31.68
N MET C 327 -27.66 4.11 -31.51
CA MET C 327 -27.64 5.25 -32.43
C MET C 327 -26.33 6.00 -32.35
N LEU C 328 -25.77 6.14 -31.15
CA LEU C 328 -24.49 6.81 -30.98
C LEU C 328 -23.36 6.05 -31.68
N VAL C 329 -23.36 4.73 -31.52
CA VAL C 329 -22.37 3.90 -32.20
C VAL C 329 -22.53 4.00 -33.72
N ALA C 330 -23.77 3.99 -34.21
CA ALA C 330 -24.02 4.15 -35.63
C ALA C 330 -23.57 5.53 -36.13
N ASP C 331 -23.78 6.56 -35.32
CA ASP C 331 -23.34 7.90 -35.70
C ASP C 331 -21.81 7.99 -35.73
N LEU C 332 -21.14 7.28 -34.83
CA LEU C 332 -19.68 7.25 -34.88
C LEU C 332 -19.19 6.49 -36.13
N ILE C 333 -19.88 5.41 -36.50
CA ILE C 333 -19.53 4.72 -37.73
C ILE C 333 -19.73 5.62 -38.95
N THR C 334 -20.83 6.38 -38.97
CA THR C 334 -21.07 7.26 -40.10
C THR C 334 -20.10 8.44 -40.10
N LEU C 335 -19.65 8.90 -38.93
CA LEU C 335 -18.61 9.92 -38.89
C LEU C 335 -17.28 9.39 -39.42
N THR C 336 -16.93 8.14 -39.09
CA THR C 336 -15.73 7.53 -39.65
C THR C 336 -15.81 7.43 -41.17
N TRP C 337 -16.94 6.95 -41.68
CA TRP C 337 -17.13 6.84 -43.12
C TRP C 337 -17.08 8.21 -43.80
N ILE C 338 -17.73 9.22 -43.20
CA ILE C 338 -17.72 10.57 -43.75
C ILE C 338 -16.30 11.14 -43.77
N GLY C 339 -15.55 10.93 -42.69
CA GLY C 339 -14.18 11.39 -42.64
C GLY C 339 -13.25 10.70 -43.61
N GLY C 340 -13.61 9.50 -44.05
CA GLY C 340 -12.86 8.88 -45.13
C GLY C 340 -13.23 9.34 -46.52
N GLN C 341 -14.12 10.31 -46.65
CA GLN C 341 -14.69 10.72 -47.93
C GLN C 341 -14.33 12.17 -48.25
N PRO C 342 -14.41 12.57 -49.52
CA PRO C 342 -14.11 13.96 -49.86
C PRO C 342 -15.15 14.92 -49.30
N VAL C 343 -14.75 16.19 -49.19
CA VAL C 343 -15.66 17.24 -48.75
C VAL C 343 -16.43 17.74 -49.96
N GLU C 344 -17.51 17.04 -50.30
CA GLU C 344 -18.35 17.36 -51.44
C GLU C 344 -19.74 16.79 -51.21
N HIS C 345 -20.70 17.21 -52.04
CA HIS C 345 -22.07 16.71 -51.92
C HIS C 345 -22.12 15.22 -52.21
N PRO C 346 -22.84 14.42 -51.41
CA PRO C 346 -23.66 14.79 -50.26
C PRO C 346 -22.99 14.59 -48.91
N PHE C 347 -21.72 14.20 -48.88
CA PHE C 347 -21.09 13.86 -47.62
C PHE C 347 -21.01 15.04 -46.65
N ILE C 348 -21.16 16.28 -47.15
CA ILE C 348 -21.06 17.45 -46.29
C ILE C 348 -22.28 17.54 -45.38
N ILE C 349 -23.49 17.48 -45.94
CA ILE C 349 -24.69 17.57 -45.11
C ILE C 349 -24.81 16.34 -44.21
N ILE C 350 -24.38 15.18 -44.71
CA ILE C 350 -24.40 13.98 -43.88
C ILE C 350 -23.45 14.12 -42.70
N GLY C 351 -22.25 14.63 -42.95
CA GLY C 351 -21.31 14.86 -41.86
C GLY C 351 -21.81 15.90 -40.89
N GLN C 352 -22.49 16.93 -41.39
CA GLN C 352 -23.05 17.95 -40.50
C GLN C 352 -24.13 17.36 -39.59
N LEU C 353 -25.06 16.60 -40.17
CA LEU C 353 -26.11 16.00 -39.35
C LEU C 353 -25.54 15.00 -38.36
N ALA C 354 -24.54 14.22 -38.78
CA ALA C 354 -23.91 13.27 -37.86
C ALA C 354 -23.16 13.99 -36.75
N SER C 355 -22.45 15.07 -37.06
CA SER C 355 -21.71 15.81 -36.06
C SER C 355 -22.65 16.48 -35.06
N ILE C 356 -23.75 17.03 -35.55
CA ILE C 356 -24.77 17.56 -34.65
C ILE C 356 -25.33 16.44 -33.78
N LEU C 357 -25.64 15.29 -34.39
CA LEU C 357 -26.33 14.21 -33.70
C LEU C 357 -25.48 13.62 -32.59
N TYR C 358 -24.17 13.50 -32.80
CA TYR C 358 -23.28 12.98 -31.77
C TYR C 358 -23.42 13.77 -30.46
N PHE C 359 -23.30 15.09 -30.55
CA PHE C 359 -23.42 15.95 -29.37
C PHE C 359 -24.88 16.00 -28.87
N LEU C 360 -25.84 16.00 -29.79
CA LEU C 360 -27.24 16.04 -29.38
C LEU C 360 -27.64 14.79 -28.62
N ILE C 361 -27.03 13.66 -28.95
CA ILE C 361 -27.26 12.43 -28.22
C ILE C 361 -26.63 12.50 -26.85
N ILE C 362 -25.31 12.73 -26.80
CA ILE C 362 -24.61 12.67 -25.53
C ILE C 362 -25.14 13.72 -24.55
N LEU C 363 -25.32 14.95 -25.03
CA LEU C 363 -25.61 16.08 -24.15
C LEU C 363 -27.08 16.27 -23.86
N VAL C 364 -27.98 15.84 -24.76
CA VAL C 364 -29.39 16.15 -24.62
C VAL C 364 -30.25 14.89 -24.56
N LEU C 365 -30.22 14.11 -25.64
CA LEU C 365 -31.14 12.97 -25.77
C LEU C 365 -30.94 11.95 -24.66
N MET C 366 -29.69 11.61 -24.38
CA MET C 366 -29.42 10.62 -23.33
C MET C 366 -29.91 11.08 -21.96
N PRO C 367 -29.63 12.31 -21.51
CA PRO C 367 -30.18 12.74 -20.21
C PRO C 367 -31.71 12.78 -20.15
N ILE C 368 -32.36 13.40 -21.14
CA ILE C 368 -33.82 13.48 -21.14
C ILE C 368 -34.45 12.10 -21.16
N THR C 369 -33.86 11.18 -21.94
CA THR C 369 -34.39 9.82 -22.03
C THR C 369 -34.21 9.05 -20.74
N SER C 370 -33.08 9.27 -20.03
CA SER C 370 -32.95 8.66 -18.71
C SER C 370 -34.00 9.20 -17.75
N ILE C 371 -34.31 10.50 -17.83
CA ILE C 371 -35.35 11.05 -16.95
C ILE C 371 -36.71 10.43 -17.27
N ILE C 372 -37.03 10.29 -18.55
CA ILE C 372 -38.28 9.65 -18.96
C ILE C 372 -38.34 8.21 -18.45
N GLU C 373 -37.24 7.47 -18.58
CA GLU C 373 -37.19 6.11 -18.05
C GLU C 373 -37.41 6.11 -16.53
N ASN C 374 -36.80 7.08 -15.84
CA ASN C 374 -36.99 7.21 -14.40
C ASN C 374 -38.48 7.31 -14.06
N ASN C 375 -39.20 8.19 -14.75
CA ASN C 375 -40.63 8.34 -14.45
C ASN C 375 -41.44 7.12 -14.87
N LEU C 376 -41.04 6.43 -15.95
CA LEU C 376 -41.75 5.22 -16.34
C LEU C 376 -41.66 4.15 -15.26
N LEU C 377 -40.57 4.15 -14.49
CA LEU C 377 -40.42 3.24 -13.36
C LEU C 377 -40.95 3.83 -12.06
N LYS C 378 -41.58 5.01 -12.14
CA LYS C 378 -42.23 5.67 -11.00
C LYS C 378 -41.22 6.05 -9.92
N TRP C 379 -40.04 6.48 -10.32
CA TRP C 379 -39.11 7.15 -9.41
C TRP C 379 -38.34 8.24 -10.14
N GLU D 89 -13.84 8.17 -63.30
CA GLU D 89 -12.96 7.26 -62.60
C GLU D 89 -13.20 5.82 -63.05
N LEU D 90 -12.26 5.28 -63.84
CA LEU D 90 -12.35 3.91 -64.31
C LEU D 90 -11.49 3.03 -63.41
N HIS D 91 -12.14 2.25 -62.56
CA HIS D 91 -11.43 1.39 -61.63
C HIS D 91 -11.07 0.06 -62.30
N ALA D 92 -9.94 -0.49 -61.87
CA ALA D 92 -9.42 -1.70 -62.49
C ALA D 92 -10.33 -2.89 -62.17
N PRO D 93 -10.47 -3.85 -63.08
CA PRO D 93 -11.14 -5.10 -62.74
C PRO D 93 -10.26 -5.95 -61.83
N SER D 94 -10.87 -6.98 -61.26
CA SER D 94 -10.15 -7.96 -60.47
C SER D 94 -9.81 -9.15 -61.36
N TYR D 95 -8.53 -9.35 -61.59
CA TYR D 95 -8.04 -10.46 -62.39
C TYR D 95 -7.74 -11.65 -61.49
N PRO D 96 -7.90 -12.87 -62.00
CA PRO D 96 -7.67 -14.06 -61.16
C PRO D 96 -6.20 -14.46 -61.12
N TRP D 97 -5.42 -13.67 -60.36
CA TRP D 97 -4.01 -13.93 -60.23
C TRP D 97 -3.78 -15.26 -59.51
N SER D 98 -2.64 -15.88 -59.80
CA SER D 98 -2.27 -17.12 -59.13
C SER D 98 -2.03 -16.92 -57.64
N HIS D 99 -1.75 -15.69 -57.21
CA HIS D 99 -1.40 -15.41 -55.83
C HIS D 99 -2.52 -14.71 -55.06
N ARG D 100 -3.71 -14.63 -55.65
CA ARG D 100 -4.81 -13.94 -54.99
C ARG D 100 -5.34 -14.72 -53.79
N GLY D 101 -5.41 -16.03 -53.90
CA GLY D 101 -5.89 -16.89 -52.83
C GLY D 101 -5.20 -16.67 -51.51
N LEU D 102 -5.87 -17.08 -50.43
CA LEU D 102 -5.40 -16.77 -49.08
C LEU D 102 -4.09 -17.46 -48.74
N LEU D 103 -3.92 -18.70 -49.20
CA LEU D 103 -2.66 -19.42 -49.04
C LEU D 103 -1.90 -19.50 -50.36
N SER D 104 -2.38 -18.79 -51.38
CA SER D 104 -1.85 -18.92 -52.73
C SER D 104 -0.58 -18.12 -52.88
N SER D 105 0.49 -18.79 -53.31
CA SER D 105 1.78 -18.14 -53.48
C SER D 105 1.89 -17.55 -54.87
N LEU D 106 2.95 -16.78 -55.08
CA LEU D 106 3.30 -16.32 -56.40
C LEU D 106 3.89 -17.46 -57.22
N ASP D 107 3.55 -17.48 -58.50
CA ASP D 107 4.24 -18.34 -59.45
C ASP D 107 5.60 -17.72 -59.76
N HIS D 108 6.67 -18.44 -59.43
CA HIS D 108 8.01 -17.88 -59.51
C HIS D 108 8.57 -17.86 -60.92
N THR D 109 8.04 -18.67 -61.83
CA THR D 109 8.40 -18.57 -63.25
C THR D 109 7.86 -17.29 -63.86
N SER D 110 6.66 -16.86 -63.44
CA SER D 110 6.17 -15.55 -63.85
C SER D 110 6.99 -14.43 -63.25
N ILE D 111 7.50 -14.60 -62.03
CA ILE D 111 8.40 -13.61 -61.44
C ILE D 111 9.69 -13.50 -62.26
N ARG D 112 10.20 -14.63 -62.74
CA ARG D 112 11.42 -14.60 -63.55
C ARG D 112 11.19 -13.93 -64.91
N ARG D 113 10.12 -14.33 -65.61
CA ARG D 113 9.76 -13.67 -66.86
C ARG D 113 9.49 -12.17 -66.64
N GLY D 114 8.93 -11.81 -65.48
CA GLY D 114 8.67 -10.41 -65.19
C GLY D 114 9.92 -9.62 -64.88
N PHE D 115 10.93 -10.24 -64.28
CA PHE D 115 12.22 -9.56 -64.18
C PHE D 115 12.78 -9.32 -65.56
N GLN D 116 12.67 -10.30 -66.46
CA GLN D 116 13.15 -10.07 -67.81
C GLN D 116 12.40 -8.92 -68.49
N VAL D 117 11.11 -8.78 -68.20
CA VAL D 117 10.37 -7.65 -68.77
C VAL D 117 10.85 -6.33 -68.16
N TYR D 118 10.99 -6.26 -66.83
CA TYR D 118 11.44 -5.02 -66.23
C TYR D 118 12.84 -4.64 -66.71
N LYS D 119 13.75 -5.61 -66.74
CA LYS D 119 15.16 -5.38 -67.04
C LYS D 119 15.41 -5.15 -68.53
N GLN D 120 14.38 -5.30 -69.36
CA GLN D 120 14.51 -5.07 -70.79
C GLN D 120 13.52 -4.06 -71.35
N VAL D 121 12.52 -3.65 -70.58
CA VAL D 121 11.54 -2.67 -71.06
C VAL D 121 11.51 -1.48 -70.10
N CYS D 122 11.24 -1.71 -68.82
CA CYS D 122 11.00 -0.62 -67.88
C CYS D 122 12.26 0.09 -67.43
N SER D 123 13.37 -0.63 -67.27
CA SER D 123 14.51 -0.12 -66.51
C SER D 123 15.15 1.10 -67.17
N SER D 124 14.96 1.27 -68.47
CA SER D 124 15.54 2.43 -69.15
C SER D 124 14.98 3.74 -68.62
N CYS D 125 13.78 3.70 -68.02
CA CYS D 125 13.16 4.89 -67.47
C CYS D 125 12.72 4.75 -66.02
N HIS D 126 12.65 3.53 -65.49
CA HIS D 126 12.31 3.35 -64.10
C HIS D 126 13.48 2.75 -63.33
N SER D 127 13.60 3.18 -62.10
CA SER D 127 14.54 2.61 -61.14
C SER D 127 13.80 1.68 -60.20
N MET D 128 14.56 0.79 -59.57
CA MET D 128 14.08 -0.03 -58.47
C MET D 128 15.12 0.08 -57.35
N ASP D 129 15.02 1.15 -56.56
CA ASP D 129 16.09 1.49 -55.63
C ASP D 129 16.27 0.44 -54.54
N TYR D 130 15.18 -0.20 -54.12
CA TYR D 130 15.21 -1.06 -52.96
C TYR D 130 15.29 -2.55 -53.30
N VAL D 131 15.53 -2.90 -54.56
CA VAL D 131 15.71 -4.28 -54.96
C VAL D 131 17.10 -4.45 -55.54
N ALA D 132 17.88 -5.36 -54.96
CA ALA D 132 19.23 -5.67 -55.41
C ALA D 132 19.25 -7.03 -56.09
N TYR D 133 20.38 -7.32 -56.74
CA TYR D 133 20.51 -8.57 -57.48
C TYR D 133 20.43 -9.77 -56.55
N ARG D 134 21.08 -9.69 -55.39
CA ARG D 134 21.04 -10.77 -54.41
C ARG D 134 19.62 -11.15 -54.02
N HIS D 135 18.68 -10.20 -54.07
CA HIS D 135 17.32 -10.49 -53.67
C HIS D 135 16.67 -11.52 -54.58
N LEU D 136 17.15 -11.68 -55.81
CA LEU D 136 16.55 -12.57 -56.78
C LEU D 136 17.04 -14.00 -56.66
N VAL D 137 17.97 -14.28 -55.75
CA VAL D 137 18.49 -15.63 -55.57
C VAL D 137 17.52 -16.43 -54.70
N GLY D 138 17.20 -17.64 -55.14
CA GLY D 138 16.23 -18.46 -54.44
C GLY D 138 14.80 -18.06 -54.69
N VAL D 139 14.56 -17.16 -55.64
CA VAL D 139 13.24 -16.63 -55.91
C VAL D 139 12.90 -16.89 -57.38
N CYS D 140 13.74 -16.41 -58.28
CA CYS D 140 13.53 -16.67 -59.70
C CYS D 140 14.85 -16.94 -60.44
N TYR D 141 15.97 -16.85 -59.75
CA TYR D 141 17.29 -17.06 -60.36
C TYR D 141 18.22 -17.75 -59.37
N THR D 142 19.10 -18.58 -59.90
CA THR D 142 20.19 -19.12 -59.10
C THR D 142 21.28 -18.07 -58.91
N GLU D 143 22.12 -18.28 -57.89
CA GLU D 143 23.17 -17.32 -57.58
C GLU D 143 24.13 -17.10 -58.75
N GLU D 144 24.41 -18.15 -59.51
CA GLU D 144 25.28 -17.99 -60.68
C GLU D 144 24.59 -17.18 -61.78
N GLU D 145 23.32 -17.46 -62.03
CA GLU D 145 22.56 -16.70 -63.01
C GLU D 145 22.43 -15.23 -62.61
N ALA D 146 22.23 -14.97 -61.33
CA ALA D 146 22.09 -13.62 -60.85
C ALA D 146 23.41 -12.88 -60.82
N LYS D 147 24.51 -13.58 -60.53
CA LYS D 147 25.82 -12.95 -60.63
C LYS D 147 26.15 -12.59 -62.08
N ALA D 148 25.78 -13.44 -63.05
CA ALA D 148 25.98 -13.05 -64.44
C ALA D 148 25.06 -11.90 -64.86
N LEU D 149 23.84 -11.84 -64.32
CA LEU D 149 22.98 -10.70 -64.59
C LEU D 149 23.52 -9.40 -64.00
N ALA D 150 24.13 -9.49 -62.81
CA ALA D 150 24.81 -8.32 -62.26
C ALA D 150 26.05 -7.96 -63.07
N GLU D 151 26.77 -8.95 -63.59
CA GLU D 151 27.91 -8.68 -64.45
C GLU D 151 27.50 -7.98 -65.72
N GLU D 152 26.27 -8.20 -66.19
CA GLU D 152 25.85 -7.57 -67.44
C GLU D 152 25.82 -6.04 -67.32
N VAL D 153 25.69 -5.48 -66.11
CA VAL D 153 25.64 -4.04 -65.95
C VAL D 153 26.99 -3.52 -65.45
N GLU D 154 27.23 -2.24 -65.69
CA GLU D 154 28.35 -1.51 -65.11
C GLU D 154 27.81 -0.54 -64.08
N VAL D 155 28.43 -0.52 -62.92
CA VAL D 155 28.03 0.36 -61.82
C VAL D 155 29.23 1.20 -61.41
N GLN D 156 28.95 2.46 -61.10
CA GLN D 156 29.99 3.35 -60.61
C GLN D 156 30.47 2.88 -59.23
N ASP D 157 31.78 2.93 -59.03
CA ASP D 157 32.41 2.53 -57.79
C ASP D 157 33.32 3.63 -57.28
N GLY D 158 33.41 3.69 -55.94
CA GLY D 158 33.95 4.80 -55.20
C GLY D 158 35.39 5.14 -55.50
N PRO D 159 35.90 6.18 -54.84
CA PRO D 159 37.14 6.83 -55.29
C PRO D 159 38.34 5.91 -55.25
N ASN D 160 39.20 6.08 -56.24
CA ASN D 160 40.42 5.30 -56.41
C ASN D 160 41.53 5.89 -55.54
N GLU D 161 42.73 5.28 -55.61
CA GLU D 161 43.89 5.85 -54.95
C GLU D 161 44.13 7.28 -55.42
N ASP D 162 43.93 7.54 -56.72
CA ASP D 162 44.06 8.89 -57.26
C ASP D 162 42.87 9.77 -56.96
N GLY D 163 41.79 9.23 -56.40
CA GLY D 163 40.61 10.02 -56.09
C GLY D 163 39.57 10.11 -57.18
N GLU D 164 39.68 9.30 -58.23
CA GLU D 164 38.68 9.30 -59.29
C GLU D 164 37.66 8.20 -59.04
N MET D 165 36.47 8.39 -59.62
CA MET D 165 35.39 7.41 -59.59
C MET D 165 35.48 6.54 -60.84
N PHE D 166 35.21 5.24 -60.69
CA PHE D 166 35.40 4.37 -61.84
C PHE D 166 34.16 3.54 -62.10
N MET D 167 34.19 2.78 -63.18
CA MET D 167 33.10 1.89 -63.57
C MET D 167 33.56 0.45 -63.42
N ARG D 168 32.78 -0.35 -62.72
CA ARG D 168 33.11 -1.75 -62.47
C ARG D 168 31.91 -2.62 -62.81
N PRO D 169 32.13 -3.89 -63.15
CA PRO D 169 30.99 -4.80 -63.35
C PRO D 169 30.17 -4.92 -62.08
N GLY D 170 28.87 -5.14 -62.25
CA GLY D 170 27.98 -5.20 -61.13
C GLY D 170 28.18 -6.45 -60.28
N LYS D 171 27.59 -6.40 -59.09
CA LYS D 171 27.72 -7.47 -58.12
C LYS D 171 26.35 -7.86 -57.60
N LEU D 172 26.28 -8.99 -56.90
CA LEU D 172 25.02 -9.42 -56.29
C LEU D 172 24.52 -8.40 -55.28
N SER D 173 25.42 -7.85 -54.47
CA SER D 173 25.05 -6.90 -53.44
C SER D 173 24.66 -5.54 -54.02
N ASP D 174 24.90 -5.32 -55.31
CA ASP D 174 24.55 -4.07 -55.95
C ASP D 174 23.05 -4.01 -56.20
N TYR D 175 22.47 -2.83 -56.00
CA TYR D 175 21.07 -2.59 -56.31
C TYR D 175 20.91 -2.33 -57.81
N PHE D 176 19.66 -2.36 -58.25
CA PHE D 176 19.39 -2.23 -59.68
C PHE D 176 19.83 -0.87 -60.19
N PRO D 177 20.40 -0.80 -61.39
CA PRO D 177 20.94 0.47 -61.88
C PRO D 177 19.85 1.53 -62.03
N LYS D 178 20.24 2.76 -61.82
CA LYS D 178 19.30 3.85 -62.02
C LYS D 178 19.46 4.42 -63.41
N PRO D 179 18.37 4.63 -64.14
CA PRO D 179 18.49 5.15 -65.52
C PRO D 179 18.87 6.61 -65.58
N TYR D 180 18.63 7.38 -64.52
CA TYR D 180 18.85 8.81 -64.56
C TYR D 180 19.62 9.25 -63.32
N PRO D 181 20.59 10.15 -63.48
CA PRO D 181 21.40 10.56 -62.31
C PRO D 181 20.59 11.24 -61.23
N ASN D 182 19.55 11.98 -61.59
CA ASN D 182 18.74 12.71 -60.62
C ASN D 182 17.32 12.81 -61.17
N PRO D 183 16.37 13.23 -60.34
CA PRO D 183 14.99 13.41 -60.85
C PRO D 183 14.89 14.39 -62.01
N GLU D 184 15.73 15.43 -62.05
CA GLU D 184 15.61 16.44 -63.09
C GLU D 184 15.97 15.90 -64.47
N ALA D 185 16.98 15.03 -64.55
CA ALA D 185 17.31 14.39 -65.83
C ALA D 185 16.22 13.41 -66.24
N ALA D 186 15.59 12.74 -65.27
CA ALA D 186 14.47 11.86 -65.56
C ALA D 186 13.29 12.65 -66.14
N ARG D 187 12.98 13.79 -65.54
CA ARG D 187 11.91 14.64 -66.07
C ARG D 187 12.27 15.25 -67.41
N ALA D 188 13.56 15.58 -67.60
CA ALA D 188 13.99 16.13 -68.88
C ALA D 188 13.86 15.11 -70.00
N ALA D 189 14.13 13.83 -69.70
CA ALA D 189 14.08 12.79 -70.70
C ALA D 189 12.66 12.34 -71.03
N ASN D 190 11.68 12.66 -70.21
CA ASN D 190 10.34 12.12 -70.31
C ASN D 190 9.27 13.22 -70.38
N ASN D 191 9.60 14.32 -71.05
CA ASN D 191 8.68 15.42 -71.31
C ASN D 191 8.07 15.99 -70.02
N GLY D 192 8.94 16.25 -69.05
CA GLY D 192 8.55 16.85 -67.80
C GLY D 192 8.09 15.89 -66.73
N ALA D 193 7.77 14.66 -67.09
CA ALA D 193 7.28 13.68 -66.13
C ALA D 193 8.43 12.87 -65.57
N LEU D 194 8.44 12.68 -64.25
CA LEU D 194 9.36 11.77 -63.59
C LEU D 194 8.74 10.38 -63.56
N PRO D 195 9.33 9.38 -64.21
CA PRO D 195 8.82 8.01 -64.10
C PRO D 195 9.14 7.42 -62.74
N PRO D 196 8.13 6.89 -62.04
CA PRO D 196 8.33 6.51 -60.64
C PRO D 196 9.23 5.31 -60.46
N ASP D 197 9.81 5.23 -59.26
CA ASP D 197 10.41 4.00 -58.78
C ASP D 197 9.36 2.90 -58.65
N LEU D 198 9.71 1.70 -59.08
CA LEU D 198 8.77 0.59 -59.15
C LEU D 198 8.96 -0.43 -58.03
N SER D 199 9.82 -0.14 -57.05
CA SER D 199 9.97 -1.05 -55.92
C SER D 199 8.64 -1.23 -55.17
N TYR D 200 7.85 -0.16 -55.06
CA TYR D 200 6.60 -0.20 -54.31
C TYR D 200 5.38 0.19 -55.15
N ILE D 201 5.49 0.13 -56.48
CA ILE D 201 4.43 0.71 -57.31
C ILE D 201 3.11 -0.04 -57.11
N VAL D 202 3.17 -1.36 -56.92
CA VAL D 202 1.94 -2.12 -56.69
C VAL D 202 1.32 -1.76 -55.35
N ARG D 203 2.15 -1.60 -54.32
CA ARG D 203 1.67 -1.23 -52.99
C ARG D 203 1.21 0.22 -52.92
N ALA D 204 1.82 1.10 -53.71
CA ALA D 204 1.55 2.52 -53.64
C ALA D 204 0.42 2.96 -54.57
N ARG D 205 -0.32 2.01 -55.13
CA ARG D 205 -1.47 2.31 -55.96
C ARG D 205 -2.70 1.60 -55.38
N HIS D 206 -3.84 2.28 -55.43
CA HIS D 206 -5.11 1.62 -55.18
C HIS D 206 -5.43 0.72 -56.36
N GLY D 207 -5.67 -0.56 -56.08
CA GLY D 207 -5.91 -1.53 -57.13
C GLY D 207 -4.72 -2.38 -57.50
N GLY D 208 -3.52 -2.00 -57.09
CA GLY D 208 -2.34 -2.83 -57.21
C GLY D 208 -1.99 -3.36 -58.58
N GLU D 209 -1.69 -4.66 -58.65
CA GLU D 209 -1.30 -5.26 -59.92
C GLU D 209 -2.47 -5.32 -60.88
N ASP D 210 -3.71 -5.32 -60.38
CA ASP D 210 -4.87 -5.16 -61.25
C ASP D 210 -4.80 -3.81 -61.97
N TYR D 211 -4.51 -2.74 -61.22
CA TYR D 211 -4.37 -1.42 -61.83
C TYR D 211 -3.22 -1.40 -62.83
N VAL D 212 -2.08 -2.00 -62.48
CA VAL D 212 -0.94 -1.95 -63.38
C VAL D 212 -1.21 -2.73 -64.65
N PHE D 213 -1.86 -3.89 -64.53
CA PHE D 213 -2.23 -4.68 -65.69
C PHE D 213 -3.19 -3.91 -66.61
N SER D 214 -4.21 -3.28 -66.02
CA SER D 214 -5.17 -2.53 -66.83
C SER D 214 -4.56 -1.29 -67.44
N LEU D 215 -3.64 -0.64 -66.73
CA LEU D 215 -2.93 0.50 -67.28
C LEU D 215 -2.07 0.09 -68.46
N LEU D 216 -1.31 -0.99 -68.32
CA LEU D 216 -0.43 -1.41 -69.40
C LEU D 216 -1.21 -1.90 -70.61
N THR D 217 -2.35 -2.54 -70.40
CA THR D 217 -3.15 -3.06 -71.51
C THR D 217 -4.25 -2.12 -71.97
N GLY D 218 -4.44 -0.98 -71.30
CA GLY D 218 -5.59 -0.13 -71.52
C GLY D 218 -5.42 1.07 -72.43
N TYR D 219 -4.34 1.17 -73.18
CA TYR D 219 -4.18 2.29 -74.09
C TYR D 219 -5.17 2.17 -75.25
N CYS D 220 -6.10 3.12 -75.33
CA CYS D 220 -7.02 3.23 -76.46
C CYS D 220 -6.85 4.60 -77.11
N GLU D 221 -7.57 4.81 -78.20
CA GLU D 221 -7.67 6.13 -78.80
C GLU D 221 -8.47 7.05 -77.87
N PRO D 222 -8.15 8.34 -77.86
CA PRO D 222 -8.97 9.29 -77.11
C PRO D 222 -10.38 9.34 -77.65
N PRO D 223 -11.38 9.46 -76.78
CA PRO D 223 -12.76 9.51 -77.24
C PRO D 223 -13.07 10.83 -77.93
N THR D 224 -14.22 10.87 -78.59
CA THR D 224 -14.67 12.11 -79.22
C THR D 224 -14.81 13.20 -78.17
N GLY D 225 -14.23 14.36 -78.46
CA GLY D 225 -14.20 15.47 -77.54
C GLY D 225 -12.99 15.53 -76.63
N VAL D 226 -12.15 14.49 -76.61
CA VAL D 226 -10.94 14.49 -75.79
C VAL D 226 -9.75 14.73 -76.70
N SER D 227 -8.96 15.76 -76.37
CA SER D 227 -7.72 16.07 -77.06
C SER D 227 -6.61 16.16 -76.02
N LEU D 228 -5.49 15.48 -76.29
CA LEU D 228 -4.33 15.50 -75.42
C LEU D 228 -3.19 16.22 -76.12
N ARG D 229 -2.41 16.97 -75.35
CA ARG D 229 -1.17 17.55 -75.87
C ARG D 229 -0.28 16.44 -76.41
N GLU D 230 0.60 16.80 -77.34
CA GLU D 230 1.57 15.84 -77.85
C GLU D 230 2.51 15.40 -76.73
N GLY D 231 2.94 14.15 -76.79
CA GLY D 231 3.68 13.55 -75.70
C GLY D 231 2.82 13.06 -74.56
N LEU D 232 1.50 13.07 -74.73
CA LEU D 232 0.55 12.51 -73.80
C LEU D 232 -0.30 11.47 -74.52
N TYR D 233 -0.71 10.46 -73.79
CA TYR D 233 -1.40 9.31 -74.36
C TYR D 233 -2.62 8.98 -73.53
N PHE D 234 -3.74 8.77 -74.20
CA PHE D 234 -4.98 8.48 -73.49
C PHE D 234 -4.91 7.09 -72.86
N ASN D 235 -5.09 7.03 -71.55
CA ASN D 235 -5.24 5.76 -70.84
C ASN D 235 -6.39 5.88 -69.85
N PRO D 236 -7.50 5.18 -70.10
CA PRO D 236 -8.68 5.33 -69.23
C PRO D 236 -8.44 4.97 -67.78
N TYR D 237 -7.38 4.24 -67.45
CA TYR D 237 -7.13 3.85 -66.07
C TYR D 237 -6.24 4.82 -65.31
N PHE D 238 -5.50 5.66 -66.00
CA PHE D 238 -4.69 6.68 -65.36
C PHE D 238 -5.58 7.84 -64.90
N PRO D 239 -5.42 8.31 -63.66
CA PRO D 239 -6.18 9.48 -63.21
C PRO D 239 -5.97 10.67 -64.15
N GLY D 240 -7.08 11.23 -64.62
CA GLY D 240 -7.06 12.23 -65.67
C GLY D 240 -7.09 11.66 -67.07
N GLN D 241 -6.79 10.36 -67.22
CA GLN D 241 -6.79 9.65 -68.50
C GLN D 241 -5.83 10.26 -69.51
N ALA D 242 -4.80 10.94 -69.03
CA ALA D 242 -3.77 11.51 -69.89
C ALA D 242 -2.42 11.21 -69.25
N ILE D 243 -1.71 10.24 -69.78
CA ILE D 243 -0.47 9.74 -69.18
C ILE D 243 0.71 10.12 -70.07
N ALA D 244 1.82 10.46 -69.42
CA ALA D 244 3.02 10.87 -70.15
C ALA D 244 3.84 9.69 -70.64
N MET D 245 3.51 8.47 -70.22
CA MET D 245 4.18 7.26 -70.68
C MET D 245 3.51 6.77 -71.96
N ALA D 246 4.29 6.64 -73.03
CA ALA D 246 3.81 5.97 -74.22
C ALA D 246 3.62 4.49 -73.92
N PRO D 247 2.75 3.81 -74.67
CA PRO D 247 2.56 2.36 -74.46
C PRO D 247 3.88 1.62 -74.52
N PRO D 248 4.33 1.06 -73.39
CA PRO D 248 5.64 0.39 -73.38
C PRO D 248 5.60 -1.01 -73.95
N ILE D 249 4.54 -1.74 -73.64
CA ILE D 249 4.40 -3.15 -74.00
C ILE D 249 3.66 -3.25 -75.33
N TYR D 250 4.03 -4.25 -76.11
CA TYR D 250 3.33 -4.62 -77.33
C TYR D 250 3.68 -6.08 -77.59
N ASN D 251 3.03 -6.66 -78.60
CA ASN D 251 3.35 -8.03 -78.98
C ASN D 251 4.80 -8.13 -79.42
N GLU D 252 5.51 -9.14 -78.91
CA GLU D 252 6.90 -9.39 -79.25
C GLU D 252 7.80 -8.22 -78.89
N VAL D 253 7.48 -7.52 -77.80
CA VAL D 253 8.34 -6.43 -77.33
C VAL D 253 9.67 -6.97 -76.85
N LEU D 254 9.68 -8.16 -76.27
CA LEU D 254 10.91 -8.85 -75.93
C LEU D 254 10.75 -10.32 -76.32
N GLU D 255 11.79 -11.10 -76.06
CA GLU D 255 11.74 -12.53 -76.19
C GLU D 255 11.88 -13.15 -74.80
N PHE D 256 11.10 -14.20 -74.54
CA PHE D 256 11.14 -14.90 -73.27
C PHE D 256 12.03 -16.13 -73.38
N ASP D 257 12.88 -16.34 -72.38
CA ASP D 257 13.88 -17.41 -72.45
C ASP D 257 13.23 -18.79 -72.48
N ASP D 258 12.14 -18.98 -71.73
CA ASP D 258 11.42 -20.25 -71.78
C ASP D 258 10.56 -20.40 -73.02
N GLY D 259 10.61 -19.47 -73.96
CA GLY D 259 9.90 -19.58 -75.21
C GLY D 259 8.41 -19.18 -75.26
N THR D 260 7.80 -18.68 -74.23
CA THR D 260 6.42 -18.19 -74.29
C THR D 260 6.18 -17.16 -75.50
N PRO D 261 5.16 -17.21 -76.44
CA PRO D 261 4.88 -15.94 -76.95
C PRO D 261 4.68 -14.79 -76.00
N ALA D 262 5.47 -13.79 -76.34
CA ALA D 262 5.50 -12.48 -75.77
C ALA D 262 4.41 -11.60 -76.38
N THR D 263 3.17 -12.06 -76.23
CA THR D 263 2.03 -11.21 -76.48
C THR D 263 1.94 -10.14 -75.41
N MET D 264 1.31 -9.02 -75.75
CA MET D 264 1.26 -7.88 -74.84
C MET D 264 0.68 -8.26 -73.49
N SER D 265 -0.43 -9.01 -73.48
CA SER D 265 -1.06 -9.38 -72.23
C SER D 265 -0.19 -10.34 -71.42
N GLN D 266 0.52 -11.25 -72.09
CA GLN D 266 1.47 -12.12 -71.40
C GLN D 266 2.59 -11.31 -70.74
N VAL D 267 3.15 -10.35 -71.48
CA VAL D 267 4.22 -9.50 -70.95
C VAL D 267 3.71 -8.70 -69.76
N ALA D 268 2.49 -8.19 -69.85
CA ALA D 268 1.90 -7.41 -68.77
C ALA D 268 1.69 -8.27 -67.53
N LYS D 269 1.17 -9.49 -67.69
CA LYS D 269 0.95 -10.37 -66.55
C LYS D 269 2.26 -10.73 -65.87
N ASP D 270 3.28 -11.05 -66.67
CA ASP D 270 4.59 -11.39 -66.11
C ASP D 270 5.18 -10.22 -65.33
N VAL D 271 5.17 -9.02 -65.92
CA VAL D 271 5.77 -7.87 -65.26
C VAL D 271 4.96 -7.51 -64.01
N CYS D 272 3.64 -7.71 -64.04
CA CYS D 272 2.82 -7.39 -62.87
C CYS D 272 3.10 -8.37 -61.73
N THR D 273 3.32 -9.64 -62.05
CA THR D 273 3.75 -10.60 -61.02
C THR D 273 5.09 -10.18 -60.41
N PHE D 274 6.04 -9.77 -61.26
CA PHE D 274 7.32 -9.31 -60.74
C PHE D 274 7.16 -8.08 -59.85
N LEU D 275 6.28 -7.16 -60.24
CA LEU D 275 6.09 -5.95 -59.44
C LEU D 275 5.42 -6.26 -58.10
N ARG D 276 4.52 -7.25 -58.08
CA ARG D 276 3.95 -7.69 -56.81
C ARG D 276 5.03 -8.27 -55.89
N TRP D 277 5.99 -9.01 -56.46
CA TRP D 277 7.08 -9.52 -55.64
C TRP D 277 8.00 -8.38 -55.17
N ALA D 278 8.25 -7.40 -56.04
CA ALA D 278 9.13 -6.29 -55.68
C ALA D 278 8.54 -5.40 -54.59
N SER D 279 7.22 -5.25 -54.55
CA SER D 279 6.60 -4.53 -53.45
C SER D 279 6.60 -5.33 -52.15
N GLU D 280 6.24 -6.61 -52.23
CA GLU D 280 6.06 -7.46 -51.05
C GLU D 280 6.89 -8.73 -51.25
N PRO D 281 8.18 -8.70 -50.94
CA PRO D 281 9.01 -9.91 -51.08
C PRO D 281 8.87 -10.89 -49.94
N GLU D 282 7.96 -10.66 -49.00
CA GLU D 282 7.62 -11.61 -47.94
C GLU D 282 6.30 -12.31 -48.19
N HIS D 283 5.73 -12.17 -49.39
CA HIS D 283 4.38 -12.65 -49.68
C HIS D 283 4.24 -14.15 -49.44
N ASP D 284 5.13 -14.96 -50.04
CA ASP D 284 5.04 -16.42 -49.88
C ASP D 284 5.30 -16.84 -48.45
N HIS D 285 6.33 -16.28 -47.81
CA HIS D 285 6.58 -16.57 -46.41
C HIS D 285 5.44 -16.12 -45.53
N ARG D 286 4.89 -14.94 -45.81
CA ARG D 286 3.76 -14.43 -45.04
C ARG D 286 2.58 -15.39 -45.10
N LYS D 287 2.30 -15.94 -46.28
CA LYS D 287 1.15 -16.83 -46.38
C LYS D 287 1.42 -18.21 -45.79
N ARG D 288 2.66 -18.71 -45.88
CA ARG D 288 2.99 -19.95 -45.20
C ARG D 288 2.86 -19.81 -43.68
N MET D 289 3.31 -18.66 -43.16
CA MET D 289 3.12 -18.37 -41.74
C MET D 289 1.65 -18.23 -41.40
N GLY D 290 0.86 -17.65 -42.30
CA GLY D 290 -0.58 -17.56 -42.06
C GLY D 290 -1.25 -18.92 -41.98
N LEU D 291 -0.85 -19.85 -42.86
CA LEU D 291 -1.37 -21.21 -42.78
C LEU D 291 -1.02 -21.86 -41.46
N LYS D 292 0.24 -21.72 -41.03
CA LYS D 292 0.64 -22.29 -39.75
C LYS D 292 -0.13 -21.65 -38.59
N MET D 293 -0.33 -20.34 -38.64
CA MET D 293 -1.06 -19.64 -37.59
C MET D 293 -2.52 -20.07 -37.54
N LEU D 294 -3.14 -20.26 -38.69
CA LEU D 294 -4.53 -20.73 -38.70
C LEU D 294 -4.63 -22.13 -38.12
N MET D 295 -3.68 -23.00 -38.45
CA MET D 295 -3.68 -24.33 -37.83
C MET D 295 -3.49 -24.24 -36.32
N MET D 296 -2.53 -23.43 -35.88
CA MET D 296 -2.23 -23.33 -34.46
C MET D 296 -3.39 -22.72 -33.70
N MET D 297 -4.08 -21.74 -34.29
CA MET D 297 -5.26 -21.18 -33.67
C MET D 297 -6.40 -22.17 -33.63
N GLY D 298 -6.61 -22.93 -34.70
CA GLY D 298 -7.61 -23.98 -34.69
C GLY D 298 -7.34 -25.07 -33.68
N LEU D 299 -6.10 -25.22 -33.25
CA LEU D 299 -5.81 -26.11 -32.14
C LEU D 299 -5.93 -25.42 -30.78
N LEU D 300 -5.28 -24.27 -30.62
CA LEU D 300 -5.16 -23.64 -29.30
C LEU D 300 -6.48 -23.05 -28.82
N LEU D 301 -7.20 -22.34 -29.69
CA LEU D 301 -8.44 -21.70 -29.25
C LEU D 301 -9.45 -22.70 -28.69
N PRO D 302 -9.73 -23.85 -29.33
CA PRO D 302 -10.54 -24.85 -28.63
C PRO D 302 -9.91 -25.32 -27.32
N LEU D 303 -8.58 -25.43 -27.27
CA LEU D 303 -7.92 -25.94 -26.08
C LEU D 303 -7.93 -24.91 -24.94
N VAL D 304 -7.64 -23.66 -25.25
CA VAL D 304 -7.72 -22.62 -24.23
C VAL D 304 -9.17 -22.40 -23.81
N TYR D 305 -10.11 -22.56 -24.74
CA TYR D 305 -11.52 -22.48 -24.40
C TYR D 305 -11.92 -23.61 -23.44
N ALA D 306 -11.42 -24.82 -23.69
CA ALA D 306 -11.66 -25.93 -22.77
C ALA D 306 -11.01 -25.68 -21.41
N MET D 307 -9.83 -25.07 -21.39
CA MET D 307 -9.18 -24.74 -20.11
C MET D 307 -10.00 -23.73 -19.32
N LYS D 308 -10.45 -22.66 -19.99
CA LYS D 308 -11.29 -21.66 -19.36
C LYS D 308 -12.56 -22.29 -18.81
N ARG D 309 -13.21 -23.13 -19.61
CA ARG D 309 -14.46 -23.73 -19.18
C ARG D 309 -14.28 -24.83 -18.14
N HIS D 310 -13.14 -25.52 -18.12
CA HIS D 310 -12.85 -26.45 -17.04
C HIS D 310 -12.73 -25.71 -15.72
N LYS D 311 -12.01 -24.59 -15.71
CA LYS D 311 -11.89 -23.83 -14.47
C LYS D 311 -13.22 -23.19 -14.08
N TRP D 312 -14.03 -22.79 -15.05
CA TRP D 312 -15.27 -22.06 -14.79
C TRP D 312 -16.46 -22.97 -14.49
N SER D 313 -16.38 -24.26 -14.80
CA SER D 313 -17.49 -25.16 -14.54
C SER D 313 -17.90 -25.13 -13.07
N VAL D 314 -16.94 -24.88 -12.18
CA VAL D 314 -17.24 -24.74 -10.76
C VAL D 314 -18.29 -23.65 -10.55
N LEU D 315 -18.12 -22.50 -11.22
CA LEU D 315 -19.09 -21.42 -11.08
C LEU D 315 -20.36 -21.67 -11.89
N LYS D 316 -20.23 -22.26 -13.07
CA LYS D 316 -21.37 -22.33 -13.98
C LYS D 316 -22.39 -23.40 -13.62
N SER D 317 -21.99 -24.44 -12.90
CA SER D 317 -22.96 -25.43 -12.42
C SER D 317 -23.41 -25.16 -11.00
N ARG D 318 -22.87 -24.11 -10.37
CA ARG D 318 -23.11 -23.79 -8.97
C ARG D 318 -24.60 -23.60 -8.68
N LYS D 319 -25.03 -24.12 -7.53
CA LYS D 319 -26.39 -23.97 -7.04
C LYS D 319 -26.39 -23.12 -5.78
N LEU D 320 -27.43 -22.28 -5.66
CA LEU D 320 -27.58 -21.38 -4.53
C LEU D 320 -28.91 -21.62 -3.86
N ALA D 321 -28.91 -21.59 -2.53
CA ALA D 321 -30.14 -21.68 -1.76
C ALA D 321 -30.17 -20.54 -0.74
N TYR D 322 -31.37 -20.03 -0.52
CA TYR D 322 -31.61 -18.99 0.48
C TYR D 322 -32.47 -19.57 1.59
N ARG D 323 -31.96 -19.57 2.81
CA ARG D 323 -32.63 -20.17 3.96
C ARG D 323 -32.73 -19.15 5.09
N PRO D 324 -33.56 -18.11 4.92
CA PRO D 324 -33.62 -17.01 5.91
C PRO D 324 -34.30 -17.49 7.21
N PRO D 325 -34.03 -16.84 8.36
CA PRO D 325 -34.84 -17.35 9.54
C PRO D 325 -36.34 -17.35 9.47
N SER E 79 -32.54 -28.87 11.16
CA SER E 79 -32.68 -27.88 10.10
C SER E 79 -31.43 -27.83 9.23
N HIS E 80 -30.29 -28.18 9.80
CA HIS E 80 -29.13 -28.46 8.95
C HIS E 80 -29.18 -29.86 8.38
N THR E 81 -29.93 -30.75 9.01
CA THR E 81 -30.28 -32.05 8.43
C THR E 81 -31.33 -31.92 7.33
N ASP E 82 -31.94 -30.75 7.17
CA ASP E 82 -32.86 -30.47 6.08
C ASP E 82 -32.14 -30.03 4.82
N ILE E 83 -30.82 -29.95 4.84
CA ILE E 83 -30.03 -29.48 3.73
C ILE E 83 -29.53 -30.68 2.94
N ARG E 84 -29.90 -30.73 1.66
CA ARG E 84 -29.48 -31.77 0.73
C ARG E 84 -28.76 -31.11 -0.42
N VAL E 85 -27.62 -31.68 -0.82
CA VAL E 85 -26.97 -31.20 -2.03
C VAL E 85 -27.90 -31.44 -3.22
N PRO E 86 -28.09 -30.48 -4.12
CA PRO E 86 -28.91 -30.74 -5.30
C PRO E 86 -28.24 -31.74 -6.23
N ASP E 87 -29.07 -32.41 -7.00
CA ASP E 87 -28.58 -33.36 -8.00
C ASP E 87 -27.76 -32.63 -9.07
N PHE E 88 -26.52 -33.07 -9.25
CA PHE E 88 -25.61 -32.52 -10.25
C PHE E 88 -25.43 -33.44 -11.46
N SER E 89 -26.33 -34.42 -11.64
CA SER E 89 -26.23 -35.42 -12.70
C SER E 89 -26.09 -34.79 -14.09
N ASP E 90 -26.78 -33.67 -14.31
CA ASP E 90 -26.74 -33.02 -15.63
C ASP E 90 -25.34 -32.57 -16.00
N TYR E 91 -24.53 -32.22 -15.01
CA TYR E 91 -23.18 -31.71 -15.25
C TYR E 91 -22.10 -32.77 -15.08
N ARG E 92 -22.43 -33.92 -14.49
CA ARG E 92 -21.44 -34.92 -14.14
C ARG E 92 -20.83 -35.57 -15.38
N ARG E 93 -19.54 -35.91 -15.28
CA ARG E 93 -18.92 -36.78 -16.27
C ARG E 93 -19.50 -38.18 -16.18
N ALA E 94 -19.57 -38.85 -17.33
CA ALA E 94 -20.23 -40.16 -17.39
C ALA E 94 -19.57 -41.17 -16.45
N GLU E 95 -18.28 -40.98 -16.16
CA GLU E 95 -17.57 -41.87 -15.26
C GLU E 95 -18.14 -41.86 -13.84
N VAL E 96 -18.82 -40.79 -13.43
CA VAL E 96 -19.25 -40.64 -12.05
C VAL E 96 -20.76 -40.42 -11.94
N LEU E 97 -21.54 -40.83 -12.95
CA LEU E 97 -22.99 -40.68 -12.88
C LEU E 97 -23.65 -41.66 -11.93
N ASP E 98 -23.03 -42.81 -11.67
CA ASP E 98 -23.59 -43.79 -10.75
C ASP E 98 -23.12 -43.50 -9.33
N SER E 99 -24.08 -43.37 -8.41
CA SER E 99 -23.79 -43.16 -6.99
C SER E 99 -23.22 -44.41 -6.32
N THR E 100 -23.42 -45.58 -6.91
CA THR E 100 -23.03 -46.84 -6.30
C THR E 100 -21.61 -47.25 -6.65
N LYS E 101 -20.87 -46.43 -7.40
CA LYS E 101 -19.54 -46.77 -7.86
C LYS E 101 -18.50 -45.90 -7.19
N SER E 102 -17.34 -46.49 -6.91
CA SER E 102 -16.20 -45.72 -6.46
C SER E 102 -15.77 -44.74 -7.54
N SER E 103 -15.59 -43.48 -7.16
CA SER E 103 -15.10 -42.49 -8.11
C SER E 103 -13.58 -42.47 -8.22
N LYS E 104 -12.88 -43.21 -7.34
CA LYS E 104 -11.45 -43.37 -7.51
C LYS E 104 -11.12 -44.17 -8.76
N GLU E 105 -11.96 -45.14 -9.12
CA GLU E 105 -11.71 -46.01 -10.26
C GLU E 105 -11.71 -45.26 -11.59
N SER E 106 -12.20 -44.03 -11.61
CA SER E 106 -12.09 -43.17 -12.78
C SER E 106 -11.27 -41.92 -12.53
N SER E 107 -10.86 -41.67 -11.28
CA SER E 107 -10.25 -40.39 -10.93
C SER E 107 -9.06 -40.08 -11.83
N ASP E 108 -8.11 -41.03 -11.90
CA ASP E 108 -6.94 -40.84 -12.75
C ASP E 108 -7.35 -40.54 -14.18
N ALA E 109 -8.28 -41.33 -14.73
CA ALA E 109 -8.74 -41.07 -16.09
C ALA E 109 -9.35 -39.68 -16.18
N ARG E 110 -10.18 -39.32 -15.21
CA ARG E 110 -10.76 -37.98 -15.22
C ARG E 110 -9.67 -36.93 -15.08
N LYS E 111 -8.62 -37.23 -14.31
CA LYS E 111 -7.50 -36.31 -14.22
C LYS E 111 -6.66 -36.35 -15.49
N GLY E 112 -6.59 -37.50 -16.15
CA GLY E 112 -5.79 -37.59 -17.36
C GLY E 112 -6.33 -36.68 -18.46
N PHE E 113 -7.57 -36.94 -18.89
CA PHE E 113 -8.21 -36.18 -19.94
C PHE E 113 -8.04 -34.67 -19.72
N SER E 114 -8.52 -34.16 -18.58
CA SER E 114 -8.37 -32.75 -18.29
C SER E 114 -6.92 -32.31 -18.41
N TYR E 115 -6.01 -33.02 -17.74
CA TYR E 115 -4.62 -32.59 -17.76
C TYR E 115 -4.02 -32.75 -19.15
N LEU E 116 -4.51 -33.73 -19.93
CA LEU E 116 -4.06 -33.83 -21.30
C LEU E 116 -4.33 -32.54 -22.06
N ILE E 117 -5.52 -31.97 -21.85
CA ILE E 117 -5.89 -30.72 -22.50
C ILE E 117 -4.90 -29.62 -22.13
N THR E 118 -4.46 -29.59 -20.88
CA THR E 118 -3.47 -28.59 -20.50
C THR E 118 -2.14 -28.85 -21.20
N ALA E 119 -1.70 -30.12 -21.20
CA ALA E 119 -0.40 -30.43 -21.78
C ALA E 119 -0.35 -30.02 -23.24
N THR E 120 -1.31 -30.51 -24.03
CA THR E 120 -1.41 -30.10 -25.42
C THR E 120 -1.44 -28.58 -25.54
N THR E 121 -2.25 -27.91 -24.72
CA THR E 121 -2.31 -26.46 -24.81
C THR E 121 -0.92 -25.88 -24.61
N THR E 122 -0.23 -26.30 -23.55
CA THR E 122 1.11 -25.80 -23.31
C THR E 122 2.00 -26.08 -24.51
N VAL E 123 1.92 -27.31 -25.04
CA VAL E 123 2.76 -27.67 -26.19
C VAL E 123 2.52 -26.67 -27.31
N GLY E 124 1.25 -26.42 -27.65
CA GLY E 124 0.98 -25.46 -28.70
C GLY E 124 1.53 -24.10 -28.36
N VAL E 125 1.27 -23.64 -27.14
CA VAL E 125 1.78 -22.34 -26.74
C VAL E 125 3.29 -22.32 -26.83
N ALA E 126 3.94 -23.40 -26.38
CA ALA E 126 5.39 -23.46 -26.47
C ALA E 126 5.82 -23.20 -27.89
N TYR E 127 5.24 -23.94 -28.84
CA TYR E 127 5.61 -23.76 -30.23
C TYR E 127 5.47 -22.29 -30.60
N ALA E 128 4.30 -21.72 -30.35
CA ALA E 128 4.05 -20.35 -30.73
C ALA E 128 5.05 -19.44 -30.07
N ALA E 129 5.23 -19.58 -28.75
CA ALA E 129 6.14 -18.70 -28.04
C ALA E 129 7.50 -18.75 -28.68
N LYS E 130 8.01 -19.95 -28.93
CA LYS E 130 9.34 -20.08 -29.49
C LYS E 130 9.45 -19.28 -30.77
N ASN E 131 8.51 -19.48 -31.68
CA ASN E 131 8.58 -18.81 -32.98
C ASN E 131 8.67 -17.31 -32.78
N ALA E 132 7.77 -16.75 -31.97
CA ALA E 132 7.80 -15.31 -31.76
C ALA E 132 9.17 -14.88 -31.28
N VAL E 133 9.65 -15.51 -30.21
CA VAL E 133 10.93 -15.10 -29.65
C VAL E 133 12.03 -15.27 -30.68
N SER E 134 12.02 -16.41 -31.38
CA SER E 134 13.07 -16.69 -32.34
C SER E 134 13.16 -15.55 -33.34
N GLN E 135 12.01 -15.08 -33.82
CA GLN E 135 12.03 -14.06 -34.84
C GLN E 135 12.60 -12.76 -34.29
N PHE E 136 12.18 -12.38 -33.08
CA PHE E 136 12.74 -11.19 -32.44
C PHE E 136 14.22 -11.33 -32.18
N VAL E 137 14.72 -12.56 -32.00
CA VAL E 137 16.15 -12.72 -31.82
C VAL E 137 16.87 -12.59 -33.16
N SER E 138 16.25 -13.07 -34.24
CA SER E 138 16.93 -13.04 -35.53
C SER E 138 16.94 -11.65 -36.16
N SER E 139 16.03 -10.77 -35.75
CA SER E 139 16.07 -9.40 -36.27
C SER E 139 17.31 -8.66 -35.77
N MET E 140 17.80 -9.00 -34.57
CA MET E 140 19.08 -8.50 -34.10
C MET E 140 20.26 -9.24 -34.70
N SER E 141 20.02 -10.33 -35.41
CA SER E 141 21.08 -10.99 -36.19
C SER E 141 21.32 -10.19 -37.46
N ALA E 142 22.56 -10.26 -37.95
CA ALA E 142 22.98 -9.60 -39.18
C ALA E 142 21.91 -9.70 -40.26
N SER E 143 21.47 -8.55 -40.77
CA SER E 143 20.42 -8.53 -41.78
C SER E 143 20.98 -8.97 -43.13
N ALA E 144 20.07 -9.17 -44.09
CA ALA E 144 20.45 -9.77 -45.36
C ALA E 144 21.55 -8.97 -46.06
N ASP E 145 21.43 -7.64 -46.05
CA ASP E 145 22.41 -6.79 -46.72
C ASP E 145 23.78 -6.87 -46.05
N VAL E 146 23.81 -6.95 -44.71
CA VAL E 146 25.06 -7.10 -44.00
C VAL E 146 25.72 -8.43 -44.35
N LEU E 147 24.93 -9.51 -44.38
CA LEU E 147 25.42 -10.79 -44.85
C LEU E 147 25.85 -10.72 -46.31
N ALA E 148 25.36 -9.73 -47.06
CA ALA E 148 25.68 -9.66 -48.48
C ALA E 148 26.99 -8.94 -48.74
N MET E 149 27.24 -7.83 -48.04
CA MET E 149 28.36 -6.97 -48.39
C MET E 149 29.64 -7.31 -47.61
N SER E 150 29.57 -7.22 -46.28
CA SER E 150 30.76 -7.42 -45.47
C SER E 150 31.20 -8.87 -45.40
N LYS E 151 30.42 -9.80 -45.96
CA LYS E 151 30.68 -11.22 -45.72
C LYS E 151 31.87 -11.73 -46.51
N ILE E 152 31.90 -11.48 -47.83
CA ILE E 152 32.90 -12.10 -48.69
C ILE E 152 33.30 -11.13 -49.78
N GLU E 153 34.51 -11.34 -50.31
CA GLU E 153 34.97 -10.64 -51.51
C GLU E 153 35.78 -11.57 -52.40
N ILE E 154 35.31 -12.81 -52.60
CA ILE E 154 36.11 -13.84 -53.24
C ILE E 154 36.42 -13.45 -54.69
N LYS E 155 37.52 -14.02 -55.21
CA LYS E 155 37.89 -13.84 -56.60
C LYS E 155 38.85 -14.95 -57.00
N LEU E 156 39.05 -15.07 -58.31
CA LEU E 156 39.94 -16.07 -58.90
C LEU E 156 41.36 -15.52 -58.98
N SER E 157 42.23 -16.26 -59.67
CA SER E 157 43.65 -15.94 -59.78
C SER E 157 43.92 -14.75 -60.69
N ASP E 158 42.86 -13.97 -60.98
CA ASP E 158 42.98 -12.82 -61.88
C ASP E 158 44.20 -11.95 -61.56
N ILE E 159 44.59 -11.90 -60.29
CA ILE E 159 45.78 -11.18 -59.84
C ILE E 159 47.01 -11.86 -60.42
N PRO E 160 47.83 -11.17 -61.21
CA PRO E 160 49.02 -11.79 -61.79
C PRO E 160 50.15 -11.88 -60.78
N GLU E 161 51.23 -12.56 -61.21
CA GLU E 161 52.40 -12.72 -60.36
C GLU E 161 53.06 -11.37 -60.12
N GLY E 162 53.56 -11.17 -58.90
CA GLY E 162 54.18 -9.92 -58.51
C GLY E 162 53.26 -8.72 -58.51
N LYS E 163 51.95 -8.94 -58.56
CA LYS E 163 50.98 -7.86 -58.67
C LYS E 163 50.20 -7.77 -57.37
N ASN E 164 50.22 -6.58 -56.74
CA ASN E 164 49.48 -6.35 -55.51
C ASN E 164 48.17 -5.61 -55.82
N MET E 165 47.18 -6.38 -56.26
CA MET E 165 45.89 -5.79 -56.55
C MET E 165 45.14 -5.48 -55.27
N ALA E 166 44.61 -4.26 -55.17
CA ALA E 166 43.83 -3.88 -54.01
C ALA E 166 42.38 -4.33 -54.18
N PHE E 167 41.73 -4.56 -53.03
CA PHE E 167 40.35 -5.03 -53.00
C PHE E 167 39.69 -4.48 -51.74
N LYS E 168 38.46 -4.90 -51.50
CA LYS E 168 37.71 -4.51 -50.30
C LYS E 168 37.45 -5.74 -49.45
N TRP E 169 37.30 -5.52 -48.14
CA TRP E 169 36.98 -6.64 -47.26
C TRP E 169 36.36 -6.11 -45.97
N ARG E 170 35.06 -6.32 -45.80
CA ARG E 170 34.38 -6.03 -44.55
C ARG E 170 34.60 -4.58 -44.13
N GLY E 171 34.66 -3.69 -45.11
CA GLY E 171 34.98 -2.30 -44.84
C GLY E 171 36.45 -2.03 -44.57
N LYS E 172 37.33 -2.62 -45.37
CA LYS E 172 38.77 -2.46 -45.23
C LYS E 172 39.45 -2.53 -46.60
N PRO E 173 40.42 -1.64 -46.86
CA PRO E 173 41.31 -1.85 -48.00
C PRO E 173 42.11 -3.13 -47.80
N LEU E 174 42.17 -3.94 -48.84
CA LEU E 174 42.80 -5.26 -48.80
C LEU E 174 43.81 -5.38 -49.93
N PHE E 175 44.82 -6.22 -49.71
CA PHE E 175 45.86 -6.48 -50.68
C PHE E 175 45.83 -7.95 -51.06
N VAL E 176 45.93 -8.24 -52.36
CA VAL E 176 45.99 -9.61 -52.86
C VAL E 176 47.15 -9.65 -53.84
N ARG E 177 48.16 -10.47 -53.55
CA ARG E 177 49.39 -10.44 -54.33
C ARG E 177 50.00 -11.84 -54.41
N HIS E 178 50.38 -12.23 -55.62
CA HIS E 178 51.11 -13.47 -55.85
C HIS E 178 52.57 -13.23 -55.48
N ARG E 179 53.02 -13.81 -54.36
CA ARG E 179 54.37 -13.58 -53.87
C ARG E 179 55.38 -14.34 -54.71
N THR E 180 56.65 -14.34 -54.31
CA THR E 180 57.69 -15.04 -55.04
C THR E 180 58.81 -15.45 -54.10
N LYS E 181 59.62 -16.40 -54.57
CA LYS E 181 60.75 -16.87 -53.79
C LYS E 181 61.84 -15.81 -53.69
N LYS E 182 61.92 -14.91 -54.66
CA LYS E 182 62.81 -13.76 -54.50
C LYS E 182 62.33 -12.85 -53.37
N GLU E 183 61.06 -12.95 -53.02
CA GLU E 183 60.60 -12.34 -51.77
C GLU E 183 60.79 -13.31 -50.61
N ILE E 184 60.54 -14.60 -50.83
CA ILE E 184 60.49 -15.56 -49.73
C ILE E 184 61.87 -15.74 -49.10
N ASP E 185 62.92 -15.73 -49.92
CA ASP E 185 64.27 -15.86 -49.35
C ASP E 185 64.53 -14.77 -48.33
N GLN E 186 64.14 -13.53 -48.65
CA GLN E 186 64.24 -12.44 -47.70
C GLN E 186 63.33 -12.68 -46.49
N GLU E 187 62.04 -12.96 -46.75
CA GLU E 187 61.05 -13.03 -45.67
C GLU E 187 61.34 -14.18 -44.70
N ALA E 188 61.81 -15.32 -45.21
CA ALA E 188 62.20 -16.43 -44.36
C ALA E 188 63.55 -16.19 -43.73
N ALA E 189 64.45 -15.49 -44.43
CA ALA E 189 65.68 -15.03 -43.80
C ALA E 189 65.40 -13.91 -42.81
N VAL E 190 64.31 -13.16 -43.02
CA VAL E 190 63.86 -12.15 -42.09
C VAL E 190 63.76 -12.76 -40.71
N GLU E 191 64.35 -12.10 -39.71
CA GLU E 191 64.40 -12.63 -38.37
C GLU E 191 63.17 -12.19 -37.58
N VAL E 192 62.52 -13.15 -36.93
CA VAL E 192 61.36 -12.85 -36.12
C VAL E 192 61.75 -11.97 -34.93
N SER E 193 62.86 -12.32 -34.27
CA SER E 193 63.30 -11.56 -33.11
C SER E 193 63.72 -10.14 -33.48
N GLN E 194 64.31 -9.98 -34.67
CA GLN E 194 64.93 -8.70 -35.02
C GLN E 194 63.92 -7.57 -35.07
N LEU E 195 62.74 -7.82 -35.64
CA LEU E 195 61.77 -6.75 -35.90
C LEU E 195 60.59 -6.83 -34.92
N ARG E 196 60.79 -6.28 -33.72
CA ARG E 196 59.71 -6.18 -32.76
C ARG E 196 58.92 -7.49 -32.63
N ASP E 197 57.71 -7.51 -33.17
CA ASP E 197 56.89 -8.71 -33.13
C ASP E 197 57.59 -9.87 -33.83
N PRO E 198 57.71 -11.03 -33.21
CA PRO E 198 58.26 -12.21 -33.89
C PRO E 198 57.18 -12.98 -34.66
N GLN E 199 56.73 -12.39 -35.77
CA GLN E 199 55.62 -12.93 -36.56
C GLN E 199 56.19 -13.44 -37.88
N HIS E 200 56.35 -14.77 -37.99
CA HIS E 200 57.05 -15.36 -39.11
C HIS E 200 56.25 -15.24 -40.40
N ASP E 201 56.96 -15.35 -41.54
CA ASP E 201 56.30 -15.29 -42.84
C ASP E 201 55.38 -16.47 -43.06
N LEU E 202 55.87 -17.70 -42.85
CA LEU E 202 55.01 -18.87 -42.93
C LEU E 202 53.91 -18.81 -41.88
N GLU E 203 54.12 -18.03 -40.82
CA GLU E 203 53.08 -17.83 -39.82
C GLU E 203 51.95 -16.94 -40.36
N ARG E 204 52.32 -15.83 -41.02
CA ARG E 204 51.34 -14.87 -41.52
C ARG E 204 50.87 -15.20 -42.94
N VAL E 205 51.44 -16.21 -43.57
CA VAL E 205 51.03 -16.59 -44.92
C VAL E 205 50.80 -18.08 -45.00
N LYS E 206 49.53 -18.50 -44.88
CA LYS E 206 49.22 -19.93 -44.89
C LYS E 206 49.64 -20.58 -46.20
N LYS E 207 49.67 -19.83 -47.29
CA LYS E 207 50.29 -20.27 -48.54
C LYS E 207 51.39 -19.28 -48.88
N PRO E 208 52.65 -19.57 -48.55
CA PRO E 208 53.73 -18.58 -48.69
C PRO E 208 53.85 -17.97 -50.08
N GLU E 209 53.03 -18.45 -51.01
CA GLU E 209 52.94 -17.93 -52.36
C GLU E 209 51.89 -16.81 -52.49
N TRP E 210 51.20 -16.45 -51.40
CA TRP E 210 50.15 -15.42 -51.46
C TRP E 210 50.02 -14.74 -50.10
N VAL E 211 50.58 -13.54 -49.98
CA VAL E 211 50.33 -12.74 -48.78
C VAL E 211 49.00 -12.01 -48.96
N ILE E 212 48.21 -11.97 -47.90
CA ILE E 212 46.90 -11.34 -47.90
C ILE E 212 46.80 -10.51 -46.64
N LEU E 213 46.78 -9.18 -46.79
CA LEU E 213 46.79 -8.28 -45.66
C LEU E 213 45.84 -7.11 -45.90
N ILE E 214 45.15 -6.69 -44.84
CA ILE E 214 44.37 -5.47 -44.91
C ILE E 214 45.29 -4.31 -45.21
N GLY E 215 44.99 -3.57 -46.27
CA GLY E 215 45.88 -2.53 -46.74
C GLY E 215 45.79 -1.22 -45.97
N VAL E 216 46.11 -1.24 -44.68
CA VAL E 216 46.09 -0.04 -43.84
C VAL E 216 47.34 -0.03 -42.95
N CYS E 217 48.05 1.09 -42.92
CA CYS E 217 49.14 1.26 -41.97
C CYS E 217 48.62 1.12 -40.54
N THR E 218 49.44 0.47 -39.70
CA THR E 218 48.99 0.09 -38.37
C THR E 218 49.12 1.22 -37.35
N HIS E 219 50.00 2.19 -37.58
CA HIS E 219 50.06 3.37 -36.74
C HIS E 219 49.50 4.57 -37.50
N LEU E 220 48.25 4.90 -37.19
CA LEU E 220 47.64 6.16 -37.57
C LEU E 220 47.38 6.26 -39.06
N GLY E 221 47.84 5.28 -39.83
CA GLY E 221 47.70 5.30 -41.27
C GLY E 221 48.76 6.09 -41.99
N CYS E 222 49.85 6.47 -41.32
CA CYS E 222 50.98 7.12 -41.98
C CYS E 222 51.37 6.38 -43.26
N VAL E 223 51.58 7.16 -44.31
CA VAL E 223 51.62 6.72 -45.71
C VAL E 223 52.54 5.53 -45.94
N PRO E 224 52.00 4.34 -46.19
CA PRO E 224 52.83 3.22 -46.64
C PRO E 224 53.09 3.30 -48.14
N ILE E 225 54.13 2.60 -48.56
CA ILE E 225 54.38 2.37 -49.97
C ILE E 225 53.97 0.93 -50.29
N ALA E 226 53.47 0.73 -51.51
CA ALA E 226 52.97 -0.58 -51.94
C ALA E 226 53.80 -1.06 -53.12
N ASN E 227 54.18 -2.34 -53.08
CA ASN E 227 55.05 -2.99 -54.07
C ASN E 227 56.43 -2.37 -54.13
N ALA E 228 56.74 -1.42 -53.24
CA ALA E 228 57.94 -0.61 -53.32
C ALA E 228 58.27 -0.04 -51.94
N GLY E 229 59.08 1.01 -51.90
CA GLY E 229 59.44 1.62 -50.65
C GLY E 229 60.89 1.38 -50.26
N ASP E 230 61.12 0.46 -49.34
CA ASP E 230 62.46 0.16 -48.85
C ASP E 230 62.96 -1.22 -49.24
N PHE E 231 62.11 -2.25 -49.15
CA PHE E 231 62.52 -3.62 -49.40
C PHE E 231 61.97 -4.19 -50.69
N GLY E 232 61.16 -3.42 -51.43
CA GLY E 232 60.46 -3.93 -52.58
C GLY E 232 59.09 -4.49 -52.29
N GLY E 233 58.74 -4.67 -51.02
CA GLY E 233 57.39 -5.06 -50.65
C GLY E 233 56.59 -3.84 -50.25
N TYR E 234 56.26 -3.72 -48.97
CA TYR E 234 55.67 -2.50 -48.44
C TYR E 234 56.69 -1.78 -47.57
N TYR E 235 56.29 -0.63 -47.02
CA TYR E 235 57.19 0.26 -46.30
C TYR E 235 56.35 1.36 -45.68
N CYS E 236 56.87 1.98 -44.61
CA CYS E 236 56.18 3.07 -43.93
C CYS E 236 57.09 4.31 -43.87
N PRO E 237 57.24 5.01 -44.99
CA PRO E 237 58.11 6.19 -44.99
C PRO E 237 57.61 7.34 -44.12
N CYS E 238 56.34 7.38 -43.72
CA CYS E 238 55.92 8.44 -42.79
C CYS E 238 56.63 8.30 -41.45
N HIS E 239 56.66 7.10 -40.88
CA HIS E 239 57.21 6.97 -39.54
C HIS E 239 57.65 5.54 -39.22
N GLY E 240 58.94 5.25 -39.36
CA GLY E 240 59.45 3.93 -39.03
C GLY E 240 58.73 2.84 -39.80
N SER E 241 58.33 1.79 -39.08
CA SER E 241 57.53 0.67 -39.57
C SER E 241 57.88 0.21 -40.98
N HIS E 242 59.17 0.05 -41.25
CA HIS E 242 59.58 -0.47 -42.54
C HIS E 242 58.93 -1.82 -42.78
N TYR E 243 58.03 -1.88 -43.75
CA TYR E 243 57.25 -3.08 -44.04
C TYR E 243 58.02 -3.94 -45.06
N ASP E 244 57.35 -4.96 -45.60
CA ASP E 244 58.05 -5.90 -46.48
C ASP E 244 57.07 -6.55 -47.44
N ALA E 245 57.59 -7.52 -48.20
CA ALA E 245 56.77 -8.26 -49.15
C ALA E 245 55.66 -9.04 -48.43
N SER E 246 56.00 -9.69 -47.31
CA SER E 246 54.98 -10.28 -46.46
C SER E 246 54.14 -9.24 -45.74
N GLY E 247 54.39 -7.95 -46.00
CA GLY E 247 53.71 -6.89 -45.28
C GLY E 247 54.05 -6.82 -43.82
N ARG E 248 55.07 -7.55 -43.39
CA ARG E 248 55.51 -7.60 -42.00
C ARG E 248 56.36 -6.38 -41.69
N ILE E 249 56.32 -5.94 -40.44
CA ILE E 249 56.96 -4.68 -40.06
C ILE E 249 58.44 -4.92 -39.76
N ARG E 250 59.26 -4.86 -40.82
CA ARG E 250 60.68 -5.20 -40.72
C ARG E 250 61.43 -4.28 -39.77
N LYS E 251 61.03 -3.02 -39.70
CA LYS E 251 61.76 -2.05 -38.89
C LYS E 251 60.77 -0.97 -38.46
N GLY E 252 60.19 -1.14 -37.26
CA GLY E 252 59.21 -0.20 -36.77
C GLY E 252 58.52 -0.61 -35.48
N PRO E 253 58.10 0.39 -34.70
CA PRO E 253 57.55 0.14 -33.37
C PRO E 253 56.03 0.10 -33.29
N ALA E 254 55.35 0.10 -34.44
CA ALA E 254 53.89 0.17 -34.52
C ALA E 254 53.22 -1.00 -33.78
N PRO E 255 51.91 -0.90 -33.43
CA PRO E 255 51.27 -1.96 -32.63
C PRO E 255 51.48 -3.36 -33.17
N LEU E 256 51.55 -3.51 -34.49
CA LEU E 256 52.03 -4.74 -35.12
C LEU E 256 52.29 -4.49 -36.59
N ASN E 257 52.49 -5.56 -37.36
CA ASN E 257 52.57 -5.49 -38.80
C ASN E 257 51.20 -5.22 -39.40
N LEU E 258 51.16 -5.16 -40.74
CA LEU E 258 49.86 -5.07 -41.42
C LEU E 258 49.02 -6.28 -41.06
N GLU E 259 47.78 -6.03 -40.66
CA GLU E 259 46.93 -7.09 -40.12
C GLU E 259 46.78 -8.22 -41.13
N VAL E 260 46.82 -9.45 -40.62
CA VAL E 260 46.57 -10.64 -41.44
C VAL E 260 45.09 -10.97 -41.35
N PRO E 261 44.27 -10.53 -42.31
CA PRO E 261 42.84 -10.83 -42.23
C PRO E 261 42.60 -12.33 -42.19
N THR E 262 41.65 -12.74 -41.37
CA THR E 262 41.40 -14.17 -41.11
C THR E 262 40.56 -14.74 -42.25
N TYR E 263 41.21 -15.51 -43.11
CA TYR E 263 40.56 -16.14 -44.26
C TYR E 263 40.90 -17.61 -44.31
N GLU E 264 40.26 -18.31 -45.25
CA GLU E 264 40.57 -19.69 -45.59
C GLU E 264 40.70 -19.80 -47.11
N PHE E 265 41.76 -20.45 -47.56
CA PHE E 265 41.97 -20.67 -48.99
C PHE E 265 40.94 -21.67 -49.52
N THR E 266 40.16 -21.27 -50.53
CA THR E 266 39.20 -22.22 -51.08
C THR E 266 39.79 -23.00 -52.25
N SER E 267 40.11 -22.33 -53.36
CA SER E 267 40.65 -23.05 -54.50
C SER E 267 42.00 -22.53 -55.01
N ASP E 268 42.04 -21.26 -55.41
CA ASP E 268 43.10 -20.73 -56.26
C ASP E 268 43.25 -19.24 -55.97
N ASP E 269 44.17 -18.89 -55.05
CA ASP E 269 44.34 -17.51 -54.60
C ASP E 269 42.99 -16.92 -54.20
N LEU E 270 42.09 -17.79 -53.75
CA LEU E 270 40.70 -17.41 -53.56
C LEU E 270 40.54 -16.65 -52.26
N VAL E 271 40.84 -17.32 -51.14
CA VAL E 271 40.74 -16.85 -49.76
C VAL E 271 39.35 -16.30 -49.46
N ILE E 272 38.98 -16.21 -48.18
CA ILE E 272 37.66 -15.68 -47.84
C ILE E 272 37.64 -14.17 -47.95
N VAL E 273 38.62 -13.51 -47.34
CA VAL E 273 38.65 -12.05 -47.25
C VAL E 273 38.67 -11.44 -48.65
N GLY E 274 39.57 -11.92 -49.50
CA GLY E 274 39.62 -11.49 -50.88
C GLY E 274 39.10 -12.61 -51.77
N TRP F 13 -52.49 5.51 -22.12
CA TRP F 13 -52.62 5.31 -20.68
C TRP F 13 -51.35 4.70 -20.09
N LEU F 14 -51.03 5.06 -18.85
CA LEU F 14 -49.72 4.78 -18.30
C LEU F 14 -49.62 3.50 -17.49
N GLU F 15 -50.74 2.88 -17.11
CA GLU F 15 -50.62 1.48 -16.67
C GLU F 15 -49.98 0.68 -17.79
N GLY F 16 -50.46 0.89 -19.01
CA GLY F 16 -49.89 0.30 -20.20
C GLY F 16 -48.44 0.64 -20.41
N ILE F 17 -48.10 1.93 -20.55
CA ILE F 17 -46.74 2.32 -20.90
C ILE F 17 -45.78 1.88 -19.80
N ARG F 18 -46.19 2.02 -18.54
CA ARG F 18 -45.33 1.70 -17.41
C ARG F 18 -45.12 0.20 -17.25
N LYS F 19 -46.20 -0.58 -17.32
CA LYS F 19 -46.08 -2.03 -17.28
C LYS F 19 -45.30 -2.55 -18.50
N TRP F 20 -45.48 -1.91 -19.65
CA TRP F 20 -44.72 -2.25 -20.84
C TRP F 20 -43.23 -1.99 -20.62
N TYR F 21 -42.90 -0.84 -20.05
CA TYR F 21 -41.49 -0.52 -19.82
C TYR F 21 -40.90 -1.43 -18.76
N TYR F 22 -41.69 -1.80 -17.75
CA TYR F 22 -41.22 -2.75 -16.74
C TYR F 22 -40.89 -4.09 -17.36
N ASN F 23 -41.76 -4.58 -18.24
CA ASN F 23 -41.46 -5.81 -18.98
C ASN F 23 -40.19 -5.64 -19.81
N ALA F 24 -40.11 -4.54 -20.56
CA ALA F 24 -39.00 -4.32 -21.49
C ALA F 24 -37.67 -4.06 -20.79
N ALA F 25 -37.69 -3.60 -19.54
CA ALA F 25 -36.44 -3.40 -18.80
C ALA F 25 -35.80 -4.72 -18.41
N GLY F 26 -36.61 -5.73 -18.13
CA GLY F 26 -36.12 -7.08 -18.02
C GLY F 26 -35.33 -7.42 -16.77
N PHE F 27 -35.29 -6.53 -15.78
CA PHE F 27 -34.75 -6.97 -14.50
C PHE F 27 -35.74 -7.88 -13.76
N ASN F 28 -37.01 -7.90 -14.20
CA ASN F 28 -37.95 -8.85 -13.62
C ASN F 28 -37.63 -10.28 -14.07
N LYS F 29 -36.98 -10.44 -15.22
CA LYS F 29 -36.54 -11.75 -15.69
C LYS F 29 -35.41 -12.33 -14.87
N LEU F 30 -34.73 -11.51 -14.06
CA LEU F 30 -33.68 -11.97 -13.16
C LEU F 30 -34.18 -12.14 -11.74
N GLY F 31 -35.49 -12.02 -11.52
CA GLY F 31 -36.03 -12.08 -10.18
C GLY F 31 -35.78 -10.82 -9.36
N LEU F 32 -35.34 -9.75 -10.00
CA LEU F 32 -35.01 -8.52 -9.30
C LEU F 32 -36.25 -7.67 -9.09
N MET F 33 -36.20 -6.86 -8.05
CA MET F 33 -37.16 -5.79 -7.87
C MET F 33 -36.54 -4.50 -8.38
N ARG F 34 -37.40 -3.51 -8.60
CA ARG F 34 -36.92 -2.22 -9.10
C ARG F 34 -35.83 -1.66 -8.20
N ASP F 35 -36.10 -1.61 -6.88
CA ASP F 35 -35.16 -1.04 -5.93
C ASP F 35 -33.88 -1.86 -5.81
N ASP F 36 -33.88 -3.11 -6.28
CA ASP F 36 -32.64 -3.89 -6.34
C ASP F 36 -31.65 -3.35 -7.34
N THR F 37 -32.09 -2.50 -8.27
CA THR F 37 -31.28 -2.07 -9.38
C THR F 37 -30.84 -0.62 -9.28
N ILE F 38 -31.26 0.09 -8.23
CA ILE F 38 -30.91 1.49 -8.07
C ILE F 38 -29.39 1.63 -8.02
N TYR F 39 -28.87 2.64 -8.71
CA TYR F 39 -27.44 2.91 -8.57
C TYR F 39 -27.15 3.29 -7.13
N GLU F 40 -26.09 2.70 -6.58
CA GLU F 40 -25.77 2.84 -5.16
C GLU F 40 -24.82 4.02 -5.01
N ASP F 41 -25.38 5.20 -4.78
CA ASP F 41 -24.62 6.34 -4.32
C ASP F 41 -24.70 6.39 -2.80
N ASP F 42 -24.18 7.47 -2.20
CA ASP F 42 -24.08 7.57 -0.76
C ASP F 42 -25.46 7.60 -0.09
N ASP F 43 -26.39 8.37 -0.66
CA ASP F 43 -27.74 8.41 -0.09
C ASP F 43 -28.39 7.02 -0.14
N VAL F 44 -28.22 6.32 -1.27
CA VAL F 44 -28.75 4.97 -1.40
C VAL F 44 -28.05 4.02 -0.43
N LYS F 45 -26.74 4.21 -0.23
CA LYS F 45 -26.01 3.38 0.73
C LYS F 45 -26.57 3.53 2.14
N GLU F 46 -26.84 4.76 2.56
CA GLU F 46 -27.45 4.97 3.88
C GLU F 46 -28.86 4.38 3.93
N ALA F 47 -29.62 4.52 2.85
CA ALA F 47 -30.93 3.90 2.78
C ALA F 47 -30.85 2.39 2.98
N ILE F 48 -29.83 1.75 2.40
CA ILE F 48 -29.66 0.31 2.54
C ILE F 48 -29.18 -0.05 3.94
N ARG F 49 -28.33 0.80 4.52
CA ARG F 49 -27.84 0.57 5.88
C ARG F 49 -28.96 0.65 6.91
N ARG F 50 -29.96 1.49 6.67
CA ARG F 50 -31.10 1.60 7.58
C ARG F 50 -32.13 0.51 7.39
N LEU F 51 -31.99 -0.29 6.35
CA LEU F 51 -32.98 -1.32 6.05
C LEU F 51 -33.06 -2.33 7.18
N PRO F 52 -34.26 -2.81 7.51
CA PRO F 52 -34.36 -3.91 8.47
C PRO F 52 -33.72 -5.17 7.92
N GLU F 53 -33.33 -6.06 8.84
CA GLU F 53 -32.42 -7.14 8.50
C GLU F 53 -33.02 -8.10 7.47
N ASN F 54 -34.30 -8.45 7.62
CA ASN F 54 -34.92 -9.37 6.68
C ASN F 54 -34.96 -8.79 5.27
N LEU F 55 -35.30 -7.51 5.15
CA LEU F 55 -35.30 -6.85 3.86
C LEU F 55 -33.91 -6.81 3.26
N TYR F 56 -32.90 -6.52 4.09
CA TYR F 56 -31.53 -6.50 3.62
C TYR F 56 -31.10 -7.87 3.11
N ASN F 57 -31.45 -8.92 3.84
CA ASN F 57 -31.05 -10.28 3.45
C ASN F 57 -31.75 -10.72 2.17
N ASP F 58 -33.05 -10.41 2.05
CA ASP F 58 -33.77 -10.71 0.81
C ASP F 58 -33.14 -9.99 -0.37
N ARG F 59 -32.84 -8.70 -0.20
CA ARG F 59 -32.23 -7.93 -1.27
C ARG F 59 -30.89 -8.53 -1.68
N VAL F 60 -30.07 -8.90 -0.69
CA VAL F 60 -28.74 -9.41 -1.00
C VAL F 60 -28.84 -10.74 -1.74
N PHE F 61 -29.75 -11.62 -1.32
CA PHE F 61 -29.86 -12.88 -2.04
C PHE F 61 -30.42 -12.68 -3.45
N ARG F 62 -31.40 -11.79 -3.62
CA ARG F 62 -31.92 -11.53 -4.96
C ARG F 62 -30.82 -11.01 -5.88
N ILE F 63 -29.98 -10.11 -5.35
CA ILE F 63 -28.90 -9.56 -6.17
C ILE F 63 -27.87 -10.63 -6.50
N LYS F 64 -27.52 -11.47 -5.52
CA LYS F 64 -26.57 -12.54 -5.79
C LYS F 64 -27.11 -13.52 -6.83
N ARG F 65 -28.40 -13.87 -6.72
CA ARG F 65 -29.01 -14.78 -7.68
C ARG F 65 -29.02 -14.18 -9.09
N ALA F 66 -29.35 -12.89 -9.20
CA ALA F 66 -29.33 -12.25 -10.51
C ALA F 66 -27.93 -12.15 -11.07
N LEU F 67 -26.93 -11.89 -10.22
CA LEU F 67 -25.54 -11.87 -10.68
C LEU F 67 -25.14 -13.24 -11.21
N ASP F 68 -25.54 -14.31 -10.52
CA ASP F 68 -25.25 -15.67 -10.98
C ASP F 68 -25.94 -15.95 -12.32
N LEU F 69 -27.21 -15.54 -12.44
CA LEU F 69 -27.95 -15.72 -13.69
C LEU F 69 -27.24 -15.05 -14.85
N THR F 70 -26.86 -13.78 -14.67
CA THR F 70 -26.20 -13.05 -15.75
C THR F 70 -24.77 -13.51 -15.98
N MET F 71 -24.15 -14.15 -14.97
CA MET F 71 -22.87 -14.81 -15.20
C MET F 71 -23.04 -16.00 -16.13
N ARG F 72 -24.15 -16.73 -16.02
CA ARG F 72 -24.44 -17.81 -16.95
C ARG F 72 -25.19 -17.34 -18.19
N GLN F 73 -25.36 -16.03 -18.35
CA GLN F 73 -26.12 -15.44 -19.46
C GLN F 73 -27.52 -16.04 -19.54
N GLN F 74 -28.17 -16.16 -18.38
CA GLN F 74 -29.45 -16.81 -18.28
C GLN F 74 -30.48 -15.87 -17.65
N ILE F 75 -31.74 -16.21 -17.85
CA ILE F 75 -32.85 -15.58 -17.16
C ILE F 75 -33.67 -16.68 -16.49
N LEU F 76 -34.44 -16.29 -15.48
CA LEU F 76 -35.30 -17.20 -14.75
C LEU F 76 -36.41 -17.74 -15.66
N PRO F 77 -37.16 -18.76 -15.23
CA PRO F 77 -38.36 -19.13 -15.97
C PRO F 77 -39.45 -18.09 -15.76
N LYS F 78 -40.36 -18.01 -16.73
CA LYS F 78 -41.34 -16.94 -16.72
C LYS F 78 -42.24 -16.98 -15.48
N GLU F 79 -42.45 -18.16 -14.91
CA GLU F 79 -43.24 -18.23 -13.68
C GLU F 79 -42.53 -17.57 -12.50
N GLN F 80 -41.21 -17.41 -12.57
CA GLN F 80 -40.44 -16.84 -11.48
C GLN F 80 -40.12 -15.36 -11.66
N TRP F 81 -40.58 -14.75 -12.77
CA TRP F 81 -40.25 -13.37 -13.05
C TRP F 81 -41.06 -12.46 -12.15
N THR F 82 -40.41 -11.41 -11.61
CA THR F 82 -41.11 -10.44 -10.79
C THR F 82 -42.30 -9.88 -11.56
N LYS F 83 -43.51 -10.17 -11.10
CA LYS F 83 -44.70 -9.61 -11.71
C LYS F 83 -44.84 -8.16 -11.28
N TYR F 84 -45.24 -7.30 -12.22
CA TYR F 84 -45.16 -5.86 -12.05
C TYR F 84 -46.00 -5.38 -10.87
N GLU F 85 -47.21 -5.94 -10.70
CA GLU F 85 -48.07 -5.54 -9.59
C GLU F 85 -47.51 -5.94 -8.24
N GLU F 86 -46.54 -6.86 -8.20
CA GLU F 86 -45.98 -7.34 -6.94
C GLU F 86 -44.56 -6.82 -6.69
N ASP F 87 -44.03 -5.97 -7.56
CA ASP F 87 -42.76 -5.31 -7.32
C ASP F 87 -42.91 -4.39 -6.11
N LYS F 88 -42.28 -4.76 -4.99
CA LYS F 88 -42.39 -4.00 -3.75
C LYS F 88 -41.29 -2.93 -3.74
N PHE F 89 -41.69 -1.67 -3.57
CA PHE F 89 -40.73 -0.58 -3.46
C PHE F 89 -40.32 -0.48 -1.99
N TYR F 90 -39.49 -1.45 -1.58
CA TYR F 90 -39.11 -1.63 -0.19
C TYR F 90 -38.12 -0.58 0.29
N LEU F 91 -37.40 0.06 -0.62
CA LEU F 91 -36.32 0.98 -0.27
C LEU F 91 -36.73 2.44 -0.44
N GLU F 92 -37.92 2.71 -0.99
CA GLU F 92 -38.34 4.09 -1.23
C GLU F 92 -38.40 4.93 0.03
N PRO F 93 -39.06 4.51 1.11
CA PRO F 93 -39.15 5.41 2.27
C PRO F 93 -37.82 5.67 2.95
N TYR F 94 -36.93 4.67 2.99
CA TYR F 94 -35.61 4.86 3.57
C TYR F 94 -34.81 5.87 2.77
N LEU F 95 -34.85 5.74 1.44
CA LEU F 95 -34.16 6.70 0.60
C LEU F 95 -34.76 8.09 0.75
N LYS F 96 -36.08 8.19 0.78
CA LYS F 96 -36.72 9.49 0.94
C LYS F 96 -36.27 10.16 2.22
N GLU F 97 -36.19 9.41 3.32
CA GLU F 97 -35.73 9.99 4.56
C GLU F 97 -34.27 10.43 4.48
N VAL F 98 -33.41 9.60 3.88
CA VAL F 98 -32.00 9.97 3.78
C VAL F 98 -31.86 11.25 2.96
N ILE F 99 -32.60 11.33 1.86
CA ILE F 99 -32.55 12.50 0.99
C ILE F 99 -33.07 13.73 1.73
N ARG F 100 -34.15 13.58 2.49
CA ARG F 100 -34.68 14.68 3.28
C ARG F 100 -33.65 15.16 4.31
N GLU F 101 -32.96 14.23 4.97
CA GLU F 101 -31.94 14.62 5.93
C GLU F 101 -30.81 15.40 5.26
N ARG F 102 -30.38 14.93 4.09
CA ARG F 102 -29.33 15.63 3.36
C ARG F 102 -29.79 17.03 2.95
N LYS F 103 -31.02 17.15 2.46
CA LYS F 103 -31.57 18.46 2.10
C LYS F 103 -31.65 19.37 3.31
N GLU F 104 -31.97 18.82 4.47
CA GLU F 104 -32.01 19.62 5.69
C GLU F 104 -30.63 20.15 6.05
N ARG F 105 -29.61 19.28 5.99
CA ARG F 105 -28.27 19.74 6.28
C ARG F 105 -27.80 20.80 5.30
N GLU F 106 -28.15 20.66 4.02
CA GLU F 106 -27.77 21.66 3.03
C GLU F 106 -28.52 22.97 3.20
N GLU F 107 -29.82 22.89 3.51
CA GLU F 107 -30.59 24.09 3.77
C GLU F 107 -30.06 24.83 4.99
N TRP F 108 -29.49 24.10 5.94
CA TRP F 108 -28.81 24.74 7.05
C TRP F 108 -27.49 25.37 6.62
N ALA F 109 -26.71 24.65 5.81
CA ALA F 109 -25.38 25.12 5.41
C ALA F 109 -25.43 26.47 4.72
N LYS F 110 -26.56 26.78 4.07
CA LYS F 110 -26.75 28.08 3.44
C LYS F 110 -26.70 29.20 4.47
N ARG G 3 -9.86 -3.42 0.21
CA ARG G 3 -10.87 -4.39 -0.21
C ARG G 3 -10.24 -5.77 -0.41
N GLU G 4 -10.56 -6.68 0.51
CA GLU G 4 -10.02 -8.03 0.50
C GLU G 4 -11.14 -8.99 0.82
N PHE G 5 -10.95 -10.25 0.42
CA PHE G 5 -11.89 -11.29 0.82
C PHE G 5 -11.87 -11.43 2.34
N GLY G 6 -13.05 -11.61 2.91
CA GLY G 6 -13.22 -11.66 4.34
C GLY G 6 -13.80 -10.41 4.97
N HIS G 7 -13.78 -9.27 4.27
CA HIS G 7 -14.36 -8.04 4.81
C HIS G 7 -15.07 -7.24 3.72
N LEU G 8 -15.80 -7.92 2.82
CA LEU G 8 -16.48 -7.20 1.76
C LEU G 8 -17.92 -6.81 2.13
N THR G 9 -18.72 -7.75 2.64
CA THR G 9 -20.08 -7.45 3.08
C THR G 9 -20.45 -8.31 4.27
N ARG G 10 -21.66 -8.09 4.75
CA ARG G 10 -22.38 -9.05 5.57
C ARG G 10 -23.31 -9.84 4.66
N MET G 11 -23.24 -11.17 4.74
CA MET G 11 -24.18 -12.03 4.03
C MET G 11 -24.61 -13.14 4.97
N ARG G 12 -25.89 -13.51 4.87
CA ARG G 12 -26.48 -14.45 5.80
C ARG G 12 -27.43 -15.38 5.05
N HIS G 13 -27.51 -16.62 5.54
CA HIS G 13 -28.51 -17.61 5.12
C HIS G 13 -28.41 -17.98 3.65
N VAL G 14 -27.22 -17.86 3.06
CA VAL G 14 -27.01 -18.22 1.67
C VAL G 14 -26.07 -19.42 1.63
N ILE G 15 -26.55 -20.49 1.01
CA ILE G 15 -25.79 -21.72 0.84
C ILE G 15 -25.42 -21.84 -0.63
N THR G 16 -24.19 -22.25 -0.90
CA THR G 16 -23.79 -22.52 -2.27
C THR G 16 -23.29 -23.95 -2.37
N TYR G 17 -23.70 -24.62 -3.43
CA TYR G 17 -23.25 -25.97 -3.74
C TYR G 17 -22.45 -25.91 -5.04
N SER G 18 -21.25 -26.48 -5.02
CA SER G 18 -20.41 -26.53 -6.21
C SER G 18 -19.80 -27.91 -6.36
N LEU G 19 -19.42 -28.21 -7.60
CA LEU G 19 -18.77 -29.46 -7.95
C LEU G 19 -17.32 -29.19 -8.31
N SER G 20 -16.49 -30.23 -8.15
CA SER G 20 -15.14 -30.16 -8.65
C SER G 20 -15.15 -30.09 -10.17
N PRO G 21 -14.21 -29.35 -10.78
CA PRO G 21 -14.10 -29.38 -12.23
C PRO G 21 -13.75 -30.75 -12.79
N PHE G 22 -13.14 -31.62 -12.01
CA PHE G 22 -12.82 -32.98 -12.43
C PHE G 22 -14.00 -33.93 -12.25
N GLU G 23 -15.09 -33.49 -11.63
CA GLU G 23 -16.30 -34.30 -11.53
C GLU G 23 -17.31 -33.98 -12.61
N GLN G 24 -17.19 -32.84 -13.28
CA GLN G 24 -18.17 -32.38 -14.23
C GLN G 24 -17.51 -32.09 -15.59
N ARG G 25 -18.35 -31.77 -16.57
CA ARG G 25 -17.91 -31.49 -17.92
C ARG G 25 -17.75 -29.99 -18.16
N ALA G 26 -16.93 -29.65 -19.14
CA ALA G 26 -16.70 -28.25 -19.49
C ALA G 26 -17.64 -27.74 -20.57
N PHE G 27 -18.27 -28.63 -21.34
CA PHE G 27 -19.22 -28.24 -22.38
C PHE G 27 -20.48 -29.09 -22.32
N PRO G 28 -21.23 -29.03 -21.22
CA PRO G 28 -22.47 -29.82 -21.15
C PRO G 28 -23.60 -29.09 -21.87
N HIS G 29 -24.32 -29.82 -22.72
CA HIS G 29 -25.45 -29.28 -23.48
C HIS G 29 -25.06 -28.01 -24.22
N TYR G 30 -23.85 -28.04 -24.78
CA TYR G 30 -23.29 -26.85 -25.39
C TYR G 30 -24.10 -26.39 -26.60
N PHE G 31 -24.74 -27.32 -27.30
CA PHE G 31 -25.57 -27.01 -28.45
C PHE G 31 -27.05 -27.13 -28.16
N THR G 32 -27.47 -28.21 -27.50
CA THR G 32 -28.89 -28.42 -27.23
C THR G 32 -29.45 -27.32 -26.34
N LYS G 33 -28.62 -26.71 -25.50
CA LYS G 33 -29.02 -25.58 -24.69
C LYS G 33 -28.40 -24.27 -25.14
N GLY G 34 -27.19 -24.31 -25.68
CA GLY G 34 -26.51 -23.09 -26.07
C GLY G 34 -27.17 -22.38 -27.24
N ILE G 35 -27.65 -23.14 -28.21
CA ILE G 35 -28.29 -22.57 -29.41
C ILE G 35 -29.60 -21.87 -29.05
N PRO G 36 -30.51 -22.49 -28.29
CA PRO G 36 -31.69 -21.73 -27.83
C PRO G 36 -31.34 -20.53 -26.99
N ASN G 37 -30.27 -20.59 -26.19
CA ASN G 37 -29.90 -19.43 -25.40
C ASN G 37 -29.39 -18.29 -26.29
N VAL G 38 -28.59 -18.61 -27.30
CA VAL G 38 -28.12 -17.56 -28.22
C VAL G 38 -29.30 -16.95 -28.96
N LEU G 39 -30.27 -17.78 -29.39
CA LEU G 39 -31.43 -17.23 -30.07
C LEU G 39 -32.28 -16.37 -29.13
N ARG G 40 -32.43 -16.78 -27.88
CA ARG G 40 -33.15 -15.97 -26.89
C ARG G 40 -32.44 -14.64 -26.66
N ARG G 41 -31.13 -14.68 -26.46
CA ARG G 41 -30.33 -13.47 -26.25
C ARG G 41 -30.30 -12.58 -27.47
N THR G 42 -30.55 -13.13 -28.65
CA THR G 42 -30.63 -12.36 -29.87
C THR G 42 -31.99 -11.69 -30.04
N ARG G 43 -33.08 -12.40 -29.78
CA ARG G 43 -34.40 -11.74 -29.81
C ARG G 43 -34.51 -10.66 -28.74
N ALA G 44 -33.86 -10.85 -27.60
CA ALA G 44 -34.01 -9.90 -26.49
C ALA G 44 -33.47 -8.52 -26.84
N CYS G 45 -32.43 -8.46 -27.68
CA CYS G 45 -31.72 -7.21 -27.93
C CYS G 45 -31.79 -6.71 -29.36
N ILE G 46 -32.37 -7.48 -30.29
CA ILE G 46 -32.14 -7.24 -31.71
C ILE G 46 -32.80 -5.93 -32.15
N LEU G 47 -33.97 -5.60 -31.60
CA LEU G 47 -34.65 -4.36 -31.95
C LEU G 47 -34.06 -3.16 -31.23
N ARG G 48 -33.14 -3.36 -30.30
CA ARG G 48 -32.42 -2.28 -29.66
C ARG G 48 -31.10 -1.98 -30.36
N VAL G 49 -30.50 -2.97 -31.00
CA VAL G 49 -29.19 -2.83 -31.61
C VAL G 49 -29.29 -2.63 -33.12
N ALA G 50 -30.10 -3.44 -33.80
CA ALA G 50 -30.13 -3.48 -35.27
C ALA G 50 -30.60 -2.20 -35.97
N PRO G 51 -31.69 -1.55 -35.55
CA PRO G 51 -32.24 -0.44 -36.36
C PRO G 51 -31.24 0.68 -36.61
N PRO G 52 -30.41 1.08 -35.62
CA PRO G 52 -29.38 2.08 -35.95
C PRO G 52 -28.44 1.66 -37.07
N PHE G 53 -28.05 0.39 -37.11
CA PHE G 53 -27.16 -0.08 -38.17
C PHE G 53 -27.88 -0.24 -39.49
N VAL G 54 -29.18 -0.54 -39.48
CA VAL G 54 -29.96 -0.50 -40.70
C VAL G 54 -30.01 0.92 -41.24
N VAL G 55 -30.20 1.90 -40.35
CA VAL G 55 -30.21 3.29 -40.76
C VAL G 55 -28.86 3.68 -41.35
N PHE G 56 -27.77 3.24 -40.71
CA PHE G 56 -26.46 3.52 -41.29
C PHE G 56 -26.30 2.88 -42.66
N TYR G 57 -26.75 1.64 -42.82
CA TYR G 57 -26.64 1.01 -44.13
C TYR G 57 -27.37 1.81 -45.18
N LEU G 58 -28.59 2.24 -44.86
CA LEU G 58 -29.38 3.00 -45.82
C LEU G 58 -28.74 4.35 -46.13
N VAL G 59 -28.24 5.04 -45.08
CA VAL G 59 -27.62 6.34 -45.26
C VAL G 59 -26.35 6.20 -46.08
N TYR G 60 -25.53 5.20 -45.78
CA TYR G 60 -24.30 4.94 -46.53
C TYR G 60 -24.61 4.63 -47.99
N THR G 61 -25.59 3.75 -48.21
CA THR G 61 -25.98 3.37 -49.56
C THR G 61 -26.44 4.59 -50.35
N TRP G 62 -27.28 5.43 -49.73
CA TRP G 62 -27.80 6.61 -50.39
C TRP G 62 -26.70 7.62 -50.67
N GLY G 63 -25.85 7.88 -49.68
CA GLY G 63 -24.79 8.86 -49.88
C GLY G 63 -23.83 8.44 -50.97
N THR G 64 -23.43 7.16 -50.97
CA THR G 64 -22.52 6.69 -51.99
C THR G 64 -23.14 6.75 -53.38
N GLN G 65 -24.37 6.26 -53.53
CA GLN G 65 -24.97 6.25 -54.86
C GLN G 65 -25.25 7.68 -55.34
N GLU G 66 -25.63 8.56 -54.43
CA GLU G 66 -25.87 9.95 -54.78
C GLU G 66 -24.58 10.65 -55.20
N PHE G 67 -23.53 10.51 -54.39
CA PHE G 67 -22.23 11.09 -54.73
C PHE G 67 -21.77 10.64 -56.09
N GLU G 68 -21.87 9.36 -56.38
CA GLU G 68 -21.54 8.87 -57.70
C GLU G 68 -22.53 9.32 -58.76
N LYS G 69 -23.72 9.78 -58.37
CA LYS G 69 -24.70 10.28 -59.31
C LYS G 69 -24.47 11.76 -59.66
N SER G 70 -23.54 12.41 -58.95
CA SER G 70 -23.13 13.78 -59.22
C SER G 70 -21.96 13.89 -60.17
N LYS G 71 -21.07 12.90 -60.19
CA LYS G 71 -19.95 12.85 -61.11
C LYS G 71 -20.37 12.46 -62.52
N ARG G 72 -21.62 12.02 -62.69
CA ARG G 72 -22.14 11.73 -64.01
C ARG G 72 -22.45 13.02 -64.75
N LYS G 73 -22.20 13.02 -66.05
CA LYS G 73 -22.53 14.15 -66.90
C LYS G 73 -24.03 14.36 -66.96
N ASN G 74 -24.49 15.55 -66.60
CA ASN G 74 -25.88 15.90 -66.88
C ASN G 74 -25.90 16.68 -68.18
N PRO G 75 -26.65 16.22 -69.19
CA PRO G 75 -26.66 16.88 -70.50
C PRO G 75 -26.99 18.36 -70.45
N ALA G 76 -26.00 19.19 -70.76
CA ALA G 76 -26.09 20.64 -70.64
C ALA G 76 -24.78 21.28 -71.10
N LEU H 26 2.05 -13.45 -84.74
CA LEU H 26 1.60 -13.66 -83.36
C LEU H 26 0.29 -12.95 -83.09
N VAL H 27 -0.63 -13.65 -82.45
CA VAL H 27 -1.89 -13.10 -81.99
C VAL H 27 -1.88 -13.12 -80.46
N ASP H 28 -2.46 -12.10 -79.87
CA ASP H 28 -2.63 -11.89 -78.45
C ASP H 28 -3.97 -12.44 -77.99
N PRO H 29 -4.00 -13.17 -76.87
CA PRO H 29 -5.29 -13.52 -76.26
C PRO H 29 -6.21 -12.34 -76.03
N LEU H 30 -5.65 -11.19 -75.61
CA LEU H 30 -6.46 -10.06 -75.17
C LEU H 30 -7.37 -9.55 -76.29
N THR H 31 -6.91 -9.61 -77.54
CA THR H 31 -7.72 -9.14 -78.67
C THR H 31 -9.01 -9.95 -78.80
N THR H 32 -8.87 -11.28 -78.86
CA THR H 32 -10.03 -12.14 -79.06
C THR H 32 -10.92 -12.16 -77.83
N VAL H 33 -10.32 -12.11 -76.64
CA VAL H 33 -11.12 -12.01 -75.43
C VAL H 33 -11.91 -10.71 -75.43
N ARG H 34 -11.30 -9.62 -75.87
CA ARG H 34 -11.99 -8.34 -75.92
C ARG H 34 -13.14 -8.36 -76.90
N GLU H 35 -12.95 -8.96 -78.07
CA GLU H 35 -14.05 -9.05 -79.02
C GLU H 35 -15.21 -9.87 -78.45
N GLN H 36 -14.89 -11.06 -77.93
CA GLN H 36 -15.93 -11.93 -77.37
C GLN H 36 -16.68 -11.22 -76.24
N CYS H 37 -15.97 -10.50 -75.38
CA CYS H 37 -16.63 -9.80 -74.29
C CYS H 37 -17.37 -8.57 -74.78
N GLU H 38 -16.94 -7.98 -75.90
CA GLU H 38 -17.68 -6.89 -76.50
C GLU H 38 -19.02 -7.35 -77.02
N GLN H 39 -19.14 -8.65 -77.33
CA GLN H 39 -20.43 -9.21 -77.74
C GLN H 39 -21.43 -9.33 -76.59
N ILE H 40 -21.14 -8.67 -75.46
CA ILE H 40 -21.97 -8.73 -74.27
C ILE H 40 -22.97 -7.58 -74.32
N GLU H 41 -24.21 -7.85 -73.89
CA GLU H 41 -25.27 -6.87 -74.06
C GLU H 41 -25.03 -5.62 -73.22
N LYS H 42 -24.35 -5.74 -72.08
CA LYS H 42 -23.92 -4.55 -71.38
C LYS H 42 -23.02 -3.72 -72.29
N CYS H 43 -22.05 -4.39 -72.93
CA CYS H 43 -21.20 -3.73 -73.91
C CYS H 43 -22.00 -3.27 -75.11
N ILE H 44 -22.97 -4.07 -75.54
CA ILE H 44 -23.75 -3.72 -76.74
C ILE H 44 -24.56 -2.45 -76.51
N LYS H 45 -25.13 -2.30 -75.31
CA LYS H 45 -25.87 -1.08 -74.99
C LYS H 45 -24.94 0.10 -74.82
N ALA H 46 -23.85 -0.08 -74.07
CA ALA H 46 -22.91 1.01 -73.83
C ALA H 46 -22.25 1.48 -75.11
N ARG H 47 -22.06 0.59 -76.09
CA ARG H 47 -21.38 0.96 -77.32
C ARG H 47 -22.20 1.96 -78.14
N GLU H 48 -23.51 1.76 -78.22
CA GLU H 48 -24.34 2.70 -78.95
C GLU H 48 -24.70 3.93 -78.11
N ARG H 49 -24.71 3.83 -76.78
CA ARG H 49 -24.70 5.06 -76.00
C ARG H 49 -23.48 5.91 -76.34
N LEU H 50 -22.32 5.26 -76.42
CA LEU H 50 -21.08 5.93 -76.78
C LEU H 50 -21.13 6.49 -78.20
N GLU H 51 -21.75 5.78 -79.13
CA GLU H 51 -21.84 6.24 -80.51
C GLU H 51 -22.91 7.31 -80.71
N LEU H 52 -23.86 7.46 -79.78
CA LEU H 52 -24.72 8.63 -79.80
C LEU H 52 -24.05 9.85 -79.22
N CYS H 53 -23.25 9.67 -78.17
CA CYS H 53 -22.36 10.76 -77.76
C CYS H 53 -21.41 11.17 -78.88
N ASP H 54 -20.81 10.18 -79.55
CA ASP H 54 -19.87 10.48 -80.64
C ASP H 54 -20.57 11.19 -81.79
N GLN H 55 -21.85 10.92 -82.02
CA GLN H 55 -22.64 11.59 -83.04
C GLN H 55 -23.06 13.00 -82.65
N ARG H 56 -23.20 13.27 -81.36
CA ARG H 56 -23.51 14.62 -80.89
C ARG H 56 -22.29 15.50 -80.88
N VAL H 57 -21.27 15.11 -80.11
CA VAL H 57 -20.11 15.93 -79.87
C VAL H 57 -19.40 16.30 -81.16
N SER H 58 -19.46 15.43 -82.16
CA SER H 58 -18.91 15.75 -83.48
C SER H 58 -19.84 16.64 -84.29
N SER H 59 -21.16 16.54 -84.08
CA SER H 59 -22.09 17.43 -84.78
C SER H 59 -22.01 18.84 -84.22
N ARG H 60 -22.16 18.97 -82.90
CA ARG H 60 -21.96 20.26 -82.26
C ARG H 60 -20.52 20.70 -82.47
N SER H 61 -20.35 21.95 -82.88
CA SER H 61 -19.05 22.41 -83.34
C SER H 61 -18.09 22.68 -82.19
N GLN H 62 -18.59 23.23 -81.08
CA GLN H 62 -17.75 23.65 -79.98
C GLN H 62 -18.50 23.41 -78.67
N THR H 63 -18.06 22.40 -77.91
CA THR H 63 -18.70 22.04 -76.65
C THR H 63 -17.62 21.70 -75.63
N GLU H 64 -18.07 21.38 -74.41
CA GLU H 64 -17.17 20.91 -73.37
C GLU H 64 -17.12 19.39 -73.30
N GLU H 65 -18.22 18.71 -73.57
CA GLU H 65 -18.21 17.26 -73.76
C GLU H 65 -17.47 16.93 -75.05
N ASP H 66 -16.76 15.80 -75.11
CA ASP H 66 -16.26 14.63 -74.35
C ASP H 66 -17.23 13.46 -74.20
N CYS H 67 -16.73 12.27 -74.56
CA CYS H 67 -17.44 11.00 -74.40
C CYS H 67 -16.69 10.05 -73.47
N THR H 68 -15.94 10.61 -72.51
CA THR H 68 -15.15 9.76 -71.62
C THR H 68 -16.03 8.93 -70.69
N GLU H 69 -17.16 9.50 -70.23
CA GLU H 69 -18.06 8.75 -69.37
C GLU H 69 -18.66 7.54 -70.09
N GLU H 70 -19.08 7.74 -71.35
CA GLU H 70 -19.64 6.65 -72.13
C GLU H 70 -18.61 5.55 -72.37
N LEU H 71 -17.39 5.94 -72.75
CA LEU H 71 -16.33 4.97 -72.92
C LEU H 71 -16.03 4.26 -71.61
N PHE H 72 -16.14 4.97 -70.50
CA PHE H 72 -15.88 4.35 -69.20
C PHE H 72 -16.91 3.28 -68.89
N ASP H 73 -18.17 3.52 -69.22
CA ASP H 73 -19.19 2.48 -69.05
C ASP H 73 -18.88 1.26 -69.92
N PHE H 74 -18.59 1.50 -71.21
CA PHE H 74 -18.27 0.40 -72.10
C PHE H 74 -17.06 -0.38 -71.62
N LEU H 75 -16.01 0.32 -71.20
CA LEU H 75 -14.78 -0.35 -70.77
C LEU H 75 -14.98 -1.07 -69.45
N HIS H 76 -15.78 -0.51 -68.54
CA HIS H 76 -16.07 -1.22 -67.30
C HIS H 76 -16.71 -2.58 -67.59
N ALA H 77 -17.72 -2.59 -68.45
CA ALA H 77 -18.37 -3.86 -68.78
C ALA H 77 -17.40 -4.83 -69.47
N ARG H 78 -16.75 -4.34 -70.54
CA ARG H 78 -15.86 -5.21 -71.30
C ARG H 78 -14.75 -5.77 -70.43
N ASP H 79 -14.17 -4.94 -69.58
CA ASP H 79 -13.02 -5.37 -68.80
C ASP H 79 -13.43 -6.27 -67.64
N HIS H 80 -14.65 -6.14 -67.12
CA HIS H 80 -15.12 -7.15 -66.18
C HIS H 80 -15.18 -8.53 -66.83
N CYS H 81 -15.77 -8.60 -68.02
CA CYS H 81 -15.81 -9.90 -68.71
C CYS H 81 -14.40 -10.39 -69.06
N VAL H 82 -13.55 -9.49 -69.52
CA VAL H 82 -12.20 -9.86 -69.95
C VAL H 82 -11.37 -10.33 -68.77
N ALA H 83 -11.52 -9.68 -67.61
CA ALA H 83 -10.84 -10.14 -66.42
C ALA H 83 -11.36 -11.49 -65.97
N HIS H 84 -12.62 -11.81 -66.28
CA HIS H 84 -13.06 -13.17 -66.04
C HIS H 84 -12.38 -14.19 -66.93
N LYS H 85 -12.13 -13.86 -68.21
CA LYS H 85 -11.73 -14.91 -69.16
C LYS H 85 -10.29 -14.87 -69.66
N LEU H 86 -9.48 -13.86 -69.32
CA LEU H 86 -8.23 -13.67 -70.07
C LEU H 86 -7.09 -14.56 -69.57
N PHE H 87 -6.93 -14.71 -68.26
CA PHE H 87 -5.76 -15.41 -67.74
C PHE H 87 -5.76 -16.90 -68.07
N ASN H 88 -6.86 -17.43 -68.60
CA ASN H 88 -6.90 -18.84 -68.97
C ASN H 88 -6.04 -19.13 -70.20
N SER H 89 -5.87 -18.16 -71.09
CA SER H 89 -5.02 -18.33 -72.26
C SER H 89 -3.62 -17.78 -72.07
N LEU H 90 -3.31 -17.22 -70.91
CA LEU H 90 -1.99 -16.68 -70.65
C LEU H 90 -1.15 -17.62 -69.79
N ALA I 32 -1.26 -34.25 23.93
CA ALA I 32 -0.95 -35.67 23.79
C ALA I 32 -1.45 -36.30 22.50
N ALA I 33 -1.27 -37.62 22.46
CA ALA I 33 -1.66 -38.42 21.32
C ALA I 33 -3.13 -38.35 20.93
N LEU I 34 -4.01 -38.22 21.90
CA LEU I 34 -5.44 -38.19 21.63
C LEU I 34 -6.00 -36.76 21.60
N PRO I 35 -6.97 -36.49 20.71
CA PRO I 35 -7.48 -35.11 20.51
C PRO I 35 -8.30 -34.45 21.62
N ALA I 36 -9.04 -35.22 22.44
CA ALA I 36 -9.94 -34.70 23.51
C ALA I 36 -11.39 -34.65 23.07
N THR I 37 -12.27 -35.11 23.94
CA THR I 37 -13.69 -35.14 23.63
C THR I 37 -14.20 -33.80 23.11
N SER I 38 -13.55 -32.72 23.52
CA SER I 38 -14.01 -31.39 23.11
C SER I 38 -12.89 -30.37 22.95
N GLU I 39 -12.78 -29.79 21.76
CA GLU I 39 -11.82 -28.73 21.53
C GLU I 39 -12.40 -27.39 22.01
N SER I 40 -11.53 -26.41 22.20
CA SER I 40 -11.89 -25.21 22.93
C SER I 40 -11.87 -23.96 22.05
N PRO I 41 -13.01 -23.55 21.48
CA PRO I 41 -13.11 -22.20 20.93
C PRO I 41 -13.56 -21.19 21.96
N VAL I 42 -12.67 -20.26 22.33
CA VAL I 42 -13.15 -19.08 23.03
C VAL I 42 -13.83 -18.17 22.01
N LEU I 43 -14.78 -17.36 22.50
CA LEU I 43 -15.57 -16.48 21.66
C LEU I 43 -16.50 -17.24 20.72
N ASP I 44 -16.95 -18.43 21.13
CA ASP I 44 -17.83 -19.26 20.31
C ASP I 44 -18.92 -19.85 21.20
N ALA I 45 -20.19 -19.56 20.84
CA ALA I 45 -21.31 -20.20 21.51
C ALA I 45 -21.20 -21.71 21.39
N LYS I 46 -21.37 -22.41 22.51
CA LYS I 46 -21.09 -23.84 22.51
C LYS I 46 -22.27 -24.66 22.01
N ARG I 47 -23.36 -24.71 22.77
CA ARG I 47 -24.51 -25.54 22.48
C ARG I 47 -25.70 -25.06 23.31
N SER I 48 -26.89 -25.29 22.80
CA SER I 48 -28.12 -24.93 23.50
C SER I 48 -28.79 -26.16 24.07
N PHE I 49 -29.50 -26.31 24.88
CA PHE I 49 -30.27 -27.33 25.58
C PHE I 49 -31.74 -26.97 25.43
N LEU I 50 -32.69 -27.32 24.76
CA LEU I 50 -34.09 -27.00 24.53
C LEU I 50 -35.04 -28.02 25.14
N CYS I 51 -34.56 -29.22 25.44
CA CYS I 51 -35.39 -30.29 25.97
C CYS I 51 -34.96 -30.65 27.39
N ARG I 52 -35.90 -31.20 28.15
CA ARG I 52 -35.56 -31.74 29.46
C ARG I 52 -34.63 -32.93 29.33
N GLU I 53 -34.74 -33.69 28.25
CA GLU I 53 -33.84 -34.83 28.03
C GLU I 53 -32.39 -34.37 27.88
N SER I 54 -32.18 -33.27 27.16
CA SER I 54 -30.83 -32.72 27.01
C SER I 54 -30.38 -32.05 28.29
N LEU I 55 -31.30 -31.36 28.98
CA LEU I 55 -30.94 -30.70 30.23
C LEU I 55 -30.53 -31.69 31.30
N SER I 56 -30.79 -33.03 31.06
CA SER I 56 -30.66 -33.99 32.15
C SER I 56 -29.21 -34.46 32.30
N GLY I 57 -28.65 -34.22 33.44
CA GLY I 57 -27.23 -34.41 33.63
C GLY I 57 -26.42 -33.14 33.65
N GLN I 58 -27.02 -32.01 33.33
CA GLN I 58 -26.28 -30.75 33.33
C GLN I 58 -26.22 -30.09 34.70
N ALA I 59 -27.09 -30.47 35.63
CA ALA I 59 -26.96 -29.99 36.99
C ALA I 59 -25.70 -30.55 37.63
N ALA I 60 -25.11 -29.77 38.54
CA ALA I 60 -23.84 -30.12 39.15
C ALA I 60 -24.04 -30.82 40.49
N GLY I 61 -23.18 -31.80 40.77
CA GLY I 61 -23.23 -32.54 42.01
C GLY I 61 -21.97 -32.58 42.88
N ARG I 62 -20.81 -32.23 42.34
CA ARG I 62 -19.50 -32.36 42.98
C ARG I 62 -18.74 -31.07 42.72
N PRO I 63 -17.71 -30.73 43.53
CA PRO I 63 -17.03 -29.46 43.27
C PRO I 63 -16.29 -29.51 41.96
N LEU I 64 -16.14 -28.35 41.33
CA LEU I 64 -15.52 -28.32 40.03
C LEU I 64 -14.00 -28.40 40.14
N VAL I 65 -13.41 -29.15 39.22
CA VAL I 65 -11.96 -29.22 39.03
C VAL I 65 -11.65 -28.55 37.70
N ALA I 66 -10.46 -27.99 37.61
CA ALA I 66 -9.97 -27.36 36.39
C ALA I 66 -8.71 -28.07 35.94
N SER I 67 -8.64 -28.38 34.65
CA SER I 67 -7.54 -29.15 34.10
C SER I 67 -6.98 -28.45 32.87
N VAL I 68 -5.67 -28.37 32.81
CA VAL I 68 -4.96 -27.83 31.66
C VAL I 68 -3.93 -28.86 31.22
N GLY I 69 -3.46 -28.71 29.99
CA GLY I 69 -2.48 -29.64 29.50
C GLY I 69 -1.63 -29.14 28.36
N LEU I 70 -0.35 -29.47 28.41
CA LEU I 70 0.56 -29.28 27.29
C LEU I 70 0.09 -30.22 26.18
N ASN I 71 -0.55 -29.64 25.15
CA ASN I 71 -1.11 -30.34 23.99
C ASN I 71 -2.48 -31.00 24.22
N VAL I 72 -3.20 -30.63 25.26
CA VAL I 72 -4.58 -31.13 25.40
C VAL I 72 -5.54 -29.98 25.63
N PRO I 73 -6.78 -30.08 25.16
CA PRO I 73 -7.80 -29.08 25.51
C PRO I 73 -7.98 -28.96 27.01
N ALA I 74 -8.16 -27.73 27.48
CA ALA I 74 -8.46 -27.49 28.88
C ALA I 74 -9.90 -27.90 29.17
N SER I 75 -10.11 -28.45 30.36
CA SER I 75 -11.43 -28.94 30.73
C SER I 75 -11.79 -28.45 32.13
N VAL I 76 -13.09 -28.47 32.40
CA VAL I 76 -13.64 -28.17 33.71
C VAL I 76 -14.67 -29.24 34.02
N ARG I 77 -14.85 -29.52 35.30
CA ARG I 77 -15.73 -30.63 35.68
C ARG I 77 -16.44 -30.30 36.99
N TYR I 78 -17.68 -30.77 37.11
CA TYR I 78 -18.54 -30.34 38.22
C TYR I 78 -19.36 -31.50 38.79
N THR J 5 -7.65 -47.09 -18.27
CA THR J 5 -7.69 -46.60 -19.64
C THR J 5 -6.35 -46.00 -20.05
N LEU J 6 -6.25 -45.60 -21.31
CA LEU J 6 -5.03 -44.97 -21.80
C LEU J 6 -4.77 -43.65 -21.08
N THR J 7 -5.80 -42.83 -20.87
CA THR J 7 -5.59 -41.56 -20.21
C THR J 7 -5.30 -41.72 -18.72
N ALA J 8 -5.84 -42.77 -18.09
CA ALA J 8 -5.46 -43.08 -16.72
C ALA J 8 -3.98 -43.42 -16.64
N ARG J 9 -3.50 -44.23 -17.59
CA ARG J 9 -2.08 -44.58 -17.63
C ARG J 9 -1.21 -43.36 -17.87
N LEU J 10 -1.62 -42.51 -18.82
CA LEU J 10 -0.86 -41.30 -19.10
C LEU J 10 -0.77 -40.41 -17.87
N TYR J 11 -1.90 -40.23 -17.17
CA TYR J 11 -1.86 -39.41 -15.97
C TYR J 11 -0.96 -40.02 -14.90
N SER J 12 -1.10 -41.33 -14.67
CA SER J 12 -0.35 -41.97 -13.59
C SER J 12 1.15 -41.94 -13.86
N LEU J 13 1.55 -42.06 -15.13
CA LEU J 13 2.97 -42.14 -15.48
C LEU J 13 3.61 -40.79 -15.75
N LEU J 14 2.89 -39.85 -16.36
CA LEU J 14 3.49 -38.64 -16.90
C LEU J 14 2.89 -37.34 -16.41
N PHE J 15 1.69 -37.34 -15.83
CA PHE J 15 1.04 -36.08 -15.49
C PHE J 15 0.98 -35.78 -14.00
N ARG J 16 1.06 -36.79 -13.14
CA ARG J 16 0.81 -36.59 -11.72
C ARG J 16 1.84 -35.65 -11.09
N ARG J 17 3.12 -35.88 -11.35
CA ARG J 17 4.17 -34.98 -10.88
C ARG J 17 4.38 -33.84 -11.86
N THR J 18 4.59 -32.64 -11.33
CA THR J 18 4.75 -31.47 -12.18
C THR J 18 6.06 -31.50 -12.96
N SER J 19 7.12 -32.04 -12.37
CA SER J 19 8.38 -32.15 -13.09
C SER J 19 8.25 -33.09 -14.30
N THR J 20 7.58 -34.23 -14.11
CA THR J 20 7.38 -35.15 -15.22
C THR J 20 6.35 -34.62 -16.21
N PHE J 21 5.33 -33.91 -15.74
CA PHE J 21 4.42 -33.19 -16.61
C PHE J 21 5.17 -32.22 -17.50
N ALA J 22 6.08 -31.44 -16.93
CA ALA J 22 6.86 -30.48 -17.68
C ALA J 22 7.80 -31.17 -18.66
N LEU J 23 8.41 -32.29 -18.25
CA LEU J 23 9.29 -33.01 -19.18
C LEU J 23 8.51 -33.55 -20.37
N THR J 24 7.31 -34.09 -20.11
CA THR J 24 6.45 -34.54 -21.20
C THR J 24 6.10 -33.38 -22.12
N ILE J 25 5.83 -32.21 -21.54
CA ILE J 25 5.53 -31.03 -22.36
C ILE J 25 6.73 -30.63 -23.20
N ALA J 26 7.94 -30.70 -22.64
CA ALA J 26 9.13 -30.29 -23.38
C ALA J 26 9.42 -31.25 -24.54
N VAL J 27 9.42 -32.55 -24.27
CA VAL J 27 9.64 -33.53 -25.32
C VAL J 27 8.56 -33.43 -26.39
N GLY J 28 7.31 -33.25 -25.95
CA GLY J 28 6.23 -33.07 -26.89
C GLY J 28 6.34 -31.81 -27.71
N ALA J 29 6.86 -30.73 -27.12
CA ALA J 29 7.07 -29.50 -27.89
C ALA J 29 8.10 -29.71 -28.97
N LEU J 30 9.19 -30.43 -28.67
CA LEU J 30 10.19 -30.73 -29.68
C LEU J 30 9.60 -31.54 -30.83
N PHE J 31 8.95 -32.67 -30.49
CA PHE J 31 8.43 -33.54 -31.54
C PHE J 31 7.25 -32.90 -32.28
N PHE J 32 6.46 -32.09 -31.58
CA PHE J 32 5.37 -31.38 -32.23
C PHE J 32 5.88 -30.35 -33.20
N GLU J 33 6.91 -29.58 -32.82
CA GLU J 33 7.45 -28.62 -33.77
C GLU J 33 7.89 -29.33 -35.04
N ARG J 34 8.62 -30.44 -34.89
CA ARG J 34 9.06 -31.16 -36.08
C ARG J 34 7.87 -31.61 -36.94
N ALA J 35 6.91 -32.33 -36.34
CA ALA J 35 5.84 -32.93 -37.14
C ALA J 35 4.88 -31.87 -37.69
N PHE J 36 4.54 -30.87 -36.89
CA PHE J 36 3.62 -29.83 -37.35
C PHE J 36 4.24 -29.01 -38.47
N ASP J 37 5.53 -28.66 -38.37
CA ASP J 37 6.15 -27.94 -39.46
C ASP J 37 6.20 -28.81 -40.71
N GLN J 38 6.52 -30.10 -40.56
CA GLN J 38 6.55 -30.98 -41.72
C GLN J 38 5.19 -31.04 -42.41
N GLY J 39 4.12 -31.23 -41.63
CA GLY J 39 2.79 -31.31 -42.24
C GLY J 39 2.33 -30.01 -42.85
N ALA J 40 2.50 -28.90 -42.13
CA ALA J 40 2.07 -27.60 -42.65
C ALA J 40 2.85 -27.23 -43.90
N ASP J 41 4.16 -27.49 -43.92
CA ASP J 41 4.94 -27.24 -45.11
C ASP J 41 4.45 -28.09 -46.27
N ALA J 42 4.20 -29.38 -46.05
CA ALA J 42 3.73 -30.21 -47.16
C ALA J 42 2.40 -29.68 -47.71
N ILE J 43 1.50 -29.24 -46.83
CA ILE J 43 0.24 -28.66 -47.28
C ILE J 43 0.48 -27.41 -48.13
N TYR J 44 1.37 -26.52 -47.66
CA TYR J 44 1.61 -25.28 -48.37
C TYR J 44 2.25 -25.51 -49.73
N GLU J 45 3.12 -26.50 -49.85
CA GLU J 45 3.79 -26.80 -51.11
C GLU J 45 2.95 -27.66 -52.04
N HIS J 46 1.90 -28.28 -51.54
CA HIS J 46 0.90 -28.93 -52.38
C HIS J 46 -0.11 -27.94 -52.94
N ILE J 47 -0.55 -26.99 -52.11
CA ILE J 47 -1.41 -25.91 -52.58
C ILE J 47 -0.70 -25.10 -53.66
N ASN J 48 0.61 -24.95 -53.53
CA ASN J 48 1.37 -24.10 -54.39
C ASN J 48 2.37 -24.91 -55.13
N GLN J 49 1.91 -25.98 -55.71
CA GLN J 49 2.78 -26.90 -56.35
C GLN J 49 3.16 -26.47 -57.70
N GLY J 50 4.46 -26.44 -57.95
CA GLY J 50 4.96 -26.00 -59.22
C GLY J 50 5.15 -24.51 -59.30
N LYS J 51 4.78 -23.78 -58.28
CA LYS J 51 4.84 -22.36 -58.37
C LYS J 51 6.03 -21.88 -57.63
N LEU J 52 6.59 -22.69 -56.74
CA LEU J 52 7.67 -22.21 -55.88
C LEU J 52 9.07 -22.44 -56.41
N TRP J 53 10.03 -21.72 -55.90
CA TRP J 53 11.44 -21.90 -56.28
C TRP J 53 11.81 -23.11 -55.46
N LYS J 54 12.20 -24.22 -56.06
CA LYS J 54 12.40 -25.54 -55.35
C LYS J 54 11.77 -26.47 -56.35
N HIS J 55 10.53 -26.17 -56.70
CA HIS J 55 9.82 -26.89 -57.74
C HIS J 55 10.41 -26.65 -59.08
N ILE J 56 10.94 -25.45 -59.30
CA ILE J 56 11.41 -25.08 -60.64
C ILE J 56 12.89 -24.88 -60.72
N LYS J 57 13.58 -24.79 -59.58
CA LYS J 57 15.01 -24.53 -59.56
C LYS J 57 15.83 -25.50 -60.38
N HIS J 58 15.43 -26.76 -60.40
CA HIS J 58 16.18 -27.80 -61.07
C HIS J 58 16.23 -27.68 -62.56
N LYS J 59 15.88 -26.53 -63.09
CA LYS J 59 15.97 -26.30 -64.51
C LYS J 59 17.03 -25.26 -64.76
N TYR J 60 17.50 -24.64 -63.70
CA TYR J 60 18.41 -23.56 -63.83
C TYR J 60 19.69 -23.92 -63.10
N ALA K 36 -41.24 40.64 29.38
CA ALA K 36 -39.93 40.95 29.91
C ALA K 36 -38.84 40.41 29.00
N THR K 37 -37.93 41.27 28.56
CA THR K 37 -36.95 40.89 27.56
C THR K 37 -35.57 40.77 28.18
N TYR K 38 -34.80 39.81 27.66
CA TYR K 38 -33.41 39.62 28.04
C TYR K 38 -32.72 40.96 28.20
N ALA K 39 -33.03 41.90 27.31
CA ALA K 39 -32.50 43.26 27.44
C ALA K 39 -33.00 43.94 28.70
N GLN K 40 -34.30 43.79 29.01
CA GLN K 40 -34.85 44.39 30.23
C GLN K 40 -34.45 43.62 31.48
N ALA K 41 -34.12 42.33 31.36
CA ALA K 41 -33.62 41.59 32.52
C ALA K 41 -32.20 42.00 32.87
N LEU K 42 -31.39 42.34 31.85
CA LEU K 42 -30.02 42.79 32.10
C LEU K 42 -30.01 44.11 32.85
N GLN K 43 -30.89 45.04 32.46
CA GLN K 43 -30.99 46.31 33.16
C GLN K 43 -31.43 46.13 34.61
N SER K 44 -32.33 45.17 34.87
CA SER K 44 -32.80 44.94 36.22
C SER K 44 -31.82 44.15 37.07
N VAL K 45 -30.74 43.64 36.48
CA VAL K 45 -29.70 43.00 37.30
C VAL K 45 -29.14 44.02 38.27
N PRO K 46 -29.10 43.72 39.57
CA PRO K 46 -28.73 44.74 40.56
C PRO K 46 -27.28 45.16 40.43
N GLU K 47 -27.00 46.33 41.03
CA GLU K 47 -25.70 46.97 40.93
C GLU K 47 -24.75 46.48 42.02
N THR K 48 -23.46 46.56 41.71
CA THR K 48 -22.39 46.22 42.63
C THR K 48 -21.87 47.50 43.26
N GLN K 49 -22.25 47.78 44.50
CA GLN K 49 -21.71 48.92 45.20
C GLN K 49 -20.26 48.67 45.55
N VAL K 50 -19.44 49.71 45.45
CA VAL K 50 -18.04 49.63 45.83
C VAL K 50 -17.70 50.84 46.70
N SER K 51 -17.14 50.57 47.88
CA SER K 51 -16.64 51.61 48.76
C SER K 51 -15.27 51.18 49.28
N GLN K 52 -14.45 52.16 49.63
CA GLN K 52 -13.08 51.92 50.01
C GLN K 52 -12.83 52.34 51.45
N LEU K 53 -11.88 51.67 52.09
CA LEU K 53 -11.40 52.09 53.39
C LEU K 53 -10.22 53.03 53.22
N ASP K 54 -9.82 53.66 54.34
CA ASP K 54 -8.65 54.53 54.31
C ASP K 54 -7.39 53.76 54.00
N ASN K 55 -7.28 52.53 54.51
CA ASN K 55 -6.13 51.70 54.21
C ASN K 55 -6.09 51.28 52.75
N GLY K 56 -7.14 51.55 51.98
CA GLY K 56 -7.18 51.15 50.60
C GLY K 56 -7.86 49.84 50.34
N LEU K 57 -8.42 49.20 51.36
CA LEU K 57 -9.23 48.02 51.13
C LEU K 57 -10.49 48.40 50.37
N ARG K 58 -10.78 47.67 49.31
CA ARG K 58 -11.93 47.92 48.47
C ARG K 58 -13.03 46.93 48.84
N VAL K 59 -14.21 47.46 49.15
CA VAL K 59 -15.35 46.70 49.61
C VAL K 59 -16.41 46.75 48.51
N ALA K 60 -16.86 45.58 48.06
CA ALA K 60 -17.79 45.49 46.95
C ALA K 60 -18.82 44.41 47.22
N SER K 61 -20.08 44.67 46.86
CA SER K 61 -21.17 43.75 47.18
C SER K 61 -22.30 43.86 46.18
N GLU K 62 -22.89 42.71 45.81
CA GLU K 62 -24.13 42.67 45.05
C GLU K 62 -25.20 42.07 45.95
N GLN K 63 -26.25 42.87 46.21
CA GLN K 63 -27.32 42.45 47.11
C GLN K 63 -28.43 41.73 46.36
N SER K 64 -29.05 40.78 47.04
CA SER K 64 -30.25 40.09 46.59
C SER K 64 -31.19 40.02 47.78
N SER K 65 -32.24 39.20 47.65
CA SER K 65 -33.09 38.84 48.78
C SER K 65 -32.86 37.40 49.22
N GLN K 66 -31.78 36.78 48.76
CA GLN K 66 -31.49 35.41 49.15
C GLN K 66 -31.13 35.33 50.63
N PRO K 67 -31.58 34.29 51.33
CA PRO K 67 -31.24 34.16 52.76
C PRO K 67 -29.82 33.70 53.02
N THR K 68 -29.02 33.46 51.98
CA THR K 68 -27.61 33.12 52.13
C THR K 68 -26.74 34.15 51.43
N CYS K 69 -25.43 34.04 51.66
CA CYS K 69 -24.47 34.97 51.11
C CYS K 69 -23.14 34.26 50.90
N THR K 70 -22.28 34.88 50.11
CA THR K 70 -20.88 34.47 50.00
C THR K 70 -20.02 35.72 50.10
N VAL K 71 -19.33 35.87 51.22
CA VAL K 71 -18.37 36.95 51.41
C VAL K 71 -16.97 36.35 51.43
N GLY K 72 -16.03 37.09 50.87
CA GLY K 72 -14.67 36.60 50.75
C GLY K 72 -13.69 37.73 50.59
N VAL K 73 -12.41 37.36 50.56
CA VAL K 73 -11.31 38.29 50.35
C VAL K 73 -10.51 37.81 49.15
N TRP K 74 -10.38 38.67 48.14
CA TRP K 74 -9.54 38.41 46.97
C TRP K 74 -8.31 39.31 47.04
N ILE K 75 -7.13 38.69 46.96
CA ILE K 75 -5.87 39.38 47.12
C ILE K 75 -5.10 39.33 45.80
N ASP K 76 -4.44 40.44 45.47
CA ASP K 76 -3.55 40.51 44.30
C ASP K 76 -2.27 39.74 44.56
N ALA K 77 -2.39 38.42 44.70
CA ALA K 77 -1.27 37.58 45.06
C ALA K 77 -1.37 36.28 44.28
N GLY K 78 -0.21 35.64 44.15
CA GLY K 78 -0.10 34.45 43.34
C GLY K 78 1.36 34.13 43.14
N SER K 79 1.60 33.09 42.34
CA SER K 79 2.97 32.63 42.16
C SER K 79 3.75 33.50 41.20
N ARG K 80 3.08 34.30 40.36
CA ARG K 80 3.80 35.21 39.48
C ARG K 80 4.52 36.32 40.25
N TYR K 81 4.09 36.60 41.49
CA TYR K 81 4.84 37.48 42.37
C TYR K 81 5.88 36.73 43.19
N GLU K 82 6.01 35.42 43.00
CA GLU K 82 7.02 34.62 43.68
C GLU K 82 8.21 34.41 42.75
N ASN K 83 9.39 34.39 43.32
CA ASN K 83 10.60 34.09 42.58
C ASN K 83 10.95 32.61 42.75
N GLU K 84 12.16 32.23 42.32
CA GLU K 84 12.53 30.83 42.43
C GLU K 84 12.80 30.42 43.88
N LYS K 85 13.19 31.37 44.74
CA LYS K 85 13.45 31.03 46.14
C LYS K 85 12.17 30.70 46.90
N ASN K 86 11.16 31.54 46.78
CA ASN K 86 9.95 31.36 47.58
C ASN K 86 8.78 30.79 46.81
N ASN K 87 8.98 30.41 45.54
CA ASN K 87 7.91 29.82 44.75
C ASN K 87 7.26 28.67 45.51
N GLY K 88 5.94 28.76 45.67
CA GLY K 88 5.19 27.85 46.51
C GLY K 88 4.74 28.44 47.83
N ALA K 89 5.22 29.63 48.19
CA ALA K 89 4.90 30.21 49.50
C ALA K 89 3.43 30.58 49.62
N GLY K 90 2.81 31.07 48.54
CA GLY K 90 1.41 31.45 48.63
C GLY K 90 0.49 30.26 48.82
N TYR K 91 0.76 29.17 48.10
CA TYR K 91 0.00 27.94 48.28
C TYR K 91 0.19 27.39 49.69
N PHE K 92 1.40 27.52 50.24
CA PHE K 92 1.65 27.11 51.63
C PHE K 92 0.84 27.96 52.60
N VAL K 93 0.79 29.27 52.38
CA VAL K 93 0.02 30.15 53.26
C VAL K 93 -1.46 29.79 53.18
N GLU K 94 -1.96 29.52 51.98
CA GLU K 94 -3.33 29.06 51.84
C GLU K 94 -3.56 27.75 52.59
N HIS K 95 -2.59 26.83 52.50
CA HIS K 95 -2.66 25.59 53.26
C HIS K 95 -2.75 25.82 54.76
N LEU K 96 -2.04 26.84 55.27
CA LEU K 96 -2.02 27.13 56.69
C LEU K 96 -3.12 28.10 57.13
N ALA K 97 -3.91 28.61 56.19
CA ALA K 97 -4.81 29.73 56.50
C ALA K 97 -5.83 29.36 57.56
N PHE K 98 -6.51 28.23 57.39
CA PHE K 98 -7.57 27.82 58.29
C PHE K 98 -7.07 27.00 59.47
N LYS K 99 -5.77 26.71 59.53
CA LYS K 99 -5.22 25.86 60.57
C LYS K 99 -4.98 26.59 61.89
N GLY K 100 -5.35 27.86 61.99
CA GLY K 100 -5.29 28.57 63.24
C GLY K 100 -4.95 30.03 63.06
N THR K 101 -5.32 30.82 64.07
CA THR K 101 -4.90 32.21 64.16
C THR K 101 -4.59 32.53 65.61
N LYS K 102 -3.99 33.70 65.84
CA LYS K 102 -3.55 34.11 67.17
C LYS K 102 -4.70 34.15 68.16
N ASN K 103 -5.94 34.23 67.68
CA ASN K 103 -7.11 34.24 68.56
C ASN K 103 -7.96 32.98 68.48
N ARG K 104 -8.00 32.29 67.35
CA ARG K 104 -8.72 31.03 67.22
C ARG K 104 -7.72 29.91 67.04
N PRO K 105 -7.38 29.17 68.11
CA PRO K 105 -6.06 28.51 68.18
C PRO K 105 -5.64 27.65 66.99
N GLY K 106 -6.27 26.50 66.75
CA GLY K 106 -6.05 25.84 65.47
C GLY K 106 -7.28 25.28 64.80
N SER K 107 -8.18 24.74 65.62
CA SER K 107 -9.41 24.14 65.13
C SER K 107 -10.64 24.80 65.73
N ALA K 108 -10.42 25.82 66.56
CA ALA K 108 -11.52 26.68 66.98
C ALA K 108 -12.13 27.41 65.79
N LEU K 109 -11.30 27.83 64.83
CA LEU K 109 -11.86 28.43 63.63
C LEU K 109 -12.73 27.44 62.88
N GLU K 110 -12.25 26.21 62.74
CA GLU K 110 -13.02 25.19 62.04
C GLU K 110 -14.32 24.87 62.78
N LYS K 111 -14.26 24.76 64.11
CA LYS K 111 -15.48 24.50 64.86
C LYS K 111 -16.46 25.67 64.76
N GLU K 112 -15.95 26.90 64.76
CA GLU K 112 -16.83 28.07 64.66
C GLU K 112 -17.51 28.13 63.31
N VAL K 113 -16.75 27.90 62.23
CA VAL K 113 -17.35 27.91 60.90
C VAL K 113 -18.37 26.79 60.77
N GLU K 114 -18.03 25.60 61.26
CA GLU K 114 -18.90 24.44 61.11
C GLU K 114 -20.17 24.57 61.93
N SER K 115 -20.07 25.09 63.16
CA SER K 115 -21.21 25.09 64.06
C SER K 115 -22.35 26.00 63.60
N MET K 116 -22.11 26.86 62.60
CA MET K 116 -23.17 27.65 62.00
C MET K 116 -23.52 27.20 60.59
N GLY K 117 -22.99 26.05 60.15
CA GLY K 117 -23.37 25.50 58.86
C GLY K 117 -22.74 26.16 57.67
N ALA K 118 -21.67 26.93 57.87
CA ALA K 118 -21.02 27.68 56.81
C ALA K 118 -19.91 26.85 56.16
N HIS K 119 -19.41 27.35 55.04
CA HIS K 119 -18.39 26.65 54.27
C HIS K 119 -17.23 27.58 53.95
N LEU K 120 -16.04 27.19 54.39
CA LEU K 120 -14.84 28.01 54.29
C LEU K 120 -13.92 27.40 53.22
N ASN K 121 -13.84 28.04 52.07
CA ASN K 121 -13.03 27.59 50.95
C ASN K 121 -11.91 28.57 50.68
N ALA K 122 -10.93 28.12 49.90
CA ALA K 122 -9.83 28.97 49.49
C ALA K 122 -9.27 28.46 48.17
N TYR K 123 -8.67 29.37 47.41
CA TYR K 123 -7.98 28.95 46.20
C TYR K 123 -6.91 29.98 45.84
N SER K 124 -5.85 29.46 45.23
CA SER K 124 -4.74 30.26 44.74
C SER K 124 -4.55 29.96 43.26
N THR K 125 -4.32 31.01 42.47
CA THR K 125 -3.89 30.89 41.08
C THR K 125 -2.56 31.62 40.93
N ARG K 126 -2.09 31.70 39.69
CA ARG K 126 -0.81 32.36 39.42
C ARG K 126 -0.87 33.86 39.70
N GLU K 127 -2.07 34.44 39.71
CA GLU K 127 -2.22 35.87 39.92
C GLU K 127 -3.15 36.25 41.06
N HIS K 128 -3.99 35.35 41.55
CA HIS K 128 -4.95 35.69 42.59
C HIS K 128 -4.92 34.68 43.72
N THR K 129 -5.52 35.07 44.83
CA THR K 129 -5.67 34.23 46.01
C THR K 129 -6.96 34.65 46.71
N ALA K 130 -7.84 33.70 46.98
CA ALA K 130 -9.15 34.00 47.53
C ALA K 130 -9.40 33.22 48.81
N TYR K 131 -10.14 33.86 49.73
CA TYR K 131 -10.60 33.24 50.97
C TYR K 131 -12.05 33.65 51.15
N TYR K 132 -12.98 32.70 51.03
CA TYR K 132 -14.39 33.06 51.09
C TYR K 132 -15.18 32.07 51.94
N ILE K 133 -16.28 32.56 52.50
CA ILE K 133 -17.22 31.78 53.30
C ILE K 133 -18.57 31.81 52.63
N LYS K 134 -19.26 30.67 52.66
CA LYS K 134 -20.67 30.56 52.32
C LYS K 134 -21.44 30.46 53.64
N ALA K 135 -22.18 31.50 54.00
CA ALA K 135 -22.92 31.49 55.25
C ALA K 135 -24.35 31.94 55.00
N LEU K 136 -25.19 31.73 56.01
CA LEU K 136 -26.49 32.38 56.03
C LEU K 136 -26.32 33.87 56.22
N SER K 137 -27.27 34.64 55.67
CA SER K 137 -27.16 36.09 55.70
C SER K 137 -26.98 36.63 57.11
N LYS K 138 -27.59 35.96 58.10
CA LYS K 138 -27.47 36.41 59.48
C LYS K 138 -26.07 36.22 60.05
N ASP K 139 -25.22 35.45 59.38
CA ASP K 139 -23.88 35.18 59.88
C ASP K 139 -22.81 36.06 59.23
N LEU K 140 -23.20 37.05 58.44
CA LEU K 140 -22.24 37.95 57.81
C LEU K 140 -21.29 38.61 58.80
N PRO K 141 -21.74 39.16 59.94
CA PRO K 141 -20.78 39.71 60.90
C PRO K 141 -19.71 38.72 61.35
N LYS K 142 -20.08 37.47 61.61
CA LYS K 142 -19.10 36.46 62.00
C LYS K 142 -18.28 36.01 60.80
N ALA K 143 -18.88 35.96 59.61
CA ALA K 143 -18.12 35.56 58.43
C ALA K 143 -17.01 36.56 58.12
N VAL K 144 -17.33 37.85 58.17
CA VAL K 144 -16.31 38.87 57.91
C VAL K 144 -15.28 38.91 59.03
N GLU K 145 -15.71 38.70 60.28
CA GLU K 145 -14.76 38.65 61.38
C GLU K 145 -13.84 37.43 61.26
N LEU K 146 -14.33 36.34 60.68
CA LEU K 146 -13.50 35.17 60.46
C LEU K 146 -12.45 35.42 59.39
N LEU K 147 -12.80 36.14 58.33
CA LEU K 147 -11.87 36.40 57.24
C LEU K 147 -10.85 37.49 57.59
N ALA K 148 -11.27 38.51 58.34
CA ALA K 148 -10.32 39.52 58.79
C ALA K 148 -9.28 38.89 59.69
N ASP K 149 -9.70 37.94 60.53
CA ASP K 149 -8.75 37.20 61.36
C ASP K 149 -7.84 36.31 60.52
N ILE K 150 -8.41 35.62 59.53
CA ILE K 150 -7.65 34.64 58.77
C ILE K 150 -6.63 35.34 57.87
N VAL K 151 -7.06 36.41 57.19
CA VAL K 151 -6.21 37.14 56.26
C VAL K 151 -5.17 38.01 56.95
N GLN K 152 -5.30 38.22 58.26
CA GLN K 152 -4.47 39.15 58.99
C GLN K 152 -3.71 38.54 60.16
N ASN K 153 -4.14 37.40 60.67
CA ASN K 153 -3.56 36.94 61.94
C ASN K 153 -3.28 35.45 61.93
N CYS K 154 -3.02 34.88 60.75
CA CYS K 154 -2.58 33.50 60.66
C CYS K 154 -1.34 33.29 61.53
N SER K 155 -1.43 32.32 62.44
CA SER K 155 -0.31 32.07 63.35
C SER K 155 0.93 31.62 62.60
N LEU K 156 0.74 30.94 61.46
CA LEU K 156 1.86 30.39 60.70
C LEU K 156 2.81 29.66 61.63
N GLU K 157 2.23 28.79 62.47
CA GLU K 157 3.00 28.15 63.53
C GLU K 157 4.08 27.24 62.95
N ASP K 158 5.22 27.21 63.64
CA ASP K 158 6.34 26.39 63.19
C ASP K 158 5.98 24.91 63.19
N SER K 159 5.10 24.48 64.10
CA SER K 159 4.71 23.08 64.16
C SER K 159 3.73 22.70 63.04
N GLN K 160 2.84 23.61 62.64
CA GLN K 160 1.90 23.31 61.57
C GLN K 160 2.53 23.38 60.19
N ILE K 161 3.63 24.13 60.05
CA ILE K 161 4.34 24.18 58.77
C ILE K 161 4.91 22.83 58.41
N GLU K 162 5.47 22.11 59.39
CA GLU K 162 5.98 20.77 59.14
C GLU K 162 4.87 19.81 58.75
N LYS K 163 3.72 19.90 59.43
CA LYS K 163 2.60 19.01 59.10
C LYS K 163 2.07 19.30 57.70
N GLU K 164 2.06 20.57 57.29
CA GLU K 164 1.58 20.90 55.96
C GLU K 164 2.62 20.56 54.89
N ARG K 165 3.90 20.42 55.26
CA ARG K 165 4.88 19.96 54.29
C ARG K 165 4.49 18.61 53.70
N ASP K 166 4.16 17.64 54.56
CA ASP K 166 3.85 16.30 54.11
C ASP K 166 2.58 16.27 53.28
N VAL K 167 1.63 17.13 53.59
CA VAL K 167 0.41 17.22 52.80
C VAL K 167 0.69 17.81 51.42
N ILE K 168 1.45 18.91 51.38
CA ILE K 168 1.75 19.55 50.10
C ILE K 168 2.59 18.64 49.23
N LEU K 169 3.54 17.91 49.84
CA LEU K 169 4.27 16.89 49.11
C LEU K 169 3.35 15.81 48.57
N GLN K 170 2.40 15.34 49.39
CA GLN K 170 1.46 14.33 48.94
C GLN K 170 0.52 14.88 47.89
N GLU K 171 0.11 16.13 48.03
CA GLU K 171 -0.76 16.74 47.02
C GLU K 171 -0.03 16.94 45.71
N LEU K 172 1.29 17.12 45.74
CA LEU K 172 2.07 17.17 44.51
C LEU K 172 1.99 15.85 43.76
N GLN K 173 2.07 14.73 44.48
CA GLN K 173 1.95 13.42 43.85
C GLN K 173 0.53 13.16 43.36
N GLU K 174 -0.47 13.59 44.13
CA GLU K 174 -1.85 13.54 43.64
C GLU K 174 -2.05 14.41 42.40
N ASN K 175 -1.28 15.50 42.27
CA ASN K 175 -1.42 16.37 41.12
C ASN K 175 -0.77 15.77 39.89
N ASP K 176 0.38 15.10 40.05
CA ASP K 176 1.03 14.46 38.91
C ASP K 176 0.13 13.45 38.21
N SER K 177 -0.87 12.92 38.93
CA SER K 177 -1.76 11.92 38.35
C SER K 177 -2.77 12.54 37.38
N SER K 178 -3.02 13.83 37.49
CA SER K 178 -3.94 14.53 36.59
C SER K 178 -3.16 15.03 35.38
N MET K 179 -3.40 14.41 34.22
CA MET K 179 -2.62 14.75 33.03
C MET K 179 -2.95 16.14 32.52
N ARG K 180 -4.18 16.61 32.70
CA ARG K 180 -4.54 17.95 32.25
C ARG K 180 -3.80 19.01 33.07
N ASP K 181 -3.73 18.83 34.39
CA ASP K 181 -3.01 19.78 35.22
C ASP K 181 -1.51 19.78 34.88
N VAL K 182 -0.95 18.59 34.67
CA VAL K 182 0.45 18.51 34.26
C VAL K 182 0.66 19.21 32.93
N VAL K 183 -0.23 18.97 31.96
CA VAL K 183 -0.02 19.51 30.61
C VAL K 183 -0.19 21.03 30.60
N PHE K 184 -1.07 21.57 31.46
CA PHE K 184 -1.22 23.02 31.51
C PHE K 184 -0.09 23.69 32.28
N ASP K 185 0.43 23.04 33.33
CA ASP K 185 1.67 23.51 33.95
C ASP K 185 2.82 23.49 32.95
N TYR K 186 2.88 22.45 32.12
CA TYR K 186 3.90 22.37 31.07
C TYR K 186 3.74 23.49 30.07
N LEU K 187 2.51 23.77 29.67
CA LEU K 187 2.25 24.87 28.73
C LEU K 187 2.69 26.20 29.31
N HIS K 188 2.40 26.44 30.59
CA HIS K 188 2.87 27.67 31.22
C HIS K 188 4.38 27.70 31.34
N ALA K 189 5.00 26.56 31.63
CA ALA K 189 6.44 26.52 31.84
C ALA K 189 7.20 26.78 30.55
N THR K 190 6.69 26.30 29.43
CA THR K 190 7.35 26.56 28.15
C THR K 190 6.93 27.88 27.53
N ALA K 191 5.67 28.29 27.70
CA ALA K 191 5.22 29.56 27.14
C ALA K 191 5.90 30.73 27.81
N PHE K 192 6.01 30.69 29.14
CA PHE K 192 6.56 31.80 29.91
C PHE K 192 7.94 31.49 30.49
N GLN K 193 8.71 30.66 29.78
CA GLN K 193 10.04 30.27 30.25
C GLN K 193 10.92 31.48 30.49
N GLY K 194 11.65 31.47 31.60
CA GLY K 194 12.48 32.57 32.01
C GLY K 194 11.77 33.63 32.80
N THR K 195 10.45 33.62 32.81
CA THR K 195 9.61 34.59 33.48
C THR K 195 8.94 33.96 34.69
N PRO K 196 8.43 34.78 35.62
CA PRO K 196 7.71 34.22 36.78
C PRO K 196 6.44 33.45 36.42
N LEU K 197 5.81 33.73 35.28
CA LEU K 197 4.59 33.03 34.89
C LEU K 197 4.83 31.59 34.48
N ALA K 198 6.07 31.19 34.24
CA ALA K 198 6.35 29.78 33.98
C ALA K 198 6.19 28.94 35.23
N GLN K 199 6.38 29.55 36.40
CA GLN K 199 6.28 28.83 37.66
C GLN K 199 4.88 28.30 37.89
N SER K 200 4.81 27.18 38.60
CA SER K 200 3.55 26.66 39.10
C SER K 200 3.18 27.36 40.41
N VAL K 201 1.90 27.27 40.76
CA VAL K 201 1.45 27.81 42.03
C VAL K 201 2.08 27.07 43.20
N GLU K 202 2.11 25.74 43.12
CA GLU K 202 2.56 24.92 44.25
C GLU K 202 4.05 25.03 44.48
N GLY K 203 4.83 25.24 43.42
CA GLY K 203 6.27 25.27 43.53
C GLY K 203 6.85 23.88 43.37
N PRO K 204 8.11 23.79 42.94
CA PRO K 204 8.74 22.48 42.80
C PRO K 204 8.88 21.80 44.15
N SER K 205 8.95 20.47 44.13
CA SER K 205 9.00 19.73 45.38
C SER K 205 10.41 19.79 45.95
N GLU K 206 10.97 20.99 46.01
CA GLU K 206 12.29 21.24 46.56
C GLU K 206 12.20 22.48 47.43
N ASN K 207 11.22 23.33 47.12
CA ASN K 207 10.98 24.54 47.89
C ASN K 207 9.96 24.30 49.00
N VAL K 208 9.06 23.33 48.79
CA VAL K 208 8.06 23.02 49.79
C VAL K 208 8.73 22.48 51.05
N ARG K 209 9.87 21.82 50.90
CA ARG K 209 10.62 21.28 52.02
C ARG K 209 11.59 22.28 52.62
N LYS K 210 11.75 23.45 52.00
CA LYS K 210 12.69 24.46 52.45
C LYS K 210 12.01 25.73 52.96
N LEU K 211 10.73 25.92 52.68
CA LEU K 211 10.04 27.14 53.06
C LEU K 211 9.94 27.20 54.57
N SER K 212 10.78 28.04 55.17
CA SER K 212 10.76 28.28 56.60
C SER K 212 9.54 29.10 56.98
N ARG K 213 9.37 29.30 58.29
CA ARG K 213 8.36 30.25 58.75
C ARG K 213 8.67 31.65 58.29
N ALA K 214 9.96 32.03 58.32
CA ALA K 214 10.37 33.36 57.91
C ALA K 214 9.99 33.64 56.46
N ASP K 215 10.14 32.65 55.58
CA ASP K 215 9.67 32.82 54.20
C ASP K 215 8.17 33.12 54.19
N LEU K 216 7.39 32.27 54.85
CA LEU K 216 5.94 32.40 54.81
C LEU K 216 5.49 33.69 55.49
N THR K 217 6.14 34.05 56.59
CA THR K 217 5.85 35.33 57.25
C THR K 217 6.12 36.51 56.32
N GLU K 218 7.21 36.43 55.55
CA GLU K 218 7.56 37.49 54.63
C GLU K 218 6.60 37.57 53.44
N TYR K 219 6.10 36.43 52.97
CA TYR K 219 5.15 36.46 51.86
C TYR K 219 3.87 37.20 52.25
N VAL K 220 3.34 36.92 53.44
CA VAL K 220 2.15 37.63 53.90
C VAL K 220 2.47 39.09 54.16
N SER K 221 3.62 39.38 54.76
CA SER K 221 3.98 40.76 55.03
C SER K 221 4.18 41.56 53.75
N GLN K 222 4.50 40.90 52.63
CA GLN K 222 4.69 41.62 51.39
C GLN K 222 3.46 41.68 50.51
N HIS K 223 2.57 40.67 50.58
CA HIS K 223 1.49 40.61 49.61
C HIS K 223 0.09 40.76 50.21
N TYR K 224 -0.11 40.44 51.48
CA TYR K 224 -1.44 40.52 52.09
C TYR K 224 -1.69 41.93 52.62
N LYS K 225 -1.91 42.85 51.68
CA LYS K 225 -2.13 44.25 51.99
C LYS K 225 -3.55 44.67 51.58
N ALA K 226 -4.03 45.74 52.22
CA ALA K 226 -5.33 46.29 51.86
C ALA K 226 -5.41 46.78 50.41
N PRO K 227 -4.47 47.56 49.86
CA PRO K 227 -4.62 48.02 48.48
C PRO K 227 -4.61 46.90 47.46
N ARG K 228 -4.10 45.72 47.81
CA ARG K 228 -4.16 44.55 46.95
C ARG K 228 -5.38 43.69 47.22
N MET K 229 -6.12 43.97 48.30
CA MET K 229 -7.22 43.13 48.77
C MET K 229 -8.56 43.74 48.41
N VAL K 230 -9.50 42.89 47.99
CA VAL K 230 -10.90 43.27 47.76
C VAL K 230 -11.76 42.41 48.66
N LEU K 231 -12.58 43.04 49.50
CA LEU K 231 -13.55 42.34 50.32
C LEU K 231 -14.88 42.29 49.56
N ALA K 232 -15.18 41.15 48.97
CA ALA K 232 -16.38 40.98 48.17
C ALA K 232 -17.44 40.22 48.94
N ALA K 233 -18.70 40.56 48.65
CA ALA K 233 -19.86 39.82 49.13
C ALA K 233 -20.90 39.77 48.03
N ALA K 234 -21.78 38.77 48.11
CA ALA K 234 -22.88 38.61 47.18
C ALA K 234 -23.98 37.82 47.88
N GLY K 235 -25.23 38.22 47.65
CA GLY K 235 -26.35 37.55 48.27
C GLY K 235 -27.18 38.51 49.09
N GLY K 236 -27.80 38.02 50.15
CA GLY K 236 -28.57 38.88 51.03
C GLY K 236 -27.69 39.73 51.92
N VAL K 237 -26.89 40.61 51.32
CA VAL K 237 -25.94 41.42 52.06
C VAL K 237 -26.12 42.89 51.69
N GLU K 238 -26.44 43.72 52.68
CA GLU K 238 -26.48 45.16 52.49
C GLU K 238 -25.07 45.71 52.47
N HIS K 239 -24.78 46.59 51.50
CA HIS K 239 -23.44 47.12 51.35
C HIS K 239 -23.03 48.00 52.53
N ARG K 240 -23.97 48.79 53.05
CA ARG K 240 -23.62 49.66 54.17
C ARG K 240 -23.09 48.87 55.36
N GLN K 241 -23.75 47.76 55.68
N GLN K 241 -23.75 47.76 55.68
CA GLN K 241 -23.34 46.93 56.80
CA GLN K 241 -23.33 46.96 56.82
C GLN K 241 -22.04 46.18 56.55
C GLN K 241 -22.05 46.18 56.56
N LEU K 242 -21.83 45.68 55.33
CA LEU K 242 -20.55 45.06 55.02
C LEU K 242 -19.41 46.06 55.13
N LEU K 243 -19.64 47.28 54.63
CA LEU K 243 -18.71 48.39 54.86
C LEU K 243 -18.40 48.58 56.33
N ASP K 244 -19.44 48.63 57.16
CA ASP K 244 -19.16 48.96 58.54
C ASP K 244 -18.54 47.80 59.28
N LEU K 245 -18.69 46.57 58.78
CA LEU K 245 -17.95 45.44 59.31
C LEU K 245 -16.47 45.49 58.90
N ALA K 246 -16.20 45.83 57.65
CA ALA K 246 -14.82 45.95 57.20
C ALA K 246 -14.09 47.04 57.97
N GLN K 247 -14.73 48.19 58.16
CA GLN K 247 -14.09 49.22 58.97
C GLN K 247 -14.31 48.98 60.45
N LYS K 248 -14.20 47.72 60.88
CA LYS K 248 -13.98 47.45 62.30
C LYS K 248 -13.23 46.14 62.41
N HIS K 249 -13.03 45.47 61.28
CA HIS K 249 -12.32 44.20 61.28
C HIS K 249 -11.07 44.25 60.41
N PHE K 250 -11.17 44.87 59.24
CA PHE K 250 -10.05 45.03 58.33
C PHE K 250 -9.35 46.37 58.45
N SER K 251 -9.80 47.24 59.35
CA SER K 251 -9.25 48.60 59.36
C SER K 251 -7.82 48.68 59.85
N SER K 252 -7.24 47.59 60.36
CA SER K 252 -5.83 47.54 60.73
C SER K 252 -5.01 46.76 59.69
N LEU K 253 -5.59 46.51 58.52
CA LEU K 253 -4.90 45.93 57.37
C LEU K 253 -4.18 47.05 56.64
N SER K 254 -2.89 47.21 56.90
CA SER K 254 -2.14 48.32 56.33
C SER K 254 -1.82 48.07 54.86
N GLY K 255 -1.42 49.16 54.20
CA GLY K 255 -0.89 49.08 52.86
C GLY K 255 0.55 49.54 52.78
N THR K 256 1.24 49.53 53.92
CA THR K 256 2.62 49.99 54.03
C THR K 256 3.60 48.82 53.91
N TYR K 257 4.77 49.09 53.35
CA TYR K 257 5.76 48.07 53.05
C TYR K 257 7.03 48.33 53.85
N VAL K 258 7.40 47.35 54.69
CA VAL K 258 8.51 47.38 55.66
C VAL K 258 9.18 48.75 55.73
N GLU K 259 10.23 48.96 54.92
CA GLU K 259 10.79 50.31 54.82
C GLU K 259 10.25 51.06 53.63
N ASP K 260 10.66 50.66 52.43
CA ASP K 260 10.21 51.21 51.16
C ASP K 260 10.00 50.12 50.12
N ALA K 261 10.26 48.86 50.48
CA ALA K 261 10.37 47.76 49.52
C ALA K 261 8.98 47.24 49.16
N VAL K 262 8.34 47.96 48.24
CA VAL K 262 7.05 47.56 47.69
C VAL K 262 7.32 46.73 46.43
N PRO K 263 6.82 45.49 46.36
CA PRO K 263 7.03 44.70 45.15
C PRO K 263 6.34 45.32 43.93
N ALA K 264 6.94 45.13 42.76
CA ALA K 264 6.46 45.74 41.53
C ALA K 264 6.17 44.69 40.46
N PHE K 265 5.47 45.13 39.43
CA PHE K 265 5.04 44.25 38.35
C PHE K 265 6.20 43.92 37.40
N THR K 266 6.24 42.68 36.94
CA THR K 266 7.22 42.23 35.95
C THR K 266 6.50 41.63 34.75
N PRO K 267 6.56 42.24 33.57
CA PRO K 267 5.95 41.63 32.38
C PRO K 267 6.63 40.30 32.05
N CYS K 268 5.88 39.43 31.37
CA CYS K 268 6.34 38.07 31.10
C CYS K 268 6.38 37.81 29.60
N ARG K 269 7.59 37.65 29.07
CA ARG K 269 7.78 37.29 27.67
C ARG K 269 7.12 35.95 27.35
N PHE K 270 6.49 35.88 26.18
CA PHE K 270 5.94 34.65 25.65
C PHE K 270 6.95 34.03 24.70
N THR K 271 7.00 32.70 24.69
CA THR K 271 7.91 32.02 23.78
C THR K 271 7.17 30.95 23.01
N GLY K 272 7.23 31.03 21.68
CA GLY K 272 6.86 29.91 20.85
C GLY K 272 7.84 28.79 21.09
N SER K 273 7.36 27.65 21.56
CA SER K 273 8.25 26.63 22.07
C SER K 273 7.45 25.35 22.24
N GLU K 274 8.15 24.28 22.58
CA GLU K 274 7.53 22.97 22.73
C GLU K 274 8.11 22.26 23.94
N ILE K 275 7.26 21.53 24.65
CA ILE K 275 7.67 20.66 25.73
C ILE K 275 6.96 19.32 25.53
N ARG K 276 7.73 18.29 25.17
CA ARG K 276 7.20 16.95 24.92
C ARG K 276 7.66 16.02 26.04
N HIS K 277 6.70 15.49 26.79
CA HIS K 277 6.97 14.46 27.79
C HIS K 277 6.40 13.16 27.23
N ARG K 278 7.28 12.33 26.70
CA ARG K 278 6.90 11.07 26.07
C ARG K 278 6.82 9.98 27.13
N ASP K 279 5.64 9.38 27.27
CA ASP K 279 5.41 8.28 28.20
C ASP K 279 4.33 7.39 27.59
N ASP K 280 4.76 6.33 26.92
CA ASP K 280 3.86 5.43 26.21
C ASP K 280 3.11 4.49 27.15
N ALA K 281 3.41 4.51 28.45
CA ALA K 281 2.58 3.78 29.40
C ALA K 281 1.26 4.48 29.68
N LEU K 282 1.18 5.79 29.49
CA LEU K 282 -0.08 6.48 29.64
C LEU K 282 -1.00 6.14 28.47
N PRO K 283 -2.26 5.78 28.74
CA PRO K 283 -3.13 5.30 27.66
C PRO K 283 -3.61 6.37 26.70
N LEU K 284 -3.61 7.63 27.10
CA LEU K 284 -4.07 8.72 26.26
C LEU K 284 -3.05 9.84 26.27
N ALA K 285 -3.00 10.57 25.16
CA ALA K 285 -2.16 11.74 25.01
C ALA K 285 -2.95 13.01 25.29
N HIS K 286 -2.31 13.93 26.01
CA HIS K 286 -2.82 15.26 26.27
C HIS K 286 -1.98 16.26 25.50
N VAL K 287 -2.64 17.15 24.77
CA VAL K 287 -1.95 18.15 23.95
C VAL K 287 -2.60 19.50 24.19
N ALA K 288 -1.83 20.42 24.75
CA ALA K 288 -2.25 21.82 24.89
C ALA K 288 -1.43 22.67 23.94
N ILE K 289 -2.09 23.50 23.15
CA ILE K 289 -1.41 24.39 22.21
C ILE K 289 -2.01 25.78 22.34
N ALA K 290 -1.16 26.79 22.48
CA ALA K 290 -1.65 28.15 22.70
C ALA K 290 -0.74 29.16 22.04
N VAL K 291 -1.34 30.20 21.48
CA VAL K 291 -0.61 31.39 21.09
C VAL K 291 -0.70 32.40 22.22
N GLU K 292 0.10 33.44 22.15
CA GLU K 292 0.00 34.53 23.11
C GLU K 292 -1.33 35.25 22.92
N GLY K 293 -2.10 35.34 23.99
CA GLY K 293 -3.38 36.01 23.98
C GLY K 293 -3.34 37.33 24.72
N PRO K 294 -4.45 38.06 24.66
CA PRO K 294 -4.52 39.36 25.32
C PRO K 294 -4.57 39.23 26.84
N GLY K 295 -4.18 40.32 27.50
CA GLY K 295 -4.42 40.44 28.92
C GLY K 295 -5.88 40.76 29.20
N TRP K 296 -6.18 40.87 30.50
CA TRP K 296 -7.58 41.00 30.95
C TRP K 296 -8.29 42.17 30.31
N ALA K 297 -7.70 43.36 30.42
CA ALA K 297 -8.40 44.60 30.07
C ALA K 297 -8.44 44.87 28.59
N ASN K 298 -8.01 43.91 27.78
CA ASN K 298 -8.00 44.06 26.32
C ASN K 298 -9.37 43.73 25.77
N PRO K 299 -10.04 44.66 25.09
CA PRO K 299 -11.36 44.35 24.51
C PRO K 299 -11.34 43.21 23.50
N ASP K 300 -10.21 42.91 22.87
CA ASP K 300 -10.09 41.77 21.98
C ASP K 300 -10.52 40.47 22.64
N ASN K 301 -10.63 40.45 23.98
CA ASN K 301 -11.08 39.27 24.68
C ASN K 301 -12.51 38.90 24.29
N VAL K 302 -13.37 39.89 24.08
CA VAL K 302 -14.77 39.57 23.76
C VAL K 302 -14.87 38.93 22.38
N PRO K 303 -14.27 39.51 21.31
CA PRO K 303 -14.30 38.81 20.02
C PRO K 303 -13.58 37.48 20.03
N LEU K 304 -12.55 37.32 20.86
CA LEU K 304 -11.84 36.04 20.89
C LEU K 304 -12.67 34.96 21.57
N GLN K 305 -13.27 35.28 22.72
CA GLN K 305 -14.16 34.31 23.38
C GLN K 305 -15.27 33.88 22.44
N VAL K 306 -15.90 34.83 21.76
CA VAL K 306 -16.87 34.51 20.71
C VAL K 306 -16.31 33.47 19.76
N ALA K 307 -15.13 33.75 19.19
CA ALA K 307 -14.56 32.84 18.22
C ALA K 307 -14.29 31.48 18.82
N ASN K 308 -13.91 31.43 20.10
CA ASN K 308 -13.67 30.15 20.73
C ASN K 308 -14.96 29.35 20.83
N ALA K 309 -16.07 30.04 21.11
CA ALA K 309 -17.38 29.40 21.10
C ALA K 309 -17.71 28.78 19.75
N ILE K 310 -17.12 29.28 18.67
CA ILE K 310 -17.34 28.63 17.38
C ILE K 310 -16.68 27.27 17.35
N ILE K 311 -15.45 27.16 17.83
CA ILE K 311 -14.82 25.85 17.88
C ILE K 311 -15.44 25.02 18.99
N GLY K 312 -15.75 25.65 20.11
CA GLY K 312 -16.50 24.98 21.14
C GLY K 312 -15.65 23.96 21.88
N HIS K 313 -16.26 22.81 22.13
CA HIS K 313 -15.69 21.81 23.01
C HIS K 313 -16.43 20.50 22.77
N TYR K 314 -15.72 19.41 22.97
CA TYR K 314 -16.28 18.08 22.76
C TYR K 314 -15.82 17.15 23.86
N ASP K 315 -16.74 16.26 24.23
CA ASP K 315 -16.43 15.09 25.04
C ASP K 315 -17.19 13.94 24.41
N SER K 316 -16.66 12.72 24.59
CA SER K 316 -17.28 11.55 23.98
C SER K 316 -18.62 11.20 24.60
N THR K 317 -18.98 11.82 25.74
CA THR K 317 -20.25 11.58 26.41
C THR K 317 -21.28 12.64 26.09
N TYR K 318 -21.24 13.26 24.91
CA TYR K 318 -21.97 14.52 24.70
C TYR K 318 -23.43 14.31 24.36
N GLY K 319 -23.74 13.55 23.32
CA GLY K 319 -25.09 13.69 22.81
C GLY K 319 -25.17 14.01 21.33
N GLY K 320 -25.48 15.28 21.01
CA GLY K 320 -25.68 15.66 19.62
C GLY K 320 -24.58 15.19 18.69
N GLY K 321 -23.35 15.14 19.17
CA GLY K 321 -22.28 14.39 18.53
C GLY K 321 -21.96 14.77 17.11
N THR K 322 -22.36 13.91 16.16
CA THR K 322 -22.09 14.16 14.75
C THR K 322 -22.88 15.34 14.20
N HIS K 323 -23.95 15.76 14.87
CA HIS K 323 -24.79 16.86 14.42
C HIS K 323 -24.41 18.20 15.03
N MET K 324 -23.33 18.24 15.82
CA MET K 324 -22.92 19.47 16.46
C MET K 324 -22.51 20.51 15.44
N SER K 325 -22.81 21.77 15.74
CA SER K 325 -22.54 22.85 14.80
C SER K 325 -21.05 23.10 14.63
N SER K 326 -20.29 22.98 15.72
CA SER K 326 -18.84 23.07 15.64
C SER K 326 -18.29 21.98 14.72
N THR K 327 -17.46 22.39 13.77
CA THR K 327 -16.91 21.45 12.79
C THR K 327 -15.98 20.45 13.45
N LEU K 328 -15.10 20.92 14.33
CA LEU K 328 -14.18 20.02 15.02
C LEU K 328 -14.94 19.01 15.88
N ALA K 329 -16.01 19.46 16.56
CA ALA K 329 -16.81 18.55 17.36
C ALA K 329 -17.45 17.46 16.50
N SER K 330 -18.00 17.84 15.34
CA SER K 330 -18.65 16.85 14.49
C SER K 330 -17.64 15.89 13.87
N VAL K 331 -16.45 16.37 13.51
CA VAL K 331 -15.44 15.49 12.96
C VAL K 331 -14.90 14.54 14.02
N ALA K 332 -14.69 15.04 15.24
CA ALA K 332 -14.20 14.20 16.32
C ALA K 332 -15.25 13.18 16.74
N ALA K 333 -16.53 13.54 16.69
CA ALA K 333 -17.59 12.60 17.03
C ALA K 333 -17.78 11.55 15.95
N THR K 334 -17.73 11.97 14.68
CA THR K 334 -17.92 11.04 13.58
C THR K 334 -16.77 10.06 13.47
N ARG K 335 -15.53 10.55 13.54
CA ARG K 335 -14.36 9.71 13.30
C ARG K 335 -13.76 9.13 14.57
N LYS K 336 -14.31 9.44 15.74
CA LYS K 336 -13.73 9.02 17.02
C LYS K 336 -12.31 9.53 17.17
N LEU K 337 -12.09 10.78 16.76
CA LEU K 337 -10.75 11.37 16.75
C LEU K 337 -10.21 11.63 18.15
N CYS K 338 -11.05 11.80 19.15
CA CYS K 338 -10.54 12.20 20.45
C CYS K 338 -11.53 11.79 21.53
N GLN K 339 -11.02 11.75 22.77
CA GLN K 339 -11.89 11.65 23.92
C GLN K 339 -12.44 13.01 24.33
N SER K 340 -11.65 14.08 24.21
CA SER K 340 -12.20 15.38 24.53
C SER K 340 -11.34 16.48 23.93
N PHE K 341 -11.92 17.65 23.76
CA PHE K 341 -11.20 18.86 23.38
C PHE K 341 -11.92 20.06 23.93
N GLN K 342 -11.17 21.12 24.24
CA GLN K 342 -11.68 22.37 24.77
C GLN K 342 -10.88 23.53 24.19
N THR K 343 -11.55 24.64 23.96
CA THR K 343 -10.88 25.91 23.66
C THR K 343 -10.75 26.71 24.95
N PHE K 344 -9.65 27.44 25.08
CA PHE K 344 -9.41 28.23 26.28
C PHE K 344 -8.86 29.60 25.93
N ASN K 345 -9.17 30.57 26.78
CA ASN K 345 -8.55 31.90 26.78
C ASN K 345 -8.22 32.23 28.24
N ILE K 346 -6.99 31.93 28.64
CA ILE K 346 -6.49 32.26 29.97
C ILE K 346 -5.86 33.63 29.91
N CYS K 347 -6.26 34.52 30.81
CA CYS K 347 -5.77 35.90 30.80
C CYS K 347 -4.92 36.18 32.04
N TYR K 348 -3.91 37.01 31.85
CA TYR K 348 -3.12 37.60 32.91
C TYR K 348 -3.17 39.10 32.75
N ALA K 349 -2.40 39.82 33.56
CA ALA K 349 -2.48 41.28 33.54
C ALA K 349 -2.10 41.83 32.16
N GLU K 350 -1.07 41.28 31.54
CA GLU K 350 -0.49 41.86 30.34
C GLU K 350 -0.36 40.90 29.16
N THR K 351 -0.61 39.61 29.37
CA THR K 351 -0.48 38.60 28.33
C THR K 351 -1.45 37.47 28.66
N GLY K 352 -1.46 36.44 27.82
CA GLY K 352 -2.35 35.33 28.10
C GLY K 352 -2.03 34.15 27.22
N LEU K 353 -2.81 33.10 27.41
CA LEU K 353 -2.71 31.87 26.63
C LEU K 353 -4.02 31.65 25.92
N LEU K 354 -3.99 31.75 24.59
CA LEU K 354 -5.18 31.57 23.76
C LEU K 354 -5.00 30.30 22.95
N GLY K 355 -5.81 29.27 23.22
CA GLY K 355 -5.57 28.03 22.52
C GLY K 355 -6.54 26.90 22.77
N ALA K 356 -6.02 25.68 22.77
CA ALA K 356 -6.85 24.49 22.72
C ALA K 356 -6.14 23.32 23.37
N HIS K 357 -6.87 22.57 24.19
CA HIS K 357 -6.36 21.37 24.83
C HIS K 357 -7.22 20.19 24.42
N PHE K 358 -6.59 19.11 23.96
CA PHE K 358 -7.34 17.92 23.59
C PHE K 358 -6.67 16.66 24.15
N VAL K 359 -7.52 15.69 24.45
CA VAL K 359 -7.13 14.36 24.90
C VAL K 359 -7.59 13.37 23.83
N CYS K 360 -6.65 12.58 23.32
CA CYS K 360 -6.93 11.62 22.25
C CYS K 360 -5.94 10.46 22.37
N ASP K 361 -6.12 9.46 21.51
CA ASP K 361 -5.22 8.31 21.50
C ASP K 361 -4.02 8.57 20.59
N ASN K 362 -3.01 7.70 20.72
CA ASN K 362 -1.72 7.94 20.09
C ASN K 362 -1.76 7.98 18.57
N MET K 363 -2.78 7.39 17.95
CA MET K 363 -2.86 7.33 16.50
C MET K 363 -3.79 8.39 15.92
N SER K 364 -4.21 9.37 16.73
CA SER K 364 -5.11 10.41 16.26
C SER K 364 -4.66 11.82 16.60
N ILE K 365 -3.47 12.00 17.18
CA ILE K 365 -3.00 13.34 17.51
C ILE K 365 -2.90 14.20 16.27
N ASP K 366 -2.34 13.62 15.20
CA ASP K 366 -2.07 14.35 13.97
C ASP K 366 -3.35 14.93 13.38
N ASP K 367 -4.40 14.11 13.29
CA ASP K 367 -5.68 14.58 12.76
C ASP K 367 -6.29 15.65 13.65
N MET K 368 -6.19 15.48 14.97
CA MET K 368 -6.72 16.48 15.88
C MET K 368 -6.04 17.82 15.67
N MET K 369 -4.72 17.82 15.56
CA MET K 369 -3.99 19.07 15.31
C MET K 369 -4.35 19.65 13.95
N PHE K 370 -4.46 18.80 12.92
CA PHE K 370 -4.80 19.26 11.58
C PHE K 370 -6.14 19.97 11.57
N PHE K 371 -7.16 19.34 12.16
CA PHE K 371 -8.49 19.93 12.13
C PHE K 371 -8.61 21.14 13.04
N LEU K 372 -7.93 21.12 14.20
CA LEU K 372 -7.93 22.30 15.06
C LEU K 372 -7.29 23.51 14.36
N GLN K 373 -6.15 23.29 13.71
CA GLN K 373 -5.49 24.39 13.02
C GLN K 373 -6.27 24.83 11.79
N GLY K 374 -6.92 23.89 11.10
CA GLY K 374 -7.79 24.26 10.01
C GLY K 374 -8.97 25.11 10.44
N GLN K 375 -9.55 24.81 11.61
CA GLN K 375 -10.65 25.64 12.11
C GLN K 375 -10.14 27.02 12.53
N TRP K 376 -8.97 27.07 13.16
CA TRP K 376 -8.36 28.36 13.46
C TRP K 376 -8.17 29.19 12.19
N MET K 377 -7.58 28.59 11.16
CA MET K 377 -7.32 29.30 9.91
C MET K 377 -8.61 29.74 9.24
N ARG K 378 -9.63 28.88 9.28
CA ARG K 378 -10.91 29.21 8.67
C ARG K 378 -11.57 30.37 9.40
N LEU K 379 -11.41 30.46 10.72
CA LEU K 379 -11.92 31.64 11.39
C LEU K 379 -11.11 32.88 11.05
N CYS K 380 -9.78 32.73 10.93
CA CYS K 380 -8.93 33.87 10.60
C CYS K 380 -9.29 34.46 9.24
N THR K 381 -9.56 33.61 8.26
CA THR K 381 -9.73 34.06 6.89
C THR K 381 -11.17 34.20 6.45
N SER K 382 -12.07 33.32 6.89
CA SER K 382 -13.41 33.24 6.33
C SER K 382 -14.49 32.90 7.38
N ALA K 383 -14.50 33.61 8.51
CA ALA K 383 -15.62 33.46 9.43
C ALA K 383 -16.89 34.01 8.79
N THR K 384 -18.00 33.28 8.95
CA THR K 384 -19.29 33.66 8.38
C THR K 384 -20.22 34.18 9.46
N GLU K 385 -21.21 34.97 9.04
CA GLU K 385 -22.03 35.70 10.00
C GLU K 385 -22.84 34.77 10.92
N SER K 386 -23.37 33.68 10.38
CA SER K 386 -24.23 32.81 11.18
C SER K 386 -23.46 32.11 12.30
N GLU K 387 -22.25 31.62 12.01
CA GLU K 387 -21.47 31.00 13.08
C GLU K 387 -21.08 32.01 14.15
N VAL K 388 -20.89 33.27 13.78
CA VAL K 388 -20.64 34.32 14.75
C VAL K 388 -21.90 34.62 15.57
N VAL K 389 -23.08 34.51 14.97
CA VAL K 389 -24.32 34.66 15.73
C VAL K 389 -24.43 33.56 16.77
N ARG K 390 -24.18 32.32 16.36
CA ARG K 390 -24.22 31.21 17.32
C ARG K 390 -23.15 31.39 18.39
N GLY K 391 -21.94 31.80 18.00
CA GLY K 391 -20.88 32.01 18.98
C GLY K 391 -21.20 33.09 19.98
N LYS K 392 -21.80 34.19 19.52
CA LYS K 392 -22.23 35.25 20.42
C LYS K 392 -23.35 34.78 21.33
N ASN K 393 -24.28 33.99 20.79
CA ASN K 393 -25.31 33.35 21.61
C ASN K 393 -24.68 32.52 22.71
N ILE K 394 -23.70 31.68 22.35
CA ILE K 394 -22.98 30.85 23.32
C ILE K 394 -22.33 31.72 24.39
N LEU K 395 -21.68 32.81 23.97
CA LEU K 395 -20.97 33.64 24.94
C LEU K 395 -21.94 34.29 25.91
N ARG K 396 -23.06 34.81 25.41
CA ARG K 396 -24.07 35.38 26.31
C ARG K 396 -24.55 34.33 27.30
N ASN K 397 -24.86 33.13 26.82
CA ASN K 397 -25.38 32.09 27.70
C ASN K 397 -24.34 31.65 28.72
N ALA K 398 -23.08 31.54 28.32
CA ALA K 398 -22.03 31.16 29.24
C ALA K 398 -21.86 32.20 30.34
N LEU K 399 -21.88 33.49 29.95
CA LEU K 399 -21.71 34.56 30.93
C LEU K 399 -22.88 34.59 31.92
N VAL K 400 -24.11 34.47 31.42
CA VAL K 400 -25.26 34.55 32.33
C VAL K 400 -25.36 33.30 33.21
N SER K 401 -25.17 32.11 32.63
CA SER K 401 -25.31 30.89 33.43
C SER K 401 -24.20 30.79 34.47
N HIS K 402 -22.99 31.26 34.13
CA HIS K 402 -21.89 31.25 35.07
C HIS K 402 -22.23 32.00 36.35
N LEU K 403 -23.00 33.07 36.24
CA LEU K 403 -23.25 33.96 37.37
C LEU K 403 -24.44 33.51 38.20
N ASP K 404 -24.72 32.21 38.20
CA ASP K 404 -25.85 31.65 38.93
C ASP K 404 -25.40 31.21 40.32
N GLY K 405 -25.92 31.87 41.34
CA GLY K 405 -25.53 31.60 42.72
C GLY K 405 -24.71 32.75 43.30
N THR K 406 -24.64 32.77 44.64
CA THR K 406 -23.93 33.84 45.33
C THR K 406 -22.42 33.69 45.20
N THR K 407 -21.91 32.45 45.18
CA THR K 407 -20.46 32.27 45.12
C THR K 407 -19.89 32.68 43.76
N PRO K 408 -20.44 32.29 42.62
CA PRO K 408 -19.92 32.82 41.35
C PRO K 408 -19.99 34.34 41.26
N VAL K 409 -21.03 34.94 41.82
CA VAL K 409 -21.14 36.40 41.81
C VAL K 409 -20.08 37.04 42.72
N CYS K 410 -19.83 36.42 43.89
CA CYS K 410 -18.82 36.94 44.80
C CYS K 410 -17.43 36.84 44.18
N GLU K 411 -17.13 35.73 43.53
CA GLU K 411 -15.87 35.61 42.80
C GLU K 411 -15.80 36.58 41.63
N ASP K 412 -16.93 36.77 40.93
CA ASP K 412 -16.97 37.72 39.84
C ASP K 412 -16.60 39.11 40.33
N ILE K 413 -17.16 39.51 41.47
CA ILE K 413 -16.89 40.83 42.04
C ILE K 413 -15.42 40.95 42.44
N GLY K 414 -14.92 39.98 43.22
CA GLY K 414 -13.54 40.08 43.70
C GLY K 414 -12.52 40.05 42.58
N ARG K 415 -12.66 39.08 41.68
CA ARG K 415 -11.76 38.97 40.54
C ARG K 415 -11.89 40.17 39.61
N SER K 416 -13.11 40.68 39.39
CA SER K 416 -13.29 41.81 38.51
C SER K 416 -12.63 43.06 39.06
N LEU K 417 -12.73 43.29 40.37
CA LEU K 417 -12.04 44.43 40.94
C LEU K 417 -10.53 44.24 40.93
N LEU K 418 -10.05 43.00 40.96
CA LEU K 418 -8.61 42.81 40.81
C LEU K 418 -8.14 43.00 39.38
N THR K 419 -8.94 42.63 38.38
CA THR K 419 -8.49 42.64 36.99
C THR K 419 -8.94 43.88 36.21
N TYR K 420 -10.18 44.34 36.40
CA TYR K 420 -10.67 45.50 35.70
C TYR K 420 -10.70 46.77 36.56
N GLY K 421 -10.44 46.66 37.86
CA GLY K 421 -10.66 47.79 38.74
C GLY K 421 -12.11 48.19 38.86
N ARG K 422 -13.02 47.32 38.44
CA ARG K 422 -14.45 47.60 38.47
C ARG K 422 -15.16 46.30 38.14
N ARG K 423 -16.47 46.30 38.35
CA ARG K 423 -17.33 45.20 37.92
C ARG K 423 -17.97 45.59 36.60
N ILE K 424 -17.73 44.80 35.56
CA ILE K 424 -18.34 45.07 34.27
C ILE K 424 -19.75 44.48 34.29
N PRO K 425 -20.79 45.29 34.17
CA PRO K 425 -22.16 44.76 34.26
C PRO K 425 -22.49 43.89 33.06
N LEU K 426 -23.46 43.00 33.26
CA LEU K 426 -23.88 42.11 32.19
C LEU K 426 -24.45 42.88 31.00
N ALA K 427 -25.02 44.06 31.25
CA ALA K 427 -25.45 44.93 30.16
C ALA K 427 -24.26 45.37 29.32
N GLU K 428 -23.15 45.72 29.97
CA GLU K 428 -21.95 46.09 29.22
C GLU K 428 -21.37 44.90 28.46
N TRP K 429 -21.40 43.71 29.06
CA TRP K 429 -20.97 42.52 28.33
C TRP K 429 -21.83 42.32 27.09
N GLU K 430 -23.14 42.48 27.23
CA GLU K 430 -24.03 42.33 26.10
C GLU K 430 -23.78 43.39 25.03
N SER K 431 -23.50 44.63 25.45
CA SER K 431 -23.21 45.69 24.51
C SER K 431 -21.91 45.41 23.76
N ARG K 432 -20.92 44.85 24.44
CA ARG K 432 -19.67 44.50 23.78
C ARG K 432 -19.83 43.31 22.84
N ILE K 433 -20.66 42.34 23.23
CA ILE K 433 -20.91 41.20 22.36
C ILE K 433 -21.69 41.62 21.12
N ALA K 434 -22.66 42.52 21.28
CA ALA K 434 -23.49 42.94 20.16
C ALA K 434 -22.66 43.57 19.04
N GLU K 435 -21.45 44.04 19.36
CA GLU K 435 -20.58 44.66 18.37
C GLU K 435 -19.73 43.66 17.58
N VAL K 436 -19.71 42.39 17.95
CA VAL K 436 -18.90 41.42 17.21
C VAL K 436 -19.66 40.97 15.97
N ASP K 437 -18.95 40.89 14.86
CA ASP K 437 -19.47 40.29 13.64
C ASP K 437 -18.38 39.45 13.00
N ALA K 438 -18.70 38.86 11.86
CA ALA K 438 -17.76 37.95 11.20
C ALA K 438 -16.49 38.66 10.79
N SER K 439 -16.62 39.94 10.40
CA SER K 439 -15.44 40.73 10.08
C SER K 439 -14.56 40.95 11.31
N VAL K 440 -15.19 41.31 12.44
CA VAL K 440 -14.44 41.47 13.69
C VAL K 440 -13.73 40.18 14.06
N VAL K 441 -14.43 39.06 13.93
CA VAL K 441 -13.83 37.77 14.26
C VAL K 441 -12.65 37.48 13.35
N ARG K 442 -12.81 37.73 12.04
CA ARG K 442 -11.73 37.47 11.10
C ARG K 442 -10.50 38.30 11.44
N GLU K 443 -10.70 39.59 11.74
CA GLU K 443 -9.56 40.46 12.03
C GLU K 443 -8.86 40.06 13.32
N VAL K 444 -9.62 39.80 14.39
CA VAL K 444 -8.97 39.50 15.67
C VAL K 444 -8.32 38.11 15.64
N CYS K 445 -8.97 37.14 15.02
CA CYS K 445 -8.36 35.82 14.92
C CYS K 445 -7.13 35.85 14.02
N SER K 446 -7.15 36.70 12.99
CA SER K 446 -5.93 36.92 12.23
C SER K 446 -4.83 37.47 13.13
N LYS K 447 -5.15 38.49 13.92
CA LYS K 447 -4.15 39.15 14.74
C LYS K 447 -3.52 38.21 15.74
N TYR K 448 -4.30 37.31 16.33
CA TYR K 448 -3.75 36.50 17.41
C TYR K 448 -3.28 35.13 16.98
N PHE K 449 -3.94 34.51 16.00
CA PHE K 449 -3.62 33.16 15.59
C PHE K 449 -2.76 33.09 14.34
N TYR K 450 -3.04 33.93 13.34
CA TYR K 450 -2.53 33.69 12.00
C TYR K 450 -1.03 33.97 11.92
N ASP K 451 -0.29 32.98 11.44
CA ASP K 451 1.16 33.05 11.26
C ASP K 451 1.89 33.37 12.57
N GLN K 452 1.38 32.86 13.68
CA GLN K 452 1.98 33.06 14.99
C GLN K 452 2.65 31.78 15.45
N CYS K 453 3.63 31.92 16.34
CA CYS K 453 4.30 30.78 16.96
C CYS K 453 3.54 30.36 18.21
N PRO K 454 3.05 29.13 18.31
CA PRO K 454 2.42 28.67 19.54
C PRO K 454 3.41 27.97 20.48
N ALA K 455 3.07 28.02 21.76
CA ALA K 455 3.61 27.12 22.75
C ALA K 455 2.81 25.83 22.72
N VAL K 456 3.52 24.71 22.77
CA VAL K 456 2.92 23.38 22.67
C VAL K 456 3.40 22.55 23.85
N ALA K 457 2.48 21.89 24.52
CA ALA K 457 2.77 20.92 25.57
C ALA K 457 2.14 19.59 25.18
N GLY K 458 2.94 18.53 25.21
CA GLY K 458 2.43 17.20 24.95
C GLY K 458 2.82 16.25 26.05
N LEU K 459 1.88 15.41 26.51
CA LEU K 459 2.14 14.46 27.57
C LEU K 459 1.55 13.11 27.20
N GLY K 460 2.37 12.06 27.32
CA GLY K 460 1.92 10.70 27.11
C GLY K 460 2.45 10.08 25.85
N PRO K 461 1.63 9.27 25.18
CA PRO K 461 2.02 8.63 23.91
C PRO K 461 1.91 9.60 22.73
N ILE K 462 2.86 10.50 22.65
CA ILE K 462 2.77 11.68 21.79
C ILE K 462 3.71 11.58 20.58
N GLU K 463 4.16 10.36 20.25
CA GLU K 463 5.04 10.17 19.11
C GLU K 463 4.44 10.70 17.81
N GLN K 464 3.12 10.69 17.70
CA GLN K 464 2.44 11.17 16.50
C GLN K 464 2.02 12.64 16.61
N LEU K 465 2.35 13.31 17.71
CA LEU K 465 2.17 14.76 17.79
C LEU K 465 3.12 15.41 16.80
N PRO K 466 2.66 16.27 15.91
CA PRO K 466 3.51 16.76 14.82
C PRO K 466 4.73 17.52 15.33
N ASP K 467 5.77 17.49 14.51
CA ASP K 467 6.98 18.28 14.79
C ASP K 467 6.63 19.76 14.80
N TYR K 468 7.40 20.53 15.58
CA TYR K 468 7.07 21.93 15.79
C TYR K 468 7.07 22.73 14.49
N ASN K 469 7.94 22.40 13.53
CA ASN K 469 7.89 23.09 12.25
C ASN K 469 6.58 22.79 11.52
N ARG K 470 6.08 21.57 11.64
CA ARG K 470 4.83 21.18 11.00
C ARG K 470 3.62 21.80 11.69
N ILE K 471 3.67 21.97 13.01
CA ILE K 471 2.62 22.70 13.71
C ILE K 471 2.69 24.19 13.39
N ARG K 472 3.90 24.73 13.31
CA ARG K 472 4.09 26.14 12.99
C ARG K 472 3.61 26.47 11.58
N SER K 473 3.83 25.55 10.64
CA SER K 473 3.31 25.72 9.29
C SER K 473 1.79 25.65 9.22
N GLY K 474 1.14 25.07 10.22
CA GLY K 474 -0.31 25.01 10.31
C GLY K 474 -0.95 26.29 10.79
N MET K 475 -0.16 27.31 11.10
CA MET K 475 -0.65 28.60 11.58
C MET K 475 -0.80 29.64 10.48
N PHE K 476 -0.56 29.24 9.23
CA PHE K 476 -0.87 30.07 8.07
C PHE K 476 -1.39 29.13 6.99
N TRP K 477 -2.08 29.70 6.02
CA TRP K 477 -2.56 28.96 4.86
C TRP K 477 -1.88 29.49 3.61
N LEU K 478 -1.40 28.57 2.77
CA LEU K 478 -0.84 28.95 1.47
C LEU K 478 -1.94 29.41 0.52
N ARG K 479 -3.16 28.91 0.68
CA ARG K 479 -4.26 29.40 -0.17
C ARG K 479 -4.50 30.89 0.07
N PHE K 480 -4.40 31.33 1.31
CA PHE K 480 -4.53 32.73 1.65
C PHE K 480 -3.39 33.55 1.04
N GLN L 36 -43.83 36.38 41.15
CA GLN L 36 -43.22 36.82 42.41
C GLN L 36 -43.03 35.65 43.35
N ASP L 37 -44.14 35.03 43.74
CA ASP L 37 -44.10 33.75 44.45
C ASP L 37 -44.01 32.65 43.39
N LEU L 38 -44.07 31.39 43.82
CA LEU L 38 -44.09 30.28 42.89
C LEU L 38 -45.55 29.92 42.60
N GLU L 39 -46.00 30.23 41.39
CA GLU L 39 -47.34 29.87 40.99
C GLU L 39 -47.43 28.37 40.71
N PHE L 40 -48.44 27.72 41.29
CA PHE L 40 -48.56 26.26 41.32
C PHE L 40 -49.95 25.84 40.87
N THR L 41 -50.03 25.23 39.70
CA THR L 41 -51.27 24.73 39.11
C THR L 41 -51.20 23.21 38.99
N ARG L 42 -52.31 22.53 39.24
CA ARG L 42 -52.41 21.08 38.99
C ARG L 42 -53.60 20.84 38.09
N LEU L 43 -53.33 20.44 36.86
CA LEU L 43 -54.36 20.25 35.84
C LEU L 43 -55.17 18.99 36.12
N PRO L 44 -56.38 18.90 35.55
CA PRO L 44 -57.13 17.63 35.62
C PRO L 44 -56.41 16.47 34.96
N ASN L 45 -55.47 16.76 34.07
CA ASN L 45 -54.59 15.73 33.52
C ASN L 45 -53.76 15.08 34.61
N GLY L 46 -53.63 15.73 35.77
CA GLY L 46 -52.71 15.30 36.80
C GLY L 46 -51.32 15.86 36.64
N LEU L 47 -51.04 16.51 35.52
CA LEU L 47 -49.74 17.13 35.29
C LEU L 47 -49.62 18.41 36.12
N VAL L 48 -48.44 18.65 36.68
CA VAL L 48 -48.23 19.81 37.53
C VAL L 48 -47.55 20.91 36.72
N ILE L 49 -47.95 22.16 36.96
CA ILE L 49 -47.25 23.34 36.48
C ILE L 49 -46.78 24.12 37.69
N ALA L 50 -45.52 24.49 37.71
CA ALA L 50 -45.01 25.38 38.74
C ALA L 50 -44.12 26.42 38.09
N SER L 51 -44.46 27.68 38.25
CA SER L 51 -43.76 28.76 37.56
C SER L 51 -43.30 29.81 38.54
N LEU L 52 -42.08 30.31 38.34
CA LEU L 52 -41.58 31.45 39.09
C LEU L 52 -40.92 32.40 38.11
N GLU L 53 -41.44 33.62 38.02
CA GLU L 53 -40.86 34.66 37.18
C GLU L 53 -39.95 35.52 38.03
N ASN L 54 -38.65 35.32 37.90
CA ASN L 54 -37.63 36.10 38.60
C ASN L 54 -37.13 37.27 37.76
N TYR L 55 -37.54 37.36 36.49
CA TYR L 55 -37.09 38.39 35.56
C TYR L 55 -35.58 38.39 35.38
N ALA L 56 -34.98 37.21 35.41
CA ALA L 56 -33.56 36.99 35.23
C ALA L 56 -33.24 36.64 33.78
N PRO L 57 -32.06 37.05 33.29
CA PRO L 57 -31.78 36.93 31.85
C PRO L 57 -31.89 35.52 31.28
N ALA L 58 -31.62 34.50 32.07
CA ALA L 58 -31.79 33.14 31.59
C ALA L 58 -33.13 32.58 32.05
N SER L 59 -33.73 31.79 31.18
CA SER L 59 -34.89 30.97 31.47
C SER L 59 -34.44 29.51 31.55
N ARG L 60 -35.07 28.77 32.46
CA ARG L 60 -34.76 27.37 32.69
C ARG L 60 -36.06 26.61 32.92
N ILE L 61 -36.33 25.61 32.07
CA ILE L 61 -37.55 24.82 32.14
C ILE L 61 -37.19 23.37 32.35
N GLY L 62 -37.84 22.73 33.33
CA GLY L 62 -37.65 21.32 33.57
C GLY L 62 -38.93 20.51 33.53
N LEU L 63 -38.91 19.38 32.84
CA LEU L 63 -39.99 18.42 32.91
C LEU L 63 -39.51 17.24 33.77
N PHE L 64 -40.15 17.08 34.92
CA PHE L 64 -39.81 16.04 35.88
C PHE L 64 -40.83 14.92 35.79
N ILE L 65 -40.35 13.68 35.82
CA ILE L 65 -41.17 12.50 35.56
C ILE L 65 -40.80 11.42 36.57
N LYS L 66 -41.79 10.64 36.97
CA LYS L 66 -41.56 9.43 37.76
C LYS L 66 -41.13 8.32 36.81
N ALA L 67 -39.84 8.31 36.45
CA ALA L 67 -39.37 7.35 35.45
C ALA L 67 -37.98 6.79 35.72
N GLY L 68 -37.50 6.78 36.96
CA GLY L 68 -36.18 6.22 37.25
C GLY L 68 -36.13 4.71 37.04
N SER L 69 -34.95 4.15 37.33
CA SER L 69 -34.72 2.71 37.14
C SER L 69 -35.60 1.84 38.02
N ARG L 70 -36.19 2.40 39.07
CA ARG L 70 -37.05 1.61 39.93
C ARG L 70 -38.24 1.06 39.18
N TYR L 71 -38.59 1.66 38.05
CA TYR L 71 -39.72 1.21 37.25
C TYR L 71 -39.34 0.13 36.22
N GLU L 72 -38.06 -0.17 36.07
CA GLU L 72 -37.64 -1.31 35.25
C GLU L 72 -37.97 -2.63 35.96
N ASP L 73 -38.02 -3.70 35.17
CA ASP L 73 -38.15 -5.04 35.72
C ASP L 73 -37.03 -5.93 35.19
N SER L 74 -37.11 -7.23 35.43
CA SER L 74 -36.01 -8.13 35.09
C SER L 74 -35.72 -8.20 33.60
N ASN L 75 -36.68 -7.81 32.75
CA ASN L 75 -36.54 -8.02 31.32
C ASN L 75 -36.20 -6.74 30.55
N ASN L 76 -36.19 -5.58 31.19
CA ASN L 76 -35.90 -4.33 30.50
C ASN L 76 -34.85 -3.49 31.24
N LEU L 77 -33.97 -4.12 32.01
CA LEU L 77 -32.95 -3.38 32.76
C LEU L 77 -32.04 -2.62 31.80
N GLY L 78 -31.79 -1.35 32.13
CA GLY L 78 -30.97 -0.49 31.31
C GLY L 78 -31.73 0.34 30.30
N THR L 79 -33.04 0.15 30.17
CA THR L 79 -33.83 0.97 29.26
C THR L 79 -33.83 2.42 29.70
N SER L 80 -33.91 2.67 31.00
CA SER L 80 -33.88 4.04 31.51
C SER L 80 -32.56 4.73 31.18
N HIS L 81 -31.45 3.99 31.27
CA HIS L 81 -30.14 4.58 30.98
C HIS L 81 -30.03 5.00 29.53
N LEU L 82 -30.48 4.14 28.60
CA LEU L 82 -30.51 4.50 27.19
C LEU L 82 -31.47 5.66 26.92
N LEU L 83 -32.63 5.65 27.58
CA LEU L 83 -33.59 6.75 27.47
C LEU L 83 -32.96 8.07 27.88
N ARG L 84 -32.21 8.06 28.98
CA ARG L 84 -31.45 9.25 29.38
C ARG L 84 -30.43 9.64 28.32
N LEU L 85 -29.78 8.65 27.70
CA LEU L 85 -28.80 8.92 26.64
C LEU L 85 -29.42 9.35 25.31
N ALA L 86 -30.75 9.34 25.17
CA ALA L 86 -31.38 9.53 23.87
C ALA L 86 -32.24 10.80 23.79
N SER L 87 -31.80 11.91 24.36
CA SER L 87 -32.66 13.09 24.32
C SER L 87 -32.58 13.84 22.99
N SER L 88 -31.53 13.63 22.20
CA SER L 88 -31.37 14.35 20.94
C SER L 88 -31.57 13.45 19.71
N LEU L 89 -32.21 12.30 19.85
CA LEU L 89 -32.57 11.51 18.69
C LEU L 89 -33.82 12.10 18.01
N THR L 90 -34.11 11.62 16.81
CA THR L 90 -35.21 12.14 16.02
C THR L 90 -36.54 11.99 16.76
N THR L 91 -37.38 13.02 16.68
CA THR L 91 -38.74 13.02 17.20
C THR L 91 -39.69 13.31 16.05
N LYS L 92 -41.00 13.30 16.35
CA LYS L 92 -42.00 13.49 15.29
C LYS L 92 -41.82 14.86 14.63
N GLY L 93 -41.62 15.90 15.43
CA GLY L 93 -41.54 17.27 14.94
C GLY L 93 -40.16 17.85 14.78
N ALA L 94 -39.10 17.06 14.96
CA ALA L 94 -37.75 17.58 14.79
C ALA L 94 -36.77 16.42 14.64
N SER L 95 -35.99 16.45 13.58
CA SER L 95 -34.96 15.44 13.40
C SER L 95 -33.87 15.62 14.45
N SER L 96 -33.00 14.61 14.56
CA SER L 96 -31.88 14.70 15.47
C SER L 96 -31.00 15.91 15.14
N PHE L 97 -30.72 16.10 13.85
CA PHE L 97 -29.91 17.23 13.41
C PHE L 97 -30.58 18.55 13.77
N LYS L 98 -31.89 18.65 13.56
CA LYS L 98 -32.60 19.88 13.88
C LYS L 98 -32.53 20.19 15.36
N ILE L 99 -32.64 19.17 16.22
CA ILE L 99 -32.58 19.40 17.66
C ILE L 99 -31.20 19.88 18.08
N THR L 100 -30.15 19.19 17.62
CA THR L 100 -28.80 19.59 17.98
C THR L 100 -28.48 21.00 17.47
N ARG L 101 -28.69 21.23 16.17
CA ARG L 101 -28.39 22.51 15.56
C ARG L 101 -29.23 23.63 16.16
N GLY L 102 -30.51 23.38 16.43
CA GLY L 102 -31.38 24.43 16.90
C GLY L 102 -31.12 24.81 18.34
N ILE L 103 -30.77 23.83 19.18
CA ILE L 103 -30.39 24.20 20.54
C ILE L 103 -29.03 24.89 20.55
N GLU L 104 -28.12 24.52 19.64
CA GLU L 104 -26.83 25.18 19.61
C GLU L 104 -26.91 26.56 18.98
N ALA L 105 -27.90 26.79 18.11
CA ALA L 105 -28.02 28.09 17.46
C ALA L 105 -28.28 29.20 18.45
N VAL L 106 -28.97 28.89 19.55
CA VAL L 106 -29.33 29.88 20.55
C VAL L 106 -28.38 29.88 21.74
N GLY L 107 -27.30 29.09 21.67
CA GLY L 107 -26.45 28.89 22.83
C GLY L 107 -27.14 28.16 23.96
N GLY L 108 -28.20 27.40 23.67
CA GLY L 108 -28.97 26.75 24.71
C GLY L 108 -28.42 25.39 25.13
N LYS L 109 -29.00 24.85 26.20
CA LYS L 109 -28.56 23.61 26.80
C LYS L 109 -29.76 22.68 27.00
N LEU L 110 -29.57 21.42 26.65
CA LEU L 110 -30.53 20.36 26.92
C LEU L 110 -29.84 19.29 27.77
N SER L 111 -30.47 18.91 28.88
CA SER L 111 -29.85 18.00 29.83
C SER L 111 -30.89 17.03 30.39
N VAL L 112 -30.48 15.78 30.63
CA VAL L 112 -31.33 14.80 31.30
C VAL L 112 -30.61 14.35 32.57
N THR L 113 -31.28 14.51 33.70
CA THR L 113 -30.75 14.16 35.01
C THR L 113 -31.63 13.10 35.64
N SER L 114 -31.08 11.94 35.94
CA SER L 114 -31.85 10.80 36.39
C SER L 114 -31.40 10.37 37.78
N THR L 115 -32.38 10.13 38.65
CA THR L 115 -32.19 9.39 39.89
C THR L 115 -32.87 8.04 39.74
N ARG L 116 -32.90 7.28 40.83
CA ARG L 116 -33.56 5.98 40.80
C ARG L 116 -35.07 6.12 40.64
N GLU L 117 -35.63 7.28 41.01
CA GLU L 117 -37.07 7.47 41.00
C GLU L 117 -37.55 8.52 39.99
N SER L 118 -36.67 9.37 39.49
CA SER L 118 -37.12 10.50 38.68
C SER L 118 -36.23 10.66 37.46
N MET L 119 -36.80 11.28 36.43
CA MET L 119 -36.05 11.76 35.27
C MET L 119 -36.44 13.21 35.07
N ALA L 120 -35.44 14.09 35.01
CA ALA L 120 -35.66 15.50 34.75
C ALA L 120 -35.05 15.86 33.40
N TYR L 121 -35.86 16.44 32.53
CA TYR L 121 -35.41 16.97 31.26
C TYR L 121 -35.40 18.49 31.35
N THR L 122 -34.23 19.10 31.27
CA THR L 122 -34.09 20.53 31.42
C THR L 122 -33.61 21.17 30.13
N VAL L 123 -34.26 22.26 29.73
CA VAL L 123 -33.74 23.17 28.72
C VAL L 123 -33.41 24.48 29.40
N GLU L 124 -32.26 25.05 29.08
CA GLU L 124 -31.84 26.31 29.67
C GLU L 124 -31.29 27.22 28.58
N CYS L 125 -31.78 28.45 28.53
CA CYS L 125 -31.31 29.43 27.54
C CYS L 125 -31.65 30.82 28.08
N LEU L 126 -31.65 31.83 27.21
CA LEU L 126 -32.05 33.17 27.63
C LEU L 126 -33.57 33.31 27.58
N ARG L 127 -34.09 34.46 28.04
CA ARG L 127 -35.54 34.62 28.12
C ARG L 127 -36.19 34.56 26.74
N ASP L 128 -35.56 35.17 25.75
CA ASP L 128 -36.22 35.41 24.47
C ASP L 128 -36.36 34.16 23.61
N ASP L 129 -35.64 33.09 23.92
CA ASP L 129 -35.61 31.92 23.04
C ASP L 129 -36.28 30.70 23.66
N ILE L 130 -36.87 30.87 24.85
CA ILE L 130 -37.32 29.72 25.63
C ILE L 130 -38.37 28.92 24.87
N GLU L 131 -39.25 29.60 24.13
CA GLU L 131 -40.24 28.89 23.31
C GLU L 131 -39.58 27.83 22.44
N ILE L 132 -38.51 28.20 21.72
CA ILE L 132 -37.86 27.22 20.87
C ILE L 132 -37.43 26.02 21.69
N LEU L 133 -36.71 26.27 22.79
CA LEU L 133 -36.26 25.15 23.60
C LEU L 133 -37.45 24.38 24.14
N MET L 134 -38.48 25.10 24.58
CA MET L 134 -39.67 24.43 25.08
C MET L 134 -40.25 23.51 24.02
N GLU L 135 -40.30 23.97 22.77
CA GLU L 135 -40.81 23.11 21.72
C GLU L 135 -39.96 21.86 21.59
N PHE L 136 -38.63 22.02 21.56
CA PHE L 136 -37.78 20.85 21.53
C PHE L 136 -38.03 19.98 22.75
N LEU L 137 -38.13 20.61 23.93
CA LEU L 137 -38.32 19.84 25.15
C LEU L 137 -39.60 19.01 25.09
N LEU L 138 -40.59 19.47 24.32
CA LEU L 138 -41.84 18.74 24.34
C LEU L 138 -41.94 17.75 23.19
N ASN L 139 -41.04 17.84 22.20
CA ASN L 139 -40.95 16.77 21.21
C ASN L 139 -40.04 15.64 21.65
N VAL L 140 -39.25 15.87 22.69
CA VAL L 140 -38.33 14.86 23.20
C VAL L 140 -39.02 13.91 24.16
N THR L 141 -39.97 14.41 24.96
CA THR L 141 -40.64 13.61 25.98
C THR L 141 -42.05 13.20 25.59
N ALA L 142 -42.59 13.69 24.48
CA ALA L 142 -43.94 13.33 24.10
C ALA L 142 -44.06 12.87 22.65
N ALA L 143 -42.98 12.91 21.87
CA ALA L 143 -43.08 12.46 20.49
C ALA L 143 -41.78 11.85 19.95
N PRO L 144 -41.14 10.91 20.65
CA PRO L 144 -39.91 10.32 20.10
C PRO L 144 -40.21 9.19 19.13
N GLU L 145 -39.36 9.06 18.12
CA GLU L 145 -39.50 8.00 17.13
C GLU L 145 -38.68 6.76 17.44
N PHE L 146 -37.59 6.91 18.19
CA PHE L 146 -36.66 5.82 18.48
C PHE L 146 -36.39 4.95 17.26
N ARG L 147 -35.88 5.57 16.20
CA ARG L 147 -35.59 4.84 14.97
C ARG L 147 -34.52 3.79 15.20
N ARG L 148 -34.65 2.68 14.48
CA ARG L 148 -33.80 1.51 14.74
C ARG L 148 -32.32 1.84 14.60
N TRP L 149 -31.95 2.50 13.51
CA TRP L 149 -30.53 2.80 13.29
C TRP L 149 -29.98 3.73 14.36
N GLU L 150 -30.76 4.72 14.79
CA GLU L 150 -30.28 5.63 15.81
C GLU L 150 -30.12 4.94 17.17
N VAL L 151 -31.09 4.09 17.54
CA VAL L 151 -30.97 3.33 18.79
C VAL L 151 -29.76 2.41 18.75
N ALA L 152 -29.57 1.71 17.64
CA ALA L 152 -28.42 0.81 17.51
C ALA L 152 -27.11 1.58 17.53
N ALA L 153 -27.06 2.75 16.89
CA ALA L 153 -25.86 3.58 16.93
C ALA L 153 -25.63 4.15 18.30
N LEU L 154 -26.66 4.23 19.13
CA LEU L 154 -26.56 4.72 20.49
C LEU L 154 -26.15 3.65 21.50
N GLN L 155 -26.30 2.37 21.16
CA GLN L 155 -25.97 1.31 22.12
C GLN L 155 -24.54 1.41 22.66
N SER L 156 -23.59 1.92 21.88
CA SER L 156 -22.21 2.02 22.33
C SER L 156 -22.03 3.08 23.41
N GLN L 157 -22.91 4.08 23.41
CA GLN L 157 -22.88 5.13 24.41
C GLN L 157 -23.19 4.62 25.80
N LEU L 158 -23.95 3.53 25.93
CA LEU L 158 -24.18 2.95 27.26
C LEU L 158 -22.87 2.51 27.89
N ARG L 159 -22.04 1.80 27.12
CA ARG L 159 -20.74 1.37 27.61
C ARG L 159 -19.85 2.57 27.92
N ILE L 160 -19.82 3.55 27.02
CA ILE L 160 -19.01 4.75 27.28
C ILE L 160 -19.45 5.42 28.58
N ASP L 161 -20.76 5.64 28.73
CA ASP L 161 -21.30 6.36 29.88
C ASP L 161 -21.00 5.62 31.17
N LYS L 162 -21.23 4.30 31.20
CA LYS L 162 -20.99 3.56 32.43
C LYS L 162 -19.51 3.50 32.78
N ALA L 163 -18.63 3.35 31.78
CA ALA L 163 -17.21 3.30 32.07
C ALA L 163 -16.70 4.65 32.57
N VAL L 164 -17.30 5.75 32.11
CA VAL L 164 -16.92 7.05 32.65
C VAL L 164 -17.41 7.21 34.08
N ALA L 165 -18.66 6.78 34.36
CA ALA L 165 -19.19 6.90 35.72
C ALA L 165 -18.39 6.05 36.70
N PHE L 166 -17.96 4.87 36.26
CA PHE L 166 -17.26 3.95 37.15
C PHE L 166 -15.78 4.29 37.34
N GLN L 167 -15.30 5.40 36.77
CA GLN L 167 -14.01 5.91 37.20
C GLN L 167 -14.06 6.43 38.63
N ASN L 168 -15.26 6.57 39.20
CA ASN L 168 -15.46 6.90 40.60
C ASN L 168 -15.73 5.62 41.37
N PRO L 169 -14.92 5.23 42.36
CA PRO L 169 -15.24 4.01 43.11
C PRO L 169 -16.55 4.11 43.86
N GLN L 170 -17.07 5.32 44.09
CA GLN L 170 -18.34 5.50 44.77
C GLN L 170 -19.52 5.05 43.92
N ALA L 171 -19.43 5.22 42.60
CA ALA L 171 -20.57 4.90 41.74
C ALA L 171 -20.92 3.42 41.83
N GLN L 172 -19.92 2.56 41.64
CA GLN L 172 -20.15 1.11 41.70
C GLN L 172 -20.48 0.64 43.10
N VAL L 173 -19.90 1.27 44.13
CA VAL L 173 -20.25 0.88 45.48
C VAL L 173 -21.70 1.23 45.80
N LEU L 174 -22.18 2.37 45.32
CA LEU L 174 -23.58 2.72 45.57
C LEU L 174 -24.53 1.85 44.75
N GLU L 175 -24.15 1.49 43.52
CA GLU L 175 -24.96 0.54 42.77
C GLU L 175 -25.02 -0.81 43.49
N ASN L 176 -23.88 -1.30 43.99
CA ASN L 176 -23.86 -2.55 44.72
C ASN L 176 -24.63 -2.46 46.03
N LEU L 177 -24.58 -1.30 46.70
CA LEU L 177 -25.33 -1.13 47.94
C LEU L 177 -26.82 -1.18 47.70
N HIS L 178 -27.30 -0.54 46.63
CA HIS L 178 -28.73 -0.60 46.34
C HIS L 178 -29.13 -2.01 45.91
N ALA L 179 -28.28 -2.70 45.15
CA ALA L 179 -28.57 -4.09 44.82
C ALA L 179 -28.62 -4.95 46.08
N ALA L 180 -27.70 -4.73 47.01
CA ALA L 180 -27.61 -5.55 48.22
C ALA L 180 -28.66 -5.20 49.26
N ALA L 181 -29.23 -3.99 49.18
CA ALA L 181 -30.21 -3.55 50.16
C ALA L 181 -31.65 -3.85 49.75
N TYR L 182 -31.90 -4.09 48.48
CA TYR L 182 -33.25 -4.27 47.97
C TYR L 182 -33.31 -5.51 47.10
N ARG L 183 -34.45 -6.19 47.17
CA ARG L 183 -34.70 -7.33 46.32
C ARG L 183 -35.15 -6.94 44.92
N ASN L 184 -35.52 -5.69 44.72
CA ASN L 184 -36.12 -5.23 43.47
C ASN L 184 -36.16 -3.71 43.49
N ALA L 185 -36.64 -3.15 42.37
CA ALA L 185 -37.05 -1.75 42.26
C ALA L 185 -35.90 -0.78 42.48
N LEU L 186 -35.60 -0.44 43.73
CA LEU L 186 -34.45 0.39 44.03
C LEU L 186 -33.15 -0.39 43.93
N ALA L 187 -33.24 -1.70 43.73
CA ALA L 187 -32.08 -2.53 43.45
C ALA L 187 -31.51 -2.29 42.06
N ASN L 188 -32.31 -1.75 41.13
CA ASN L 188 -31.85 -1.56 39.76
C ASN L 188 -30.83 -0.43 39.69
N SER L 189 -29.82 -0.64 38.86
CA SER L 189 -28.77 0.35 38.68
C SER L 189 -29.27 1.53 37.86
N LEU L 190 -28.66 2.69 38.09
CA LEU L 190 -28.81 3.83 37.20
C LEU L 190 -28.22 3.56 35.83
N TYR L 191 -27.34 2.57 35.70
CA TYR L 191 -26.63 2.28 34.48
C TYR L 191 -27.06 0.92 33.94
N CYS L 192 -26.94 0.78 32.63
CA CYS L 192 -27.36 -0.43 31.96
C CYS L 192 -26.49 -1.60 32.39
N PRO L 193 -27.06 -2.76 32.69
CA PRO L 193 -26.23 -3.95 32.89
C PRO L 193 -25.42 -4.22 31.63
N ASP L 194 -24.20 -4.72 31.83
CA ASP L 194 -23.30 -4.91 30.69
C ASP L 194 -23.87 -5.91 29.70
N TYR L 195 -24.54 -6.96 30.17
CA TYR L 195 -25.15 -7.92 29.26
C TYR L 195 -26.29 -7.28 28.47
N ARG L 196 -26.94 -6.27 29.04
CA ARG L 196 -28.06 -5.63 28.38
C ARG L 196 -27.64 -4.59 27.36
N ILE L 197 -26.37 -4.16 27.38
CA ILE L 197 -25.90 -3.19 26.42
C ILE L 197 -25.91 -3.80 25.03
N GLY L 198 -26.45 -3.07 24.06
CA GLY L 198 -26.68 -3.60 22.74
C GLY L 198 -27.93 -4.43 22.60
N LYS L 199 -28.73 -4.54 23.68
CA LYS L 199 -29.96 -5.30 23.67
C LYS L 199 -31.18 -4.48 24.06
N VAL L 200 -31.01 -3.23 24.45
CA VAL L 200 -32.13 -2.35 24.75
C VAL L 200 -32.77 -1.93 23.44
N THR L 201 -33.99 -2.41 23.19
CA THR L 201 -34.63 -2.30 21.89
C THR L 201 -35.49 -1.06 21.78
N PRO L 202 -35.75 -0.58 20.56
CA PRO L 202 -36.69 0.54 20.40
C PRO L 202 -38.06 0.27 20.98
N ASP L 203 -38.53 -0.98 20.92
CA ASP L 203 -39.83 -1.31 21.49
C ASP L 203 -39.83 -1.16 23.01
N GLN L 204 -38.70 -1.47 23.66
CA GLN L 204 -38.59 -1.25 25.08
C GLN L 204 -38.61 0.24 25.42
N LEU L 205 -37.91 1.06 24.63
CA LEU L 205 -37.96 2.51 24.85
C LEU L 205 -39.37 3.05 24.67
N HIS L 206 -40.07 2.59 23.62
CA HIS L 206 -41.44 3.05 23.38
C HIS L 206 -42.37 2.65 24.51
N TYR L 207 -42.26 1.39 24.96
CA TYR L 207 -43.07 0.91 26.08
C TYR L 207 -42.78 1.71 27.35
N TYR L 208 -41.51 1.98 27.61
CA TYR L 208 -41.13 2.69 28.83
C TYR L 208 -41.71 4.10 28.82
N VAL L 209 -41.54 4.83 27.73
CA VAL L 209 -42.10 6.17 27.66
C VAL L 209 -43.62 6.12 27.77
N GLN L 210 -44.25 5.22 27.01
CA GLN L 210 -45.70 5.14 26.98
C GLN L 210 -46.28 4.83 28.36
N ASN L 211 -45.54 4.15 29.23
CA ASN L 211 -46.08 3.77 30.53
C ASN L 211 -45.55 4.59 31.70
N HIS L 212 -44.57 5.45 31.50
CA HIS L 212 -44.11 6.24 32.64
C HIS L 212 -44.21 7.75 32.35
N PHE L 213 -44.26 8.11 31.07
CA PHE L 213 -44.29 9.52 30.66
C PHE L 213 -45.72 10.02 30.50
N THR L 214 -46.52 9.83 31.54
CA THR L 214 -47.92 10.26 31.51
C THR L 214 -48.12 11.48 32.38
N SER L 215 -49.24 12.17 32.15
CA SER L 215 -49.44 13.49 32.73
C SER L 215 -49.47 13.45 34.25
N ALA L 216 -50.16 12.49 34.84
CA ALA L 216 -50.19 12.37 36.30
C ALA L 216 -48.92 11.74 36.85
N ARG L 217 -47.87 11.72 36.03
CA ARG L 217 -46.54 11.38 36.52
C ARG L 217 -45.52 12.47 36.20
N MET L 218 -45.97 13.66 35.82
CA MET L 218 -45.08 14.68 35.27
C MET L 218 -45.37 16.05 35.90
N ALA L 219 -44.32 16.86 35.95
CA ALA L 219 -44.37 18.21 36.50
C ALA L 219 -43.49 19.11 35.64
N LEU L 220 -44.06 20.17 35.11
CA LEU L 220 -43.34 21.17 34.33
C LEU L 220 -43.03 22.36 35.24
N ILE L 221 -41.74 22.62 35.45
CA ILE L 221 -41.26 23.62 36.40
C ILE L 221 -40.49 24.66 35.61
N GLY L 222 -41.00 25.88 35.58
CA GLY L 222 -40.37 26.94 34.82
C GLY L 222 -39.85 28.09 35.67
N LEU L 223 -38.62 28.51 35.38
CA LEU L 223 -37.99 29.62 36.06
C LEU L 223 -37.62 30.67 35.03
N GLY L 224 -38.00 31.92 35.28
CA GLY L 224 -37.92 32.95 34.27
C GLY L 224 -38.92 32.72 33.15
N VAL L 225 -40.11 32.24 33.48
CA VAL L 225 -41.17 32.02 32.51
C VAL L 225 -42.47 32.46 33.15
N SER L 226 -43.46 32.76 32.32
CA SER L 226 -44.77 33.19 32.81
C SER L 226 -45.65 31.96 32.96
N HIS L 227 -46.35 31.87 34.09
CA HIS L 227 -47.18 30.69 34.35
C HIS L 227 -48.22 30.44 33.27
N PRO L 228 -48.93 31.44 32.74
CA PRO L 228 -49.80 31.14 31.59
C PRO L 228 -49.08 30.59 30.38
N VAL L 229 -47.87 31.08 30.06
CA VAL L 229 -47.15 30.57 28.89
C VAL L 229 -46.79 29.10 29.07
N LEU L 230 -46.23 28.78 30.24
CA LEU L 230 -45.89 27.40 30.58
C LEU L 230 -47.14 26.53 30.58
N LYS L 231 -48.28 27.08 30.99
CA LYS L 231 -49.53 26.33 30.95
C LYS L 231 -49.99 26.07 29.52
N GLN L 232 -49.87 27.06 28.63
CA GLN L 232 -50.23 26.84 27.23
C GLN L 232 -49.39 25.71 26.65
N VAL L 233 -48.08 25.78 26.81
CA VAL L 233 -47.24 24.75 26.19
C VAL L 233 -47.47 23.39 26.85
N ALA L 234 -47.72 23.38 28.16
CA ALA L 234 -47.95 22.12 28.86
C ALA L 234 -49.21 21.43 28.38
N GLU L 235 -50.33 22.15 28.30
CA GLU L 235 -51.54 21.51 27.83
C GLU L 235 -51.46 21.19 26.35
N ARG L 236 -50.77 22.02 25.56
CA ARG L 236 -50.70 21.81 24.12
C ARG L 236 -49.83 20.62 23.74
N PHE L 237 -48.87 20.23 24.57
CA PHE L 237 -48.11 19.05 24.16
C PHE L 237 -48.26 17.88 25.12
N LEU L 238 -48.26 18.12 26.43
CA LEU L 238 -48.19 17.08 27.44
C LEU L 238 -49.55 16.53 27.85
N ASN L 239 -50.55 16.59 26.97
CA ASN L 239 -51.85 15.98 27.24
C ASN L 239 -52.07 14.72 26.41
N MET L 240 -50.99 14.09 25.95
CA MET L 240 -51.18 12.85 25.19
C MET L 240 -51.36 11.69 26.16
N ARG L 241 -50.32 11.35 26.91
CA ARG L 241 -50.45 10.29 27.90
C ARG L 241 -51.10 10.85 29.15
N GLY L 242 -52.32 10.41 29.45
CA GLY L 242 -53.01 10.90 30.62
C GLY L 242 -53.31 9.81 31.63
N GLY L 243 -52.71 9.92 32.81
CA GLY L 243 -53.04 9.01 33.89
C GLY L 243 -51.86 8.55 34.71
N LEU L 244 -52.04 7.46 35.43
CA LEU L 244 -51.06 7.00 36.42
C LEU L 244 -49.94 6.15 35.84
N GLY L 245 -50.08 5.69 34.59
CA GLY L 245 -49.02 4.94 33.95
C GLY L 245 -48.84 3.57 34.58
N LEU L 246 -47.69 2.98 34.31
CA LEU L 246 -47.35 1.72 34.98
C LEU L 246 -46.88 2.00 36.40
N SER L 247 -47.08 1.02 37.27
CA SER L 247 -46.77 1.14 38.68
C SER L 247 -45.70 0.12 39.04
N GLY L 248 -44.56 0.62 39.49
CA GLY L 248 -43.55 -0.26 40.04
C GLY L 248 -43.88 -0.72 41.44
N ALA L 249 -43.38 -1.89 41.80
CA ALA L 249 -43.72 -2.49 43.08
C ALA L 249 -43.03 -1.74 44.21
N LYS L 250 -43.55 -1.94 45.42
CA LYS L 250 -42.90 -1.41 46.61
C LYS L 250 -41.47 -1.94 46.67
N ALA L 251 -40.53 -1.05 46.91
CA ALA L 251 -39.15 -1.48 47.09
C ALA L 251 -39.07 -2.33 48.34
N LYS L 252 -38.47 -3.51 48.22
CA LYS L 252 -38.49 -4.52 49.27
C LYS L 252 -37.08 -4.75 49.78
N TYR L 253 -36.91 -4.60 51.09
CA TYR L 253 -35.61 -4.69 51.73
C TYR L 253 -35.14 -6.15 51.79
N ARG L 254 -33.89 -6.39 51.42
CA ARG L 254 -33.30 -7.71 51.65
C ARG L 254 -32.35 -7.73 52.83
N GLY L 255 -31.42 -6.78 52.91
CA GLY L 255 -30.39 -6.85 53.91
C GLY L 255 -29.29 -7.80 53.52
N GLY L 256 -28.73 -7.61 52.33
CA GLY L 256 -27.69 -8.47 51.80
C GLY L 256 -26.36 -7.74 51.68
N GLU L 257 -25.34 -8.51 51.30
CA GLU L 257 -23.98 -8.00 51.22
C GLU L 257 -23.41 -8.28 49.84
N ILE L 258 -22.81 -7.27 49.22
CA ILE L 258 -22.10 -7.43 47.95
C ILE L 258 -20.68 -6.92 48.14
N ARG L 259 -19.70 -7.79 47.88
CA ARG L 259 -18.29 -7.47 48.02
C ARG L 259 -17.63 -7.51 46.65
N ASP L 260 -16.85 -6.47 46.34
CA ASP L 260 -16.18 -6.33 45.05
C ASP L 260 -14.68 -6.21 45.30
N GLN L 261 -14.01 -7.35 45.41
CA GLN L 261 -12.56 -7.34 45.44
C GLN L 261 -12.02 -6.88 44.09
N ASN L 262 -11.26 -5.78 44.11
CA ASN L 262 -10.60 -5.32 42.90
C ASN L 262 -9.18 -4.85 43.15
N GLY L 263 -8.66 -4.98 44.37
CA GLY L 263 -7.25 -4.72 44.65
C GLY L 263 -6.84 -3.27 44.64
N ASP L 264 -7.76 -2.33 44.46
CA ASP L 264 -7.40 -0.92 44.39
C ASP L 264 -6.75 -0.47 45.70
N SER L 265 -6.13 0.70 45.65
CA SER L 265 -5.38 1.20 46.80
C SER L 265 -6.29 1.38 48.01
N LEU L 266 -7.49 1.93 47.80
CA LEU L 266 -8.40 2.22 48.89
C LEU L 266 -9.59 1.28 48.85
N VAL L 267 -10.21 1.11 50.01
CA VAL L 267 -11.43 0.33 50.17
C VAL L 267 -12.54 1.31 50.46
N HIS L 268 -13.55 1.29 49.59
CA HIS L 268 -14.78 2.04 49.80
C HIS L 268 -15.85 1.08 50.32
N ALA L 269 -16.39 1.37 51.49
CA ALA L 269 -17.43 0.53 52.07
C ALA L 269 -18.62 1.39 52.49
N ALA L 270 -19.81 0.89 52.21
CA ALA L 270 -21.06 1.50 52.64
C ALA L 270 -21.82 0.48 53.48
N LEU L 271 -22.17 0.86 54.70
CA LEU L 271 -22.97 0.01 55.58
C LEU L 271 -24.23 0.78 55.96
N VAL L 272 -25.39 0.28 55.57
CA VAL L 272 -26.65 0.99 55.76
C VAL L 272 -27.68 0.07 56.39
N ALA L 273 -28.74 0.70 56.90
CA ALA L 273 -29.97 0.04 57.31
C ALA L 273 -31.11 0.83 56.70
N GLU L 274 -32.31 0.25 56.74
CA GLU L 274 -33.48 0.99 56.28
C GLU L 274 -33.83 2.09 57.27
N SER L 275 -34.16 3.27 56.75
CA SER L 275 -34.44 4.38 57.65
C SER L 275 -35.87 4.89 57.63
N ALA L 276 -36.29 5.48 56.52
CA ALA L 276 -37.61 6.10 56.40
C ALA L 276 -37.77 6.68 55.00
N ALA L 277 -39.02 6.76 54.55
CA ALA L 277 -39.31 7.34 53.24
C ALA L 277 -39.36 8.86 53.34
N THR L 278 -38.92 9.53 52.28
CA THR L 278 -38.96 10.98 52.27
C THR L 278 -40.41 11.46 52.35
N GLY L 279 -40.67 12.40 53.24
CA GLY L 279 -42.01 12.91 53.42
C GLY L 279 -42.56 12.70 54.82
N SER L 280 -41.69 12.46 55.79
CA SER L 280 -42.12 12.18 57.15
C SER L 280 -41.17 12.86 58.13
N ALA L 281 -41.60 12.90 59.40
CA ALA L 281 -40.76 13.48 60.44
C ALA L 281 -39.54 12.60 60.71
N GLU L 282 -39.69 11.28 60.59
CA GLU L 282 -38.54 10.38 60.78
C GLU L 282 -37.45 10.66 59.75
N ALA L 283 -37.83 11.03 58.53
CA ALA L 283 -36.83 11.41 57.55
C ALA L 283 -36.06 12.64 58.01
N ASN L 284 -36.74 13.59 58.63
CA ASN L 284 -36.05 14.75 59.20
C ASN L 284 -35.13 14.34 60.34
N ALA L 285 -35.58 13.41 61.18
CA ALA L 285 -34.72 12.91 62.25
C ALA L 285 -33.45 12.30 61.68
N PHE L 286 -33.59 11.53 60.59
CA PHE L 286 -32.42 10.94 59.95
C PHE L 286 -31.53 12.00 59.31
N SER L 287 -32.11 13.10 58.83
CA SER L 287 -31.28 14.18 58.28
C SER L 287 -30.51 14.91 59.37
N VAL L 288 -31.16 15.18 60.50
CA VAL L 288 -30.49 15.79 61.64
C VAL L 288 -29.42 14.88 62.19
N LEU L 289 -29.67 13.56 62.21
CA LEU L 289 -28.67 12.59 62.66
C LEU L 289 -27.52 12.49 61.67
N GLN L 290 -27.80 12.62 60.38
CA GLN L 290 -26.72 12.65 59.39
C GLN L 290 -25.81 13.83 59.63
N HIS L 291 -26.36 15.00 59.95
CA HIS L 291 -25.49 16.13 60.21
C HIS L 291 -24.86 16.12 61.60
N VAL L 292 -25.44 15.39 62.56
CA VAL L 292 -24.72 15.14 63.80
C VAL L 292 -23.49 14.29 63.53
N LEU L 293 -23.67 13.16 62.83
CA LEU L 293 -22.56 12.25 62.56
C LEU L 293 -21.48 12.92 61.72
N GLY L 294 -21.88 13.69 60.72
CA GLY L 294 -20.95 14.23 59.76
C GLY L 294 -21.44 13.92 58.36
N ALA L 295 -21.67 14.95 57.57
CA ALA L 295 -22.38 14.82 56.30
C ALA L 295 -21.63 15.50 55.17
N GLY L 296 -20.31 15.58 55.28
CA GLY L 296 -19.49 16.26 54.29
C GLY L 296 -18.62 17.32 54.91
N PRO L 297 -17.58 17.73 54.20
CA PRO L 297 -16.61 18.67 54.78
C PRO L 297 -17.05 20.11 54.57
N HIS L 298 -16.98 20.91 55.63
CA HIS L 298 -17.33 22.31 55.56
C HIS L 298 -16.15 23.20 55.18
N VAL L 299 -14.95 22.83 55.60
CA VAL L 299 -13.78 23.69 55.51
C VAL L 299 -12.72 23.00 54.67
N LYS L 300 -12.16 23.73 53.71
CA LYS L 300 -11.17 23.17 52.81
C LYS L 300 -9.97 22.65 53.59
N ARG L 301 -9.68 21.37 53.43
CA ARG L 301 -8.53 20.69 54.03
C ARG L 301 -8.61 20.67 55.56
N GLY L 302 -9.79 20.91 56.13
CA GLY L 302 -9.94 20.88 57.57
C GLY L 302 -10.07 19.47 58.11
N SER L 303 -9.95 19.36 59.43
CA SER L 303 -10.00 18.08 60.11
C SER L 303 -11.43 17.60 60.37
N ASN L 304 -12.44 18.39 59.99
CA ASN L 304 -13.84 18.05 60.21
C ASN L 304 -14.14 17.92 61.70
N ALA L 305 -13.82 18.98 62.46
CA ALA L 305 -13.82 18.89 63.91
C ALA L 305 -15.19 18.58 64.48
N THR L 306 -16.24 19.19 63.93
CA THR L 306 -17.57 19.01 64.50
C THR L 306 -18.21 17.69 64.10
N SER L 307 -17.58 16.91 63.23
CA SER L 307 -18.09 15.60 62.83
C SER L 307 -17.72 14.58 63.88
N SER L 308 -18.72 14.03 64.58
CA SER L 308 -18.44 13.06 65.64
C SER L 308 -17.89 11.75 65.06
N LEU L 309 -18.44 11.30 63.92
CA LEU L 309 -17.92 10.09 63.28
C LEU L 309 -16.45 10.23 62.92
N TYR L 310 -16.09 11.34 62.28
CA TYR L 310 -14.73 11.57 61.84
C TYR L 310 -13.77 11.63 63.02
N GLN L 311 -14.18 12.30 64.09
CA GLN L 311 -13.36 12.35 65.29
C GLN L 311 -13.17 10.97 65.90
N ALA L 312 -14.23 10.16 65.92
CA ALA L 312 -14.12 8.81 66.45
C ALA L 312 -13.13 7.98 65.64
N VAL L 313 -13.16 8.13 64.31
CA VAL L 313 -12.20 7.39 63.49
C VAL L 313 -10.78 7.95 63.66
N ALA L 314 -10.62 9.27 63.81
CA ALA L 314 -9.31 9.86 63.98
C ALA L 314 -8.69 9.52 65.32
N LYS L 315 -9.49 9.10 66.29
CA LYS L 315 -9.00 8.55 67.55
C LYS L 315 -8.74 7.05 67.37
N GLY L 316 -7.61 6.77 66.72
CA GLY L 316 -7.20 5.39 66.53
C GLY L 316 -6.68 5.07 65.14
N VAL L 317 -7.23 5.69 64.11
CA VAL L 317 -6.76 5.47 62.75
C VAL L 317 -5.89 6.65 62.35
N HIS L 318 -4.58 6.40 62.21
CA HIS L 318 -3.60 7.43 61.90
C HIS L 318 -3.26 7.47 60.42
N GLN L 319 -4.03 6.77 59.60
CA GLN L 319 -3.90 6.64 58.17
C GLN L 319 -4.87 7.58 57.47
N PRO L 320 -4.61 7.94 56.21
CA PRO L 320 -5.59 8.73 55.46
C PRO L 320 -6.91 7.98 55.35
N PHE L 321 -8.01 8.69 55.64
CA PHE L 321 -9.33 8.08 55.63
C PHE L 321 -10.36 9.18 55.36
N ASP L 322 -11.58 8.74 55.11
CA ASP L 322 -12.75 9.60 55.15
C ASP L 322 -13.93 8.78 55.65
N VAL L 323 -14.82 9.42 56.42
CA VAL L 323 -16.06 8.79 56.84
C VAL L 323 -17.16 9.84 56.84
N SER L 324 -18.28 9.53 56.20
CA SER L 324 -19.47 10.36 56.25
C SER L 324 -20.66 9.50 56.63
N ALA L 325 -21.75 10.18 56.99
CA ALA L 325 -23.03 9.52 57.18
C ALA L 325 -23.82 9.61 55.88
N PHE L 326 -24.37 8.48 55.46
CA PHE L 326 -25.04 8.34 54.18
C PHE L 326 -26.55 8.31 54.40
N ASN L 327 -27.27 9.16 53.68
CA ASN L 327 -28.71 9.25 53.78
C ASN L 327 -29.32 9.26 52.38
N ALA L 328 -30.30 8.39 52.14
CA ALA L 328 -30.93 8.24 50.83
C ALA L 328 -32.41 7.93 51.06
N SER L 329 -33.25 8.95 51.15
CA SER L 329 -34.67 8.73 51.36
C SER L 329 -35.40 8.80 50.03
N TYR L 330 -36.28 7.83 49.80
CA TYR L 330 -37.05 7.71 48.59
C TYR L 330 -38.54 7.74 48.95
N SER L 331 -39.39 7.58 47.94
CA SER L 331 -40.83 7.72 48.15
C SER L 331 -41.36 6.65 49.10
N ASP L 332 -40.86 5.41 48.99
CA ASP L 332 -41.38 4.32 49.81
C ASP L 332 -40.37 3.76 50.80
N SER L 333 -39.14 4.28 50.83
CA SER L 333 -38.13 3.75 51.74
C SER L 333 -36.98 4.73 51.82
N GLY L 334 -35.95 4.34 52.56
CA GLY L 334 -34.75 5.12 52.66
C GLY L 334 -33.66 4.33 53.34
N LEU L 335 -32.42 4.68 53.02
CA LEU L 335 -31.24 4.03 53.58
C LEU L 335 -30.45 5.04 54.41
N PHE L 336 -30.14 4.67 55.64
CA PHE L 336 -29.26 5.47 56.48
C PHE L 336 -28.12 4.61 56.99
N GLY L 337 -26.91 5.15 56.92
CA GLY L 337 -25.76 4.43 57.41
C GLY L 337 -24.47 5.23 57.32
N ILE L 338 -23.37 4.55 57.05
CA ILE L 338 -22.05 5.17 57.03
C ILE L 338 -21.32 4.77 55.76
N TYR L 339 -20.60 5.74 55.19
CA TYR L 339 -19.72 5.50 54.06
C TYR L 339 -18.30 5.81 54.49
N THR L 340 -17.38 4.87 54.22
CA THR L 340 -15.99 5.03 54.60
C THR L 340 -15.11 4.77 53.39
N ILE L 341 -14.03 5.54 53.32
CA ILE L 341 -12.92 5.28 52.41
C ILE L 341 -11.68 5.15 53.27
N SER L 342 -10.91 4.08 53.07
CA SER L 342 -9.72 3.94 53.90
C SER L 342 -8.71 3.01 53.24
N GLN L 343 -7.58 2.84 53.92
CA GLN L 343 -6.59 1.84 53.52
C GLN L 343 -7.17 0.45 53.67
N ALA L 344 -6.72 -0.46 52.79
CA ALA L 344 -7.17 -1.84 52.88
C ALA L 344 -6.88 -2.43 54.25
N ALA L 345 -5.70 -2.13 54.81
CA ALA L 345 -5.31 -2.72 56.08
C ALA L 345 -6.01 -2.12 57.29
N SER L 346 -6.42 -0.85 57.23
CA SER L 346 -7.13 -0.23 58.34
C SER L 346 -8.64 -0.20 58.13
N ALA L 347 -9.12 -0.81 57.04
CA ALA L 347 -10.53 -0.78 56.66
C ALA L 347 -11.44 -1.07 57.85
N GLY L 348 -11.31 -2.27 58.41
CA GLY L 348 -12.15 -2.63 59.54
C GLY L 348 -12.04 -1.66 60.69
N ASP L 349 -10.80 -1.26 61.02
CA ASP L 349 -10.62 -0.33 62.14
C ASP L 349 -11.38 0.96 61.91
N VAL L 350 -11.44 1.41 60.65
CA VAL L 350 -12.28 2.56 60.35
C VAL L 350 -13.74 2.19 60.52
N ILE L 351 -14.19 1.13 59.84
CA ILE L 351 -15.61 0.81 59.81
C ILE L 351 -16.14 0.61 61.22
N LYS L 352 -15.46 -0.24 61.99
CA LYS L 352 -15.90 -0.48 63.36
C LYS L 352 -15.97 0.81 64.15
N SER L 353 -14.91 1.64 64.07
CA SER L 353 -14.94 2.91 64.77
C SER L 353 -16.18 3.69 64.39
N ALA L 354 -16.41 3.86 63.08
CA ALA L 354 -17.60 4.58 62.64
C ALA L 354 -18.84 3.96 63.25
N TYR L 355 -18.99 2.65 63.09
CA TYR L 355 -20.17 1.97 63.61
C TYR L 355 -20.32 2.22 65.10
N ASP L 356 -19.22 2.08 65.84
CA ASP L 356 -19.31 2.21 67.29
C ASP L 356 -19.76 3.59 67.69
N GLN L 357 -19.31 4.63 66.96
CA GLN L 357 -19.72 5.98 67.31
C GLN L 357 -21.24 6.09 67.23
N VAL L 358 -21.84 5.54 66.17
CA VAL L 358 -23.28 5.61 66.03
C VAL L 358 -23.96 4.96 67.23
N LYS L 359 -23.40 3.85 67.72
CA LYS L 359 -24.06 3.15 68.81
C LYS L 359 -24.09 3.98 70.08
N THR L 360 -23.10 4.84 70.32
CA THR L 360 -23.17 5.67 71.50
C THR L 360 -24.28 6.70 71.39
N ILE L 361 -24.58 7.14 70.17
CA ILE L 361 -25.76 7.96 69.97
C ILE L 361 -27.03 7.15 70.23
N ALA L 362 -27.00 5.86 69.87
CA ALA L 362 -28.14 5.00 70.18
C ALA L 362 -28.31 4.84 71.69
N GLN L 363 -27.21 4.88 72.44
CA GLN L 363 -27.28 4.70 73.88
C GLN L 363 -27.58 6.00 74.61
N GLY L 364 -28.11 6.99 73.89
CA GLY L 364 -28.51 8.24 74.51
C GLY L 364 -27.39 9.23 74.77
N ASN L 365 -26.30 9.17 74.00
CA ASN L 365 -25.15 10.07 74.17
C ASN L 365 -25.15 11.04 72.99
N LEU L 366 -25.86 12.15 73.16
CA LEU L 366 -25.97 13.17 72.12
C LEU L 366 -26.47 14.45 72.77
N SER L 367 -25.66 15.50 72.71
CA SER L 367 -25.92 16.72 73.46
C SER L 367 -26.84 17.66 72.69
N ASN L 368 -27.21 18.75 73.36
CA ASN L 368 -28.03 19.76 72.70
C ASN L 368 -27.19 20.61 71.75
N THR L 369 -25.97 20.98 72.14
CA THR L 369 -25.16 21.82 71.28
C THR L 369 -24.82 21.11 69.97
N ASP L 370 -24.56 19.80 70.03
CA ASP L 370 -24.30 19.04 68.82
C ASP L 370 -25.52 19.03 67.90
N VAL L 371 -26.72 18.91 68.45
CA VAL L 371 -27.91 18.86 67.62
C VAL L 371 -28.25 20.24 67.07
N GLN L 372 -28.03 21.30 67.85
CA GLN L 372 -28.19 22.64 67.33
C GLN L 372 -27.23 22.89 66.18
N ALA L 373 -25.98 22.43 66.32
CA ALA L 373 -25.04 22.55 65.22
C ALA L 373 -25.48 21.73 64.01
N ALA L 374 -26.02 20.54 64.24
CA ALA L 374 -26.50 19.71 63.12
C ALA L 374 -27.67 20.37 62.41
N LYS L 375 -28.61 20.92 63.17
CA LYS L 375 -29.73 21.64 62.58
C LYS L 375 -29.27 22.84 61.79
N ASN L 376 -28.28 23.58 62.32
CA ASN L 376 -27.74 24.71 61.59
C ASN L 376 -27.09 24.26 60.28
N LYS L 377 -26.31 23.17 60.32
CA LYS L 377 -25.71 22.65 59.10
C LYS L 377 -26.76 22.27 58.08
N LEU L 378 -27.82 21.58 58.54
CA LEU L 378 -28.87 21.11 57.65
C LEU L 378 -29.64 22.27 57.04
N LYS L 379 -30.02 23.26 57.86
CA LYS L 379 -30.78 24.39 57.36
C LYS L 379 -29.95 25.22 56.37
N ALA L 380 -28.68 25.47 56.71
CA ALA L 380 -27.82 26.22 55.81
C ALA L 380 -27.59 25.46 54.51
N GLY L 381 -27.41 24.14 54.59
CA GLY L 381 -27.25 23.36 53.37
C GLY L 381 -28.48 23.38 52.50
N TYR L 382 -29.66 23.31 53.11
CA TYR L 382 -30.90 23.38 52.34
C TYR L 382 -31.03 24.73 51.64
N LEU L 383 -30.76 25.82 52.36
CA LEU L 383 -30.88 27.13 51.73
C LEU L 383 -29.81 27.34 50.67
N MET L 384 -28.62 26.77 50.86
CA MET L 384 -27.55 26.93 49.88
C MET L 384 -27.77 26.06 48.64
N SER L 385 -28.50 24.95 48.79
CA SER L 385 -28.75 24.07 47.65
C SER L 385 -29.63 24.72 46.61
N VAL L 386 -30.56 25.58 47.02
CA VAL L 386 -31.48 26.23 46.08
C VAL L 386 -30.96 27.56 45.59
N GLU L 387 -29.73 27.94 45.97
CA GLU L 387 -29.15 29.20 45.52
C GLU L 387 -29.05 29.24 43.99
N SER L 388 -28.51 28.18 43.40
CA SER L 388 -28.43 28.10 41.95
C SER L 388 -29.79 27.75 41.36
N SER L 389 -30.09 28.33 40.20
CA SER L 389 -31.36 28.05 39.54
C SER L 389 -31.50 26.56 39.24
N GLU L 390 -30.39 25.89 38.97
CA GLU L 390 -30.40 24.44 38.84
C GLU L 390 -30.96 23.79 40.10
N GLY L 391 -30.42 24.13 41.26
CA GLY L 391 -30.85 23.52 42.50
C GLY L 391 -32.28 23.87 42.89
N PHE L 392 -32.66 25.14 42.70
CA PHE L 392 -34.03 25.54 42.98
C PHE L 392 -35.02 24.81 42.08
N LEU L 393 -34.69 24.69 40.79
CA LEU L 393 -35.53 23.92 39.89
C LEU L 393 -35.63 22.47 40.32
N ASP L 394 -34.50 21.87 40.73
CA ASP L 394 -34.51 20.49 41.18
C ASP L 394 -35.39 20.30 42.41
N GLU L 395 -35.29 21.22 43.36
CA GLU L 395 -36.09 21.12 44.59
C GLU L 395 -37.57 21.27 44.28
N VAL L 396 -37.93 22.24 43.44
CA VAL L 396 -39.34 22.42 43.10
C VAL L 396 -39.87 21.21 42.34
N GLY L 397 -39.07 20.66 41.42
CA GLY L 397 -39.52 19.49 40.67
C GLY L 397 -39.73 18.27 41.55
N SER L 398 -38.77 18.00 42.44
CA SER L 398 -38.93 16.87 43.35
C SER L 398 -40.12 17.07 44.28
N GLN L 399 -40.36 18.31 44.73
CA GLN L 399 -41.54 18.55 45.54
C GLN L 399 -42.82 18.30 44.76
N ALA L 400 -42.86 18.76 43.50
CA ALA L 400 -44.07 18.60 42.68
C ALA L 400 -44.35 17.14 42.38
N LEU L 401 -43.31 16.32 42.23
CA LEU L 401 -43.53 14.90 41.99
C LEU L 401 -43.85 14.15 43.28
N VAL L 402 -42.94 14.21 44.26
CA VAL L 402 -43.08 13.44 45.48
C VAL L 402 -44.33 13.84 46.24
N ALA L 403 -44.59 15.14 46.37
CA ALA L 403 -45.67 15.64 47.20
C ALA L 403 -46.82 16.27 46.46
N GLY L 404 -46.61 16.77 45.24
CA GLY L 404 -47.66 17.49 44.54
C GLY L 404 -48.06 18.79 45.19
N SER L 405 -47.12 19.48 45.83
CA SER L 405 -47.36 20.78 46.43
C SER L 405 -46.03 21.42 46.78
N TYR L 406 -45.95 22.73 46.66
CA TYR L 406 -44.75 23.47 47.00
C TYR L 406 -44.77 23.88 48.47
N VAL L 407 -43.62 23.77 49.12
CA VAL L 407 -43.46 24.15 50.52
C VAL L 407 -42.26 25.09 50.58
N GLN L 408 -42.49 26.33 51.03
CA GLN L 408 -41.45 27.35 51.05
C GLN L 408 -40.36 26.96 52.05
N PRO L 409 -39.14 27.49 51.87
CA PRO L 409 -38.04 27.08 52.75
C PRO L 409 -38.27 27.36 54.23
N SER L 410 -39.08 28.37 54.57
CA SER L 410 -39.32 28.67 55.98
C SER L 410 -39.98 27.50 56.69
N THR L 411 -40.95 26.86 56.02
CA THR L 411 -41.60 25.69 56.61
C THR L 411 -40.64 24.50 56.67
N VAL L 412 -39.77 24.34 55.68
CA VAL L 412 -38.75 23.30 55.73
C VAL L 412 -37.85 23.49 56.94
N LEU L 413 -37.43 24.73 57.17
CA LEU L 413 -36.61 25.06 58.33
C LEU L 413 -37.36 24.79 59.63
N GLN L 414 -38.64 25.13 59.66
CA GLN L 414 -39.48 24.88 60.85
C GLN L 414 -39.61 23.39 61.14
N GLN L 415 -39.72 22.57 60.10
CA GLN L 415 -39.74 21.12 60.28
C GLN L 415 -38.41 20.63 60.82
N ILE L 416 -37.30 21.23 60.37
CA ILE L 416 -36.01 20.88 60.95
C ILE L 416 -35.97 21.25 62.43
N ASP L 417 -36.49 22.43 62.78
CA ASP L 417 -36.51 22.87 64.17
C ASP L 417 -37.39 22.00 65.06
N SER L 418 -38.45 21.42 64.50
CA SER L 418 -39.36 20.63 65.32
C SER L 418 -38.71 19.32 65.80
N VAL L 419 -37.69 18.84 65.09
CA VAL L 419 -37.05 17.56 65.42
C VAL L 419 -36.44 17.63 66.80
N ALA L 420 -36.88 16.74 67.68
CA ALA L 420 -36.33 16.74 69.03
C ALA L 420 -34.99 16.01 69.06
N ASP L 421 -34.35 16.07 70.22
CA ASP L 421 -33.14 15.29 70.48
C ASP L 421 -33.45 13.79 70.46
N ALA L 422 -34.58 13.39 71.03
CA ALA L 422 -34.96 11.98 71.08
C ALA L 422 -35.29 11.43 69.71
N ASP L 423 -35.78 12.27 68.80
CA ASP L 423 -35.99 11.81 67.42
C ASP L 423 -34.67 11.41 66.78
N VAL L 424 -33.62 12.20 67.03
CA VAL L 424 -32.30 11.87 66.49
C VAL L 424 -31.76 10.61 67.13
N ILE L 425 -31.79 10.55 68.46
CA ILE L 425 -31.28 9.41 69.23
C ILE L 425 -31.85 8.12 68.69
CA ASN L 426 -34.63 7.07 67.88
C ASN L 426 -34.16 6.65 66.49
N ALA L 427 -33.76 7.63 65.68
CA ALA L 427 -33.22 7.30 64.35
C ALA L 427 -31.94 6.48 64.46
N ALA L 428 -31.02 6.90 65.34
CA ALA L 428 -29.76 6.17 65.49
C ALA L 428 -30.00 4.77 66.05
N LYS L 429 -30.89 4.66 67.04
CA LYS L 429 -31.24 3.35 67.59
C LYS L 429 -31.83 2.44 66.53
N LYS L 430 -32.67 2.98 65.65
CA LYS L 430 -33.24 2.18 64.59
C LYS L 430 -32.18 1.70 63.62
N PHE L 431 -31.22 2.57 63.27
CA PHE L 431 -30.13 2.11 62.39
C PHE L 431 -29.35 0.99 63.06
N VAL L 432 -29.04 1.14 64.35
CA VAL L 432 -28.26 0.14 65.05
C VAL L 432 -29.00 -1.19 65.11
N SER L 433 -30.25 -1.17 65.55
CA SER L 433 -30.99 -2.42 65.68
C SER L 433 -31.45 -2.97 64.34
N GLY L 434 -31.50 -2.14 63.30
CA GLY L 434 -32.00 -2.58 62.02
C GLY L 434 -31.04 -3.49 61.29
N ARG L 435 -31.59 -4.35 60.45
CA ARG L 435 -30.79 -5.23 59.62
C ARG L 435 -29.96 -4.41 58.64
N LYS L 436 -28.78 -4.91 58.32
CA LYS L 436 -27.76 -4.15 57.61
C LYS L 436 -27.52 -4.71 56.22
N SER L 437 -27.36 -3.80 55.26
CA SER L 437 -26.81 -4.15 53.97
C SER L 437 -25.45 -3.47 53.80
N MET L 438 -24.53 -4.17 53.17
CA MET L 438 -23.15 -3.69 53.07
C MET L 438 -22.65 -3.90 51.65
N ALA L 439 -21.96 -2.89 51.13
CA ALA L 439 -21.28 -3.01 49.85
C ALA L 439 -19.87 -2.45 49.99
N ALA L 440 -18.87 -3.27 49.68
CA ALA L 440 -17.48 -2.85 49.79
C ALA L 440 -16.72 -3.21 48.52
N SER L 441 -15.79 -2.33 48.14
CA SER L 441 -14.92 -2.54 47.00
C SER L 441 -13.49 -2.16 47.36
N GLY L 442 -12.54 -2.81 46.70
CA GLY L 442 -11.13 -2.64 46.98
C GLY L 442 -10.43 -3.96 47.24
N ASN L 443 -9.31 -3.92 47.97
CA ASN L 443 -8.69 -5.13 48.50
C ASN L 443 -9.29 -5.38 49.87
N LEU L 444 -10.15 -6.39 49.99
CA LEU L 444 -11.02 -6.54 51.14
C LEU L 444 -10.55 -7.63 52.12
N GLY L 445 -9.25 -7.95 52.11
CA GLY L 445 -8.76 -9.01 52.96
C GLY L 445 -8.96 -8.74 54.44
N HIS L 446 -9.01 -7.47 54.83
CA HIS L 446 -9.26 -7.09 56.21
C HIS L 446 -10.59 -6.37 56.39
N THR L 447 -11.36 -6.20 55.34
CA THR L 447 -12.69 -5.65 55.48
C THR L 447 -13.60 -6.67 56.15
N PRO L 448 -14.26 -6.32 57.24
CA PRO L 448 -15.16 -7.27 57.90
C PRO L 448 -16.41 -7.52 57.07
N PHE L 449 -17.11 -8.59 57.43
CA PHE L 449 -18.38 -8.94 56.82
C PHE L 449 -19.51 -8.29 57.60
N VAL L 450 -20.64 -8.08 56.92
CA VAL L 450 -21.77 -7.40 57.53
C VAL L 450 -22.22 -8.12 58.80
N ASP L 451 -22.00 -9.43 58.87
CA ASP L 451 -22.39 -10.20 60.05
C ASP L 451 -21.39 -10.04 61.20
N GLU L 452 -20.23 -9.46 60.95
CA GLU L 452 -19.22 -9.30 61.99
C GLU L 452 -18.71 -7.87 62.03
N MET M 1 -13.44 15.88 6.42
CA MET M 1 -13.37 14.86 7.47
C MET M 1 -12.08 14.06 7.34
N THR M 2 -11.24 14.42 6.37
CA THR M 2 -9.96 13.76 6.22
C THR M 2 -8.99 14.73 5.56
N ASN M 3 -7.71 14.53 5.81
CA ASN M 3 -6.67 15.23 5.08
C ASN M 3 -6.45 14.51 3.75
N ILE M 4 -6.54 15.25 2.65
CA ILE M 4 -6.39 14.66 1.32
C ILE M 4 -5.01 14.04 1.18
N ARG M 5 -4.00 14.68 1.78
CA ARG M 5 -2.62 14.17 1.74
C ARG M 5 -2.52 12.76 2.28
N LYS M 6 -3.39 12.38 3.23
CA LYS M 6 -3.39 11.04 3.79
C LYS M 6 -4.51 10.16 3.25
N SER M 7 -5.61 10.73 2.79
CA SER M 7 -6.70 9.87 2.32
C SER M 7 -6.56 9.52 0.83
N HIS M 8 -6.16 10.47 0.00
CA HIS M 8 -6.19 10.25 -1.44
C HIS M 8 -5.17 9.18 -1.83
N PRO M 9 -5.56 8.19 -2.65
CA PRO M 9 -4.67 7.04 -2.91
C PRO M 9 -3.32 7.37 -3.51
N LEU M 10 -3.22 8.37 -4.39
CA LEU M 10 -1.89 8.76 -4.87
C LEU M 10 -1.17 9.64 -3.87
N MET M 11 -1.89 10.63 -3.32
CA MET M 11 -1.29 11.48 -2.30
C MET M 11 -0.92 10.67 -1.07
N LYS M 12 -1.64 9.59 -0.80
CA LYS M 12 -1.28 8.71 0.32
C LYS M 12 0.15 8.20 0.18
N ILE M 13 0.52 7.71 -1.00
CA ILE M 13 1.83 7.10 -1.17
C ILE M 13 2.92 8.16 -1.32
N ILE M 14 2.59 9.29 -1.97
CA ILE M 14 3.55 10.40 -1.99
C ILE M 14 3.82 10.89 -0.57
N ASN M 15 2.76 11.01 0.23
CA ASN M 15 2.87 11.46 1.61
C ASN M 15 3.72 10.50 2.42
N ASN M 16 3.48 9.20 2.27
CA ASN M 16 4.22 8.20 3.02
C ASN M 16 5.68 8.10 2.60
N ALA M 17 6.00 8.43 1.35
CA ALA M 17 7.37 8.32 0.89
C ALA M 17 8.20 9.59 1.07
N PHE M 18 7.60 10.78 1.00
CA PHE M 18 8.38 12.01 0.92
C PHE M 18 7.95 13.11 1.89
N ILE M 19 6.91 12.88 2.70
CA ILE M 19 6.40 13.95 3.57
C ILE M 19 6.35 13.49 5.02
N ASP M 20 5.56 12.46 5.28
CA ASP M 20 5.35 11.95 6.62
C ASP M 20 6.20 10.72 6.91
N LEU M 21 7.13 10.39 6.02
CA LEU M 21 8.05 9.29 6.26
C LEU M 21 8.92 9.59 7.48
N PRO M 22 9.00 8.69 8.45
CA PRO M 22 9.93 8.89 9.58
C PRO M 22 11.36 8.62 9.12
N ALA M 23 12.20 9.65 9.21
CA ALA M 23 13.59 9.59 8.83
C ALA M 23 14.46 9.84 10.05
N PRO M 24 15.65 9.24 10.12
CA PRO M 24 16.51 9.47 11.29
C PRO M 24 16.90 10.93 11.41
N SER M 25 16.91 11.43 12.65
CA SER M 25 17.20 12.84 12.86
C SER M 25 18.66 13.18 12.63
N ASN M 26 19.54 12.17 12.46
CA ASN M 26 20.98 12.41 12.42
C ASN M 26 21.68 11.90 11.16
N ILE M 27 20.94 11.62 10.08
CA ILE M 27 21.62 11.21 8.84
C ILE M 27 22.35 12.42 8.24
N SER M 28 23.59 12.20 7.81
CA SER M 28 24.50 13.25 7.42
C SER M 28 24.43 13.55 5.92
N SER M 29 25.38 14.32 5.43
CA SER M 29 25.44 14.69 4.01
C SER M 29 25.63 13.50 3.10
N TRP M 30 26.25 12.43 3.61
CA TRP M 30 26.43 11.21 2.81
C TRP M 30 25.10 10.57 2.44
N TRP M 31 24.03 10.89 3.18
CA TRP M 31 22.70 10.42 2.87
C TRP M 31 21.99 11.27 1.82
N ASN M 32 22.57 12.40 1.43
CA ASN M 32 21.98 13.22 0.37
C ASN M 32 22.09 12.59 -1.01
N PHE M 33 23.11 11.76 -1.24
CA PHE M 33 23.43 11.27 -2.56
C PHE M 33 22.41 10.29 -3.11
N GLY M 34 21.43 9.87 -2.32
CA GLY M 34 20.30 9.17 -2.87
C GLY M 34 19.45 10.11 -3.69
N SER M 35 19.01 11.22 -3.07
CA SER M 35 18.18 12.16 -3.80
C SER M 35 18.93 12.74 -4.99
N LEU M 36 20.21 13.06 -4.79
CA LEU M 36 21.07 13.49 -5.89
C LEU M 36 20.98 12.51 -7.05
N LEU M 37 21.11 11.22 -6.77
CA LEU M 37 21.02 10.24 -7.85
C LEU M 37 19.67 10.32 -8.53
N GLY M 38 18.60 10.39 -7.75
CA GLY M 38 17.28 10.52 -8.33
C GLY M 38 17.16 11.80 -9.15
N ILE M 39 17.85 12.86 -8.72
CA ILE M 39 17.86 14.08 -9.52
C ILE M 39 18.71 13.87 -10.77
N CYS M 40 19.88 13.24 -10.63
CA CYS M 40 20.74 13.00 -11.79
C CYS M 40 20.00 12.22 -12.86
N LEU M 41 19.41 11.08 -12.47
CA LEU M 41 18.54 10.33 -13.37
C LEU M 41 17.59 11.26 -14.10
N ILE M 42 16.84 12.07 -13.35
CA ILE M 42 15.84 12.94 -13.98
C ILE M 42 16.52 13.87 -14.98
N LEU M 43 17.63 14.48 -14.58
CA LEU M 43 18.35 15.37 -15.48
C LEU M 43 18.74 14.64 -16.76
N GLN M 44 19.29 13.43 -16.62
CA GLN M 44 19.72 12.69 -17.80
C GLN M 44 18.54 12.39 -18.72
N ILE M 45 17.37 12.13 -18.14
CA ILE M 45 16.21 11.85 -18.98
C ILE M 45 15.74 13.12 -19.66
N LEU M 46 15.86 14.27 -18.98
CA LEU M 46 15.39 15.51 -19.58
C LEU M 46 16.30 15.93 -20.72
N THR M 47 17.56 16.25 -20.41
CA THR M 47 18.51 16.64 -21.44
C THR M 47 18.56 15.61 -22.56
N GLY M 48 18.62 14.32 -22.18
CA GLY M 48 18.69 13.28 -23.19
C GLY M 48 17.53 13.34 -24.16
N LEU M 49 16.32 13.49 -23.63
CA LEU M 49 15.16 13.57 -24.50
C LEU M 49 15.27 14.77 -25.44
N PHE M 50 15.73 15.91 -24.91
CA PHE M 50 15.89 17.06 -25.77
C PHE M 50 17.03 16.87 -26.73
N LEU M 51 18.03 16.09 -26.33
CA LEU M 51 19.03 15.65 -27.30
C LEU M 51 18.41 14.73 -28.33
N ALA M 52 17.51 13.84 -27.90
CA ALA M 52 16.90 12.90 -28.83
C ALA M 52 16.01 13.59 -29.86
N MET M 53 15.62 14.83 -29.61
CA MET M 53 14.84 15.61 -30.57
C MET M 53 15.67 16.04 -31.77
N HIS M 54 16.98 15.90 -31.72
CA HIS M 54 17.87 16.32 -32.79
C HIS M 54 18.86 15.26 -33.22
N TYR M 55 19.19 14.31 -32.35
CA TYR M 55 20.14 13.26 -32.70
C TYR M 55 19.54 12.30 -33.72
N THR M 56 20.39 11.84 -34.65
CA THR M 56 20.02 10.80 -35.61
C THR M 56 21.06 9.70 -35.54
N SER M 57 20.60 8.44 -35.44
CA SER M 57 21.50 7.34 -35.13
C SER M 57 22.10 6.65 -36.35
N ASP M 58 21.89 7.17 -37.56
CA ASP M 58 22.63 6.65 -38.70
C ASP M 58 24.11 7.03 -38.58
N THR M 59 24.97 6.13 -39.08
CA THR M 59 26.42 6.34 -38.96
C THR M 59 26.94 7.44 -39.86
N THR M 60 26.15 7.86 -40.85
CA THR M 60 26.56 8.99 -41.68
C THR M 60 26.16 10.33 -41.08
N THR M 61 25.32 10.34 -40.03
CA THR M 61 24.79 11.58 -39.50
C THR M 61 24.95 11.75 -37.99
N ALA M 62 25.35 10.71 -37.25
CA ALA M 62 25.38 10.80 -35.79
C ALA M 62 26.35 11.87 -35.31
N PHE M 63 27.60 11.81 -35.77
CA PHE M 63 28.57 12.82 -35.42
C PHE M 63 28.12 14.19 -35.91
N SER M 64 27.59 14.26 -37.13
CA SER M 64 27.07 15.51 -37.67
C SER M 64 25.87 16.02 -36.87
N SER M 65 24.97 15.12 -36.47
CA SER M 65 23.82 15.56 -35.69
C SER M 65 24.27 16.14 -34.35
N VAL M 66 25.28 15.54 -33.72
CA VAL M 66 25.77 16.08 -32.45
C VAL M 66 26.45 17.44 -32.66
N THR M 67 27.24 17.57 -33.73
CA THR M 67 27.80 18.86 -34.08
C THR M 67 26.71 19.91 -34.34
N HIS M 68 25.63 19.50 -35.00
CA HIS M 68 24.48 20.38 -35.24
C HIS M 68 23.85 20.82 -33.93
N ILE M 69 23.73 19.91 -32.97
CA ILE M 69 23.18 20.27 -31.67
C ILE M 69 24.07 21.29 -30.99
N CYS M 70 25.38 21.10 -31.04
CA CYS M 70 26.31 21.99 -30.35
C CYS M 70 26.57 23.30 -31.08
N ARG M 71 26.18 23.43 -32.36
CA ARG M 71 26.45 24.65 -33.10
C ARG M 71 25.23 25.40 -33.61
N ASP M 72 24.07 24.75 -33.76
CA ASP M 72 22.96 25.42 -34.42
C ASP M 72 21.68 25.40 -33.59
N VAL M 73 21.45 24.33 -32.83
CA VAL M 73 20.28 24.27 -31.98
C VAL M 73 20.43 25.32 -30.90
N ASN M 74 19.39 26.12 -30.68
CA ASN M 74 19.43 27.17 -29.68
C ASN M 74 19.64 26.54 -28.30
N TYR M 75 20.73 26.95 -27.63
CA TYR M 75 21.16 26.39 -26.35
C TYR M 75 21.34 24.87 -26.43
N GLY M 76 21.77 24.39 -27.60
CA GLY M 76 22.01 22.96 -27.75
C GLY M 76 23.29 22.49 -27.12
N TRP M 77 24.32 23.33 -27.09
CA TRP M 77 25.55 22.96 -26.40
C TRP M 77 25.34 22.87 -24.89
N VAL M 78 24.47 23.73 -24.34
CA VAL M 78 24.14 23.64 -22.93
C VAL M 78 23.57 22.26 -22.61
N ILE M 79 22.56 21.83 -23.38
CA ILE M 79 21.92 20.55 -23.13
C ILE M 79 22.89 19.39 -23.37
N ARG M 80 23.69 19.49 -24.43
CA ARG M 80 24.65 18.43 -24.74
C ARG M 80 25.66 18.24 -23.61
N TYR M 81 26.34 19.31 -23.20
CA TYR M 81 27.37 19.16 -22.19
C TYR M 81 26.78 18.98 -20.80
N LEU M 82 25.54 19.43 -20.57
CA LEU M 82 24.84 19.07 -19.35
C LEU M 82 24.63 17.57 -19.28
N HIS M 83 24.19 16.96 -20.38
CA HIS M 83 24.04 15.52 -20.43
C HIS M 83 25.36 14.80 -20.21
N ALA M 84 26.42 15.26 -20.89
CA ALA M 84 27.71 14.60 -20.83
C ALA M 84 28.31 14.65 -19.44
N ASN M 85 28.25 15.81 -18.78
CA ASN M 85 28.79 15.93 -17.43
C ASN M 85 27.82 15.46 -16.36
N GLY M 86 26.53 15.39 -16.66
CA GLY M 86 25.58 14.78 -15.74
C GLY M 86 25.73 13.29 -15.66
N ALA M 87 26.20 12.64 -16.72
CA ALA M 87 26.58 11.24 -16.59
C ALA M 87 27.75 11.06 -15.62
N SER M 88 28.77 11.92 -15.72
CA SER M 88 29.89 11.85 -14.79
C SER M 88 29.45 12.18 -13.36
N MET M 89 28.56 13.16 -13.19
CA MET M 89 28.02 13.44 -11.87
C MET M 89 27.21 12.26 -11.33
N PHE M 90 26.46 11.59 -12.21
CA PHE M 90 25.74 10.38 -11.84
C PHE M 90 26.68 9.33 -11.29
N PHE M 91 27.83 9.13 -11.94
CA PHE M 91 28.74 8.08 -11.46
C PHE M 91 29.50 8.52 -10.21
N ILE M 92 29.84 9.80 -10.10
CA ILE M 92 30.40 10.30 -8.84
C ILE M 92 29.46 10.03 -7.69
N CYS M 93 28.18 10.39 -7.88
CA CYS M 93 27.18 10.19 -6.84
C CYS M 93 26.95 8.71 -6.56
N LEU M 94 26.97 7.87 -7.60
CA LEU M 94 26.80 6.43 -7.40
C LEU M 94 27.93 5.85 -6.58
N PHE M 95 29.17 6.22 -6.91
CA PHE M 95 30.31 5.69 -6.16
C PHE M 95 30.28 6.15 -4.72
N ILE M 96 29.89 7.40 -4.48
CA ILE M 96 29.78 7.89 -3.11
C ILE M 96 28.63 7.18 -2.37
N HIS M 97 27.52 6.93 -3.07
CA HIS M 97 26.37 6.22 -2.52
C HIS M 97 26.74 4.80 -2.09
N VAL M 98 27.43 4.07 -2.96
CA VAL M 98 27.86 2.71 -2.63
C VAL M 98 28.95 2.73 -1.55
N GLY M 99 29.85 3.70 -1.58
CA GLY M 99 30.83 3.82 -0.52
C GLY M 99 30.19 4.05 0.84
N ARG M 100 29.16 4.90 0.88
CA ARG M 100 28.39 5.09 2.11
C ARG M 100 27.77 3.77 2.56
N GLY M 101 27.16 3.03 1.62
CA GLY M 101 26.57 1.76 1.98
C GLY M 101 27.57 0.81 2.61
N LEU M 102 28.76 0.72 2.01
CA LEU M 102 29.82 -0.12 2.57
C LEU M 102 30.25 0.35 3.95
N TYR M 103 30.45 1.67 4.09
CA TYR M 103 31.01 2.21 5.33
C TYR M 103 30.04 2.05 6.50
N TYR M 104 28.74 2.26 6.29
CA TYR M 104 27.79 2.23 7.39
C TYR M 104 26.99 0.94 7.47
N GLY M 105 27.35 -0.08 6.69
CA GLY M 105 26.63 -1.33 6.75
C GLY M 105 25.24 -1.29 6.18
N SER M 106 24.97 -0.35 5.27
CA SER M 106 23.64 -0.24 4.68
C SER M 106 23.26 -1.49 3.90
N TYR M 107 24.25 -2.29 3.48
CA TYR M 107 23.96 -3.51 2.73
C TYR M 107 23.18 -4.53 3.57
N MET M 108 23.13 -4.34 4.88
CA MET M 108 22.31 -5.20 5.74
C MET M 108 20.83 -5.11 5.41
N PHE M 109 20.41 -4.05 4.74
CA PHE M 109 19.11 -4.00 4.08
C PHE M 109 19.25 -4.76 2.75
N LEU M 110 19.01 -6.08 2.82
CA LEU M 110 19.38 -6.97 1.71
C LEU M 110 18.69 -6.61 0.40
N GLU M 111 17.37 -6.40 0.44
CA GLU M 111 16.62 -6.23 -0.80
C GLU M 111 16.99 -4.94 -1.50
N THR M 112 17.09 -3.83 -0.76
CA THR M 112 17.46 -2.57 -1.38
C THR M 112 18.92 -2.59 -1.84
N TRP M 113 19.81 -3.26 -1.11
CA TRP M 113 21.19 -3.38 -1.55
C TRP M 113 21.28 -4.16 -2.86
N ASN M 114 20.53 -5.25 -2.97
CA ASN M 114 20.54 -6.03 -4.20
C ASN M 114 19.92 -5.26 -5.37
N ILE M 115 18.82 -4.55 -5.12
CA ILE M 115 18.27 -3.66 -6.14
C ILE M 115 19.32 -2.62 -6.55
N GLY M 116 20.09 -2.12 -5.59
CA GLY M 116 21.12 -1.15 -5.90
C GLY M 116 22.22 -1.72 -6.76
N VAL M 117 22.60 -2.97 -6.53
CA VAL M 117 23.56 -3.62 -7.42
C VAL M 117 22.99 -3.71 -8.83
N VAL M 118 21.72 -4.10 -8.95
CA VAL M 118 21.08 -4.15 -10.26
C VAL M 118 21.12 -2.78 -10.92
N LEU M 119 20.78 -1.74 -10.16
CA LEU M 119 20.78 -0.37 -10.66
C LEU M 119 22.16 0.05 -11.12
N LEU M 120 23.20 -0.34 -10.37
CA LEU M 120 24.56 -0.01 -10.76
C LEU M 120 24.89 -0.61 -12.11
N PHE M 121 24.59 -1.90 -12.29
CA PHE M 121 24.85 -2.55 -13.57
C PHE M 121 24.07 -1.88 -14.71
N THR M 122 22.81 -1.52 -14.47
CA THR M 122 21.99 -0.93 -15.53
C THR M 122 22.47 0.48 -15.89
N VAL M 123 22.85 1.27 -14.90
CA VAL M 123 23.40 2.60 -15.16
C VAL M 123 24.69 2.48 -15.96
N MET M 124 25.54 1.49 -15.62
CA MET M 124 26.76 1.29 -16.39
C MET M 124 26.47 0.91 -17.83
N ALA M 125 25.51 0.01 -18.04
CA ALA M 125 25.12 -0.37 -19.39
C ALA M 125 24.60 0.84 -20.17
N THR M 126 23.76 1.64 -19.53
CA THR M 126 23.22 2.84 -20.17
C THR M 126 24.34 3.79 -20.58
N ALA M 127 25.23 4.12 -19.66
CA ALA M 127 26.29 5.08 -19.97
C ALA M 127 27.22 4.53 -21.05
N PHE M 128 27.53 3.24 -21.00
CA PHE M 128 28.39 2.63 -22.02
C PHE M 128 27.76 2.76 -23.40
N MET M 129 26.47 2.42 -23.53
CA MET M 129 25.85 2.47 -24.84
C MET M 129 25.66 3.92 -25.31
N GLY M 130 25.41 4.84 -24.38
CA GLY M 130 25.29 6.23 -24.75
C GLY M 130 26.59 6.85 -25.22
N TYR M 131 27.72 6.43 -24.66
CA TYR M 131 28.98 7.01 -25.09
C TYR M 131 29.32 6.69 -26.53
N VAL M 132 28.76 5.61 -27.09
CA VAL M 132 28.99 5.27 -28.48
C VAL M 132 28.21 6.20 -29.41
N LEU M 133 27.10 6.77 -28.94
CA LEU M 133 26.21 7.56 -29.80
C LEU M 133 26.88 8.72 -30.52
N PRO M 134 27.83 9.48 -29.94
CA PRO M 134 28.49 10.53 -30.73
C PRO M 134 29.22 10.01 -31.96
N TRP M 135 29.62 8.74 -31.96
CA TRP M 135 30.29 8.09 -33.09
C TRP M 135 31.64 8.74 -33.39
N GLY M 136 32.36 9.12 -32.33
CA GLY M 136 33.74 9.55 -32.44
C GLY M 136 34.70 8.38 -32.39
N GLN M 137 35.99 8.70 -32.46
CA GLN M 137 37.01 7.66 -32.43
C GLN M 137 36.97 6.88 -31.13
N MET M 138 36.84 7.58 -30.00
CA MET M 138 36.78 6.90 -28.71
C MET M 138 35.48 6.10 -28.57
N SER M 139 34.35 6.66 -29.03
CA SER M 139 33.10 5.91 -29.01
C SER M 139 33.26 4.58 -29.74
N PHE M 140 33.74 4.64 -30.98
CA PHE M 140 33.84 3.44 -31.80
C PHE M 140 34.79 2.43 -31.20
N TRP M 141 36.00 2.85 -30.83
CA TRP M 141 37.00 1.89 -30.40
C TRP M 141 36.77 1.37 -28.98
N GLY M 142 36.15 2.16 -28.11
CA GLY M 142 35.72 1.62 -26.84
C GLY M 142 34.63 0.58 -26.99
N ALA M 143 33.63 0.85 -27.85
CA ALA M 143 32.65 -0.19 -28.14
C ALA M 143 33.34 -1.43 -28.69
N THR M 144 34.32 -1.24 -29.58
CA THR M 144 35.03 -2.37 -30.17
C THR M 144 35.68 -3.24 -29.10
N VAL M 145 36.46 -2.63 -28.20
CA VAL M 145 37.19 -3.41 -27.20
C VAL M 145 36.23 -4.10 -26.23
N ILE M 146 35.24 -3.36 -25.71
CA ILE M 146 34.42 -3.94 -24.66
C ILE M 146 33.39 -4.93 -25.22
N THR M 147 33.02 -4.81 -26.48
CA THR M 147 32.19 -5.86 -27.07
C THR M 147 33.02 -7.09 -27.38
N ASN M 148 34.23 -6.92 -27.93
CA ASN M 148 35.10 -8.06 -28.17
C ASN M 148 35.49 -8.78 -26.89
N LEU M 149 35.39 -8.11 -25.74
CA LEU M 149 35.58 -8.81 -24.47
C LEU M 149 34.60 -9.95 -24.28
N LEU M 150 33.45 -9.92 -24.97
CA LEU M 150 32.44 -10.96 -24.80
C LEU M 150 32.74 -12.22 -25.60
N SER M 151 33.71 -12.18 -26.53
CA SER M 151 34.12 -13.39 -27.21
C SER M 151 34.85 -14.36 -26.30
N ALA M 152 35.40 -13.87 -25.19
CA ALA M 152 36.11 -14.72 -24.24
C ALA M 152 35.19 -15.73 -23.59
N ILE M 153 33.88 -15.53 -23.66
CA ILE M 153 32.93 -16.51 -23.14
C ILE M 153 33.08 -17.81 -23.93
N PRO M 154 33.18 -18.95 -23.27
CA PRO M 154 33.40 -20.21 -24.01
C PRO M 154 32.18 -20.66 -24.78
N TYR M 155 32.43 -21.23 -25.96
CA TYR M 155 31.44 -21.85 -26.84
C TYR M 155 30.55 -20.83 -27.53
N ILE M 156 29.75 -20.10 -26.75
CA ILE M 156 28.73 -19.21 -27.31
C ILE M 156 29.22 -17.76 -27.39
N GLY M 157 30.49 -17.51 -27.11
CA GLY M 157 30.94 -16.13 -26.96
C GLY M 157 30.92 -15.35 -28.26
N THR M 158 31.53 -15.92 -29.30
CA THR M 158 31.62 -15.21 -30.59
C THR M 158 30.25 -14.97 -31.19
N ASP M 159 29.36 -15.95 -31.10
CA ASP M 159 27.99 -15.78 -31.59
C ASP M 159 27.26 -14.70 -30.80
N LEU M 160 27.47 -14.66 -29.49
CA LEU M 160 26.89 -13.60 -28.68
C LEU M 160 27.38 -12.22 -29.10
N VAL M 161 28.68 -12.08 -29.38
CA VAL M 161 29.21 -10.78 -29.79
C VAL M 161 28.65 -10.38 -31.15
N GLU M 162 28.66 -11.31 -32.12
CA GLU M 162 28.17 -10.98 -33.45
C GLU M 162 26.68 -10.70 -33.44
N TRP M 163 25.93 -11.31 -32.52
CA TRP M 163 24.51 -11.02 -32.40
C TRP M 163 24.27 -9.64 -31.79
N ILE M 164 25.07 -9.27 -30.78
CA ILE M 164 24.96 -7.93 -30.22
C ILE M 164 25.37 -6.88 -31.25
N TRP M 165 26.35 -7.19 -32.08
CA TRP M 165 26.76 -6.28 -33.14
C TRP M 165 25.66 -6.13 -34.18
N GLY M 166 24.95 -7.21 -34.48
CA GLY M 166 24.12 -7.24 -35.66
C GLY M 166 24.92 -7.34 -36.93
N GLY M 167 26.09 -7.97 -36.87
CA GLY M 167 27.00 -7.97 -37.99
C GLY M 167 28.38 -8.45 -37.54
N PHE M 168 29.35 -8.22 -38.43
CA PHE M 168 30.71 -8.71 -38.22
C PHE M 168 31.56 -7.80 -37.36
N SER M 169 31.14 -6.55 -37.17
CA SER M 169 31.91 -5.59 -36.39
C SER M 169 30.94 -4.57 -35.79
N VAL M 170 31.50 -3.60 -35.08
CA VAL M 170 30.72 -2.46 -34.61
C VAL M 170 30.46 -1.53 -35.79
N ASP M 171 29.18 -1.35 -36.11
CA ASP M 171 28.81 -0.60 -37.32
C ASP M 171 27.38 -0.09 -37.17
N LYS M 172 26.75 0.26 -38.29
CA LYS M 172 25.45 0.93 -38.30
C LYS M 172 24.40 0.23 -37.43
N ALA M 173 24.29 -1.09 -37.56
CA ALA M 173 23.32 -1.83 -36.76
C ALA M 173 23.57 -1.62 -35.27
N THR M 174 24.84 -1.70 -34.88
CA THR M 174 25.20 -1.53 -33.47
C THR M 174 24.81 -0.14 -32.98
N LEU M 175 25.07 0.89 -33.79
CA LEU M 175 24.77 2.25 -33.38
C LEU M 175 23.26 2.48 -33.21
N THR M 176 22.46 2.01 -34.17
CA THR M 176 21.02 2.24 -34.04
C THR M 176 20.43 1.45 -32.87
N ARG M 177 20.85 0.20 -32.70
CA ARG M 177 20.33 -0.56 -31.57
C ARG M 177 20.80 0.02 -30.24
N PHE M 178 22.01 0.58 -30.21
CA PHE M 178 22.50 1.19 -28.98
C PHE M 178 21.71 2.45 -28.65
N PHE M 179 21.32 3.23 -29.67
CA PHE M 179 20.42 4.35 -29.42
C PHE M 179 19.09 3.87 -28.85
N ALA M 180 18.52 2.79 -29.39
CA ALA M 180 17.24 2.30 -28.89
C ALA M 180 17.35 1.80 -27.45
N PHE M 181 18.37 0.99 -27.16
CA PHE M 181 18.55 0.48 -25.81
C PHE M 181 18.87 1.61 -24.84
N HIS M 182 19.62 2.61 -25.31
CA HIS M 182 19.97 3.74 -24.46
C HIS M 182 18.77 4.61 -24.15
N PHE M 183 17.86 4.72 -25.11
CA PHE M 183 16.61 5.44 -24.85
C PHE M 183 15.77 4.70 -23.82
N ILE M 184 15.64 3.38 -23.97
CA ILE M 184 14.68 2.67 -23.12
C ILE M 184 15.24 2.38 -21.72
N LEU M 185 16.55 2.16 -21.58
CA LEU M 185 17.08 1.67 -20.31
C LEU M 185 16.86 2.60 -19.12
N PRO M 186 17.04 3.92 -19.22
CA PRO M 186 16.81 4.77 -18.04
C PRO M 186 15.40 4.71 -17.49
N PHE M 187 14.40 4.35 -18.30
CA PHE M 187 13.06 4.18 -17.77
C PHE M 187 12.93 2.91 -16.95
N ILE M 188 13.62 1.84 -17.39
CA ILE M 188 13.75 0.65 -16.56
C ILE M 188 14.48 0.98 -15.26
N ILE M 189 15.48 1.86 -15.34
CA ILE M 189 16.18 2.32 -14.14
C ILE M 189 15.24 3.10 -13.23
N THR M 190 14.36 3.90 -13.81
CA THR M 190 13.38 4.64 -13.02
C THR M 190 12.47 3.68 -12.25
N ALA M 191 11.99 2.64 -12.94
CA ALA M 191 11.17 1.63 -12.27
C ALA M 191 11.96 0.90 -11.17
N LEU M 192 13.23 0.59 -11.44
CA LEU M 192 14.05 -0.11 -10.45
C LEU M 192 14.36 0.77 -9.25
N ALA M 193 14.53 2.09 -9.47
CA ALA M 193 14.70 3.00 -8.35
C ALA M 193 13.43 3.12 -7.52
N ALA M 194 12.27 3.06 -8.18
CA ALA M 194 11.02 3.04 -7.43
C ALA M 194 10.90 1.78 -6.57
N VAL M 195 11.25 0.63 -7.13
CA VAL M 195 11.23 -0.61 -6.35
C VAL M 195 12.26 -0.54 -5.22
N HIS M 196 13.42 0.02 -5.52
CA HIS M 196 14.48 0.28 -4.55
C HIS M 196 13.96 1.04 -3.35
N LEU M 197 13.26 2.15 -3.60
CA LEU M 197 12.70 2.94 -2.51
C LEU M 197 11.57 2.20 -1.79
N LEU M 198 10.79 1.41 -2.53
CA LEU M 198 9.76 0.59 -1.91
C LEU M 198 10.37 -0.37 -0.89
N PHE M 199 11.49 -1.01 -1.26
CA PHE M 199 12.16 -1.91 -0.33
C PHE M 199 12.80 -1.15 0.82
N LEU M 200 13.35 0.03 0.56
CA LEU M 200 13.99 0.80 1.61
C LEU M 200 12.99 1.25 2.68
N HIS M 201 11.80 1.69 2.26
CA HIS M 201 10.83 2.22 3.21
C HIS M 201 10.24 1.14 4.11
N GLU M 202 10.47 -0.14 3.81
CA GLU M 202 10.04 -1.20 4.70
C GLU M 202 10.75 -1.14 6.05
N THR M 203 11.98 -0.61 6.07
CA THR M 203 12.74 -0.43 7.30
C THR M 203 13.07 1.01 7.62
N GLY M 204 12.92 1.93 6.66
CA GLY M 204 13.47 3.24 6.80
C GLY M 204 14.98 3.24 6.56
N SER M 205 15.60 4.36 6.88
CA SER M 205 17.02 4.54 6.64
C SER M 205 17.86 4.03 7.79
N ASN M 206 19.04 3.52 7.45
CA ASN M 206 20.14 3.38 8.38
C ASN M 206 20.65 4.77 8.76
N ASN M 207 21.52 4.85 9.76
CA ASN M 207 22.08 6.12 10.21
C ASN M 207 23.55 5.93 10.56
N PRO M 208 24.34 7.01 10.69
CA PRO M 208 25.80 6.86 10.85
C PRO M 208 26.25 6.05 12.05
N THR M 209 25.49 6.01 13.15
CA THR M 209 25.88 5.18 14.28
C THR M 209 25.66 3.70 14.03
N GLY M 210 24.82 3.34 13.06
CA GLY M 210 24.47 1.96 12.84
C GLY M 210 23.47 1.40 13.82
N ILE M 211 22.84 2.26 14.62
CA ILE M 211 21.92 1.85 15.66
C ILE M 211 20.51 2.25 15.24
N SER M 212 19.54 1.38 15.49
CA SER M 212 18.15 1.69 15.19
C SER M 212 17.72 2.94 15.95
N SER M 213 17.00 3.81 15.26
CA SER M 213 16.74 5.17 15.74
C SER M 213 15.25 5.48 15.83
N ASP M 214 14.41 4.46 16.00
CA ASP M 214 12.96 4.68 16.02
C ASP M 214 12.54 5.60 17.14
N MET M 215 13.33 5.73 18.20
CA MET M 215 13.01 6.65 19.28
C MET M 215 13.30 8.10 18.93
N ASP M 216 13.98 8.37 17.81
CA ASP M 216 14.36 9.72 17.40
C ASP M 216 14.08 9.95 15.91
N LYS M 217 12.90 9.59 15.45
CA LYS M 217 12.54 9.83 14.05
C LYS M 217 11.93 11.21 13.88
N ILE M 218 12.13 11.79 12.70
CA ILE M 218 11.56 13.10 12.38
C ILE M 218 10.84 12.99 11.04
N PRO M 219 9.85 13.85 10.82
CA PRO M 219 9.17 13.87 9.51
C PRO M 219 10.15 14.23 8.40
N PHE M 220 9.93 13.64 7.23
CA PHE M 220 10.80 13.93 6.10
C PHE M 220 10.64 15.36 5.62
N HIS M 221 9.40 15.87 5.58
CA HIS M 221 9.15 17.03 4.74
C HIS M 221 10.00 18.22 5.15
N PRO M 222 9.74 18.92 6.26
CA PRO M 222 10.44 20.19 6.47
C PRO M 222 11.95 20.02 6.50
N TYR M 223 12.43 18.92 7.08
CA TYR M 223 13.85 18.77 7.36
C TYR M 223 14.63 18.27 6.16
N TYR M 224 14.27 17.10 5.66
CA TYR M 224 15.05 16.50 4.60
C TYR M 224 14.61 16.93 3.21
N THR M 225 13.41 17.50 3.03
CA THR M 225 13.18 18.14 1.74
C THR M 225 14.09 19.35 1.57
N ILE M 226 14.24 20.18 2.60
CA ILE M 226 15.13 21.34 2.48
C ILE M 226 16.60 20.90 2.46
N LYS M 227 16.96 19.87 3.24
CA LYS M 227 18.34 19.38 3.20
C LYS M 227 18.68 18.78 1.83
N ASP M 228 17.78 17.99 1.26
CA ASP M 228 17.98 17.43 -0.07
C ASP M 228 18.01 18.51 -1.14
N ILE M 229 17.22 19.58 -0.95
CA ILE M 229 17.23 20.68 -1.91
C ILE M 229 18.56 21.43 -1.88
N LEU M 230 19.11 21.68 -0.70
CA LEU M 230 20.42 22.31 -0.63
C LEU M 230 21.51 21.41 -1.20
N GLY M 231 21.44 20.11 -0.94
CA GLY M 231 22.34 19.18 -1.58
C GLY M 231 22.24 19.22 -3.09
N ALA M 232 21.01 19.31 -3.60
CA ALA M 232 20.81 19.42 -5.05
C ALA M 232 21.40 20.71 -5.59
N LEU M 233 21.27 21.81 -4.87
CA LEU M 233 21.87 23.07 -5.30
C LEU M 233 23.38 22.96 -5.37
N PHE M 234 24.01 22.31 -4.38
CA PHE M 234 25.45 22.13 -4.42
C PHE M 234 25.88 21.25 -5.59
N MET M 235 25.16 20.15 -5.81
CA MET M 235 25.46 19.29 -6.96
C MET M 235 25.34 20.08 -8.26
N MET M 236 24.29 20.90 -8.38
CA MET M 236 24.13 21.73 -9.56
C MET M 236 25.29 22.70 -9.70
N LEU M 237 25.77 23.25 -8.59
CA LEU M 237 26.93 24.14 -8.67
C LEU M 237 28.13 23.44 -9.28
N ILE M 238 28.45 22.24 -8.79
CA ILE M 238 29.60 21.51 -9.32
C ILE M 238 29.38 21.16 -10.80
N LEU M 239 28.17 20.69 -11.12
CA LEU M 239 27.86 20.32 -12.49
C LEU M 239 27.96 21.51 -13.43
N LEU M 240 27.52 22.69 -12.97
CA LEU M 240 27.56 23.86 -13.82
C LEU M 240 28.96 24.43 -13.93
N ILE M 241 29.77 24.32 -12.88
CA ILE M 241 31.19 24.64 -13.03
C ILE M 241 31.79 23.78 -14.13
N LEU M 242 31.49 22.48 -14.11
CA LEU M 242 31.98 21.59 -15.16
C LEU M 242 31.46 22.00 -16.53
N VAL M 243 30.16 22.26 -16.65
CA VAL M 243 29.56 22.51 -17.95
C VAL M 243 30.00 23.86 -18.52
N LEU M 244 30.10 24.88 -17.67
CA LEU M 244 30.30 26.25 -18.12
C LEU M 244 31.74 26.74 -17.98
N PHE M 245 32.63 25.96 -17.38
CA PHE M 245 34.01 26.39 -17.24
C PHE M 245 35.03 25.40 -17.75
N SER M 246 34.81 24.09 -17.59
CA SER M 246 35.67 23.06 -18.17
C SER M 246 34.79 21.97 -18.75
N PRO M 247 34.12 22.25 -19.88
CA PRO M 247 33.20 21.24 -20.44
C PRO M 247 33.88 19.95 -20.84
N ASP M 248 35.16 19.99 -21.16
CA ASP M 248 35.89 18.84 -21.68
C ASP M 248 36.89 18.27 -20.68
N LEU M 249 36.82 18.68 -19.40
CA LEU M 249 37.80 18.22 -18.43
C LEU M 249 37.76 16.71 -18.27
N LEU M 250 36.56 16.13 -18.19
CA LEU M 250 36.40 14.71 -17.94
C LEU M 250 36.16 13.91 -19.22
N GLY M 251 36.61 14.43 -20.36
CA GLY M 251 36.45 13.75 -21.62
C GLY M 251 37.76 13.64 -22.36
N ASP M 252 37.72 12.93 -23.48
CA ASP M 252 38.91 12.70 -24.30
C ASP M 252 38.82 13.51 -25.59
N PRO M 253 39.87 14.23 -25.95
CA PRO M 253 39.83 15.00 -27.21
C PRO M 253 39.56 14.16 -28.44
N ASP M 254 39.98 12.89 -28.44
CA ASP M 254 39.87 12.07 -29.63
C ASP M 254 38.43 11.71 -29.98
N ASN M 255 37.46 11.96 -29.10
CA ASN M 255 36.07 11.78 -29.49
C ASN M 255 35.52 12.98 -30.24
N TYR M 256 36.33 14.01 -30.48
CA TYR M 256 35.97 15.07 -31.41
C TYR M 256 36.44 14.76 -32.83
N THR M 257 37.07 13.62 -33.03
CA THR M 257 37.40 13.07 -34.34
C THR M 257 36.33 12.06 -34.71
N PRO M 258 35.80 12.10 -35.93
CA PRO M 258 34.84 11.08 -36.35
C PRO M 258 35.47 9.69 -36.32
N ALA M 259 34.65 8.70 -36.03
CA ALA M 259 35.12 7.32 -35.94
C ALA M 259 35.80 6.88 -37.23
N ASN M 260 36.94 6.20 -37.10
CA ASN M 260 37.71 5.72 -38.24
C ASN M 260 38.02 4.25 -37.99
N PRO M 261 37.26 3.31 -38.58
CA PRO M 261 37.55 1.88 -38.35
C PRO M 261 38.90 1.43 -38.85
N LEU M 262 39.57 2.19 -39.71
CA LEU M 262 40.89 1.85 -40.23
C LEU M 262 42.01 2.56 -39.48
N ASN M 263 41.72 3.20 -38.36
CA ASN M 263 42.75 3.93 -37.63
C ASN M 263 42.43 3.87 -36.15
N THR M 264 43.14 3.03 -35.43
CA THR M 264 42.95 2.89 -33.99
C THR M 264 43.65 4.03 -33.27
N PRO M 265 42.99 4.68 -32.31
CA PRO M 265 43.67 5.68 -31.49
C PRO M 265 44.84 5.05 -30.75
N PRO M 266 45.95 5.79 -30.60
CA PRO M 266 47.11 5.21 -29.90
C PRO M 266 46.79 4.75 -28.49
N HIS M 267 45.91 5.47 -27.80
CA HIS M 267 45.35 5.04 -26.54
C HIS M 267 43.85 4.78 -26.73
N ILE M 268 43.36 3.74 -26.06
CA ILE M 268 41.91 3.48 -26.00
C ILE M 268 41.58 3.32 -24.52
N LYS M 269 41.14 4.39 -23.91
CA LYS M 269 40.71 4.32 -22.54
C LYS M 269 39.21 4.54 -22.46
N PRO M 270 38.48 3.69 -21.75
CA PRO M 270 37.05 3.95 -21.56
C PRO M 270 36.83 5.17 -20.67
N GLU M 271 35.58 5.48 -20.38
CA GLU M 271 35.27 6.58 -19.48
C GLU M 271 35.92 6.35 -18.12
N TRP M 272 36.18 7.44 -17.41
CA TRP M 272 36.91 7.35 -16.15
C TRP M 272 36.20 6.46 -15.13
N TYR M 273 34.87 6.49 -15.12
CA TYR M 273 34.08 5.70 -14.17
C TYR M 273 34.02 4.22 -14.55
N PHE M 274 34.73 3.80 -15.59
CA PHE M 274 34.98 2.39 -15.83
C PHE M 274 36.43 1.99 -15.56
N LEU M 275 37.32 2.96 -15.40
CA LEU M 275 38.75 2.67 -15.49
C LEU M 275 39.20 1.67 -14.43
N PHE M 276 38.71 1.79 -13.19
CA PHE M 276 39.05 0.82 -12.17
C PHE M 276 38.79 -0.60 -12.66
N ALA M 277 37.58 -0.86 -13.16
CA ALA M 277 37.28 -2.18 -13.68
C ALA M 277 38.17 -2.51 -14.86
N TYR M 278 38.38 -1.52 -15.75
CA TYR M 278 39.31 -1.70 -16.84
C TYR M 278 40.67 -2.12 -16.32
N ALA M 279 41.18 -1.42 -15.31
CA ALA M 279 42.46 -1.80 -14.73
C ALA M 279 42.41 -3.21 -14.21
N ILE M 280 41.34 -3.57 -13.51
CA ILE M 280 41.21 -4.93 -13.00
C ILE M 280 41.26 -5.92 -14.16
N LEU M 281 40.51 -5.63 -15.23
CA LEU M 281 40.49 -6.55 -16.36
C LEU M 281 41.85 -6.61 -17.05
N ARG M 282 42.61 -5.52 -17.01
CA ARG M 282 43.91 -5.59 -17.67
C ARG M 282 44.98 -6.21 -16.78
N SER M 283 44.64 -6.53 -15.52
CA SER M 283 45.65 -7.05 -14.61
C SER M 283 46.00 -8.49 -14.93
N ILE M 284 45.02 -9.31 -15.28
CA ILE M 284 45.21 -10.74 -15.43
C ILE M 284 45.30 -11.07 -16.93
N PRO M 285 46.34 -11.79 -17.36
CA PRO M 285 46.53 -11.99 -18.82
C PRO M 285 45.41 -12.75 -19.50
N ASN M 286 44.78 -13.70 -18.80
CA ASN M 286 43.78 -14.54 -19.43
C ASN M 286 42.55 -13.71 -19.80
N LYS M 287 42.01 -13.96 -21.00
CA LYS M 287 40.84 -13.23 -21.46
C LYS M 287 39.63 -13.50 -20.58
N LEU M 288 39.31 -14.78 -20.39
CA LEU M 288 38.10 -15.15 -19.68
C LEU M 288 38.22 -14.85 -18.19
N GLY M 289 39.39 -15.14 -17.61
CA GLY M 289 39.61 -14.77 -16.22
C GLY M 289 39.59 -13.26 -16.01
N GLY M 290 40.08 -12.50 -17.00
CA GLY M 290 39.99 -11.06 -16.93
C GLY M 290 38.55 -10.57 -16.91
N VAL M 291 37.71 -11.12 -17.79
CA VAL M 291 36.31 -10.75 -17.81
C VAL M 291 35.61 -11.16 -16.52
N LEU M 292 35.93 -12.35 -16.01
CA LEU M 292 35.32 -12.81 -14.76
C LEU M 292 35.73 -11.93 -13.59
N ALA M 293 36.98 -11.47 -13.57
CA ALA M 293 37.40 -10.54 -12.53
C ALA M 293 36.70 -9.20 -12.66
N LEU M 294 36.52 -8.71 -13.90
CA LEU M 294 35.82 -7.45 -14.09
C LEU M 294 34.37 -7.54 -13.60
N VAL M 295 33.69 -8.65 -13.90
CA VAL M 295 32.32 -8.77 -13.41
C VAL M 295 32.29 -8.98 -11.90
N ALA M 296 33.26 -9.74 -11.36
CA ALA M 296 33.32 -9.99 -9.93
C ALA M 296 33.59 -8.72 -9.15
N SER M 297 34.29 -7.75 -9.74
CA SER M 297 34.58 -6.50 -9.06
C SER M 297 33.34 -5.67 -8.78
N ILE M 298 32.19 -6.03 -9.34
CA ILE M 298 30.92 -5.42 -9.02
C ILE M 298 29.97 -6.42 -8.36
N LEU M 299 29.98 -7.67 -8.82
CA LEU M 299 29.18 -8.71 -8.19
C LEU M 299 29.59 -8.95 -6.74
N ILE M 300 30.82 -8.58 -6.38
CA ILE M 300 31.32 -8.73 -5.02
C ILE M 300 30.54 -7.86 -4.04
N LEU M 301 29.87 -6.82 -4.53
CA LEU M 301 28.98 -6.04 -3.70
C LEU M 301 27.84 -6.88 -3.14
N ILE M 302 27.42 -7.92 -3.87
CA ILE M 302 26.42 -8.84 -3.37
C ILE M 302 26.94 -9.70 -2.22
N LEU M 303 28.25 -9.74 -2.01
CA LEU M 303 28.82 -10.51 -0.92
C LEU M 303 28.93 -9.76 0.40
N MET M 304 28.80 -8.44 0.40
CA MET M 304 29.01 -7.67 1.63
C MET M 304 28.20 -8.16 2.83
N PRO M 305 26.91 -8.47 2.71
CA PRO M 305 26.21 -9.01 3.88
C PRO M 305 26.75 -10.34 4.38
N MET M 306 27.12 -11.25 3.48
CA MET M 306 27.67 -12.54 3.90
C MET M 306 29.06 -12.40 4.50
N LEU M 307 29.80 -11.36 4.13
CA LEU M 307 31.14 -11.13 4.65
C LEU M 307 31.16 -10.28 5.91
N HIS M 308 30.00 -9.84 6.37
CA HIS M 308 29.94 -9.02 7.58
C HIS M 308 30.06 -9.92 8.80
N THR M 309 31.16 -9.77 9.53
CA THR M 309 31.39 -10.52 10.75
C THR M 309 31.40 -9.65 12.00
N SER M 310 31.32 -8.33 11.85
CA SER M 310 31.35 -7.43 12.99
C SER M 310 30.06 -7.51 13.80
N LYS M 311 30.17 -7.27 15.10
CA LYS M 311 29.01 -7.15 15.97
C LYS M 311 28.27 -5.84 15.76
N GLN M 312 28.93 -4.84 15.19
CA GLN M 312 28.35 -3.53 14.96
C GLN M 312 28.04 -3.36 13.48
N ARG M 313 26.93 -2.68 13.20
CA ARG M 313 26.49 -2.52 11.82
C ARG M 313 27.40 -1.57 11.04
N SER M 314 27.73 -0.42 11.63
CA SER M 314 28.47 0.64 10.98
C SER M 314 29.94 0.61 11.39
N MET M 315 30.76 1.36 10.64
CA MET M 315 32.17 1.50 10.96
C MET M 315 32.47 2.77 11.74
N MET M 316 31.45 3.40 12.31
CA MET M 316 31.66 4.59 13.13
C MET M 316 32.57 4.31 14.32
N PHE M 317 32.42 3.14 14.93
CA PHE M 317 33.18 2.80 16.12
C PHE M 317 34.22 1.71 15.85
N ARG M 318 34.73 1.64 14.62
CA ARG M 318 35.65 0.59 14.18
C ARG M 318 36.85 1.24 13.51
N PRO M 319 37.83 1.70 14.28
CA PRO M 319 38.98 2.39 13.68
C PRO M 319 39.75 1.58 12.65
N LEU M 320 39.97 0.30 12.90
CA LEU M 320 40.75 -0.52 11.97
C LEU M 320 39.98 -0.79 10.69
N SER M 321 38.67 -0.99 10.80
CA SER M 321 37.85 -1.14 9.61
C SER M 321 37.80 0.15 8.80
N GLN M 322 37.83 1.31 9.46
CA GLN M 322 37.96 2.57 8.74
C GLN M 322 39.28 2.65 8.00
N CYS M 323 40.37 2.24 8.66
CA CYS M 323 41.66 2.18 7.98
C CYS M 323 41.57 1.37 6.70
N LEU M 324 41.01 0.15 6.80
CA LEU M 324 40.88 -0.71 5.62
C LEU M 324 39.94 -0.12 4.57
N PHE M 325 38.87 0.56 5.00
CA PHE M 325 37.96 1.19 4.06
C PHE M 325 38.66 2.27 3.25
N TRP M 326 39.46 3.10 3.91
CA TRP M 326 40.14 4.15 3.18
C TRP M 326 41.28 3.60 2.34
N MET M 327 41.89 2.49 2.75
CA MET M 327 42.78 1.77 1.84
C MET M 327 42.04 1.31 0.60
N LEU M 328 40.81 0.80 0.76
CA LEU M 328 40.05 0.37 -0.40
C LEU M 328 39.68 1.54 -1.32
N VAL M 329 39.35 2.69 -0.74
CA VAL M 329 39.10 3.88 -1.54
C VAL M 329 40.36 4.31 -2.28
N ALA M 330 41.51 4.33 -1.59
CA ALA M 330 42.76 4.71 -2.23
C ALA M 330 43.15 3.72 -3.32
N ASP M 331 42.84 2.44 -3.10
CA ASP M 331 43.14 1.42 -4.09
C ASP M 331 42.24 1.56 -5.32
N LEU M 332 40.97 1.95 -5.12
CA LEU M 332 40.12 2.22 -6.26
C LEU M 332 40.58 3.44 -7.04
N ILE M 333 41.07 4.46 -6.34
CA ILE M 333 41.65 5.61 -7.03
C ILE M 333 42.92 5.19 -7.80
N THR M 334 43.72 4.30 -7.20
CA THR M 334 44.89 3.75 -7.87
C THR M 334 44.49 3.00 -9.14
N LEU M 335 43.44 2.19 -9.06
CA LEU M 335 43.00 1.42 -10.21
C LEU M 335 42.44 2.33 -11.30
N THR M 336 41.74 3.41 -10.93
CA THR M 336 41.29 4.37 -11.91
C THR M 336 42.47 5.02 -12.63
N TRP M 337 43.48 5.46 -11.87
CA TRP M 337 44.67 6.04 -12.47
C TRP M 337 45.38 5.04 -13.39
N ILE M 338 45.54 3.80 -12.92
CA ILE M 338 46.25 2.78 -13.68
C ILE M 338 45.51 2.42 -14.97
N GLY M 339 44.19 2.29 -14.88
CA GLY M 339 43.39 2.03 -16.06
C GLY M 339 43.38 3.18 -17.04
N GLY M 340 43.67 4.40 -16.57
CA GLY M 340 43.88 5.48 -17.51
C GLY M 340 45.25 5.54 -18.14
N GLN M 341 46.18 4.69 -17.72
CA GLN M 341 47.55 4.72 -18.16
C GLN M 341 47.83 3.59 -19.16
N PRO M 342 48.88 3.70 -19.96
CA PRO M 342 49.22 2.61 -20.87
C PRO M 342 49.63 1.36 -20.10
N VAL M 343 49.56 0.22 -20.78
CA VAL M 343 50.04 -1.03 -20.21
C VAL M 343 51.55 -1.06 -20.41
N GLU M 344 52.29 -0.56 -19.44
CA GLU M 344 53.75 -0.46 -19.52
C GLU M 344 54.35 -0.94 -18.21
N HIS M 345 55.68 -0.86 -18.12
CA HIS M 345 56.44 -1.54 -17.08
C HIS M 345 55.94 -1.22 -15.67
N PRO M 346 55.95 0.04 -15.21
CA PRO M 346 55.54 0.26 -13.82
C PRO M 346 54.06 0.00 -13.60
N PHE M 347 53.23 0.41 -14.56
CA PHE M 347 51.79 0.38 -14.38
C PHE M 347 51.25 -1.04 -14.36
N ILE M 348 51.91 -1.99 -15.04
CA ILE M 348 51.43 -3.37 -15.00
C ILE M 348 51.50 -3.92 -13.59
N ILE M 349 52.67 -3.80 -12.94
CA ILE M 349 52.82 -4.36 -11.61
C ILE M 349 51.98 -3.58 -10.60
N ILE M 350 51.86 -2.26 -10.79
CA ILE M 350 51.02 -1.48 -9.90
C ILE M 350 49.55 -1.92 -10.01
N GLY M 351 49.06 -2.08 -11.25
CA GLY M 351 47.68 -2.48 -11.42
C GLY M 351 47.40 -3.88 -10.91
N GLN M 352 48.39 -4.78 -11.06
CA GLN M 352 48.21 -6.13 -10.57
C GLN M 352 48.11 -6.17 -9.04
N LEU M 353 49.03 -5.49 -8.35
CA LEU M 353 48.93 -5.44 -6.89
C LEU M 353 47.68 -4.69 -6.44
N ALA M 354 47.26 -3.67 -7.18
CA ALA M 354 46.05 -2.94 -6.82
C ALA M 354 44.81 -3.83 -6.95
N SER M 355 44.73 -4.64 -8.01
CA SER M 355 43.58 -5.54 -8.15
C SER M 355 43.58 -6.60 -7.05
N ILE M 356 44.74 -7.17 -6.76
CA ILE M 356 44.82 -8.16 -5.69
C ILE M 356 44.40 -7.54 -4.36
N LEU M 357 44.86 -6.31 -4.09
CA LEU M 357 44.45 -5.64 -2.86
C LEU M 357 42.95 -5.37 -2.84
N TYR M 358 42.39 -4.96 -3.98
CA TYR M 358 40.95 -4.72 -4.06
C TYR M 358 40.18 -5.94 -3.58
N PHE M 359 40.52 -7.12 -4.09
CA PHE M 359 39.75 -8.30 -3.69
C PHE M 359 40.15 -8.79 -2.29
N LEU M 360 41.42 -8.64 -1.93
CA LEU M 360 41.92 -9.14 -0.65
C LEU M 360 41.44 -8.33 0.54
N ILE M 361 41.04 -7.09 0.31
CA ILE M 361 40.45 -6.29 1.38
C ILE M 361 39.01 -6.73 1.63
N ILE M 362 38.19 -6.73 0.58
CA ILE M 362 36.77 -7.08 0.71
C ILE M 362 36.59 -8.50 1.22
N LEU M 363 37.32 -9.46 0.63
CA LEU M 363 37.05 -10.85 0.91
C LEU M 363 37.80 -11.38 2.13
N VAL M 364 38.94 -10.79 2.48
CA VAL M 364 39.81 -11.37 3.49
C VAL M 364 40.03 -10.41 4.64
N LEU M 365 40.64 -9.26 4.35
CA LEU M 365 41.11 -8.38 5.42
C LEU M 365 39.96 -7.80 6.23
N MET M 366 38.87 -7.40 5.56
CA MET M 366 37.77 -6.78 6.29
C MET M 366 37.10 -7.73 7.27
N PRO M 367 36.74 -8.97 6.91
CA PRO M 367 36.15 -9.85 7.93
C PRO M 367 37.09 -10.20 9.08
N ILE M 368 38.36 -10.51 8.80
CA ILE M 368 39.29 -10.84 9.87
C ILE M 368 39.49 -9.64 10.80
N THR M 369 39.61 -8.44 10.22
CA THR M 369 39.77 -7.24 11.03
C THR M 369 38.53 -6.99 11.90
N SER M 370 37.34 -7.25 11.35
CA SER M 370 36.13 -7.11 12.16
C SER M 370 36.10 -8.12 13.30
N ILE M 371 36.58 -9.34 13.06
CA ILE M 371 36.65 -10.35 14.10
C ILE M 371 37.63 -9.91 15.21
N ILE M 372 38.77 -9.36 14.81
CA ILE M 372 39.74 -8.83 15.76
C ILE M 372 39.12 -7.70 16.58
N GLU M 373 38.36 -6.81 15.92
CA GLU M 373 37.69 -5.73 16.63
C GLU M 373 36.66 -6.27 17.62
N ASN M 374 35.94 -7.32 17.23
CA ASN M 374 35.01 -7.99 18.14
C ASN M 374 35.73 -8.46 19.39
N ASN M 375 36.87 -9.13 19.22
CA ASN M 375 37.62 -9.63 20.37
C ASN M 375 38.16 -8.47 21.22
N LEU M 376 38.59 -7.39 20.58
CA LEU M 376 39.08 -6.23 21.31
C LEU M 376 37.98 -5.59 22.15
N LEU M 377 36.73 -5.77 21.77
CA LEU M 377 35.60 -5.31 22.55
C LEU M 377 35.07 -6.40 23.49
N LYS M 378 35.78 -7.51 23.60
CA LYS M 378 35.42 -8.65 24.44
C LYS M 378 34.10 -9.28 24.01
N TRP M 379 33.78 -9.18 22.73
CA TRP M 379 32.68 -9.94 22.15
C TRP M 379 33.02 -10.37 20.73
N ASP N 87 59.02 6.07 -26.89
CA ASP N 87 59.77 7.28 -27.19
C ASP N 87 59.03 8.50 -26.64
N LEU N 88 59.74 9.32 -25.87
CA LEU N 88 59.15 10.48 -25.24
C LEU N 88 58.76 11.53 -26.27
N GLU N 89 57.76 12.32 -25.93
CA GLU N 89 57.23 13.35 -26.80
C GLU N 89 57.40 14.72 -26.16
N LEU N 90 57.42 15.74 -27.00
CA LEU N 90 57.54 17.12 -26.56
C LEU N 90 56.15 17.75 -26.50
N HIS N 91 55.73 18.12 -25.31
CA HIS N 91 54.41 18.69 -25.13
C HIS N 91 54.45 20.21 -25.14
N ALA N 92 53.36 20.81 -25.63
CA ALA N 92 53.33 22.24 -25.86
C ALA N 92 53.39 23.01 -24.55
N PRO N 93 54.10 24.14 -24.51
CA PRO N 93 54.00 25.01 -23.34
C PRO N 93 52.65 25.68 -23.28
N SER N 94 52.39 26.32 -22.14
CA SER N 94 51.18 27.06 -21.92
C SER N 94 51.41 28.53 -22.26
N TYR N 95 50.64 29.04 -23.20
CA TYR N 95 50.77 30.42 -23.62
C TYR N 95 49.67 31.27 -23.00
N PRO N 96 49.96 32.52 -22.67
CA PRO N 96 48.93 33.34 -22.02
C PRO N 96 47.91 33.88 -23.02
N TRP N 97 47.11 32.98 -23.56
CA TRP N 97 46.04 33.37 -24.47
C TRP N 97 45.11 34.34 -23.76
N SER N 98 44.69 35.39 -24.49
CA SER N 98 43.80 36.37 -23.87
C SER N 98 42.48 35.73 -23.44
N HIS N 99 42.15 34.56 -23.99
CA HIS N 99 40.98 33.81 -23.60
C HIS N 99 41.27 32.75 -22.54
N ARG N 100 42.50 32.66 -22.05
CA ARG N 100 42.85 31.61 -21.08
C ARG N 100 42.06 31.76 -19.78
N GLY N 101 41.91 32.98 -19.30
CA GLY N 101 41.23 33.25 -18.05
C GLY N 101 39.84 32.66 -17.94
N LEU N 102 39.38 32.48 -16.70
CA LEU N 102 38.12 31.79 -16.45
C LEU N 102 36.93 32.55 -17.05
N LEU N 103 36.93 33.87 -16.94
CA LEU N 103 35.87 34.71 -17.49
C LEU N 103 36.33 35.49 -18.72
N SER N 104 37.48 35.14 -19.27
CA SER N 104 38.09 35.91 -20.35
C SER N 104 37.58 35.40 -21.70
N SER N 105 37.03 36.30 -22.49
CA SER N 105 36.52 35.97 -23.81
C SER N 105 37.67 35.90 -24.81
N LEU N 106 37.34 35.50 -26.04
CA LEU N 106 38.30 35.57 -27.13
C LEU N 106 38.44 37.01 -27.61
N ASP N 107 39.60 37.32 -28.15
CA ASP N 107 39.78 38.58 -28.86
C ASP N 107 39.26 38.41 -30.28
N HIS N 108 38.16 39.10 -30.60
CA HIS N 108 37.46 38.89 -31.85
C HIS N 108 38.18 39.54 -33.03
N THR N 109 39.06 40.50 -32.78
CA THR N 109 39.99 40.96 -33.81
C THR N 109 41.01 39.89 -34.17
N SER N 110 41.48 39.14 -33.17
CA SER N 110 42.32 37.99 -33.47
C SER N 110 41.53 36.90 -34.17
N ILE N 111 40.24 36.75 -33.85
CA ILE N 111 39.39 35.80 -34.58
C ILE N 111 39.28 36.22 -36.05
N ARG N 112 39.15 37.52 -36.32
CA ARG N 112 39.01 37.98 -37.70
C ARG N 112 40.30 37.77 -38.48
N ARG N 113 41.45 38.17 -37.90
CA ARG N 113 42.72 37.91 -38.54
C ARG N 113 42.96 36.41 -38.72
N GLY N 114 42.50 35.60 -37.77
CA GLY N 114 42.67 34.16 -37.89
C GLY N 114 41.84 33.56 -39.00
N PHE N 115 40.63 34.06 -39.20
CA PHE N 115 39.88 33.63 -40.38
C PHE N 115 40.61 34.01 -41.65
N GLN N 116 41.18 35.21 -41.69
CA GLN N 116 41.95 35.60 -42.87
C GLN N 116 43.10 34.62 -43.12
N VAL N 117 43.78 34.22 -42.05
CA VAL N 117 44.87 33.25 -42.19
C VAL N 117 44.35 31.93 -42.74
N TYR N 118 43.29 31.39 -42.12
CA TYR N 118 42.75 30.12 -42.59
C TYR N 118 42.37 30.20 -44.06
N LYS N 119 41.60 31.23 -44.42
CA LYS N 119 41.10 31.37 -45.78
C LYS N 119 42.24 31.49 -46.77
N GLN N 120 43.28 32.25 -46.44
CA GLN N 120 44.37 32.48 -47.37
C GLN N 120 45.51 31.49 -47.26
N VAL N 121 45.59 30.71 -46.17
CA VAL N 121 46.72 29.79 -46.01
C VAL N 121 46.25 28.34 -45.92
N CYS N 122 45.43 28.01 -44.90
CA CYS N 122 45.12 26.61 -44.63
C CYS N 122 44.19 26.02 -45.68
N SER N 123 43.21 26.79 -46.13
CA SER N 123 42.06 26.27 -46.85
C SER N 123 42.43 25.58 -48.15
N SER N 124 43.62 25.81 -48.69
CA SER N 124 44.03 25.12 -49.90
C SER N 124 44.13 23.61 -49.67
N CYS N 125 44.29 23.19 -48.42
CA CYS N 125 44.45 21.78 -48.08
C CYS N 125 43.61 21.31 -46.91
N HIS N 126 43.06 22.21 -46.11
CA HIS N 126 42.24 21.84 -44.97
C HIS N 126 40.80 22.26 -45.19
N SER N 127 39.89 21.46 -44.65
CA SER N 127 38.46 21.74 -44.68
C SER N 127 37.98 22.20 -43.31
N MET N 128 36.85 22.88 -43.31
CA MET N 128 36.19 23.36 -42.08
C MET N 128 34.69 23.06 -42.20
N ASP N 129 34.38 21.80 -42.46
CA ASP N 129 33.02 21.37 -42.82
C ASP N 129 31.92 21.94 -41.93
N TYR N 130 32.20 22.15 -40.65
CA TYR N 130 31.13 22.50 -39.72
C TYR N 130 31.00 24.00 -39.46
N VAL N 131 31.76 24.84 -40.15
CA VAL N 131 31.65 26.29 -40.02
C VAL N 131 31.19 26.86 -41.35
N ALA N 132 30.16 27.70 -41.31
CA ALA N 132 29.61 28.36 -42.48
C ALA N 132 29.89 29.85 -42.39
N TYR N 133 29.71 30.55 -43.52
CA TYR N 133 29.95 31.99 -43.54
C TYR N 133 29.01 32.73 -42.61
N ARG N 134 27.76 32.26 -42.49
CA ARG N 134 26.80 32.86 -41.57
C ARG N 134 27.29 32.81 -40.12
N HIS N 135 28.17 31.85 -39.79
CA HIS N 135 28.69 31.76 -38.44
C HIS N 135 29.61 32.92 -38.12
N LEU N 136 30.20 33.55 -39.14
CA LEU N 136 31.12 34.65 -38.89
C LEU N 136 30.40 35.94 -38.50
N VAL N 137 29.10 36.05 -38.78
CA VAL N 137 28.39 37.31 -38.61
C VAL N 137 28.25 37.62 -37.12
N GLY N 138 28.66 38.82 -36.73
CA GLY N 138 28.60 39.20 -35.34
C GLY N 138 29.69 38.61 -34.49
N VAL N 139 30.72 38.04 -35.11
CA VAL N 139 31.82 37.41 -34.42
C VAL N 139 33.10 38.11 -34.85
N CYS N 140 33.32 38.18 -36.16
CA CYS N 140 34.50 38.84 -36.70
C CYS N 140 34.16 39.66 -37.93
N TYR N 141 32.98 39.45 -38.52
CA TYR N 141 32.59 40.13 -39.74
C TYR N 141 31.14 40.58 -39.63
N THR N 142 30.83 41.71 -40.26
CA THR N 142 29.44 42.09 -40.41
C THR N 142 28.78 41.25 -41.50
N GLU N 143 27.45 41.33 -41.56
CA GLU N 143 26.70 40.52 -42.52
C GLU N 143 27.09 40.87 -43.96
N GLU N 144 27.20 42.16 -44.27
CA GLU N 144 27.62 42.54 -45.61
C GLU N 144 29.03 42.04 -45.91
N GLU N 145 29.93 42.14 -44.93
CA GLU N 145 31.30 41.66 -45.11
C GLU N 145 31.35 40.14 -45.30
N ALA N 146 30.62 39.40 -44.46
CA ALA N 146 30.63 37.94 -44.59
C ALA N 146 29.94 37.49 -45.87
N LYS N 147 28.94 38.24 -46.32
CA LYS N 147 28.30 37.95 -47.59
C LYS N 147 29.26 38.15 -48.75
N ALA N 148 30.06 39.22 -48.71
CA ALA N 148 31.08 39.41 -49.73
C ALA N 148 32.15 38.33 -49.65
N LEU N 149 32.48 37.86 -48.44
CA LEU N 149 33.42 36.76 -48.31
C LEU N 149 32.88 35.47 -48.92
N ALA N 150 31.60 35.19 -48.68
CA ALA N 150 30.96 34.04 -49.32
C ALA N 150 30.91 34.23 -50.83
N GLU N 151 30.55 35.43 -51.28
CA GLU N 151 30.46 35.71 -52.70
C GLU N 151 31.81 35.70 -53.40
N GLU N 152 32.91 35.66 -52.64
CA GLU N 152 34.24 35.59 -53.25
C GLU N 152 34.52 34.20 -53.83
N VAL N 153 33.86 33.16 -53.31
CA VAL N 153 34.06 31.80 -53.77
C VAL N 153 32.91 31.39 -54.68
N GLU N 154 33.07 30.24 -55.35
CA GLU N 154 32.01 29.61 -56.11
C GLU N 154 31.71 28.24 -55.53
N VAL N 155 30.44 27.85 -55.53
CA VAL N 155 29.90 26.67 -54.88
C VAL N 155 29.03 25.91 -55.87
N GLN N 156 29.04 24.58 -55.78
CA GLN N 156 28.23 23.75 -56.66
C GLN N 156 26.83 23.55 -56.07
N ASP N 157 25.80 23.74 -56.90
CA ASP N 157 24.41 23.76 -56.44
C ASP N 157 23.58 22.62 -57.08
N GLY N 158 22.43 22.20 -56.46
CA GLY N 158 21.71 20.93 -56.77
C GLY N 158 21.20 20.75 -58.25
N PRO N 159 20.86 19.66 -58.92
CA PRO N 159 20.65 19.79 -60.39
C PRO N 159 19.54 20.76 -60.86
N ASN N 160 19.87 21.41 -61.96
CA ASN N 160 18.99 22.35 -62.60
C ASN N 160 17.94 21.58 -63.39
N GLU N 161 17.14 22.28 -64.21
CA GLU N 161 16.06 21.61 -64.93
C GLU N 161 16.60 20.50 -65.83
N ASP N 162 17.71 20.77 -66.53
CA ASP N 162 18.34 19.78 -67.39
C ASP N 162 19.00 18.65 -66.62
N GLY N 163 19.11 18.77 -65.30
CA GLY N 163 19.82 17.76 -64.54
C GLY N 163 21.32 17.92 -64.56
N GLU N 164 21.82 19.13 -64.81
CA GLU N 164 23.25 19.41 -64.75
C GLU N 164 23.54 20.24 -63.51
N MET N 165 24.69 19.96 -62.89
CA MET N 165 25.16 20.77 -61.78
C MET N 165 25.75 22.07 -62.31
N PHE N 166 25.91 23.04 -61.41
CA PHE N 166 26.43 24.33 -61.84
C PHE N 166 27.08 25.03 -60.64
N MET N 167 27.89 26.03 -60.98
CA MET N 167 28.62 26.82 -60.00
C MET N 167 27.93 28.17 -59.84
N ARG N 168 27.65 28.54 -58.60
CA ARG N 168 27.04 29.81 -58.25
C ARG N 168 27.88 30.47 -57.17
N PRO N 169 27.82 31.79 -57.04
CA PRO N 169 28.56 32.45 -55.95
C PRO N 169 28.18 31.88 -54.58
N GLY N 170 29.07 32.01 -53.60
CA GLY N 170 28.75 31.52 -52.28
C GLY N 170 27.69 32.38 -51.59
N LYS N 171 27.10 31.81 -50.55
CA LYS N 171 26.09 32.51 -49.77
C LYS N 171 26.33 32.25 -48.29
N LEU N 172 25.73 33.09 -47.45
CA LEU N 172 26.00 33.02 -46.01
C LEU N 172 25.72 31.65 -45.43
N SER N 173 24.69 30.97 -45.91
CA SER N 173 24.32 29.67 -45.37
C SER N 173 25.18 28.54 -45.95
N ASP N 174 26.12 28.85 -46.83
CA ASP N 174 27.05 27.86 -47.35
C ASP N 174 28.17 27.61 -46.37
N TYR N 175 28.59 26.35 -46.28
CA TYR N 175 29.73 26.01 -45.45
C TYR N 175 31.03 26.31 -46.19
N PHE N 176 32.12 26.36 -45.43
CA PHE N 176 33.41 26.68 -46.01
C PHE N 176 33.78 25.65 -47.08
N PRO N 177 34.29 26.09 -48.23
CA PRO N 177 34.57 25.15 -49.32
C PRO N 177 35.59 24.09 -48.91
N LYS N 178 35.41 22.90 -49.45
CA LYS N 178 36.33 21.78 -49.24
C LYS N 178 37.39 21.76 -50.32
N PRO N 179 38.68 21.76 -49.95
CA PRO N 179 39.73 21.87 -50.98
C PRO N 179 39.86 20.66 -51.88
N TYR N 180 39.30 19.51 -51.51
CA TYR N 180 39.45 18.30 -52.27
C TYR N 180 38.10 17.62 -52.45
N PRO N 181 37.89 16.97 -53.60
CA PRO N 181 36.57 16.32 -53.82
C PRO N 181 36.32 15.16 -52.89
N ASN N 182 37.33 14.34 -52.63
CA ASN N 182 37.21 13.19 -51.75
C ASN N 182 38.48 13.06 -50.91
N PRO N 183 38.46 12.27 -49.83
CA PRO N 183 39.70 12.06 -49.06
C PRO N 183 40.85 11.54 -49.90
N GLU N 184 40.58 10.65 -50.86
CA GLU N 184 41.65 10.05 -51.65
C GLU N 184 42.38 11.09 -52.48
N ALA N 185 41.65 12.04 -53.07
CA ALA N 185 42.32 13.13 -53.78
C ALA N 185 43.09 14.04 -52.82
N ALA N 186 42.60 14.17 -51.58
CA ALA N 186 43.32 14.94 -50.58
C ALA N 186 44.68 14.31 -50.26
N ARG N 187 44.69 12.98 -50.07
CA ARG N 187 45.95 12.28 -49.84
C ARG N 187 46.80 12.26 -51.10
N ALA N 188 46.18 12.26 -52.28
CA ALA N 188 46.94 12.30 -53.52
C ALA N 188 47.65 13.64 -53.69
N ALA N 189 47.01 14.74 -53.29
CA ALA N 189 47.63 16.05 -53.41
C ALA N 189 48.77 16.27 -52.42
N ASN N 190 48.80 15.48 -51.36
CA ASN N 190 49.92 15.41 -50.42
C ASN N 190 50.83 14.26 -50.86
N ASN N 191 51.73 13.83 -49.97
CA ASN N 191 52.53 12.64 -50.21
C ASN N 191 51.84 11.41 -49.62
N GLY N 192 50.51 11.44 -49.61
CA GLY N 192 49.71 10.37 -49.06
C GLY N 192 49.07 10.66 -47.71
N ALA N 193 49.14 11.89 -47.23
CA ALA N 193 48.61 12.23 -45.93
C ALA N 193 47.28 12.96 -46.06
N LEU N 194 46.42 12.77 -45.06
CA LEU N 194 45.16 13.49 -45.01
C LEU N 194 45.32 14.71 -44.11
N PRO N 195 45.18 15.92 -44.62
CA PRO N 195 45.09 17.08 -43.75
C PRO N 195 43.75 17.07 -43.04
N PRO N 196 43.75 17.11 -41.70
CA PRO N 196 42.49 16.96 -40.96
C PRO N 196 41.54 18.11 -41.17
N ASP N 197 40.26 17.82 -40.99
CA ASP N 197 39.27 18.87 -40.83
C ASP N 197 39.60 19.70 -39.59
N LEU N 198 39.52 21.02 -39.74
CA LEU N 198 39.96 21.95 -38.70
C LEU N 198 38.83 22.51 -37.85
N SER N 199 37.57 22.13 -38.12
CA SER N 199 36.47 22.65 -37.32
C SER N 199 36.62 22.30 -35.84
N TYR N 200 37.21 21.15 -35.54
CA TYR N 200 37.34 20.67 -34.17
C TYR N 200 38.78 20.41 -33.76
N ILE N 201 39.76 20.83 -34.57
CA ILE N 201 41.14 20.39 -34.37
C ILE N 201 41.67 20.83 -33.01
N VAL N 202 41.19 21.97 -32.49
CA VAL N 202 41.64 22.42 -31.18
C VAL N 202 41.08 21.53 -30.08
N ARG N 203 39.79 21.17 -30.18
CA ARG N 203 39.20 20.26 -29.20
C ARG N 203 39.63 18.82 -29.37
N ALA N 204 40.06 18.43 -30.58
CA ALA N 204 40.41 17.05 -30.87
C ALA N 204 41.88 16.76 -30.66
N ARG N 205 42.63 17.69 -30.09
CA ARG N 205 44.03 17.48 -29.76
C ARG N 205 44.25 17.75 -28.28
N HIS N 206 45.09 16.92 -27.65
CA HIS N 206 45.61 17.25 -26.33
C HIS N 206 46.53 18.45 -26.45
N GLY N 207 46.28 19.48 -25.65
CA GLY N 207 47.03 20.71 -25.70
C GLY N 207 46.34 21.85 -26.44
N GLY N 208 45.44 21.54 -27.36
CA GLY N 208 44.62 22.55 -28.01
C GLY N 208 45.35 23.65 -28.76
N GLU N 209 45.02 24.91 -28.42
CA GLU N 209 45.68 26.05 -29.07
C GLU N 209 47.16 26.07 -28.79
N ASP N 210 47.57 25.71 -27.57
CA ASP N 210 49.00 25.63 -27.27
C ASP N 210 49.68 24.65 -28.21
N TYR N 211 49.07 23.48 -28.41
CA TYR N 211 49.62 22.49 -29.33
C TYR N 211 49.70 23.03 -30.76
N VAL N 212 48.64 23.68 -31.22
CA VAL N 212 48.64 24.12 -32.62
C VAL N 212 49.65 25.25 -32.82
N PHE N 213 49.79 26.15 -31.85
CA PHE N 213 50.81 27.18 -31.94
C PHE N 213 52.21 26.57 -31.94
N SER N 214 52.43 25.58 -31.08
CA SER N 214 53.74 24.92 -31.03
C SER N 214 54.05 24.22 -32.35
N LEU N 215 53.07 23.54 -32.93
CA LEU N 215 53.27 22.85 -34.19
C LEU N 215 53.61 23.84 -35.31
N LEU N 216 52.80 24.89 -35.44
CA LEU N 216 53.02 25.85 -36.53
C LEU N 216 54.34 26.58 -36.37
N THR N 217 54.78 26.83 -35.14
CA THR N 217 56.01 27.59 -34.93
C THR N 217 57.23 26.70 -34.65
N GLY N 218 57.06 25.39 -34.49
CA GLY N 218 58.09 24.51 -34.01
C GLY N 218 58.92 23.76 -35.04
N TYR N 219 58.85 24.10 -36.32
CA TYR N 219 59.66 23.40 -37.30
C TYR N 219 61.15 23.69 -37.08
N CYS N 220 61.96 22.64 -37.17
CA CYS N 220 63.41 22.79 -37.11
C CYS N 220 64.05 21.66 -37.90
N GLU N 221 65.33 21.85 -38.23
CA GLU N 221 66.08 20.77 -38.85
C GLU N 221 66.23 19.61 -37.86
N PRO N 222 66.12 18.38 -38.33
CA PRO N 222 66.19 17.23 -37.43
C PRO N 222 67.54 17.16 -36.72
N PRO N 223 67.57 16.55 -35.54
CA PRO N 223 68.83 16.45 -34.79
C PRO N 223 69.64 15.23 -35.19
N THR N 224 70.97 15.30 -35.03
CA THR N 224 71.88 14.27 -35.51
C THR N 224 71.42 12.87 -35.13
N GLY N 225 71.38 11.98 -36.12
CA GLY N 225 70.83 10.65 -35.95
C GLY N 225 69.42 10.49 -36.48
N VAL N 226 68.81 11.55 -37.00
CA VAL N 226 67.43 11.53 -37.45
C VAL N 226 67.40 11.84 -38.94
N SER N 227 66.77 10.95 -39.71
CA SER N 227 66.61 11.11 -41.14
C SER N 227 65.14 10.90 -41.48
N LEU N 228 64.58 11.81 -42.26
CA LEU N 228 63.19 11.74 -42.67
C LEU N 228 63.11 11.44 -44.16
N ARG N 229 62.07 10.70 -44.54
CA ARG N 229 61.79 10.44 -45.95
C ARG N 229 61.51 11.74 -46.69
N GLU N 230 61.41 11.63 -48.00
CA GLU N 230 61.04 12.76 -48.85
C GLU N 230 59.60 13.18 -48.59
N GLY N 231 59.38 14.50 -48.54
CA GLY N 231 58.05 15.00 -48.26
C GLY N 231 57.63 14.91 -46.81
N LEU N 232 58.57 14.67 -45.91
CA LEU N 232 58.34 14.73 -44.48
C LEU N 232 59.25 15.80 -43.89
N TYR N 233 58.80 16.42 -42.80
CA TYR N 233 59.48 17.55 -42.18
C TYR N 233 59.51 17.34 -40.68
N PHE N 234 60.65 17.66 -40.06
CA PHE N 234 60.81 17.43 -38.63
C PHE N 234 60.05 18.49 -37.85
N ASN N 235 59.06 18.06 -37.09
CA ASN N 235 58.35 18.91 -36.14
C ASN N 235 58.42 18.26 -34.77
N PRO N 236 59.26 18.76 -33.87
CA PRO N 236 59.42 18.12 -32.56
C PRO N 236 58.14 18.06 -31.73
N TYR N 237 57.07 18.76 -32.11
CA TYR N 237 55.82 18.65 -31.38
C TYR N 237 54.84 17.66 -32.00
N PHE N 238 55.03 17.29 -33.24
CA PHE N 238 54.14 16.30 -33.88
C PHE N 238 54.50 14.90 -33.40
N PRO N 239 53.52 14.08 -32.99
CA PRO N 239 53.82 12.71 -32.57
C PRO N 239 54.56 11.92 -33.65
N GLY N 240 55.73 11.41 -33.29
CA GLY N 240 56.65 10.83 -34.23
C GLY N 240 57.69 11.80 -34.74
N GLN N 241 57.44 13.11 -34.61
CA GLN N 241 58.34 14.18 -35.03
C GLN N 241 58.61 14.21 -36.53
N ALA N 242 57.76 13.56 -37.33
CA ALA N 242 57.88 13.59 -38.78
C ALA N 242 56.52 13.89 -39.35
N ILE N 243 56.31 15.14 -39.76
CA ILE N 243 55.02 15.61 -40.25
C ILE N 243 55.07 15.71 -41.77
N ALA N 244 53.96 15.33 -42.41
CA ALA N 244 53.87 15.44 -43.86
C ALA N 244 53.57 16.85 -44.31
N MET N 245 53.03 17.69 -43.43
CA MET N 245 52.77 19.09 -43.75
C MET N 245 54.08 19.87 -43.73
N ALA N 246 54.36 20.55 -44.84
CA ALA N 246 55.46 21.51 -44.86
C ALA N 246 55.10 22.71 -43.99
N PRO N 247 56.09 23.44 -43.49
CA PRO N 247 55.81 24.68 -42.75
C PRO N 247 54.93 25.61 -43.57
N PRO N 248 53.71 25.86 -43.12
CA PRO N 248 52.78 26.68 -43.92
C PRO N 248 52.92 28.17 -43.73
N ILE N 249 53.33 28.62 -42.55
CA ILE N 249 53.34 30.04 -42.23
C ILE N 249 54.78 30.51 -42.10
N TYR N 250 55.02 31.74 -42.57
CA TYR N 250 56.30 32.39 -42.51
C TYR N 250 56.01 33.88 -42.45
N ASN N 251 57.06 34.68 -42.26
CA ASN N 251 56.85 36.11 -42.21
C ASN N 251 56.36 36.60 -43.56
N GLU N 252 55.29 37.41 -43.54
CA GLU N 252 54.66 37.96 -44.74
C GLU N 252 54.12 36.86 -45.63
N VAL N 253 53.49 35.86 -45.01
CA VAL N 253 52.76 34.84 -45.76
C VAL N 253 51.38 35.36 -46.19
N LEU N 254 50.83 36.31 -45.46
CA LEU N 254 49.64 37.03 -45.88
C LEU N 254 49.78 38.48 -45.47
N GLU N 255 48.84 39.29 -45.91
CA GLU N 255 48.70 40.67 -45.46
C GLU N 255 47.40 40.80 -44.68
N PHE N 256 47.48 41.40 -43.50
CA PHE N 256 46.31 41.61 -42.64
C PHE N 256 45.67 42.95 -42.96
N ASP N 257 44.33 42.98 -42.97
CA ASP N 257 43.60 44.18 -43.39
C ASP N 257 43.70 45.32 -42.38
N ASP N 258 44.08 45.04 -41.14
CA ASP N 258 44.35 46.09 -40.18
C ASP N 258 45.81 46.52 -40.18
N GLY N 259 46.62 46.00 -41.10
CA GLY N 259 48.02 46.34 -41.18
C GLY N 259 48.90 45.60 -40.21
N THR N 260 48.33 44.78 -39.32
CA THR N 260 49.07 43.96 -38.37
C THR N 260 50.23 43.28 -39.08
N PRO N 261 51.46 43.48 -38.62
CA PRO N 261 52.60 42.85 -39.30
C PRO N 261 52.47 41.34 -39.25
N ALA N 262 52.71 40.71 -40.40
CA ALA N 262 52.47 39.28 -40.56
C ALA N 262 53.72 38.45 -40.27
N THR N 263 54.31 38.67 -39.10
CA THR N 263 55.34 37.77 -38.63
C THR N 263 54.73 36.40 -38.38
N MET N 264 55.57 35.36 -38.46
CA MET N 264 55.09 33.99 -38.35
C MET N 264 54.32 33.77 -37.05
N SER N 265 54.85 34.26 -35.93
CA SER N 265 54.20 34.06 -34.64
C SER N 265 52.90 34.85 -34.54
N GLN N 266 52.83 36.03 -35.14
CA GLN N 266 51.57 36.77 -35.20
C GLN N 266 50.51 35.99 -35.96
N VAL N 267 50.88 35.46 -37.12
CA VAL N 267 49.98 34.67 -37.95
C VAL N 267 49.50 33.44 -37.19
N ALA N 268 50.43 32.76 -36.50
CA ALA N 268 50.07 31.56 -35.76
C ALA N 268 49.13 31.87 -34.60
N LYS N 269 49.40 32.96 -33.87
CA LYS N 269 48.52 33.34 -32.77
C LYS N 269 47.12 33.64 -33.27
N ASP N 270 47.02 34.40 -34.37
CA ASP N 270 45.70 34.73 -34.91
C ASP N 270 44.95 33.48 -35.34
N VAL N 271 45.62 32.58 -36.08
CA VAL N 271 44.92 31.41 -36.56
C VAL N 271 44.54 30.48 -35.41
N CYS N 272 45.37 30.39 -34.37
CA CYS N 272 45.01 29.53 -33.24
C CYS N 272 43.84 30.11 -32.46
N THR N 273 43.73 31.43 -32.38
CA THR N 273 42.53 32.05 -31.82
C THR N 273 41.30 31.68 -32.63
N PHE N 274 41.40 31.82 -33.96
CA PHE N 274 40.28 31.48 -34.83
C PHE N 274 39.91 30.00 -34.71
N LEU N 275 40.90 29.13 -34.52
CA LEU N 275 40.63 27.71 -34.42
C LEU N 275 39.99 27.36 -33.08
N ARG N 276 40.39 28.04 -32.01
CA ARG N 276 39.67 27.86 -30.75
C ARG N 276 38.22 28.28 -30.89
N TRP N 277 37.97 29.39 -31.59
CA TRP N 277 36.58 29.79 -31.84
C TRP N 277 35.85 28.74 -32.66
N ALA N 278 36.49 28.21 -33.71
CA ALA N 278 35.82 27.24 -34.56
C ALA N 278 35.51 25.95 -33.80
N SER N 279 36.37 25.56 -32.87
CA SER N 279 36.07 24.37 -32.06
C SER N 279 34.99 24.66 -31.04
N GLU N 280 34.97 25.86 -30.48
CA GLU N 280 34.01 26.24 -29.44
C GLU N 280 33.44 27.61 -29.79
N PRO N 281 32.44 27.67 -30.66
CA PRO N 281 31.76 28.95 -30.93
C PRO N 281 30.96 29.46 -29.75
N GLU N 282 30.71 28.65 -28.74
CA GLU N 282 29.97 29.04 -27.55
C GLU N 282 30.88 29.52 -26.43
N HIS N 283 32.18 29.70 -26.70
CA HIS N 283 33.16 29.99 -25.66
C HIS N 283 32.78 31.24 -24.85
N ASP N 284 32.54 32.36 -25.54
CA ASP N 284 32.23 33.61 -24.85
C ASP N 284 30.88 33.54 -24.13
N HIS N 285 29.86 32.98 -24.79
CA HIS N 285 28.57 32.87 -24.14
C HIS N 285 28.61 31.93 -22.95
N ARG N 286 29.37 30.83 -23.09
CA ARG N 286 29.53 29.91 -21.98
C ARG N 286 30.19 30.59 -20.78
N LYS N 287 31.18 31.45 -21.04
CA LYS N 287 31.84 32.13 -19.94
C LYS N 287 30.97 33.21 -19.30
N ARG N 288 30.17 33.91 -20.12
CA ARG N 288 29.22 34.87 -19.54
C ARG N 288 28.19 34.16 -18.68
N MET N 289 27.69 33.01 -19.15
CA MET N 289 26.77 32.21 -18.35
C MET N 289 27.44 31.68 -17.09
N GLY N 290 28.73 31.36 -17.18
CA GLY N 290 29.45 30.91 -15.99
C GLY N 290 29.58 32.00 -14.94
N LEU N 291 29.86 33.23 -15.38
CA LEU N 291 29.88 34.35 -14.44
C LEU N 291 28.51 34.54 -13.78
N LYS N 292 27.45 34.48 -14.59
CA LYS N 292 26.11 34.64 -14.03
C LYS N 292 25.77 33.51 -13.06
N MET N 293 26.17 32.27 -13.40
CA MET N 293 25.96 31.15 -12.50
C MET N 293 26.72 31.33 -11.20
N LEU N 294 27.96 31.81 -11.28
CA LEU N 294 28.73 32.00 -10.05
C LEU N 294 28.10 33.04 -9.15
N MET N 295 27.59 34.15 -9.70
CA MET N 295 26.91 35.12 -8.86
C MET N 295 25.58 34.60 -8.31
N MET N 296 24.80 33.91 -9.14
CA MET N 296 23.55 33.35 -8.65
C MET N 296 23.80 32.30 -7.57
N MET N 297 24.85 31.49 -7.72
CA MET N 297 25.18 30.51 -6.70
C MET N 297 25.70 31.16 -5.43
N GLY N 298 26.54 32.20 -5.57
CA GLY N 298 26.98 32.98 -4.44
C GLY N 298 25.90 33.78 -3.76
N LEU N 299 24.70 33.79 -4.34
CA LEU N 299 23.54 34.26 -3.58
C LEU N 299 22.69 33.11 -3.05
N LEU N 300 22.43 32.11 -3.89
CA LEU N 300 21.45 31.08 -3.57
C LEU N 300 21.97 30.12 -2.50
N LEU N 301 23.22 29.65 -2.64
CA LEU N 301 23.75 28.71 -1.67
C LEU N 301 23.74 29.24 -0.24
N PRO N 302 24.21 30.47 0.04
CA PRO N 302 24.05 31.00 1.41
C PRO N 302 22.60 31.12 1.86
N LEU N 303 21.69 31.53 0.98
CA LEU N 303 20.31 31.76 1.40
C LEU N 303 19.54 30.45 1.61
N VAL N 304 19.76 29.47 0.74
CA VAL N 304 19.14 28.17 0.97
C VAL N 304 19.76 27.49 2.19
N TYR N 305 21.05 27.71 2.43
CA TYR N 305 21.68 27.21 3.65
C TYR N 305 21.04 27.85 4.88
N ALA N 306 20.77 29.16 4.81
CA ALA N 306 20.03 29.83 5.89
C ALA N 306 18.63 29.25 6.05
N MET N 307 17.97 28.93 4.94
CA MET N 307 16.65 28.31 5.00
C MET N 307 16.69 26.97 5.72
N LYS N 308 17.67 26.13 5.35
CA LYS N 308 17.80 24.83 6.00
C LYS N 308 18.05 25.01 7.48
N ARG N 309 18.92 25.94 7.85
CA ARG N 309 19.23 26.12 9.27
C ARG N 309 18.09 26.77 10.03
N HIS N 310 17.25 27.57 9.37
CA HIS N 310 16.03 28.06 10.02
C HIS N 310 15.09 26.91 10.35
N LYS N 311 14.85 26.02 9.39
CA LYS N 311 13.99 24.87 9.69
C LYS N 311 14.62 23.95 10.72
N TRP N 312 15.94 23.81 10.71
CA TRP N 312 16.63 22.82 11.54
C TRP N 312 17.01 23.33 12.92
N SER N 313 16.94 24.63 13.17
CA SER N 313 17.28 25.18 14.48
C SER N 313 16.43 24.56 15.58
N VAL N 314 15.20 24.16 15.24
CA VAL N 314 14.33 23.50 16.22
C VAL N 314 14.97 22.20 16.71
N LEU N 315 15.65 21.48 15.82
CA LEU N 315 16.35 20.27 16.21
C LEU N 315 17.73 20.55 16.81
N LYS N 316 18.45 21.53 16.26
CA LYS N 316 19.84 21.75 16.64
C LYS N 316 20.01 22.36 18.03
N SER N 317 18.95 22.95 18.59
CA SER N 317 19.04 23.61 19.89
C SER N 317 18.19 22.94 20.95
N ARG N 318 17.41 21.92 20.60
CA ARG N 318 16.53 21.28 21.55
C ARG N 318 17.32 20.57 22.66
N LYS N 319 16.70 20.45 23.82
CA LYS N 319 17.31 19.85 24.99
C LYS N 319 16.50 18.64 25.44
N LEU N 320 17.21 17.57 25.80
CA LEU N 320 16.60 16.32 26.26
C LEU N 320 16.88 16.12 27.74
N ALA N 321 15.87 15.64 28.46
CA ALA N 321 16.00 15.29 29.86
C ALA N 321 15.38 13.92 30.09
N TYR N 322 16.09 13.06 30.81
CA TYR N 322 15.63 11.73 31.14
C TYR N 322 15.21 11.71 32.60
N ARG N 323 13.93 11.45 32.85
CA ARG N 323 13.46 11.44 34.22
C ARG N 323 12.84 10.08 34.55
N PRO N 324 13.65 9.04 34.70
CA PRO N 324 13.11 7.75 35.07
C PRO N 324 12.57 7.78 36.46
N PRO N 325 11.57 6.91 36.78
CA PRO N 325 10.94 6.76 38.09
C PRO N 325 11.96 6.47 39.18
N SER O 79 6.11 16.79 41.29
CA SER O 79 7.33 16.38 40.62
C SER O 79 7.36 16.86 39.18
N HIS O 80 6.18 17.02 38.57
CA HIS O 80 6.12 17.71 37.29
C HIS O 80 6.35 19.20 37.43
N THR O 81 6.11 19.76 38.61
CA THR O 81 6.52 21.12 38.90
C THR O 81 8.00 21.23 39.18
N ASP O 82 8.71 20.10 39.25
CA ASP O 82 10.15 20.07 39.38
C ASP O 82 10.87 20.16 38.05
N ILE O 83 10.15 20.14 36.94
CA ILE O 83 10.78 20.29 35.63
C ILE O 83 10.66 21.75 35.21
N ARG O 84 11.75 22.28 34.67
CA ARG O 84 11.81 23.63 34.17
C ARG O 84 12.37 23.59 32.75
N VAL O 85 11.98 24.56 31.94
CA VAL O 85 12.57 24.70 30.62
C VAL O 85 13.99 25.24 30.77
N PRO O 86 14.99 24.55 30.25
CA PRO O 86 16.36 25.07 30.34
C PRO O 86 16.51 26.36 29.57
N ASP O 87 17.49 27.16 29.98
CA ASP O 87 17.77 28.44 29.34
C ASP O 87 18.17 28.23 27.87
N PHE O 88 17.48 28.96 26.97
CA PHE O 88 17.82 28.97 25.54
C PHE O 88 18.46 30.29 25.12
N SER O 89 18.95 31.08 26.07
CA SER O 89 19.47 32.41 25.77
C SER O 89 20.61 32.36 24.77
N ASP O 90 21.40 31.28 24.77
CA ASP O 90 22.52 31.17 23.85
C ASP O 90 22.07 31.15 22.39
N TYR O 91 20.84 30.67 22.13
CA TYR O 91 20.33 30.54 20.78
C TYR O 91 19.35 31.64 20.41
N ARG O 92 18.88 32.42 21.38
CA ARG O 92 17.79 33.36 21.15
C ARG O 92 18.22 34.51 20.25
N ARG O 93 17.26 35.01 19.46
CA ARG O 93 17.45 36.26 18.74
C ARG O 93 17.48 37.42 19.72
N ALA O 94 18.27 38.45 19.40
CA ALA O 94 18.56 39.51 20.36
C ALA O 94 17.31 40.20 20.88
N GLU O 95 16.23 40.23 20.08
CA GLU O 95 15.04 40.95 20.50
C GLU O 95 14.20 40.21 21.53
N VAL O 96 14.45 38.93 21.73
CA VAL O 96 13.73 38.15 22.73
C VAL O 96 14.65 37.63 23.83
N LEU O 97 15.85 38.23 23.97
CA LEU O 97 16.75 37.83 25.05
C LEU O 97 16.24 38.24 26.41
N ASP O 98 15.46 39.32 26.48
CA ASP O 98 14.94 39.80 27.76
C ASP O 98 13.58 39.15 28.03
N SER O 99 13.45 38.55 29.22
CA SER O 99 12.22 37.87 29.58
C SER O 99 11.16 38.83 30.10
N THR O 100 11.53 40.07 30.37
CA THR O 100 10.56 41.06 30.83
C THR O 100 9.99 41.89 29.69
N LYS O 101 10.37 41.59 28.45
CA LYS O 101 9.88 42.29 27.28
C LYS O 101 8.83 41.44 26.56
N SER O 102 7.81 42.09 26.04
CA SER O 102 6.86 41.41 25.18
C SER O 102 7.53 40.99 23.88
N SER O 103 7.39 39.72 23.52
CA SER O 103 7.97 39.25 22.27
C SER O 103 7.07 39.50 21.07
N LYS O 104 5.86 40.03 21.29
CA LYS O 104 5.02 40.44 20.18
C LYS O 104 5.59 41.67 19.47
N GLU O 105 6.25 42.57 20.22
CA GLU O 105 6.77 43.80 19.63
C GLU O 105 7.85 43.54 18.59
N SER O 106 8.52 42.39 18.66
CA SER O 106 9.51 42.02 17.66
C SER O 106 9.05 40.90 16.75
N SER O 107 7.83 40.39 16.93
CA SER O 107 7.41 39.21 16.20
C SER O 107 7.38 39.48 14.70
N ASP O 108 6.84 40.64 14.32
CA ASP O 108 6.79 41.01 12.90
C ASP O 108 8.18 41.16 12.32
N ALA O 109 9.10 41.75 13.07
CA ALA O 109 10.46 41.92 12.57
C ALA O 109 11.17 40.57 12.42
N ARG O 110 10.97 39.67 13.38
CA ARG O 110 11.61 38.35 13.29
C ARG O 110 11.03 37.54 12.13
N LYS O 111 9.70 37.53 12.01
CA LYS O 111 9.05 36.91 10.86
C LYS O 111 9.49 37.56 9.56
N GLY O 112 9.70 38.87 9.57
CA GLY O 112 10.13 39.56 8.37
C GLY O 112 11.52 39.16 7.94
N PHE O 113 12.45 39.06 8.88
CA PHE O 113 13.79 38.60 8.54
C PHE O 113 13.77 37.21 7.91
N SER O 114 13.06 36.27 8.56
CA SER O 114 13.02 34.91 8.03
C SER O 114 12.34 34.85 6.65
N TYR O 115 11.19 35.50 6.52
CA TYR O 115 10.45 35.43 5.26
C TYR O 115 11.08 36.29 4.18
N LEU O 116 11.88 37.30 4.55
CA LEU O 116 12.72 38.00 3.59
C LEU O 116 13.76 37.06 2.99
N ILE O 117 14.39 36.25 3.83
CA ILE O 117 15.31 35.24 3.31
C ILE O 117 14.58 34.31 2.35
N THR O 118 13.40 33.83 2.75
CA THR O 118 12.67 32.90 1.89
C THR O 118 12.26 33.55 0.57
N ALA O 119 11.83 34.81 0.59
CA ALA O 119 11.35 35.46 -0.62
C ALA O 119 12.51 35.78 -1.57
N THR O 120 13.66 36.20 -1.05
CA THR O 120 14.81 36.40 -1.91
C THR O 120 15.29 35.08 -2.51
N THR O 121 15.27 34.00 -1.71
CA THR O 121 15.55 32.68 -2.26
C THR O 121 14.63 32.36 -3.41
N THR O 122 13.33 32.61 -3.24
CA THR O 122 12.37 32.30 -4.30
C THR O 122 12.62 33.13 -5.55
N VAL O 123 12.99 34.42 -5.38
CA VAL O 123 13.27 35.26 -6.54
C VAL O 123 14.46 34.71 -7.34
N GLY O 124 15.54 34.34 -6.64
CA GLY O 124 16.68 33.78 -7.34
C GLY O 124 16.42 32.45 -8.00
N VAL O 125 15.61 31.60 -7.35
CA VAL O 125 15.24 30.31 -7.93
C VAL O 125 14.35 30.50 -9.15
N ALA O 126 13.46 31.50 -9.10
CA ALA O 126 12.61 31.80 -10.26
C ALA O 126 13.46 32.28 -11.43
N TYR O 127 14.45 33.13 -11.16
CA TYR O 127 15.37 33.54 -12.22
C TYR O 127 16.05 32.33 -12.86
N ALA O 128 16.62 31.45 -12.02
CA ALA O 128 17.33 30.29 -12.56
C ALA O 128 16.40 29.37 -13.35
N ALA O 129 15.20 29.12 -12.82
CA ALA O 129 14.24 28.25 -13.49
C ALA O 129 13.78 28.84 -14.81
N LYS O 130 13.54 30.15 -14.85
CA LYS O 130 13.16 30.77 -16.11
C LYS O 130 14.25 30.62 -17.15
N ASN O 131 15.51 30.82 -16.75
CA ASN O 131 16.60 30.66 -17.72
C ASN O 131 16.67 29.22 -18.23
N ALA O 132 16.58 28.24 -17.33
CA ALA O 132 16.67 26.84 -17.75
C ALA O 132 15.52 26.45 -18.66
N VAL O 133 14.29 26.76 -18.27
CA VAL O 133 13.12 26.38 -19.05
C VAL O 133 13.11 27.14 -20.38
N SER O 134 13.55 28.39 -20.38
CA SER O 134 13.64 29.15 -21.63
C SER O 134 14.62 28.51 -22.60
N GLN O 135 15.77 28.05 -22.08
CA GLN O 135 16.73 27.38 -22.96
C GLN O 135 16.15 26.10 -23.54
N PHE O 136 15.48 25.29 -22.70
CA PHE O 136 14.91 24.05 -23.22
C PHE O 136 13.76 24.31 -24.21
N VAL O 137 12.99 25.38 -24.02
CA VAL O 137 11.96 25.73 -24.99
C VAL O 137 12.59 26.20 -26.29
N SER O 138 13.61 27.05 -26.18
CA SER O 138 14.28 27.61 -27.36
C SER O 138 14.99 26.54 -28.17
N SER O 139 15.43 25.44 -27.54
CA SER O 139 16.06 24.38 -28.32
C SER O 139 15.09 23.78 -29.32
N MET O 140 13.82 23.66 -28.95
CA MET O 140 12.77 23.18 -29.84
C MET O 140 12.37 24.22 -30.88
N SER O 141 12.73 25.47 -30.67
CA SER O 141 12.55 26.52 -31.65
C SER O 141 13.58 26.39 -32.77
N ALA O 142 13.20 26.86 -33.96
CA ALA O 142 13.98 26.68 -35.19
C ALA O 142 15.46 26.98 -34.99
N SER O 143 16.31 26.02 -35.37
CA SER O 143 17.74 26.15 -35.18
C SER O 143 18.33 27.14 -36.19
N ALA O 144 19.57 27.54 -35.94
CA ALA O 144 20.19 28.62 -36.70
C ALA O 144 20.32 28.25 -38.17
N ASP O 145 20.56 26.98 -38.47
CA ASP O 145 20.60 26.53 -39.87
C ASP O 145 19.22 26.64 -40.53
N VAL O 146 18.16 26.31 -39.79
CA VAL O 146 16.81 26.46 -40.31
C VAL O 146 16.49 27.93 -40.53
N LEU O 147 16.90 28.79 -39.59
CA LEU O 147 16.64 30.22 -39.69
C LEU O 147 17.48 30.92 -40.75
N ALA O 148 18.51 30.25 -41.30
CA ALA O 148 19.37 30.85 -42.30
C ALA O 148 19.15 30.26 -43.69
N MET O 149 18.58 29.06 -43.78
CA MET O 149 18.14 28.50 -45.03
C MET O 149 16.80 29.11 -45.40
N SER O 150 15.98 28.37 -46.14
CA SER O 150 14.85 28.89 -46.90
C SER O 150 14.11 30.06 -46.25
N LYS O 151 14.32 30.28 -44.95
CA LYS O 151 13.72 31.36 -44.17
C LYS O 151 13.42 32.59 -45.01
N ILE O 152 14.43 33.08 -45.70
CA ILE O 152 14.30 34.26 -46.56
C ILE O 152 15.28 34.09 -47.70
N GLU O 153 14.94 34.70 -48.84
CA GLU O 153 15.87 34.78 -49.97
C GLU O 153 15.57 36.09 -50.69
N ILE O 154 16.32 37.14 -50.36
CA ILE O 154 16.18 38.40 -51.09
C ILE O 154 16.63 38.19 -52.52
N LYS O 155 15.86 38.70 -53.46
CA LYS O 155 16.22 38.59 -54.87
C LYS O 155 17.10 39.77 -55.26
N LEU O 156 17.34 39.91 -56.56
CA LEU O 156 18.15 41.00 -57.08
C LEU O 156 17.47 41.56 -58.33
N SER O 157 17.96 42.69 -58.81
CA SER O 157 17.47 43.29 -60.05
C SER O 157 17.82 42.46 -61.27
N ASP O 158 18.46 41.30 -61.10
CA ASP O 158 18.83 40.47 -62.23
C ASP O 158 17.61 40.03 -63.04
N ILE O 159 16.45 39.92 -62.40
CA ILE O 159 15.22 39.46 -63.04
C ILE O 159 14.78 40.48 -64.08
N PRO O 160 14.82 40.13 -65.37
CA PRO O 160 14.43 41.08 -66.42
C PRO O 160 12.91 41.10 -66.61
N GLU O 161 12.50 41.93 -67.56
CA GLU O 161 11.08 42.10 -67.84
C GLU O 161 10.48 40.84 -68.46
N GLY O 162 9.39 40.37 -67.88
CA GLY O 162 8.70 39.20 -68.42
C GLY O 162 9.57 37.95 -68.44
N LYS O 163 10.48 37.82 -67.50
CA LYS O 163 11.43 36.71 -67.47
C LYS O 163 11.30 35.95 -66.17
N ASN O 164 11.17 34.63 -66.28
CA ASN O 164 10.99 33.75 -65.12
C ASN O 164 12.34 33.32 -64.56
N MET O 165 12.99 34.23 -63.84
CA MET O 165 14.19 33.82 -63.12
C MET O 165 13.76 32.94 -61.95
N ALA O 166 14.28 31.71 -61.93
CA ALA O 166 13.77 30.67 -61.06
C ALA O 166 14.70 30.43 -59.88
N PHE O 167 14.12 29.94 -58.80
CA PHE O 167 14.87 29.74 -57.56
C PHE O 167 14.40 28.44 -56.90
N LYS O 168 15.02 28.10 -55.77
CA LYS O 168 14.77 26.84 -55.07
C LYS O 168 14.54 27.11 -53.57
N TRP O 169 13.61 28.00 -53.26
CA TRP O 169 13.41 28.39 -51.87
C TRP O 169 12.36 27.51 -51.20
N ARG O 170 12.63 27.11 -49.96
CA ARG O 170 11.70 26.28 -49.18
C ARG O 170 11.56 24.88 -49.77
N GLY O 171 12.54 24.48 -50.58
CA GLY O 171 12.42 23.26 -51.35
C GLY O 171 11.57 23.50 -52.59
N LYS O 172 10.67 24.45 -52.49
CA LYS O 172 9.78 24.78 -53.59
C LYS O 172 10.52 25.62 -54.63
N PRO O 173 10.50 25.24 -55.90
CA PRO O 173 10.97 26.16 -56.94
C PRO O 173 10.11 27.42 -56.95
N LEU O 174 10.78 28.56 -56.87
CA LEU O 174 10.12 29.85 -56.87
C LEU O 174 10.17 30.45 -58.26
N PHE O 175 9.01 30.93 -58.72
CA PHE O 175 8.90 31.65 -59.98
C PHE O 175 8.92 33.14 -59.71
N VAL O 176 9.78 33.86 -60.41
CA VAL O 176 9.81 35.31 -60.35
C VAL O 176 9.85 35.86 -61.77
N ARG O 177 8.75 36.47 -62.19
CA ARG O 177 8.63 37.06 -63.51
C ARG O 177 8.38 38.56 -63.37
N HIS O 178 8.29 39.22 -64.52
CA HIS O 178 8.07 40.66 -64.59
C HIS O 178 7.01 40.93 -65.66
N ARG O 179 5.86 40.26 -65.54
CA ARG O 179 4.76 40.41 -66.49
C ARG O 179 4.56 41.88 -66.84
N THR O 180 4.75 42.20 -68.12
CA THR O 180 4.89 43.59 -68.56
C THR O 180 3.53 44.12 -69.00
N LYS O 181 2.92 44.92 -68.12
CA LYS O 181 1.67 45.62 -68.46
C LYS O 181 0.62 44.64 -68.96
N LYS O 182 0.59 44.41 -70.28
CA LYS O 182 -0.42 43.62 -70.98
C LYS O 182 -0.80 42.35 -70.20
N GLU O 183 0.19 41.52 -69.87
CA GLU O 183 -0.12 40.26 -69.18
C GLU O 183 -0.94 40.52 -67.92
N ILE O 184 -0.45 41.40 -67.05
CA ILE O 184 -1.23 41.81 -65.89
C ILE O 184 -2.64 42.16 -66.32
N ASP O 185 -2.76 43.13 -67.23
CA ASP O 185 -4.08 43.56 -67.68
C ASP O 185 -4.82 42.39 -68.31
N GLN O 186 -4.13 41.57 -69.09
CA GLN O 186 -4.78 40.42 -69.69
C GLN O 186 -5.35 39.49 -68.64
N GLU O 187 -4.64 39.32 -67.52
CA GLU O 187 -5.17 38.44 -66.49
C GLU O 187 -6.18 39.17 -65.60
N ALA O 188 -6.24 40.50 -65.70
CA ALA O 188 -7.45 41.20 -65.29
C ALA O 188 -8.56 41.00 -66.32
N ALA O 189 -8.19 40.96 -67.60
CA ALA O 189 -9.16 40.64 -68.64
C ALA O 189 -9.62 39.20 -68.52
N VAL O 190 -8.73 38.30 -68.07
CA VAL O 190 -9.14 36.94 -67.75
C VAL O 190 -10.16 36.98 -66.63
N GLU O 191 -11.35 36.46 -66.90
CA GLU O 191 -12.46 36.53 -65.96
C GLU O 191 -12.16 35.69 -64.72
N VAL O 192 -12.78 36.08 -63.60
CA VAL O 192 -12.65 35.34 -62.35
C VAL O 192 -13.65 34.19 -62.28
N SER O 193 -14.90 34.41 -62.66
CA SER O 193 -15.91 33.37 -62.57
C SER O 193 -15.57 32.19 -63.49
N GLN O 194 -15.00 32.48 -64.66
CA GLN O 194 -14.64 31.42 -65.59
C GLN O 194 -13.64 30.45 -64.97
N LEU O 195 -12.79 30.94 -64.06
CA LEU O 195 -11.77 30.11 -63.45
C LEU O 195 -12.40 29.06 -62.54
N ARG O 196 -11.73 27.91 -62.44
CA ARG O 196 -12.14 26.89 -61.47
C ARG O 196 -11.86 27.36 -60.04
N ASP O 197 -10.71 28.00 -59.82
CA ASP O 197 -10.35 28.56 -58.54
C ASP O 197 -10.49 30.07 -58.62
N PRO O 198 -11.61 30.65 -58.17
CA PRO O 198 -11.86 32.08 -58.40
C PRO O 198 -10.84 33.00 -57.75
N GLN O 199 -10.08 33.72 -58.58
CA GLN O 199 -9.01 34.60 -58.11
C GLN O 199 -8.91 35.82 -59.02
N HIS O 200 -8.46 36.93 -58.43
CA HIS O 200 -8.32 38.20 -59.13
C HIS O 200 -6.84 38.46 -59.38
N ASP O 201 -6.51 38.89 -60.60
CA ASP O 201 -5.10 39.01 -60.99
C ASP O 201 -4.34 39.95 -60.05
N LEU O 202 -4.88 41.15 -59.83
CA LEU O 202 -4.22 42.12 -58.96
C LEU O 202 -4.13 41.59 -57.53
N GLU O 203 -5.18 40.88 -57.08
CA GLU O 203 -5.12 40.28 -55.76
C GLU O 203 -4.05 39.19 -55.70
N ARG O 204 -3.87 38.44 -56.80
CA ARG O 204 -2.83 37.42 -56.83
C ARG O 204 -1.44 38.05 -56.78
N VAL O 205 -1.23 39.12 -57.54
CA VAL O 205 0.08 39.76 -57.63
C VAL O 205 -0.02 41.12 -56.92
N LYS O 206 0.48 41.17 -55.67
CA LYS O 206 0.36 42.42 -54.91
C LYS O 206 1.10 43.56 -55.61
N LYS O 207 2.22 43.27 -56.25
CA LYS O 207 2.92 44.26 -57.06
C LYS O 207 2.72 43.91 -58.52
N PRO O 208 1.64 44.42 -59.14
CA PRO O 208 1.21 43.93 -60.46
C PRO O 208 2.36 43.53 -61.36
N GLU O 209 3.39 44.38 -61.48
CA GLU O 209 4.45 44.18 -62.47
C GLU O 209 5.07 42.78 -62.37
N TRP O 210 5.20 42.25 -61.16
CA TRP O 210 5.87 40.97 -60.95
C TRP O 210 4.98 40.04 -60.14
N VAL O 211 4.52 38.96 -60.76
CA VAL O 211 3.82 37.91 -60.01
C VAL O 211 4.86 36.91 -59.52
N ILE O 212 4.78 36.56 -58.24
CA ILE O 212 5.68 35.57 -57.65
C ILE O 212 4.79 34.41 -57.21
N LEU O 213 4.92 33.30 -57.93
CA LEU O 213 4.23 32.06 -57.59
C LEU O 213 5.28 31.01 -57.29
N ILE O 214 5.05 30.22 -56.24
CA ILE O 214 5.84 29.01 -56.07
C ILE O 214 5.64 28.13 -57.30
N GLY O 215 6.75 27.72 -57.91
CA GLY O 215 6.67 26.95 -59.13
C GLY O 215 6.54 25.46 -58.90
N VAL O 216 5.30 24.97 -58.96
CA VAL O 216 5.03 23.53 -58.98
C VAL O 216 3.59 23.33 -59.46
N CYS O 217 3.37 22.36 -60.34
CA CYS O 217 2.01 22.02 -60.73
C CYS O 217 1.22 21.53 -59.53
N THR O 218 -0.02 21.97 -59.43
CA THR O 218 -0.91 21.61 -58.33
C THR O 218 -1.70 20.34 -58.63
N HIS O 219 -1.18 19.46 -59.50
CA HIS O 219 -1.85 18.21 -59.85
C HIS O 219 -0.80 17.14 -60.07
N LEU O 220 -0.62 16.25 -59.10
CA LEU O 220 0.11 15.00 -59.26
C LEU O 220 1.40 15.15 -60.07
N GLY O 221 2.08 16.28 -59.89
CA GLY O 221 3.33 16.49 -60.61
C GLY O 221 3.18 16.53 -62.11
N CYS O 222 1.97 16.79 -62.61
CA CYS O 222 1.75 16.93 -64.04
C CYS O 222 2.25 18.31 -64.51
N VAL O 223 3.57 18.43 -64.46
CA VAL O 223 4.32 19.69 -64.58
C VAL O 223 3.75 20.62 -65.65
N PRO O 224 3.52 21.89 -65.34
CA PRO O 224 3.05 22.81 -66.36
C PRO O 224 4.19 23.23 -67.29
N ILE O 225 3.83 23.86 -68.39
CA ILE O 225 4.85 24.43 -69.26
C ILE O 225 5.26 25.76 -68.67
N ALA O 226 6.29 25.72 -67.81
CA ALA O 226 6.75 26.92 -67.12
C ALA O 226 7.23 27.97 -68.11
N ASN O 227 6.81 29.21 -67.88
CA ASN O 227 7.26 30.37 -68.66
C ASN O 227 6.94 30.22 -70.14
N ALA O 228 5.65 30.18 -70.48
CA ALA O 228 5.18 30.08 -71.86
C ALA O 228 3.66 30.18 -71.92
N GLY O 229 2.99 29.07 -71.64
CA GLY O 229 1.54 29.07 -71.49
C GLY O 229 0.79 29.05 -72.80
N ASP O 230 -0.19 28.14 -72.92
CA ASP O 230 -1.11 28.24 -74.06
C ASP O 230 -2.08 29.41 -73.85
N PHE O 231 -2.59 29.56 -72.63
CA PHE O 231 -3.39 30.75 -72.29
C PHE O 231 -2.49 31.93 -71.94
N GLY O 232 -1.78 31.82 -70.83
CA GLY O 232 -0.98 32.92 -70.30
C GLY O 232 0.51 32.69 -70.20
N GLY O 233 0.97 32.40 -68.99
CA GLY O 233 2.39 32.23 -68.72
C GLY O 233 2.83 30.78 -68.57
N TYR O 234 1.94 29.93 -68.06
CA TYR O 234 2.20 28.50 -67.95
C TYR O 234 0.95 27.78 -68.43
N TYR O 235 1.03 26.45 -68.51
CA TYR O 235 -0.20 25.70 -68.77
C TYR O 235 -0.01 24.27 -68.34
N CYS O 236 -1.08 23.69 -67.77
CA CYS O 236 -1.07 22.30 -67.32
C CYS O 236 -1.24 21.42 -68.54
N PRO O 237 -0.18 20.79 -69.05
CA PRO O 237 -0.32 19.98 -70.26
C PRO O 237 -0.95 18.64 -69.98
N CYS O 238 -0.52 17.99 -68.89
CA CYS O 238 -1.07 16.69 -68.50
C CYS O 238 -2.57 16.80 -68.22
N HIS O 239 -2.96 17.85 -67.50
CA HIS O 239 -4.36 18.15 -67.21
C HIS O 239 -4.82 19.29 -68.10
N GLY O 240 -5.96 19.90 -67.78
CA GLY O 240 -6.39 21.07 -68.53
C GLY O 240 -6.18 22.39 -67.81
N SER O 241 -5.47 22.36 -66.68
CA SER O 241 -5.40 23.50 -65.77
C SER O 241 -4.31 24.48 -66.21
N HIS O 242 -4.52 25.07 -67.38
CA HIS O 242 -3.56 25.99 -67.95
C HIS O 242 -3.39 27.20 -67.02
N TYR O 243 -2.37 28.03 -67.30
CA TYR O 243 -2.04 29.12 -66.39
C TYR O 243 -1.87 30.43 -67.15
N ASP O 244 -2.27 31.52 -66.52
CA ASP O 244 -2.06 32.84 -67.08
C ASP O 244 -0.81 33.45 -66.46
N ALA O 245 -0.57 34.74 -66.72
CA ALA O 245 0.55 35.42 -66.08
C ALA O 245 0.40 35.37 -64.55
N SER O 246 -0.84 35.43 -64.07
CA SER O 246 -1.13 35.25 -62.65
C SER O 246 -1.20 33.77 -62.30
N GLY O 247 -0.65 32.94 -63.18
CA GLY O 247 -0.59 31.50 -62.98
C GLY O 247 -1.89 30.90 -62.49
N ARG O 248 -3.00 31.27 -63.13
CA ARG O 248 -4.33 30.88 -62.70
C ARG O 248 -4.73 29.60 -63.41
N ILE O 249 -5.22 28.62 -62.65
CA ILE O 249 -5.84 27.44 -63.24
C ILE O 249 -6.89 27.88 -64.24
N ARG O 250 -6.80 27.36 -65.46
CA ARG O 250 -7.83 27.71 -66.44
C ARG O 250 -9.01 26.75 -66.38
N LYS O 251 -8.77 25.44 -66.28
CA LYS O 251 -9.86 24.48 -66.09
C LYS O 251 -9.30 23.21 -65.45
N GLY O 252 -9.56 23.03 -64.16
CA GLY O 252 -9.18 21.80 -63.48
C GLY O 252 -9.42 21.83 -61.98
N PRO O 253 -9.47 20.65 -61.36
CA PRO O 253 -9.77 20.57 -59.93
C PRO O 253 -8.57 20.78 -59.02
N ALA O 254 -7.41 21.17 -59.55
CA ALA O 254 -6.26 21.41 -58.69
C ALA O 254 -6.66 22.43 -57.64
N PRO O 255 -6.45 22.14 -56.35
CA PRO O 255 -7.18 22.87 -55.30
C PRO O 255 -6.95 24.37 -55.33
N LEU O 256 -5.94 24.84 -56.04
CA LEU O 256 -5.70 26.27 -56.21
C LEU O 256 -4.77 26.45 -57.40
N ASN O 257 -4.46 27.70 -57.70
CA ASN O 257 -3.44 28.05 -58.67
C ASN O 257 -2.06 27.76 -58.08
N LEU O 258 -1.01 28.09 -58.83
CA LEU O 258 0.33 28.00 -58.25
C LEU O 258 0.39 28.86 -57.00
N GLU O 259 0.85 28.26 -55.90
CA GLU O 259 0.80 28.93 -54.61
C GLU O 259 1.58 30.24 -54.65
N VAL O 260 0.97 31.30 -54.16
CA VAL O 260 1.57 32.63 -54.11
C VAL O 260 1.93 32.90 -52.65
N PRO O 261 3.20 32.79 -52.28
CA PRO O 261 3.58 32.68 -50.87
C PRO O 261 3.77 34.03 -50.20
N THR O 262 4.19 33.98 -48.93
CA THR O 262 4.53 35.19 -48.20
C THR O 262 5.80 35.80 -48.78
N TYR O 263 5.71 37.06 -49.11
CA TYR O 263 6.82 37.77 -49.69
C TYR O 263 6.82 39.23 -49.29
N GLU O 264 7.96 39.90 -49.51
CA GLU O 264 8.03 41.35 -49.42
C GLU O 264 7.83 41.94 -50.82
N PHE O 265 6.58 42.07 -51.27
CA PHE O 265 6.42 42.63 -52.62
C PHE O 265 6.48 44.11 -52.65
N THR O 266 7.56 44.53 -53.11
CA THR O 266 7.83 45.87 -53.54
C THR O 266 8.45 45.90 -54.92
N SER O 267 9.30 44.94 -55.27
CA SER O 267 9.91 44.84 -56.59
C SER O 267 10.54 43.46 -56.71
N ASP O 268 10.73 43.01 -57.96
CA ASP O 268 11.37 41.72 -58.17
C ASP O 268 12.77 41.69 -57.57
N ASP O 269 13.44 42.85 -57.52
CA ASP O 269 14.70 42.95 -56.80
C ASP O 269 14.48 42.79 -55.30
N LEU O 270 13.54 43.54 -54.74
CA LEU O 270 13.33 43.58 -53.29
C LEU O 270 12.17 42.68 -52.87
N VAL O 271 12.34 41.37 -53.04
CA VAL O 271 11.38 40.39 -52.56
C VAL O 271 12.14 39.37 -51.69
N ILE O 272 11.94 39.46 -50.38
CA ILE O 272 12.52 38.46 -49.48
C ILE O 272 11.88 37.09 -49.72
N VAL O 273 10.59 37.07 -50.04
CA VAL O 273 9.80 35.85 -50.19
C VAL O 273 10.07 34.91 -49.03
N GLY O 274 10.97 33.95 -49.24
CA GLY O 274 11.25 32.95 -48.23
C GLY O 274 10.82 31.58 -48.69
N TRP P 13 50.49 -6.49 27.20
CA TRP P 13 49.24 -6.55 27.94
C TRP P 13 48.04 -6.51 27.00
N LEU P 14 47.14 -7.48 27.15
CA LEU P 14 45.94 -7.50 26.34
C LEU P 14 44.98 -6.39 26.73
N GLU P 15 44.94 -6.02 28.01
CA GLU P 15 44.01 -5.01 28.46
C GLU P 15 44.45 -3.60 28.08
N GLY P 16 45.76 -3.38 27.93
CA GLY P 16 46.20 -2.12 27.35
C GLY P 16 45.66 -1.93 25.96
N ILE P 17 45.78 -2.96 25.12
CA ILE P 17 45.22 -2.91 23.77
C ILE P 17 43.70 -2.75 23.82
N ARG P 18 43.06 -3.43 24.77
CA ARG P 18 41.60 -3.35 24.88
C ARG P 18 41.13 -1.95 25.26
N LYS P 19 41.78 -1.33 26.25
CA LYS P 19 41.39 0.03 26.63
C LYS P 19 41.75 1.03 25.56
N TRP P 20 42.88 0.83 24.87
CA TRP P 20 43.21 1.66 23.71
C TRP P 20 42.12 1.58 22.66
N TYR P 21 41.67 0.37 22.35
CA TYR P 21 40.65 0.19 21.32
C TYR P 21 39.32 0.77 21.78
N TYR P 22 39.00 0.65 23.07
CA TYR P 22 37.76 1.23 23.58
C TYR P 22 37.76 2.75 23.47
N ASN P 23 38.90 3.38 23.78
CA ASN P 23 39.01 4.82 23.58
C ASN P 23 38.91 5.18 22.10
N ALA P 24 39.60 4.42 21.23
CA ALA P 24 39.66 4.75 19.81
C ALA P 24 38.33 4.50 19.10
N ALA P 25 37.54 3.54 19.57
CA ALA P 25 36.24 3.28 18.97
C ALA P 25 35.33 4.48 19.13
N GLY P 26 35.37 5.13 20.28
CA GLY P 26 34.78 6.44 20.44
C GLY P 26 33.29 6.49 20.65
N PHE P 27 32.63 5.36 20.88
CA PHE P 27 31.24 5.43 21.30
C PHE P 27 31.11 5.86 22.76
N ASN P 28 32.20 5.82 23.52
CA ASN P 28 32.18 6.35 24.88
C ASN P 28 32.11 7.86 24.88
N LYS P 29 32.64 8.51 23.83
CA LYS P 29 32.52 9.96 23.69
C LYS P 29 31.08 10.41 23.50
N LEU P 30 30.18 9.50 23.13
CA LEU P 30 28.76 9.79 22.98
C LEU P 30 27.94 9.36 24.18
N GLY P 31 28.56 8.87 25.23
CA GLY P 31 27.84 8.36 26.39
C GLY P 31 27.28 6.97 26.23
N LEU P 32 27.68 6.25 25.19
CA LEU P 32 27.14 4.93 24.91
C LEU P 32 27.93 3.84 25.61
N MET P 33 27.26 2.74 25.88
CA MET P 33 27.91 1.49 26.29
C MET P 33 28.12 0.62 25.06
N ARG P 34 28.92 -0.44 25.23
CA ARG P 34 29.24 -1.32 24.11
C ARG P 34 27.97 -1.98 23.57
N ASP P 35 27.12 -2.48 24.47
CA ASP P 35 25.89 -3.17 24.06
C ASP P 35 24.89 -2.24 23.41
N ASP P 36 25.06 -0.93 23.53
CA ASP P 36 24.22 0.02 22.80
C ASP P 36 24.53 0.03 21.31
N THR P 37 25.74 -0.33 20.92
CA THR P 37 26.21 -0.22 19.54
C THR P 37 26.02 -1.49 18.74
N ILE P 38 25.54 -2.57 19.37
CA ILE P 38 25.44 -3.85 18.68
C ILE P 38 24.45 -3.76 17.52
N TYR P 39 24.80 -4.37 16.39
CA TYR P 39 23.87 -4.44 15.28
C TYR P 39 22.67 -5.29 15.68
N GLU P 40 21.48 -4.80 15.36
CA GLU P 40 20.25 -5.40 15.86
C GLU P 40 19.71 -6.36 14.81
N ASP P 41 20.12 -7.63 14.94
CA ASP P 41 19.51 -8.71 14.18
C ASP P 41 18.35 -9.29 15.01
N ASP P 42 17.85 -10.46 14.61
CA ASP P 42 16.68 -11.02 15.28
C ASP P 42 17.01 -11.50 16.69
N ASP P 43 18.17 -12.14 16.87
CA ASP P 43 18.60 -12.55 18.21
C ASP P 43 18.69 -11.36 19.14
N VAL P 44 19.32 -10.27 18.67
CA VAL P 44 19.50 -9.08 19.47
C VAL P 44 18.16 -8.40 19.74
N LYS P 45 17.24 -8.46 18.78
CA LYS P 45 15.90 -7.92 19.02
C LYS P 45 15.19 -8.65 20.15
N GLU P 46 15.25 -9.99 20.14
CA GLU P 46 14.64 -10.73 21.25
C GLU P 46 15.35 -10.44 22.57
N ALA P 47 16.68 -10.31 22.53
CA ALA P 47 17.42 -9.97 23.74
C ALA P 47 16.99 -8.62 24.31
N ILE P 48 16.80 -7.62 23.44
CA ILE P 48 16.33 -6.32 23.89
C ILE P 48 14.88 -6.40 24.38
N ARG P 49 14.07 -7.26 23.77
CA ARG P 49 12.70 -7.44 24.22
C ARG P 49 12.61 -8.08 25.59
N ARG P 50 13.62 -8.86 25.99
CA ARG P 50 13.62 -9.51 27.29
C ARG P 50 14.21 -8.67 28.41
N LEU P 51 14.68 -7.45 28.13
CA LEU P 51 15.31 -6.64 29.15
C LEU P 51 14.29 -6.21 30.20
N PRO P 52 14.71 -6.06 31.46
CA PRO P 52 13.86 -5.36 32.42
C PRO P 52 13.67 -3.91 32.00
N GLU P 53 12.53 -3.34 32.37
CA GLU P 53 12.10 -2.09 31.78
C GLU P 53 13.04 -0.93 32.12
N ASN P 54 13.63 -0.92 33.32
CA ASN P 54 14.54 0.17 33.67
C ASN P 54 15.77 0.18 32.77
N LEU P 55 16.36 -1.00 32.51
CA LEU P 55 17.49 -1.12 31.60
C LEU P 55 17.09 -0.74 30.18
N TYR P 56 15.89 -1.14 29.75
CA TYR P 56 15.41 -0.76 28.44
C TYR P 56 15.30 0.75 28.29
N ASN P 57 14.75 1.42 29.31
CA ASN P 57 14.57 2.87 29.25
C ASN P 57 15.91 3.59 29.29
N ASP P 58 16.85 3.10 30.10
CA ASP P 58 18.21 3.64 30.07
C ASP P 58 18.82 3.50 28.69
N ARG P 59 18.68 2.32 28.08
CA ARG P 59 19.21 2.11 26.75
C ARG P 59 18.59 3.08 25.75
N VAL P 60 17.28 3.24 25.82
CA VAL P 60 16.57 4.10 24.87
C VAL P 60 17.03 5.55 25.01
N PHE P 61 17.13 6.06 26.24
CA PHE P 61 17.56 7.45 26.37
C PHE P 61 19.03 7.62 26.00
N ARG P 62 19.89 6.67 26.37
CA ARG P 62 21.29 6.75 25.98
C ARG P 62 21.42 6.85 24.47
N ILE P 63 20.67 5.99 23.75
CA ILE P 63 20.77 5.95 22.30
C ILE P 63 20.17 7.21 21.69
N LYS P 64 19.04 7.69 22.22
CA LYS P 64 18.47 8.94 21.73
C LYS P 64 19.42 10.10 21.93
N ARG P 65 20.08 10.17 23.08
CA ARG P 65 21.04 11.23 23.33
C ARG P 65 22.22 11.14 22.37
N ALA P 66 22.70 9.92 22.10
CA ALA P 66 23.81 9.77 21.17
C ALA P 66 23.41 10.16 19.74
N LEU P 67 22.19 9.83 19.33
CA LEU P 67 21.70 10.26 18.03
C LEU P 67 21.59 11.78 17.97
N ASP P 68 21.09 12.39 19.03
CA ASP P 68 21.03 13.85 19.13
C ASP P 68 22.43 14.47 19.07
N LEU P 69 23.42 13.79 19.66
CA LEU P 69 24.79 14.28 19.65
C LEU P 69 25.40 14.21 18.26
N THR P 70 25.20 13.08 17.57
CA THR P 70 25.76 12.92 16.24
C THR P 70 25.02 13.76 15.20
N MET P 71 23.77 14.13 15.50
CA MET P 71 23.06 15.05 14.62
C MET P 71 23.72 16.42 14.59
N ARG P 72 24.31 16.85 15.70
CA ARG P 72 25.05 18.10 15.76
C ARG P 72 26.54 17.93 15.46
N GLN P 73 26.99 16.72 15.15
CA GLN P 73 28.41 16.41 15.02
C GLN P 73 29.17 16.79 16.29
N GLN P 74 28.58 16.50 17.43
CA GLN P 74 29.16 16.83 18.73
C GLN P 74 29.40 15.56 19.52
N ILE P 75 30.21 15.70 20.56
CA ILE P 75 30.44 14.65 21.54
C ILE P 75 30.27 15.26 22.93
N LEU P 76 30.15 14.38 23.92
CA LEU P 76 29.99 14.81 25.31
C LEU P 76 31.30 15.35 25.85
N PRO P 77 31.26 16.08 26.96
CA PRO P 77 32.50 16.42 27.66
C PRO P 77 33.19 15.18 28.21
N LYS P 78 34.51 15.24 28.29
CA LYS P 78 35.29 14.06 28.67
C LYS P 78 34.90 13.51 30.04
N GLU P 79 34.38 14.37 30.92
CA GLU P 79 33.92 13.85 32.22
C GLU P 79 32.72 12.94 32.04
N GLN P 80 31.88 13.19 31.03
CA GLN P 80 30.66 12.43 30.80
C GLN P 80 30.88 11.19 29.94
N TRP P 81 32.10 10.94 29.50
CA TRP P 81 32.37 9.78 28.65
C TRP P 81 32.29 8.49 29.46
N THR P 82 31.77 7.44 28.83
CA THR P 82 31.76 6.14 29.47
C THR P 82 33.18 5.67 29.72
N LYS P 83 33.51 5.44 30.98
CA LYS P 83 34.82 4.91 31.32
C LYS P 83 34.88 3.43 30.96
N TYR P 84 36.06 2.98 30.51
CA TYR P 84 36.20 1.61 30.04
C TYR P 84 35.89 0.62 31.14
N GLU P 85 36.30 0.92 32.36
CA GLU P 85 36.09 0.04 33.51
C GLU P 85 34.68 0.14 34.07
N GLU P 86 33.82 1.00 33.52
CA GLU P 86 32.45 1.15 33.98
C GLU P 86 31.44 0.82 32.90
N ASP P 87 31.86 0.11 31.85
CA ASP P 87 30.94 -0.30 30.79
C ASP P 87 30.20 -1.54 31.24
N LYS P 88 28.88 -1.43 31.34
CA LYS P 88 28.03 -2.53 31.78
C LYS P 88 27.57 -3.33 30.57
N PHE P 89 28.00 -4.58 30.48
CA PHE P 89 27.51 -5.48 29.43
C PHE P 89 26.12 -5.97 29.86
N TYR P 90 25.17 -5.03 29.85
CA TYR P 90 23.83 -5.30 30.36
C TYR P 90 23.08 -6.27 29.46
N LEU P 91 23.33 -6.22 28.16
CA LEU P 91 22.58 -7.03 27.20
C LEU P 91 23.22 -8.40 26.94
N GLU P 92 24.42 -8.64 27.46
CA GLU P 92 25.15 -9.86 27.15
C GLU P 92 24.44 -11.13 27.60
N PRO P 93 23.97 -11.27 28.86
CA PRO P 93 23.32 -12.53 29.25
C PRO P 93 22.03 -12.82 28.51
N TYR P 94 21.21 -11.81 28.23
CA TYR P 94 19.98 -12.03 27.48
C TYR P 94 20.28 -12.51 26.07
N LEU P 95 21.29 -11.92 25.43
CA LEU P 95 21.70 -12.36 24.10
C LEU P 95 22.22 -13.79 24.14
N LYS P 96 23.03 -14.12 25.14
CA LYS P 96 23.54 -15.48 25.23
C LYS P 96 22.43 -16.49 25.41
N GLU P 97 21.41 -16.17 26.20
CA GLU P 97 20.28 -17.09 26.34
C GLU P 97 19.44 -17.18 25.06
N VAL P 98 19.22 -16.06 24.38
CA VAL P 98 18.48 -16.11 23.11
C VAL P 98 19.22 -16.98 22.10
N ILE P 99 20.53 -16.82 22.02
CA ILE P 99 21.34 -17.58 21.08
C ILE P 99 21.34 -19.06 21.46
N ARG P 100 21.41 -19.37 22.75
CA ARG P 100 21.31 -20.76 23.18
C ARG P 100 19.99 -21.40 22.75
N GLU P 101 18.89 -20.67 22.88
CA GLU P 101 17.60 -21.23 22.44
C GLU P 101 17.58 -21.45 20.93
N ARG P 102 18.10 -20.51 20.15
CA ARG P 102 18.17 -20.70 18.70
C ARG P 102 19.02 -21.92 18.34
N LYS P 103 20.17 -22.06 18.99
CA LYS P 103 21.05 -23.20 18.73
C LYS P 103 20.38 -24.51 19.10
N GLU P 104 19.60 -24.53 20.17
CA GLU P 104 18.87 -25.75 20.54
C GLU P 104 17.82 -26.10 19.51
N ARG P 105 17.08 -25.11 19.02
CA ARG P 105 16.10 -25.38 17.97
C ARG P 105 16.77 -25.96 16.73
N GLU P 106 17.92 -25.40 16.35
CA GLU P 106 18.61 -25.90 15.17
C GLU P 106 19.13 -27.32 15.39
N GLU P 107 19.68 -27.62 16.57
CA GLU P 107 20.11 -28.99 16.84
C GLU P 107 18.94 -29.96 16.77
N TRP P 108 17.76 -29.54 17.24
CA TRP P 108 16.59 -30.40 17.09
C TRP P 108 16.22 -30.60 15.63
N ALA P 109 16.39 -29.56 14.80
CA ALA P 109 15.92 -29.60 13.42
C ALA P 109 16.73 -30.54 12.53
N LYS P 110 17.88 -31.03 12.99
CA LYS P 110 18.74 -31.85 12.15
C LYS P 110 18.51 -33.35 12.33
N ARG Q 3 5.13 1.01 10.10
CA ARG Q 3 6.10 2.11 10.07
C ARG Q 3 5.42 3.43 9.78
N GLU Q 4 4.84 4.03 10.82
CA GLU Q 4 4.32 5.37 10.74
C GLU Q 4 4.42 5.96 12.12
N PHE Q 5 4.41 7.29 12.18
CA PHE Q 5 4.49 7.96 13.49
C PHE Q 5 3.31 7.54 14.35
N GLY Q 6 3.61 7.15 15.59
CA GLY Q 6 2.62 6.63 16.50
C GLY Q 6 2.76 5.14 16.79
N HIS Q 7 3.46 4.39 15.93
CA HIS Q 7 3.63 2.95 16.13
C HIS Q 7 5.08 2.54 15.85
N LEU Q 8 6.03 3.37 16.23
CA LEU Q 8 7.43 3.06 15.94
C LEU Q 8 8.13 2.35 17.09
N THR Q 9 7.92 2.79 18.33
CA THR Q 9 8.68 2.26 19.45
C THR Q 9 7.97 2.64 20.75
N ARG Q 10 8.46 2.06 21.84
CA ARG Q 10 8.04 2.46 23.18
C ARG Q 10 9.13 3.31 23.81
N MET Q 11 8.76 4.53 24.21
CA MET Q 11 9.65 5.44 24.92
C MET Q 11 8.95 5.98 26.15
N ARG Q 12 9.69 6.10 27.24
CA ARG Q 12 9.15 6.58 28.50
C ARG Q 12 10.15 7.52 29.15
N HIS Q 13 9.62 8.50 29.89
CA HIS Q 13 10.38 9.38 30.79
C HIS Q 13 11.41 10.24 30.06
N VAL Q 14 11.19 10.54 28.79
CA VAL Q 14 12.08 11.41 28.02
C VAL Q 14 11.35 12.70 27.73
N ILE Q 15 11.96 13.83 28.08
CA ILE Q 15 11.36 15.15 27.89
C ILE Q 15 12.21 15.93 26.90
N THR Q 16 11.56 16.43 25.85
CA THR Q 16 12.21 17.28 24.87
C THR Q 16 11.78 18.72 25.08
N TYR Q 17 12.76 19.62 25.05
CA TYR Q 17 12.51 21.06 25.07
C TYR Q 17 12.96 21.63 23.74
N SER Q 18 12.09 22.38 23.09
CA SER Q 18 12.39 22.94 21.78
C SER Q 18 11.98 24.40 21.73
N LEU Q 19 12.52 25.10 20.75
CA LEU Q 19 12.21 26.50 20.54
C LEU Q 19 11.74 26.70 19.10
N SER Q 20 10.88 27.70 18.93
CA SER Q 20 10.46 28.08 17.60
C SER Q 20 11.66 28.60 16.81
N PRO Q 21 11.71 28.32 15.50
CA PRO Q 21 12.79 28.89 14.68
C PRO Q 21 12.77 30.41 14.62
N PHE Q 22 11.61 31.02 14.81
CA PHE Q 22 11.48 32.47 14.81
C PHE Q 22 11.94 33.10 16.11
N GLU Q 23 12.26 32.28 17.12
CA GLU Q 23 12.80 32.78 18.37
C GLU Q 23 14.31 32.68 18.46
N GLN Q 24 14.91 31.79 17.67
CA GLN Q 24 16.34 31.52 17.72
C GLN Q 24 17.03 32.00 16.45
N ARG Q 25 18.35 32.08 16.54
CA ARG Q 25 19.22 32.41 15.42
C ARG Q 25 19.53 31.15 14.62
N ALA Q 26 19.79 31.35 13.32
CA ALA Q 26 20.08 30.24 12.43
C ALA Q 26 21.56 29.90 12.36
N PHE Q 27 22.45 30.83 12.70
CA PHE Q 27 23.89 30.60 12.70
C PHE Q 27 24.47 31.08 14.03
N PRO Q 28 24.15 30.42 15.14
CA PRO Q 28 24.67 30.86 16.44
C PRO Q 28 26.08 30.32 16.65
N HIS Q 29 27.00 31.22 16.99
CA HIS Q 29 28.41 30.87 17.25
C HIS Q 29 28.98 30.03 16.11
N TYR Q 30 28.65 30.44 14.89
CA TYR Q 30 28.98 29.65 13.71
C TYR Q 30 30.48 29.50 13.55
N PHE Q 31 31.25 30.54 13.84
CA PHE Q 31 32.70 30.50 13.69
C PHE Q 31 33.43 30.25 15.00
N THR Q 32 33.02 30.90 16.09
CA THR Q 32 33.75 30.73 17.35
C THR Q 32 33.63 29.30 17.88
N LYS Q 33 32.53 28.63 17.58
CA LYS Q 33 32.33 27.24 17.99
C LYS Q 33 32.43 26.27 16.83
N GLY Q 34 32.11 26.70 15.62
CA GLY Q 34 32.17 25.80 14.48
C GLY Q 34 33.58 25.40 14.10
N ILE Q 35 34.51 26.35 14.14
CA ILE Q 35 35.91 26.09 13.79
C ILE Q 35 36.56 25.11 14.77
N PRO Q 36 36.41 25.28 16.10
CA PRO Q 36 36.94 24.26 17.01
C PRO Q 36 36.35 22.87 16.77
N ASN Q 37 35.06 22.78 16.44
CA ASN Q 37 34.46 21.48 16.18
C ASN Q 37 34.98 20.88 14.88
N VAL Q 38 35.16 21.70 13.84
CA VAL Q 38 35.75 21.20 12.60
C VAL Q 38 37.14 20.66 12.85
N LEU Q 39 37.94 21.37 13.65
CA LEU Q 39 39.29 20.91 13.96
C LEU Q 39 39.26 19.64 14.81
N ARG Q 40 38.33 19.55 15.76
CA ARG Q 40 38.20 18.33 16.55
C ARG Q 40 37.85 17.13 15.67
N ARG Q 41 36.90 17.30 14.76
CA ARG Q 41 36.51 16.21 13.87
C ARG Q 41 37.65 15.81 12.94
N THR Q 42 38.37 16.80 12.42
CA THR Q 42 39.53 16.53 11.58
C THR Q 42 40.59 15.73 12.33
N ARG Q 43 40.88 16.13 13.57
CA ARG Q 43 41.86 15.41 14.37
C ARG Q 43 41.38 14.00 14.68
N ALA Q 44 40.08 13.83 14.89
CA ALA Q 44 39.54 12.52 15.20
C ALA Q 44 39.61 11.56 14.01
N CYS Q 45 39.54 12.06 12.77
CA CYS Q 45 39.52 11.16 11.62
C CYS Q 45 40.78 11.13 10.76
N ILE Q 46 41.74 12.03 10.98
CA ILE Q 46 42.81 12.22 10.00
C ILE Q 46 43.77 11.03 9.96
N LEU Q 47 44.11 10.45 11.11
CA LEU Q 47 45.02 9.31 11.14
C LEU Q 47 44.39 8.01 10.65
N ARG Q 48 43.12 8.04 10.24
CA ARG Q 48 42.51 6.90 9.58
C ARG Q 48 42.20 7.17 8.11
N VAL Q 49 42.01 8.42 7.72
CA VAL Q 49 41.69 8.76 6.34
C VAL Q 49 42.95 9.10 5.54
N ALA Q 50 43.79 9.99 6.07
CA ALA Q 50 44.94 10.48 5.30
C ALA Q 50 45.96 9.43 4.89
N PRO Q 51 46.39 8.47 5.72
CA PRO Q 51 47.56 7.64 5.39
C PRO Q 51 47.44 6.91 4.06
N PRO Q 52 46.30 6.25 3.76
CA PRO Q 52 46.20 5.58 2.45
C PRO Q 52 46.30 6.53 1.26
N PHE Q 53 45.80 7.75 1.37
CA PHE Q 53 45.95 8.72 0.30
C PHE Q 53 47.37 9.27 0.20
N VAL Q 54 48.09 9.33 1.33
CA VAL Q 54 49.52 9.62 1.26
C VAL Q 54 50.25 8.52 0.49
N VAL Q 55 49.92 7.26 0.76
CA VAL Q 55 50.58 6.17 0.04
C VAL Q 55 50.19 6.20 -1.44
N PHE Q 56 48.95 6.57 -1.74
CA PHE Q 56 48.59 6.71 -3.15
C PHE Q 56 49.38 7.82 -3.82
N TYR Q 57 49.56 8.96 -3.14
CA TYR Q 57 50.35 10.03 -3.74
C TYR Q 57 51.77 9.57 -3.99
N LEU Q 58 52.34 8.81 -3.05
CA LEU Q 58 53.68 8.28 -3.23
C LEU Q 58 53.73 7.29 -4.39
N VAL Q 59 52.74 6.40 -4.50
CA VAL Q 59 52.70 5.41 -5.58
C VAL Q 59 52.55 6.11 -6.92
N TYR Q 60 51.69 7.12 -6.98
CA TYR Q 60 51.49 7.88 -8.22
C TYR Q 60 52.76 8.61 -8.63
N THR Q 61 53.41 9.29 -7.67
CA THR Q 61 54.65 9.99 -7.97
C THR Q 61 55.71 9.03 -8.48
N TRP Q 62 55.88 7.89 -7.80
CA TRP Q 62 56.89 6.93 -8.21
C TRP Q 62 56.55 6.30 -9.55
N GLY Q 63 55.29 5.94 -9.77
CA GLY Q 63 54.92 5.31 -11.03
C GLY Q 63 55.10 6.24 -12.20
N THR Q 64 54.64 7.49 -12.06
CA THR Q 64 54.81 8.47 -13.12
C THR Q 64 56.29 8.74 -13.39
N GLN Q 65 57.09 8.91 -12.33
CA GLN Q 65 58.49 9.20 -12.53
C GLN Q 65 59.22 8.02 -13.17
N GLU Q 66 58.96 6.80 -12.69
CA GLU Q 66 59.59 5.61 -13.25
C GLU Q 66 59.18 5.40 -14.70
N PHE Q 67 57.91 5.65 -15.02
CA PHE Q 67 57.46 5.55 -16.40
C PHE Q 67 58.22 6.52 -17.29
N GLU Q 68 58.34 7.77 -16.86
CA GLU Q 68 59.07 8.74 -17.68
C GLU Q 68 60.57 8.44 -17.72
N LYS Q 69 61.12 7.75 -16.73
CA LYS Q 69 62.51 7.31 -16.82
C LYS Q 69 62.70 6.09 -17.70
N SER Q 70 61.65 5.30 -17.94
CA SER Q 70 61.77 4.15 -18.80
C SER Q 70 61.70 4.50 -20.28
N LYS Q 71 61.28 5.71 -20.62
CA LYS Q 71 61.33 6.19 -21.99
C LYS Q 71 62.59 6.98 -22.30
N ARG Q 72 63.44 7.23 -21.30
CA ARG Q 72 64.68 7.95 -21.52
C ARG Q 72 65.66 7.10 -22.34
N LYS Q 73 66.66 7.78 -22.89
CA LYS Q 73 67.69 7.10 -23.66
C LYS Q 73 68.71 6.45 -22.73
N ASN Q 74 69.25 5.30 -23.10
CA ASN Q 74 70.32 4.64 -22.32
C ASN Q 74 71.72 4.73 -23.04
N PRO Q 75 73.18 5.24 -22.69
CA PRO Q 75 74.24 4.87 -23.62
C PRO Q 75 74.36 3.39 -23.80
N ALA Q 76 73.66 2.71 -24.65
CA ALA Q 76 74.09 1.28 -24.96
C ALA Q 76 74.44 1.04 -26.45
N LEU R 26 61.15 42.66 -42.06
CA LEU R 26 60.24 42.28 -40.99
C LEU R 26 60.92 41.30 -40.05
N VAL R 27 60.84 41.56 -38.75
CA VAL R 27 61.52 40.75 -37.75
C VAL R 27 60.45 40.16 -36.84
N ASP R 28 60.30 38.86 -36.88
CA ASP R 28 59.41 38.16 -35.97
C ASP R 28 59.88 38.35 -34.54
N PRO R 29 59.00 38.70 -33.61
CA PRO R 29 59.36 38.64 -32.18
C PRO R 29 59.92 37.29 -31.77
N LEU R 30 59.37 36.19 -32.31
CA LEU R 30 59.72 34.86 -31.86
C LEU R 30 61.20 34.58 -32.00
N THR R 31 61.87 35.18 -32.99
CA THR R 31 63.30 34.99 -33.16
C THR R 31 64.09 35.59 -32.00
N THR R 32 63.83 36.86 -31.68
CA THR R 32 64.52 37.51 -30.58
C THR R 32 64.16 36.87 -29.24
N VAL R 33 62.89 36.51 -29.08
CA VAL R 33 62.43 35.83 -27.88
C VAL R 33 63.17 34.51 -27.69
N ARG R 34 63.31 33.74 -28.76
CA ARG R 34 64.02 32.47 -28.67
C ARG R 34 65.47 32.68 -28.33
N GLU R 35 66.13 33.68 -28.92
CA GLU R 35 67.54 33.92 -28.60
C GLU R 35 67.72 34.32 -27.13
N GLN R 36 66.84 35.20 -26.64
CA GLN R 36 66.87 35.59 -25.24
C GLN R 36 66.75 34.37 -24.34
N CYS R 37 65.82 33.47 -24.63
CA CYS R 37 65.77 32.26 -23.82
C CYS R 37 66.85 31.24 -24.22
N GLU R 38 67.57 31.45 -25.33
CA GLU R 38 68.74 30.61 -25.59
C GLU R 38 69.81 30.86 -24.56
N GLN R 39 69.91 32.10 -24.07
CA GLN R 39 70.97 32.41 -23.12
C GLN R 39 70.58 32.12 -21.65
N ILE R 40 69.70 31.15 -21.38
CA ILE R 40 69.37 30.76 -20.02
C ILE R 40 70.01 29.41 -19.71
N GLU R 41 70.28 29.16 -18.43
CA GLU R 41 71.22 28.11 -18.06
C GLU R 41 70.62 26.72 -18.21
N LYS R 42 69.30 26.56 -18.02
CA LYS R 42 68.69 25.29 -18.38
C LYS R 42 68.87 25.03 -19.87
N CYS R 43 68.67 26.07 -20.69
CA CYS R 43 68.95 25.95 -22.11
C CYS R 43 70.44 25.79 -22.38
N ILE R 44 71.27 26.49 -21.61
CA ILE R 44 72.73 26.35 -21.78
C ILE R 44 73.15 24.91 -21.57
N LYS R 45 72.66 24.28 -20.51
CA LYS R 45 73.05 22.93 -20.12
C LYS R 45 72.34 21.86 -20.93
N ALA R 46 71.17 22.16 -21.51
CA ALA R 46 70.58 21.24 -22.47
C ALA R 46 71.30 21.31 -23.82
N ARG R 47 71.69 22.51 -24.24
CA ARG R 47 72.41 22.68 -25.50
C ARG R 47 73.79 22.04 -25.45
N GLU R 48 74.43 22.10 -24.28
CA GLU R 48 75.71 21.42 -24.11
C GLU R 48 75.59 19.93 -24.36
N ARG R 49 74.54 19.30 -23.81
CA ARG R 49 74.36 17.87 -24.00
C ARG R 49 73.92 17.57 -25.42
N LEU R 50 73.19 18.49 -26.04
CA LEU R 50 72.90 18.40 -27.46
C LEU R 50 74.19 18.28 -28.27
N GLU R 51 75.17 19.14 -27.98
CA GLU R 51 76.44 19.06 -28.71
C GLU R 51 77.20 17.78 -28.38
N LEU R 52 77.15 17.33 -27.13
CA LEU R 52 77.85 16.10 -26.74
C LEU R 52 77.23 14.87 -27.39
N CYS R 53 75.90 14.84 -27.49
CA CYS R 53 75.23 13.79 -28.28
C CYS R 53 75.62 13.90 -29.75
N ASP R 54 75.62 15.13 -30.28
CA ASP R 54 75.86 15.34 -31.71
C ASP R 54 77.23 14.81 -32.12
N GLN R 55 78.24 15.02 -31.28
CA GLN R 55 79.59 14.57 -31.59
C GLN R 55 79.71 13.05 -31.64
N ARG R 56 79.12 12.34 -30.68
CA ARG R 56 79.25 10.90 -30.62
C ARG R 56 78.36 10.18 -31.61
N VAL R 57 77.25 10.81 -32.01
CA VAL R 57 76.47 10.26 -33.10
C VAL R 57 77.15 10.51 -34.44
N SER R 58 77.68 11.72 -34.66
CA SER R 58 78.37 12.00 -35.92
C SER R 58 79.72 11.30 -36.01
N SER R 59 80.36 11.00 -34.88
CA SER R 59 81.68 10.40 -34.95
C SER R 59 81.64 8.96 -35.42
N ARG R 60 80.47 8.38 -35.57
CA ARG R 60 80.32 6.96 -35.80
C ARG R 60 80.00 6.66 -37.27
N SER R 61 80.64 5.62 -37.79
CA SER R 61 80.36 5.17 -39.14
C SER R 61 78.97 4.55 -39.25
N GLN R 62 78.55 3.82 -38.22
CA GLN R 62 77.21 3.23 -38.17
C GLN R 62 76.75 3.25 -36.71
N THR R 63 75.71 4.04 -36.42
CA THR R 63 75.11 4.02 -35.10
C THR R 63 73.62 4.24 -35.23
N GLU R 64 72.94 4.17 -34.09
CA GLU R 64 71.49 4.16 -34.08
C GLU R 64 70.93 5.18 -33.09
N GLU R 65 71.77 5.98 -32.48
CA GLU R 65 71.39 6.94 -31.45
C GLU R 65 70.96 8.25 -32.10
N ASP R 66 69.67 8.55 -32.04
CA ASP R 66 69.22 9.89 -32.37
C ASP R 66 69.58 10.84 -31.23
N CYS R 67 69.60 12.14 -31.55
CA CYS R 67 69.74 13.17 -30.54
C CYS R 67 68.40 13.81 -30.19
N THR R 68 67.30 13.10 -30.48
CA THR R 68 65.96 13.68 -30.31
C THR R 68 65.65 13.97 -28.85
N GLU R 69 66.13 13.12 -27.93
CA GLU R 69 65.88 13.37 -26.51
C GLU R 69 66.58 14.64 -26.04
N GLU R 70 67.82 14.86 -26.51
CA GLU R 70 68.56 16.06 -26.17
C GLU R 70 67.86 17.31 -26.69
N LEU R 71 67.47 17.30 -27.96
CA LEU R 71 66.74 18.44 -28.50
C LEU R 71 65.42 18.64 -27.77
N PHE R 72 64.78 17.55 -27.35
CA PHE R 72 63.51 17.68 -26.64
C PHE R 72 63.68 18.34 -25.28
N ASP R 73 64.74 17.98 -24.57
CA ASP R 73 65.04 18.67 -23.31
C ASP R 73 65.29 20.16 -23.57
N PHE R 74 66.10 20.47 -24.58
CA PHE R 74 66.40 21.86 -24.88
C PHE R 74 65.15 22.64 -25.28
N LEU R 75 64.28 22.03 -26.09
CA LEU R 75 63.12 22.76 -26.57
C LEU R 75 62.08 22.93 -25.48
N HIS R 76 61.89 21.92 -24.63
CA HIS R 76 61.04 22.12 -23.47
C HIS R 76 61.52 23.32 -22.66
N ALA R 77 62.82 23.36 -22.37
CA ALA R 77 63.38 24.47 -21.59
C ALA R 77 63.15 25.80 -22.28
N ARG R 78 63.52 25.91 -23.55
CA ARG R 78 63.41 27.17 -24.27
C ARG R 78 61.97 27.64 -24.40
N ASP R 79 61.06 26.72 -24.75
CA ASP R 79 59.70 27.10 -25.05
C ASP R 79 58.90 27.42 -23.79
N HIS R 80 59.33 26.98 -22.61
CA HIS R 80 58.69 27.48 -21.39
C HIS R 80 58.89 28.99 -21.20
N CYS R 81 60.14 29.43 -21.29
CA CYS R 81 60.50 30.84 -21.34
C CYS R 81 59.81 31.61 -22.48
N VAL R 82 59.82 31.04 -23.68
CA VAL R 82 59.21 31.68 -24.83
C VAL R 82 57.70 31.84 -24.62
N ALA R 83 57.06 30.83 -24.03
CA ALA R 83 55.64 30.94 -23.73
C ALA R 83 55.37 31.97 -22.66
N HIS R 84 56.32 32.21 -21.76
CA HIS R 84 56.13 33.30 -20.82
C HIS R 84 56.23 34.68 -21.47
N LYS R 85 57.13 34.86 -22.44
CA LYS R 85 57.37 36.23 -22.89
C LYS R 85 56.84 36.61 -24.27
N LEU R 86 56.40 35.65 -25.11
CA LEU R 86 56.19 35.97 -26.52
C LEU R 86 54.93 36.79 -26.77
N PHE R 87 53.80 36.44 -26.13
CA PHE R 87 52.54 37.10 -26.45
C PHE R 87 52.54 38.58 -26.08
N ASN R 88 53.44 39.00 -25.20
CA ASN R 88 53.52 40.42 -24.84
C ASN R 88 53.92 41.26 -26.04
N SER R 89 54.84 40.74 -26.86
CA SER R 89 55.24 41.38 -28.10
C SER R 89 54.32 41.06 -29.27
N LEU R 90 53.37 40.15 -29.10
CA LEU R 90 52.37 39.87 -30.12
C LEU R 90 51.05 40.57 -29.78
N ARG S 47 -8.39 10.12 39.99
CA ARG S 47 -7.18 10.82 40.40
C ARG S 47 -6.68 10.26 41.73
N SER S 48 -5.36 10.22 41.88
CA SER S 48 -4.78 9.68 43.10
C SER S 48 -5.22 10.49 44.31
N PHE S 49 -5.50 9.79 45.41
CA PHE S 49 -5.70 10.39 46.72
C PHE S 49 -4.70 9.75 47.66
N LEU S 50 -3.83 10.57 48.24
CA LEU S 50 -2.72 10.07 49.04
C LEU S 50 -2.67 10.64 50.44
N CYS S 51 -3.52 11.62 50.76
CA CYS S 51 -3.54 12.21 52.08
C CYS S 51 -4.98 12.33 52.56
N ARG S 52 -5.13 12.49 53.87
CA ARG S 52 -6.45 12.66 54.46
C ARG S 52 -7.11 13.96 53.98
N GLU S 53 -6.31 15.01 53.75
CA GLU S 53 -6.87 16.31 53.37
C GLU S 53 -7.56 16.26 52.02
N SER S 54 -6.94 15.60 51.03
CA SER S 54 -7.57 15.42 49.74
C SER S 54 -8.61 14.31 49.76
N LEU S 55 -8.43 13.30 50.62
CA LEU S 55 -9.44 12.27 50.78
C LEU S 55 -10.69 12.81 51.46
N SER S 56 -10.61 13.96 52.11
CA SER S 56 -11.76 14.53 52.80
C SER S 56 -12.85 14.93 51.81
N GLY S 57 -14.10 14.62 52.18
CA GLY S 57 -15.22 14.90 51.29
C GLY S 57 -15.21 14.07 50.04
N GLN S 58 -14.74 12.83 50.12
CA GLN S 58 -14.84 11.90 49.01
C GLN S 58 -15.84 10.78 49.26
N ALA S 59 -16.13 10.51 50.52
CA ALA S 59 -17.20 9.57 50.87
C ALA S 59 -18.56 10.13 50.48
N ALA S 60 -19.49 9.24 50.17
CA ALA S 60 -20.81 9.62 49.73
C ALA S 60 -21.75 9.82 50.93
N GLY S 61 -22.72 10.71 50.75
CA GLY S 61 -23.68 10.98 51.80
C GLY S 61 -25.13 10.92 51.35
N ARG S 62 -25.34 11.01 50.05
CA ARG S 62 -26.66 11.02 49.43
C ARG S 62 -26.63 10.07 48.24
N PRO S 63 -27.80 9.62 47.77
CA PRO S 63 -27.82 8.71 46.63
C PRO S 63 -27.33 9.39 45.36
N LEU S 64 -26.68 8.61 44.52
CA LEU S 64 -26.06 9.17 43.32
C LEU S 64 -27.12 9.57 42.30
N VAL S 65 -26.80 10.60 41.55
CA VAL S 65 -27.61 11.09 40.45
C VAL S 65 -26.76 11.02 39.19
N ALA S 66 -27.38 10.63 38.08
CA ALA S 66 -26.72 10.61 36.79
C ALA S 66 -27.31 11.68 35.89
N SER S 67 -26.45 12.43 35.22
CA SER S 67 -26.87 13.50 34.33
C SER S 67 -26.08 13.41 33.04
N VAL S 68 -26.80 13.58 31.93
CA VAL S 68 -26.22 13.65 30.59
C VAL S 68 -26.72 14.93 29.95
N GLY S 69 -26.11 15.29 28.81
CA GLY S 69 -26.46 16.53 28.18
C GLY S 69 -26.44 16.53 26.68
N LEU S 70 -26.26 17.72 26.09
CA LEU S 70 -26.08 17.90 24.66
C LEU S 70 -24.64 18.22 24.31
N ASN S 71 -24.09 19.25 24.91
CA ASN S 71 -22.72 19.68 24.75
C ASN S 71 -22.08 19.90 26.11
N VAL S 72 -22.39 19.02 27.07
CA VAL S 72 -21.75 19.04 28.38
C VAL S 72 -21.40 17.62 28.78
N PRO S 73 -20.33 17.46 29.56
CA PRO S 73 -19.91 16.12 29.99
C PRO S 73 -20.96 15.46 30.88
N ALA S 74 -20.94 14.13 30.87
CA ALA S 74 -21.83 13.34 31.72
C ALA S 74 -21.24 13.26 33.12
N SER S 75 -22.02 13.69 34.11
CA SER S 75 -21.55 13.72 35.50
C SER S 75 -22.32 12.72 36.35
N VAL S 76 -21.76 12.47 37.54
CA VAL S 76 -22.44 11.70 38.58
C VAL S 76 -22.37 12.53 39.87
N ARG S 77 -23.31 12.26 40.76
CA ARG S 77 -23.42 12.99 42.02
C ARG S 77 -24.39 12.30 42.96
N THR T 5 10.04 48.44 12.38
CA THR T 5 11.26 48.54 11.60
C THR T 5 10.99 48.18 10.14
N LEU T 6 12.03 48.27 9.31
CA LEU T 6 11.85 48.00 7.88
C LEU T 6 11.34 46.59 7.63
N THR T 7 11.93 45.61 8.31
CA THR T 7 11.53 44.22 8.07
C THR T 7 10.19 43.91 8.72
N ALA T 8 9.84 44.57 9.81
CA ALA T 8 8.51 44.43 10.39
C ALA T 8 7.43 44.95 9.45
N ARG T 9 7.66 46.13 8.87
CA ARG T 9 6.73 46.67 7.88
C ARG T 9 6.65 45.79 6.65
N LEU T 10 7.81 45.29 6.20
CA LEU T 10 7.84 44.39 5.05
C LEU T 10 6.96 43.17 5.31
N TYR T 11 7.10 42.54 6.46
CA TYR T 11 6.25 41.41 6.79
C TYR T 11 4.79 41.81 6.89
N SER T 12 4.51 42.95 7.54
CA SER T 12 3.13 43.36 7.78
C SER T 12 2.39 43.56 6.47
N LEU T 13 3.03 44.19 5.50
CA LEU T 13 2.35 44.50 4.24
C LEU T 13 2.48 43.38 3.21
N LEU T 14 3.71 42.95 2.90
CA LEU T 14 3.97 42.15 1.72
C LEU T 14 4.17 40.66 1.98
N PHE T 15 4.40 40.23 3.23
CA PHE T 15 4.77 38.85 3.49
C PHE T 15 3.70 38.03 4.21
N ARG T 16 2.90 38.65 5.07
CA ARG T 16 1.98 37.91 5.93
C ARG T 16 0.99 37.08 5.13
N ARG T 17 0.33 37.69 4.16
CA ARG T 17 -0.55 36.95 3.26
C ARG T 17 0.27 36.21 2.22
N THR T 18 -0.10 34.95 1.97
CA THR T 18 0.66 34.15 1.01
C THR T 18 0.48 34.66 -0.41
N SER T 19 -0.72 35.12 -0.77
CA SER T 19 -0.94 35.63 -2.12
C SER T 19 -0.17 36.92 -2.36
N THR T 20 -0.09 37.80 -1.36
CA THR T 20 0.73 38.98 -1.47
C THR T 20 2.23 38.64 -1.42
N PHE T 21 2.60 37.60 -0.66
CA PHE T 21 3.97 37.08 -0.69
C PHE T 21 4.35 36.66 -2.12
N ALA T 22 3.47 35.90 -2.77
CA ALA T 22 3.72 35.45 -4.13
C ALA T 22 3.77 36.61 -5.10
N LEU T 23 2.91 37.62 -4.91
CA LEU T 23 2.97 38.79 -5.78
C LEU T 23 4.29 39.53 -5.62
N THR T 24 4.75 39.68 -4.37
CA THR T 24 6.05 40.29 -4.12
C THR T 24 7.15 39.51 -4.82
N ILE T 25 7.09 38.19 -4.77
CA ILE T 25 8.11 37.38 -5.44
C ILE T 25 8.04 37.57 -6.95
N ALA T 26 6.84 37.61 -7.53
CA ALA T 26 6.73 37.75 -8.98
C ALA T 26 7.26 39.11 -9.46
N VAL T 27 6.87 40.19 -8.78
CA VAL T 27 7.38 41.52 -9.15
C VAL T 27 8.87 41.61 -8.91
N GLY T 28 9.35 41.11 -7.76
CA GLY T 28 10.76 41.08 -7.50
C GLY T 28 11.54 40.30 -8.53
N ALA T 29 10.99 39.17 -8.99
CA ALA T 29 11.68 38.35 -9.96
C ALA T 29 11.79 39.07 -11.29
N LEU T 30 10.74 39.76 -11.70
CA LEU T 30 10.82 40.60 -12.90
C LEU T 30 11.96 41.61 -12.79
N PHE T 31 11.95 42.40 -11.72
CA PHE T 31 12.96 43.46 -11.62
C PHE T 31 14.35 42.89 -11.36
N PHE T 32 14.44 41.72 -10.74
CA PHE T 32 15.72 41.09 -10.49
C PHE T 32 16.32 40.55 -11.78
N GLU T 33 15.52 39.92 -12.64
CA GLU T 33 16.05 39.50 -13.93
C GLU T 33 16.62 40.70 -14.68
N ARG T 34 15.86 41.80 -14.72
CA ARG T 34 16.40 42.98 -15.40
C ARG T 34 17.73 43.42 -14.79
N ALA T 35 17.75 43.69 -13.48
CA ALA T 35 18.93 44.30 -12.86
C ALA T 35 20.13 43.36 -12.85
N PHE T 36 19.91 42.08 -12.59
CA PHE T 36 21.04 41.16 -12.48
C PHE T 36 21.64 40.88 -13.85
N ASP T 37 20.82 40.76 -14.89
CA ASP T 37 21.40 40.62 -16.22
C ASP T 37 22.17 41.88 -16.61
N GLN T 38 21.61 43.06 -16.33
CA GLN T 38 22.30 44.30 -16.68
C GLN T 38 23.65 44.39 -15.97
N GLY T 39 23.68 44.12 -14.66
CA GLY T 39 24.93 44.21 -13.91
C GLY T 39 25.95 43.16 -14.30
N ALA T 40 25.51 41.91 -14.47
CA ALA T 40 26.45 40.85 -14.83
C ALA T 40 26.99 41.05 -16.24
N ASP T 41 26.15 41.53 -17.16
CA ASP T 41 26.61 41.84 -18.50
C ASP T 41 27.61 42.98 -18.51
N ALA T 42 27.39 44.02 -17.69
CA ALA T 42 28.38 45.07 -17.58
C ALA T 42 29.70 44.54 -17.02
N ILE T 43 29.63 43.67 -16.01
CA ILE T 43 30.84 43.08 -15.45
C ILE T 43 31.60 42.29 -16.50
N TYR T 44 30.89 41.46 -17.27
CA TYR T 44 31.52 40.62 -18.26
C TYR T 44 32.09 41.43 -19.43
N GLU T 45 31.44 42.54 -19.77
CA GLU T 45 31.94 43.39 -20.84
C GLU T 45 33.06 44.31 -20.39
N HIS T 46 33.21 44.52 -19.08
CA HIS T 46 34.36 45.24 -18.56
C HIS T 46 35.58 44.34 -18.39
N ILE T 47 35.35 43.08 -18.00
CA ILE T 47 36.43 42.12 -17.94
C ILE T 47 37.03 41.90 -19.32
N ASN T 48 36.20 41.95 -20.35
CA ASN T 48 36.59 41.69 -21.73
C ASN T 48 36.46 42.93 -22.61
N GLN T 49 36.80 44.09 -22.04
CA GLN T 49 36.65 45.35 -22.75
C GLN T 49 37.58 45.40 -23.97
N GLY T 50 37.00 45.78 -25.11
CA GLY T 50 37.75 45.91 -26.34
C GLY T 50 37.87 44.63 -27.16
N LYS T 51 37.52 43.49 -26.59
CA LYS T 51 37.65 42.21 -27.29
C LYS T 51 36.36 41.74 -27.95
N LEU T 52 35.21 42.08 -27.40
CA LEU T 52 33.95 41.55 -27.89
C LEU T 52 33.56 42.20 -29.21
N TRP T 53 32.62 41.56 -29.90
CA TRP T 53 32.21 42.06 -31.21
C TRP T 53 31.55 43.42 -31.10
N LYS T 54 30.74 43.64 -30.07
CA LYS T 54 30.14 44.94 -29.85
C LYS T 54 31.21 46.01 -29.71
N HIS T 55 32.35 45.66 -29.12
CA HIS T 55 33.40 46.63 -28.86
C HIS T 55 34.11 47.08 -30.14
N ILE T 56 34.11 46.24 -31.18
CA ILE T 56 34.88 46.51 -32.38
C ILE T 56 34.03 46.64 -33.63
N LYS T 57 32.72 46.45 -33.55
CA LYS T 57 31.90 46.42 -34.77
C LYS T 57 31.80 47.78 -35.42
N HIS T 58 31.97 48.85 -34.65
CA HIS T 58 31.77 50.24 -35.07
C HIS T 58 32.74 50.70 -36.14
N LYS T 59 33.66 49.84 -36.59
CA LYS T 59 34.57 50.18 -37.68
C LYS T 59 34.22 49.46 -38.98
N TYR T 60 33.44 48.40 -38.91
CA TYR T 60 33.07 47.63 -40.09
C TYR T 60 31.63 47.93 -40.52
N MET U 1 -24.31 21.22 -7.10
CA MET U 1 -23.57 22.21 -7.90
C MET U 1 -24.51 23.17 -8.63
N LEU U 2 -25.78 23.23 -8.20
CA LEU U 2 -26.71 24.18 -8.79
C LEU U 2 -27.21 25.20 -7.77
N SER U 3 -27.83 24.72 -6.68
CA SER U 3 -28.39 25.62 -5.67
C SER U 3 -28.13 25.16 -4.24
N ARG U 4 -27.50 24.00 -4.05
CA ARG U 4 -27.03 23.63 -2.72
C ARG U 4 -25.96 24.61 -2.25
N PHE U 5 -25.20 25.17 -3.18
CA PHE U 5 -24.18 26.17 -2.90
C PHE U 5 -24.68 27.59 -3.12
N LEU U 6 -26.00 27.78 -3.16
CA LEU U 6 -26.60 29.08 -3.47
C LEU U 6 -27.27 29.65 -2.23
N GLY U 7 -26.54 30.47 -1.48
CA GLY U 7 -27.09 31.03 -0.27
C GLY U 7 -26.31 32.18 0.33
N PRO U 8 -26.87 32.76 1.39
CA PRO U 8 -26.19 33.88 2.07
C PRO U 8 -24.79 33.53 2.55
N ARG U 9 -24.60 32.37 3.20
CA ARG U 9 -23.27 32.00 3.63
C ARG U 9 -22.31 31.84 2.45
N TYR U 10 -22.82 31.40 1.30
CA TYR U 10 -21.95 31.21 0.14
C TYR U 10 -21.56 32.51 -0.52
N ARG U 11 -22.46 33.49 -0.54
CA ARG U 11 -22.04 34.80 -1.02
C ARG U 11 -21.07 35.46 -0.05
N GLU U 12 -21.21 35.24 1.27
CA GLU U 12 -20.20 35.72 2.20
C GLU U 12 -18.85 35.05 1.97
N LEU U 13 -18.85 33.74 1.71
CA LEU U 13 -17.61 33.05 1.40
C LEU U 13 -16.98 33.62 0.13
N ALA U 14 -17.80 33.86 -0.89
CA ALA U 14 -17.31 34.43 -2.13
C ALA U 14 -16.65 35.78 -1.88
N ARG U 15 -17.33 36.67 -1.13
CA ARG U 15 -16.74 37.98 -0.85
C ARG U 15 -15.48 37.87 0.00
N ASN U 16 -15.44 36.93 0.94
CA ASN U 16 -14.26 36.75 1.78
C ASN U 16 -13.06 36.33 0.95
N TRP U 17 -13.26 35.46 -0.04
CA TRP U 17 -12.14 34.95 -0.81
C TRP U 17 -11.88 35.73 -2.09
N ILE U 18 -12.72 36.70 -2.43
CA ILE U 18 -12.49 37.49 -3.64
C ILE U 18 -11.18 38.27 -3.60
N PRO U 19 -10.82 38.96 -2.51
CA PRO U 19 -9.51 39.64 -2.52
C PRO U 19 -8.34 38.66 -2.65
N THR U 20 -8.39 37.53 -1.95
CA THR U 20 -7.34 36.53 -2.10
C THR U 20 -7.30 35.98 -3.52
N ALA U 21 -8.49 35.72 -4.11
CA ALA U 21 -8.54 35.19 -5.47
C ALA U 21 -8.01 36.20 -6.47
N SER U 22 -8.37 37.48 -6.31
CA SER U 22 -7.90 38.52 -7.22
C SER U 22 -6.40 38.74 -7.08
N MET U 23 -5.88 38.67 -5.86
CA MET U 23 -4.44 38.73 -5.67
C MET U 23 -3.75 37.56 -6.35
N TRP U 24 -4.29 36.36 -6.21
CA TRP U 24 -3.71 35.20 -6.89
C TRP U 24 -3.80 35.34 -8.40
N GLY U 25 -4.88 35.95 -8.89
CA GLY U 25 -5.00 36.18 -10.33
C GLY U 25 -3.98 37.18 -10.83
N ALA U 26 -3.74 38.24 -10.06
CA ALA U 26 -2.67 39.18 -10.37
C ALA U 26 -1.31 38.49 -10.33
N VAL U 27 -1.11 37.60 -9.35
CA VAL U 27 0.13 36.82 -9.27
C VAL U 27 0.31 36.00 -10.54
N GLY U 28 -0.75 35.32 -10.97
CA GLY U 28 -0.69 34.54 -12.19
C GLY U 28 -0.42 35.40 -13.41
N ALA U 29 -1.06 36.56 -13.50
CA ALA U 29 -0.86 37.47 -14.62
C ALA U 29 0.58 37.96 -14.68
N VAL U 30 1.12 38.40 -13.54
CA VAL U 30 2.50 38.90 -13.50
C VAL U 30 3.48 37.79 -13.83
N GLY U 31 3.24 36.59 -13.28
CA GLY U 31 4.11 35.46 -13.58
C GLY U 31 4.08 35.08 -15.04
N LEU U 32 2.89 35.10 -15.64
CA LEU U 32 2.76 34.79 -17.07
C LEU U 32 3.42 35.85 -17.93
N VAL U 33 3.26 37.12 -17.56
CA VAL U 33 3.89 38.21 -18.30
C VAL U 33 5.41 38.11 -18.21
N TRP U 34 5.93 37.81 -17.03
CA TRP U 34 7.37 37.80 -16.82
C TRP U 34 8.01 36.56 -17.44
N ALA U 35 7.36 35.41 -17.31
CA ALA U 35 7.91 34.16 -17.85
C ALA U 35 8.03 34.23 -19.37
N THR U 36 7.07 34.84 -20.04
CA THR U 36 7.04 34.88 -21.50
C THR U 36 7.63 36.15 -22.07
N ASP U 37 8.09 37.08 -21.24
CA ASP U 37 8.57 38.39 -21.69
C ASP U 37 7.57 39.01 -22.67
N TRP U 38 6.32 39.07 -22.22
CA TRP U 38 5.23 39.57 -23.07
C TRP U 38 5.43 41.06 -23.27
N ARG U 39 6.04 41.41 -24.40
CA ARG U 39 6.37 42.82 -24.66
C ARG U 39 5.12 43.68 -24.69
N LEU U 40 4.03 43.15 -25.25
CA LEU U 40 2.74 43.84 -25.31
C LEU U 40 2.45 44.58 -24.00
N ILE U 41 2.55 43.86 -22.89
CA ILE U 41 2.36 44.48 -21.58
C ILE U 41 3.65 45.10 -21.08
N LEU U 42 4.76 44.34 -21.15
CA LEU U 42 6.02 44.75 -20.55
C LEU U 42 6.60 46.03 -21.15
N ASP U 43 6.22 46.38 -22.38
CA ASP U 43 6.70 47.63 -22.95
C ASP U 43 6.25 48.85 -22.16
N TRP U 44 5.39 48.65 -21.17
CA TRP U 44 4.89 49.75 -20.36
C TRP U 44 5.59 49.89 -19.01
N VAL U 45 6.21 48.84 -18.49
CA VAL U 45 6.88 48.93 -17.19
C VAL U 45 8.10 49.83 -17.32
N PRO U 46 8.20 50.90 -16.51
CA PRO U 46 9.22 51.94 -16.72
C PRO U 46 10.65 51.49 -16.96
N TYR U 47 11.25 50.74 -16.03
CA TYR U 47 12.66 50.38 -16.17
C TYR U 47 12.84 49.01 -16.82
N ILE U 48 11.90 48.09 -16.59
CA ILE U 48 11.96 46.76 -17.16
C ILE U 48 12.01 46.82 -18.68
N ASN U 49 11.24 47.72 -19.28
CA ASN U 49 11.20 47.87 -20.74
C ASN U 49 12.56 48.22 -21.34
N GLY U 50 13.56 48.53 -20.51
CA GLY U 50 14.89 48.72 -21.04
C GLY U 50 15.45 47.47 -21.70
N LYS U 51 15.00 46.30 -21.25
CA LYS U 51 15.45 45.04 -21.85
C LYS U 51 15.10 44.95 -23.33
N PHE U 52 14.11 45.70 -23.78
CA PHE U 52 13.63 45.62 -25.14
C PHE U 52 14.12 46.81 -25.98
N LEU V 2 25.77 -25.56 6.20
CA LEU V 2 26.29 -24.84 7.35
C LEU V 2 25.91 -25.57 8.63
N SER V 3 26.17 -24.97 9.80
CA SER V 3 25.91 -25.65 11.06
C SER V 3 24.41 -25.84 11.29
N ARG V 4 23.61 -24.81 11.00
CA ARG V 4 22.16 -24.95 11.10
C ARG V 4 21.65 -26.00 10.13
N PHE V 5 22.36 -26.20 9.03
CA PHE V 5 22.14 -27.29 8.09
C PHE V 5 23.00 -28.48 8.49
N LEU V 6 23.20 -29.43 7.57
CA LEU V 6 23.81 -30.73 7.85
C LEU V 6 22.82 -31.58 8.64
N GLY V 7 23.26 -32.75 9.08
CA GLY V 7 22.41 -33.59 9.89
C GLY V 7 21.57 -34.56 9.07
N PRO V 8 21.10 -35.61 9.74
CA PRO V 8 20.33 -36.65 9.04
C PRO V 8 19.08 -36.12 8.36
N ARG V 9 18.37 -35.17 8.98
CA ARG V 9 17.12 -34.71 8.39
C ARG V 9 17.38 -33.99 7.08
N TYR V 10 18.43 -33.16 7.02
CA TYR V 10 18.70 -32.41 5.81
C TYR V 10 19.29 -33.30 4.73
N ARG V 11 20.08 -34.31 5.09
CA ARG V 11 20.53 -35.25 4.08
C ARG V 11 19.36 -36.09 3.55
N GLU V 12 18.39 -36.43 4.41
CA GLU V 12 17.20 -37.13 3.97
C GLU V 12 16.34 -36.27 3.05
N LEU V 13 16.20 -34.98 3.37
CA LEU V 13 15.50 -34.07 2.47
C LEU V 13 16.20 -33.98 1.13
N ALA V 14 17.54 -33.93 1.14
CA ALA V 14 18.29 -33.95 -0.10
C ALA V 14 17.96 -35.19 -0.92
N ARG V 15 17.98 -36.36 -0.28
CA ARG V 15 17.66 -37.60 -0.98
C ARG V 15 16.22 -37.59 -1.50
N ASN V 16 15.29 -37.04 -0.72
CA ASN V 16 13.90 -36.98 -1.11
C ASN V 16 13.69 -36.12 -2.35
N TRP V 17 14.38 -34.99 -2.42
CA TRP V 17 14.18 -34.05 -3.52
C TRP V 17 15.11 -34.27 -4.69
N ILE V 18 16.06 -35.20 -4.58
CA ILE V 18 16.99 -35.47 -5.67
C ILE V 18 16.28 -35.93 -6.94
N PRO V 19 15.32 -36.87 -6.88
CA PRO V 19 14.60 -37.21 -8.13
C PRO V 19 13.89 -36.03 -8.76
N THR V 20 13.21 -35.20 -7.96
CA THR V 20 12.55 -34.02 -8.52
C THR V 20 13.57 -33.04 -9.10
N ALA V 21 14.70 -32.85 -8.41
CA ALA V 21 15.71 -31.93 -8.90
C ALA V 21 16.30 -32.41 -10.23
N SER V 22 16.63 -33.69 -10.31
CA SER V 22 17.18 -34.22 -11.56
C SER V 22 16.13 -34.24 -12.67
N MET V 23 14.85 -34.40 -12.32
CA MET V 23 13.80 -34.32 -13.33
C MET V 23 13.67 -32.91 -13.87
N TRP V 24 13.68 -31.90 -12.99
CA TRP V 24 13.70 -30.51 -13.46
C TRP V 24 14.98 -30.21 -14.24
N GLY V 25 16.09 -30.87 -13.89
CA GLY V 25 17.31 -30.70 -14.66
C GLY V 25 17.16 -31.23 -16.07
N ALA V 26 16.55 -32.39 -16.21
CA ALA V 26 16.23 -32.93 -17.54
C ALA V 26 15.24 -32.03 -18.27
N VAL V 27 14.28 -31.42 -17.56
CA VAL V 27 13.33 -30.52 -18.20
C VAL V 27 14.06 -29.30 -18.74
N GLY V 28 14.92 -28.68 -17.93
CA GLY V 28 15.70 -27.55 -18.40
C GLY V 28 16.64 -27.92 -19.53
N ALA V 29 17.22 -29.11 -19.46
CA ALA V 29 18.11 -29.58 -20.51
C ALA V 29 17.37 -29.72 -21.84
N VAL V 30 16.24 -30.41 -21.83
CA VAL V 30 15.47 -30.62 -23.05
C VAL V 30 14.95 -29.30 -23.58
N GLY V 31 14.46 -28.43 -22.69
CA GLY V 31 13.96 -27.13 -23.13
C GLY V 31 15.04 -26.26 -23.73
N LEU V 32 16.25 -26.33 -23.18
CA LEU V 32 17.36 -25.55 -23.73
C LEU V 32 17.84 -26.13 -25.05
N VAL V 33 17.84 -27.45 -25.16
CA VAL V 33 18.18 -28.10 -26.43
C VAL V 33 17.17 -27.74 -27.50
N TRP V 34 15.89 -27.60 -27.11
CA TRP V 34 14.83 -27.35 -28.07
C TRP V 34 14.77 -25.89 -28.49
N ALA V 35 14.92 -24.96 -27.54
CA ALA V 35 14.77 -23.54 -27.85
C ALA V 35 15.89 -23.03 -28.75
N THR V 36 17.12 -23.49 -28.55
CA THR V 36 18.27 -23.00 -29.30
C THR V 36 18.65 -23.91 -30.46
N ASP V 37 17.88 -24.98 -30.70
CA ASP V 37 18.13 -25.93 -31.78
C ASP V 37 19.58 -26.41 -31.76
N TRP V 38 20.05 -26.74 -30.57
CA TRP V 38 21.44 -27.13 -30.38
C TRP V 38 21.64 -28.48 -31.09
N ARG V 39 22.17 -28.42 -32.30
CA ARG V 39 22.39 -29.63 -33.09
C ARG V 39 23.37 -30.58 -32.43
N LEU V 40 24.25 -30.07 -31.56
CA LEU V 40 25.25 -30.92 -30.92
C LEU V 40 24.61 -32.11 -30.23
N ILE V 41 23.40 -31.92 -29.70
CA ILE V 41 22.59 -33.01 -29.18
C ILE V 41 21.51 -33.44 -30.17
N LEU V 42 20.92 -32.47 -30.88
CA LEU V 42 19.74 -32.76 -31.72
C LEU V 42 20.06 -33.69 -32.88
N ASP V 43 21.31 -33.74 -33.34
CA ASP V 43 21.67 -34.62 -34.44
C ASP V 43 21.56 -36.09 -34.07
N TRP V 44 21.37 -36.41 -32.79
CA TRP V 44 21.24 -37.79 -32.36
C TRP V 44 19.80 -38.22 -32.12
N VAL V 45 18.85 -37.29 -32.15
CA VAL V 45 17.43 -37.60 -31.96
C VAL V 45 16.83 -38.03 -33.29
N PRO V 46 16.43 -39.30 -33.43
CA PRO V 46 16.09 -39.86 -34.76
C PRO V 46 15.21 -39.05 -35.69
N TYR V 47 13.98 -38.70 -35.30
CA TYR V 47 13.07 -38.02 -36.22
C TYR V 47 13.42 -36.55 -36.37
N ILE V 48 13.79 -35.90 -35.26
CA ILE V 48 14.22 -34.50 -35.31
C ILE V 48 15.44 -34.32 -36.22
N ASN V 49 16.23 -35.37 -36.41
CA ASN V 49 17.37 -35.34 -37.33
C ASN V 49 16.99 -34.87 -38.72
N GLY V 50 15.73 -35.05 -39.13
CA GLY V 50 15.42 -34.64 -40.48
C GLY V 50 15.33 -33.15 -40.70
N LYS V 51 15.27 -32.39 -39.60
CA LYS V 51 15.10 -30.94 -39.69
C LYS V 51 16.40 -30.23 -40.09
N PHE V 52 17.50 -30.96 -40.18
CA PHE V 52 18.79 -30.36 -40.47
C PHE V 52 19.34 -30.88 -41.80
C1 CDL W . 3.18 -22.38 -2.78
O1 CDL W . 2.95 -22.53 -1.37
CA2 CDL W . 2.39 -21.19 -3.27
OA2 CDL W . 1.07 -21.23 -2.67
PA1 CDL W . 0.08 -19.97 -2.85
OA3 CDL W . 0.78 -18.73 -2.37
OA4 CDL W . -1.26 -20.37 -2.31
OA5 CDL W . 0.00 -19.82 -4.45
CA3 CDL W . -0.66 -20.84 -5.25
CA4 CDL W . -0.62 -20.27 -6.64
OA6 CDL W . 0.78 -20.33 -7.03
CA5 CDL W . 1.08 -20.46 -8.33
OA7 CDL W . 0.24 -20.44 -9.19
C11 CDL W . 2.54 -20.76 -8.59
C12 CDL W . 3.48 -19.69 -8.12
C13 CDL W . 3.38 -18.43 -8.97
C14 CDL W . 3.72 -18.61 -10.42
C15 CDL W . 3.43 -17.39 -11.26
C16 CDL W . 3.58 -17.55 -12.75
C17 CDL W . 3.11 -16.35 -13.52
C18 CDL W . 3.35 -16.39 -15.00
C19 CDL W . 2.91 -15.15 -15.74
CA6 CDL W . -1.15 -18.85 -6.67
OA8 CDL W . -1.36 -18.39 -8.02
CA7 CDL W . -0.44 -17.56 -8.49
OA9 CDL W . 0.59 -17.33 -7.92
C31 CDL W . -0.91 -16.85 -9.72
C32 CDL W . -0.02 -17.05 -10.90
C33 CDL W . -0.13 -15.91 -11.90
C34 CDL W . -1.51 -15.69 -12.44
C35 CDL W . -1.62 -14.54 -13.40
C36 CDL W . -1.29 -13.21 -12.81
C37 CDL W . -1.49 -12.04 -13.75
C38 CDL W . -0.66 -12.12 -15.00
CB2 CDL W . 2.88 -23.67 -3.50
OB2 CDL W . 3.35 -23.50 -4.87
PB2 CDL W . 3.97 -24.76 -5.63
OB3 CDL W . 4.63 -25.67 -4.64
OB4 CDL W . 3.00 -25.31 -6.64
OB5 CDL W . 5.23 -24.09 -6.38
CB3 CDL W . 5.10 -22.77 -6.99
CB4 CDL W . 6.49 -22.40 -7.40
OB6 CDL W . 6.54 -21.08 -8.01
CB5 CDL W . 7.73 -20.47 -8.10
OB7 CDL W . 8.73 -20.92 -7.59
C51 CDL W . 7.70 -19.23 -8.93
C52 CDL W . 9.00 -18.98 -9.64
C53 CDL W . 9.31 -20.02 -10.70
C54 CDL W . 8.51 -19.86 -11.97
C55 CDL W . 9.25 -20.30 -13.20
C56 CDL W . 10.60 -19.64 -13.38
CB6 CDL W . 7.10 -23.39 -8.38
OB8 CDL W . 6.53 -23.20 -9.69
CB7 CDL W . 7.05 -24.00 -10.63
OB9 CDL W . 7.88 -24.82 -10.41
C71 CDL W . 6.46 -23.71 -11.99
C72 CDL W . 7.03 -24.55 -13.08
C73 CDL W . 8.50 -24.27 -13.34
P 3PE X . -2.33 -23.19 -9.55
N 3PE X . -0.96 -24.86 -5.80
O11 3PE X . -1.32 -22.74 -10.71
O12 3PE X . -2.66 -21.95 -8.76
O13 3PE X . -1.46 -24.16 -8.61
O14 3PE X . -3.42 -24.01 -10.20
C11 3PE X . -0.35 -23.63 -7.85
C12 3PE X . 0.07 -24.65 -6.82
C1 3PE X . -0.98 -23.66 -11.75
C2 3PE X . -0.29 -22.84 -12.82
C3 3PE X . -1.22 -22.39 -13.93
O31 3PE X . -1.95 -21.22 -13.51
O32 3PE X . -3.29 -19.60 -14.24
C31 3PE X . -2.64 -20.59 -14.45
C32 3PE X . -2.51 -21.25 -15.79
C33 3PE X . -2.73 -20.32 -16.95
C34 3PE X . -1.62 -19.31 -17.11
C35 3PE X . -0.28 -19.91 -17.45
C36 3PE X . 0.73 -18.92 -17.99
C37 3PE X . 0.29 -18.24 -19.27
O21 3PE X . 0.09 -21.62 -12.13
O22 3PE X . 1.55 -19.96 -11.99
C21 3PE X . 1.25 -21.03 -12.46
C22 3PE X . 2.14 -21.79 -13.39
C23 3PE X . 3.47 -21.13 -13.61
C24 3PE X . 4.28 -21.77 -14.71
C25 3PE X . 5.59 -21.09 -14.98
P 3PE Y . 6.22 -22.84 0.06
N 3PE Y . 4.09 -19.20 -0.41
O11 3PE Y . 7.70 -22.27 -0.21
O12 3PE Y . 6.22 -23.40 1.46
O13 3PE Y . 5.32 -21.51 0.06
O14 3PE Y . 5.78 -23.73 -1.07
C11 3PE Y . 5.45 -20.53 1.13
C12 3PE Y . 5.20 -19.17 0.54
C1 3PE Y . 7.91 -21.18 -1.17
C2 3PE Y . 7.29 -21.53 -2.50
C3 3PE Y . 6.11 -20.67 -2.88
O31 3PE Y . 6.56 -19.37 -3.33
O32 3PE Y . 5.32 -19.67 -5.16
C31 3PE Y . 6.04 -18.98 -4.49
C32 3PE Y . 6.42 -17.56 -4.83
C33 3PE Y . 5.79 -17.06 -6.08
C34 3PE Y . 4.30 -16.80 -5.93
C35 3PE Y . 3.93 -15.35 -5.79
C36 3PE Y . 4.39 -14.49 -6.95
C37 3PE Y . 3.91 -14.95 -8.30
C38 3PE Y . 4.66 -14.34 -9.46
C39 3PE Y . 3.94 -13.23 -10.19
C3A 3PE Y . 2.80 -13.69 -11.05
C3B 3PE Y . 2.15 -12.61 -11.88
O21 3PE Y . 8.26 -21.50 -3.58
O22 3PE Y . 9.24 -23.37 -2.84
C21 3PE Y . 9.15 -22.50 -3.66
C22 3PE Y . 10.00 -22.42 -4.89
C23 3PE Y . 10.61 -23.72 -5.29
C24 3PE Y . 11.67 -23.55 -6.35
C25 3PE Y . 11.17 -23.10 -7.70
C26 3PE Y . 10.48 -24.19 -8.50
CHA HEM Z . 5.77 3.67 -36.02
CHB HEM Z . 1.96 3.61 -33.01
CHC HEM Z . 4.95 2.52 -29.31
CHD HEM Z . 8.74 2.88 -32.27
C1A HEM Z . 4.49 3.67 -35.51
C2A HEM Z . 3.34 3.76 -36.30
C3A HEM Z . 2.27 3.74 -35.47
C4A HEM Z . 2.75 3.65 -34.14
CMA HEM Z . 0.83 3.80 -35.91
CAA HEM Z . 3.29 3.83 -37.80
CBA HEM Z . 3.26 2.40 -38.35
CGA HEM Z . 3.32 2.41 -39.86
O1A HEM Z . 2.28 2.30 -40.54
O2A HEM Z . 4.43 2.52 -40.44
C1B HEM Z . 2.48 3.29 -31.75
C2B HEM Z . 1.65 3.11 -30.60
C3B HEM Z . 2.48 2.81 -29.57
C4B HEM Z . 3.84 2.80 -30.11
CMB HEM Z . 0.16 3.24 -30.54
CAB HEM Z . 2.10 2.53 -28.16
CBB HEM Z . 1.58 3.47 -27.38
C1C HEM Z . 6.24 2.60 -29.78
C2C HEM Z . 7.38 2.58 -28.98
C3C HEM Z . 8.47 2.68 -29.82
C4C HEM Z . 7.96 2.77 -31.15
CMC HEM Z . 7.37 2.45 -27.47
CAC HEM Z . 9.91 2.71 -29.49
CBC HEM Z . 10.44 1.97 -28.52
C1D HEM Z . 8.19 3.10 -33.52
C2D HEM Z . 9.04 3.19 -34.70
C3D HEM Z . 8.23 3.40 -35.75
C4D HEM Z . 6.87 3.45 -35.20
CMD HEM Z . 10.55 3.06 -34.72
CAD HEM Z . 8.64 3.58 -37.19
CBD HEM Z . 8.73 2.24 -37.91
CGD HEM Z . 7.45 1.99 -38.66
O1D HEM Z . 6.91 2.90 -39.31
O2D HEM Z . 6.92 0.85 -38.65
NA HEM Z . 4.11 3.62 -34.19
NB HEM Z . 3.77 3.10 -31.42
NC HEM Z . 6.59 2.73 -31.09
ND HEM Z . 6.90 3.27 -33.87
FE HEM Z . 5.41 3.24 -32.74
CHA HEM AA . -11.00 -0.61 -16.47
CHB HEM AA . -6.69 -0.75 -18.67
CHC HEM AA . -7.94 3.20 -21.25
CHD HEM AA . -11.81 3.76 -18.40
C1A HEM AA . -9.78 -1.01 -16.94
C2A HEM AA . -9.21 -2.28 -16.67
C3A HEM AA . -8.00 -2.31 -17.28
C4A HEM AA . -7.81 -1.08 -17.93
CMA HEM AA . -7.03 -3.47 -17.27
CAA HEM AA . -9.83 -3.38 -15.85
CBA HEM AA . -10.47 -4.44 -16.74
CGA HEM AA . -11.71 -3.92 -17.41
O1A HEM AA . -11.74 -3.80 -18.65
O2A HEM AA . -12.73 -3.63 -16.74
C1B HEM AA . -6.71 0.32 -19.57
C2B HEM AA . -5.63 0.54 -20.47
C3B HEM AA . -5.95 1.63 -21.20
C4B HEM AA . -7.27 2.09 -20.72
CMB HEM AA . -4.38 -0.30 -20.56
CAB HEM AA . -5.14 2.25 -22.27
CBB HEM AA . -3.95 2.80 -22.01
C1C HEM AA . -9.16 3.65 -20.75
C2C HEM AA . -9.99 4.60 -21.36
C3C HEM AA . -11.10 4.78 -20.55
C4C HEM AA . -10.92 3.90 -19.44
CMC HEM AA . -9.70 5.31 -22.66
CAC HEM AA . -12.26 5.67 -20.76
CBC HEM AA . -12.15 6.99 -20.85
C1D HEM AA . -11.87 2.59 -17.66
C2D HEM AA . -12.98 2.35 -16.74
C3D HEM AA . -12.76 1.14 -16.19
C4D HEM AA . -11.53 0.63 -16.80
CMD HEM AA . -14.13 3.28 -16.45
CAD HEM AA . -13.62 0.42 -15.19
CBD HEM AA . -14.66 -0.38 -15.98
CGD HEM AA . -15.57 -1.18 -15.10
O1D HEM AA . -15.12 -1.79 -14.10
O2D HEM AA . -16.78 -1.27 -15.38
NA HEM AA . -8.92 -0.30 -17.73
NB HEM AA . -7.67 1.24 -19.75
NC HEM AA . -9.76 3.21 -19.61
ND HEM AA . -11.04 1.54 -17.67
FE HEM AA . -9.47 1.37 -18.67
P 3PE BA . -26.80 -6.24 -21.80
N 3PE BA . -31.34 -5.67 -22.65
O11 3PE BA . -26.16 -6.52 -23.25
O12 3PE BA . -25.64 -5.87 -20.92
O13 3PE BA . -27.72 -4.94 -22.04
O14 3PE BA . -27.67 -7.41 -21.43
C11 3PE BA . -29.14 -5.02 -21.80
C12 3PE BA . -29.90 -5.70 -22.90
C1 3PE BA . -26.97 -6.39 -24.45
C2 3PE BA . -26.00 -6.73 -25.55
C3 3PE BA . -26.46 -6.36 -26.94
O31 3PE BA . -25.56 -7.04 -27.85
O32 3PE BA . -25.38 -5.19 -29.07
C31 3PE BA . -25.07 -6.33 -28.86
C32 3PE BA . -24.07 -7.10 -29.65
C33 3PE BA . -23.22 -6.24 -30.54
C34 3PE BA . -22.26 -5.37 -29.76
O21 3PE BA . -24.70 -6.16 -25.21
O22 3PE BA . -25.44 -4.02 -25.23
C21 3PE BA . -24.57 -4.83 -25.07
C22 3PE BA . -23.18 -4.48 -24.66
C23 3PE BA . -22.57 -3.52 -25.60
C24 3PE BA . -22.18 -2.22 -24.94
C25 3PE BA . -21.04 -2.36 -23.98
C26 3PE BA . -19.83 -3.07 -24.54
C27 3PE BA . -18.98 -2.26 -25.50
C28 3PE BA . -19.56 -2.05 -26.87
C29 3PE BA . -18.80 -1.07 -27.70
C2A 3PE BA . -19.40 -0.83 -29.06
C2B 3PE BA . -18.57 0.08 -29.92
C2C 3PE BA . -18.14 1.35 -29.22
C2D 3PE BA . -17.37 2.30 -30.09
C2E 3PE BA . -16.99 3.58 -29.38
C2F 3PE BA . -18.15 4.24 -28.68
C2G 3PE BA . -17.76 5.44 -27.86
P 3PE CA . 12.75 31.37 -28.85
N 3PE CA . 17.08 31.32 -29.06
O11 3PE CA . 12.13 30.15 -28.00
O12 3PE CA . 11.65 32.17 -29.51
O13 3PE CA . 13.58 30.68 -30.04
O14 3PE CA . 13.71 32.05 -27.93
C11 3PE CA . 14.97 30.30 -29.83
C12 3PE CA . 15.90 31.50 -29.92
C1 3PE CA . 10.74 29.73 -28.20
C2 3PE CA . 9.74 30.75 -27.71
C3 3PE CA . 8.39 30.61 -28.37
O31 3PE CA . 7.63 29.51 -27.80
O32 3PE CA . 6.44 29.50 -29.67
C31 3PE CA . 6.62 29.10 -28.55
C32 3PE CA . 5.67 28.18 -27.83
C33 3PE CA . 5.95 27.99 -26.37
C34 3PE CA . 6.58 26.66 -26.07
C35 3PE CA . 6.59 26.26 -24.62
C36 3PE CA . 5.23 25.86 -24.08
O21 3PE CA . 9.49 30.66 -26.28
O22 3PE CA . 9.73 32.87 -26.04
C21 3PE CA . 9.39 31.81 -25.59
C22 3PE CA . 8.65 31.64 -24.28
C23 3PE CA . 9.11 30.48 -23.46
C24 3PE CA . 8.05 30.06 -22.47
C25 3PE CA . 8.45 28.91 -21.58
C26 3PE CA . 9.41 29.30 -20.47
C27 3PE CA . 8.87 30.34 -19.53
C28 3PE CA . 9.53 30.35 -18.17
C29 3PE CA . 9.17 29.16 -17.32
C2A 3PE CA . 9.94 29.07 -16.02
C2B 3PE CA . 9.61 30.15 -15.02
C2C 3PE CA . 8.46 29.81 -14.09
C2D 3PE CA . 8.73 28.63 -13.19
FE HEC DA . 6.43 3.62 -67.02
CHA HEC DA . 4.65 5.89 -65.12
CHB HEC DA . 4.93 1.01 -65.26
CHC HEC DA . 7.72 1.35 -69.26
CHD HEC DA . 7.86 6.24 -68.81
NA HEC DA . 5.03 3.47 -65.45
C1A HEC DA . 4.41 4.47 -64.80
C2A HEC DA . 3.46 4.05 -63.75
C3A HEC DA . 3.54 2.58 -63.78
C4A HEC DA . 4.53 2.36 -64.86
CMA HEC DA . 2.82 1.57 -62.94
CAA HEC DA . 2.65 4.92 -62.84
CBA HEC DA . 1.27 5.27 -63.38
CGA HEC DA . 0.60 5.88 -62.19
O1A HEC DA . 1.20 6.78 -61.58
O2A HEC DA . -0.53 5.46 -61.84
NB HEC DA . 6.35 1.53 -67.23
C1B HEC DA . 5.70 0.62 -66.46
C2B HEC DA . 5.81 -0.80 -66.86
C3B HEC DA . 6.64 -0.67 -68.07
C4B HEC DA . 6.91 0.78 -68.20
CMB HEC DA . 5.20 -1.98 -66.15
CAB HEC DA . 7.14 -1.72 -69.01
CBB HEC DA . 6.86 -3.20 -68.86
NC HEC DA . 7.61 3.77 -68.74
C1C HEC DA . 8.04 2.76 -69.52
C2C HEC DA . 8.85 3.14 -70.71
C3C HEC DA . 8.88 4.61 -70.56
C4C HEC DA . 8.09 4.88 -69.34
CMC HEC DA . 9.46 2.21 -71.73
CAC HEC DA . 9.52 5.65 -71.40
CBC HEC DA . 10.34 5.38 -72.65
ND HEC DA . 6.29 5.72 -66.96
C1D HEC DA . 6.91 6.62 -67.75
C2D HEC DA . 6.59 8.04 -67.45
C3D HEC DA . 5.63 7.93 -66.35
C4D HEC DA . 5.53 6.47 -66.15
CMD HEC DA . 7.11 9.29 -68.12
CAD HEC DA . 4.93 9.04 -65.61
CBD HEC DA . 3.43 8.97 -65.86
CGD HEC DA . 2.94 10.31 -66.33
O1D HEC DA . 2.10 10.91 -65.63
P 3PE EA . 7.88 -20.27 -40.41
N 3PE EA . 10.51 -23.22 -38.90
O11 3PE EA . 6.53 -19.97 -39.62
O12 3PE EA . 7.58 -21.16 -41.58
O13 3PE EA . 8.74 -21.12 -39.35
O14 3PE EA . 8.62 -18.96 -40.62
C11 3PE EA . 8.23 -22.38 -38.88
C12 3PE EA . 9.31 -23.04 -38.07
C1 3PE EA . 6.59 -19.20 -38.38
C2 3PE EA . 5.20 -19.13 -37.79
C3 3PE EA . 4.66 -20.48 -37.38
O31 3PE EA . 3.30 -20.31 -36.93
O32 3PE EA . 4.05 -19.97 -34.86
C31 3PE EA . 3.14 -19.99 -35.65
C32 3PE EA . 1.74 -19.58 -35.35
C33 3PE EA . 1.50 -19.49 -33.89
C34 3PE EA . 0.34 -18.58 -33.52
C35 3PE EA . 0.07 -18.63 -32.05
C36 3PE EA . -0.78 -17.53 -31.51
C37 3PE EA . -0.10 -16.22 -31.27
C38 3PE EA . 0.64 -16.18 -29.97
C39 3PE EA . 1.16 -14.82 -29.59
O21 3PE EA . 5.25 -18.18 -36.68
O22 3PE EA . 3.53 -17.09 -37.54
C21 3PE EA . 4.36 -17.19 -36.68
C22 3PE EA . 4.51 -16.24 -35.52
C23 3PE EA . 3.54 -15.11 -35.57
C24 3PE EA . 3.44 -14.33 -34.28
C25 3PE EA . 4.68 -13.57 -33.89
C26 3PE EA . 4.45 -12.53 -32.81
C27 3PE EA . 3.77 -13.05 -31.57
C28 3PE EA . 3.61 -12.03 -30.48
C29 3PE EA . 4.91 -11.44 -29.97
FE1 FES FA . 53.14 3.19 -40.53
FE2 FES FA . 54.16 4.98 -38.05
S1 FES FA . 53.76 2.81 -38.41
S2 FES FA . 54.34 5.06 -40.31
O12 PC1 GA . -3.85 -27.89 -15.36
P PC1 GA . -2.72 -27.53 -14.45
O14 PC1 GA . -3.00 -26.90 -13.12
O13 PC1 GA . -1.86 -28.87 -14.22
C11 PC1 GA . -0.77 -28.88 -13.25
C12 PC1 GA . -1.01 -29.91 -12.17
N PC1 GA . -0.47 -31.30 -12.42
C13 PC1 GA . -1.00 -31.85 -13.70
C14 PC1 GA . -0.89 -32.20 -11.30
C15 PC1 GA . 1.01 -31.28 -12.48
O11 PC1 GA . -1.78 -26.58 -15.34
C1 PC1 GA . -0.58 -25.96 -14.78
C2 PC1 GA . 0.15 -25.38 -15.95
O21 PC1 GA . 1.49 -24.92 -15.58
C21 PC1 GA . 2.43 -25.87 -15.42
O22 PC1 GA . 2.20 -27.04 -15.50
C22 PC1 GA . 3.80 -25.29 -15.20
C23 PC1 GA . 4.91 -26.30 -15.33
C24 PC1 GA . 5.11 -26.76 -16.76
C25 PC1 GA . 5.45 -25.66 -17.73
C26 PC1 GA . 5.98 -26.13 -19.07
C27 PC1 GA . 7.33 -26.79 -18.99
C28 PC1 GA . 7.95 -27.14 -20.32
C29 PC1 GA . 8.09 -25.97 -21.26
C2A PC1 GA . 8.94 -26.24 -22.47
C2B PC1 GA . 10.39 -26.50 -22.17
C2C PC1 GA . 11.08 -25.38 -21.44
C2D PC1 GA . 11.11 -24.07 -22.19
C3 PC1 GA . -0.61 -24.28 -16.64
O31 PC1 GA . -0.07 -24.02 -17.95
C31 PC1 GA . -0.93 -23.50 -18.81
O32 PC1 GA . -2.08 -23.27 -18.52
C32 PC1 GA . -0.32 -23.26 -20.17
C33 PC1 GA . -1.29 -22.74 -21.19
C34 PC1 GA . -1.86 -21.38 -20.81
C35 PC1 GA . -2.92 -20.85 -21.76
C36 PC1 GA . -2.37 -20.27 -23.04
C37 PC1 GA . -1.52 -19.04 -22.86
C38 PC1 GA . -0.96 -18.49 -24.14
C39 PC1 GA . -1.99 -18.22 -25.22
C3A PC1 GA . -2.87 -17.01 -24.97
C3B PC1 GA . -2.14 -15.70 -25.02
C3C PC1 GA . -1.72 -15.29 -26.40
C3D PC1 GA . -0.62 -14.25 -26.43
C3E PC1 GA . -0.90 -13.01 -25.62
C3F PC1 GA . 0.26 -12.05 -25.55
C3G PC1 GA . 0.80 -11.64 -26.90
P 3PE HA . -16.29 -31.80 -22.05
N 3PE HA . -15.69 -35.39 -19.62
O11 3PE HA . -15.89 -32.25 -23.54
O12 3PE HA . -15.29 -30.75 -21.64
O13 3PE HA . -15.97 -33.14 -21.22
O14 3PE HA . -17.76 -31.50 -21.98
C11 3PE HA . -16.47 -34.40 -21.72
C12 3PE HA . -15.67 -35.50 -21.08
C1 3PE HA . -16.84 -32.06 -24.62
C2 3PE HA . -16.04 -32.01 -25.90
C3 3PE HA . -14.84 -31.11 -25.78
O31 3PE HA . -13.78 -31.90 -25.19
O32 3PE HA . -11.65 -31.93 -24.61
C31 3PE HA . -12.60 -31.32 -25.00
C32 3PE HA . -12.64 -29.85 -25.29
C33 3PE HA . -11.57 -29.42 -26.24
C34 3PE HA . -12.06 -28.35 -27.19
C35 3PE HA . -13.22 -28.79 -28.03
C36 3PE HA . -13.63 -27.82 -29.11
C37 3PE HA . -14.26 -26.56 -28.59
C38 3PE HA . -15.54 -26.78 -27.83
C39 3PE HA . -16.53 -25.64 -27.96
C3A 3PE HA . -17.02 -25.42 -29.37
O21 3PE HA . -15.50 -33.34 -26.13
O22 3PE HA . -14.91 -32.86 -28.25
C21 3PE HA . -14.91 -33.61 -27.31
C22 3PE HA . -14.20 -34.93 -27.26
C23 3PE HA . -13.19 -35.00 -26.15
C24 3PE HA . -12.43 -36.31 -26.13
C1 CDL IA . -22.77 -9.42 -24.22
O1 CDL IA . -22.72 -9.61 -25.64
CA2 CDL IA . -21.63 -10.19 -23.60
OA2 CDL IA . -21.86 -11.62 -23.77
PA1 CDL IA . -20.64 -12.65 -23.56
OA3 CDL IA . -21.19 -14.03 -23.30
OA4 CDL IA . -19.66 -12.04 -22.60
OA5 CDL IA . -19.92 -12.69 -24.99
CA3 CDL IA . -20.68 -12.52 -26.21
CA4 CDL IA . -20.04 -11.33 -26.91
OA6 CDL IA . -20.54 -10.99 -28.23
CA5 CDL IA . -21.81 -10.57 -28.38
OA7 CDL IA . -22.64 -10.63 -27.51
C11 CDL IA . -22.03 -9.86 -29.68
C12 CDL IA . -21.52 -10.58 -30.89
C13 CDL IA . -20.01 -10.43 -31.09
C14 CDL IA . -19.51 -10.92 -32.44
C15 CDL IA . -19.96 -12.31 -32.80
CA6 CDL IA . -18.55 -11.50 -27.09
OA8 CDL IA . -18.02 -10.26 -27.59
CA7 CDL IA . -16.70 -10.22 -27.78
OA9 CDL IA . -15.98 -11.14 -27.53
C31 CDL IA . -16.27 -8.91 -28.38
C32 CDL IA . -16.77 -8.71 -29.78
C33 CDL IA . -16.27 -7.42 -30.41
C34 CDL IA . -14.77 -7.36 -30.60
CB2 CDL IA . -24.13 -9.88 -23.74
OB2 CDL IA . -25.09 -9.66 -24.83
PB2 CDL IA . -26.53 -10.37 -24.77
OB3 CDL IA . -26.33 -11.69 -24.07
OB4 CDL IA . -27.60 -9.41 -24.34
OB5 CDL IA . -26.75 -10.75 -26.31
CB3 CDL IA . -25.68 -11.46 -26.95
CB4 CDL IA . -26.02 -12.13 -28.26
OB6 CDL IA . -24.81 -12.86 -28.57
CB5 CDL IA . -24.68 -14.09 -28.04
OB7 CDL IA . -25.61 -14.70 -27.61
C51 CDL IA . -23.24 -14.53 -27.94
C52 CDL IA . -22.57 -14.71 -29.25
C53 CDL IA . -23.19 -15.82 -30.07
C54 CDL IA . -22.64 -15.94 -31.47
C55 CDL IA . -23.27 -17.04 -32.29
CB6 CDL IA . -26.37 -11.19 -29.38
OB8 CDL IA . -26.39 -11.95 -30.60
CB7 CDL IA . -26.70 -11.29 -31.70
OB9 CDL IA . -27.04 -10.14 -31.71
C71 CDL IA . -26.51 -12.16 -32.91
C72 CDL IA . -26.08 -13.55 -32.58
C73 CDL IA . -25.70 -14.37 -33.80
C74 CDL IA . -26.77 -14.45 -34.85
C75 CDL IA . -28.09 -15.02 -34.36
C76 CDL IA . -27.98 -16.39 -33.74
C1 CDL JA . -22.33 -18.37 -21.39
O1 CDL JA . -22.28 -18.36 -19.97
CA2 CDL JA . -23.70 -18.75 -21.86
OA2 CDL JA . -23.57 -19.11 -23.26
PA1 CDL JA . -24.87 -19.58 -24.09
OA3 CDL JA . -25.74 -18.38 -24.34
OA4 CDL JA . -25.43 -20.78 -23.38
OA5 CDL JA . -24.22 -20.10 -25.46
CA3 CDL JA . -23.29 -21.20 -25.39
CA4 CDL JA . -22.63 -21.43 -26.74
OA6 CDL JA . -22.08 -20.21 -27.30
CA5 CDL JA . -21.03 -19.64 -26.68
OA7 CDL JA . -20.61 -19.99 -25.61
C11 CDL JA . -20.38 -18.59 -27.54
C12 CDL JA . -18.95 -18.88 -27.81
C13 CDL JA . -18.51 -18.41 -29.18
C14 CDL JA . -18.92 -17.01 -29.51
CA6 CDL JA . -23.54 -22.11 -27.74
OA8 CDL JA . -23.03 -21.89 -29.07
CA7 CDL JA . -23.38 -22.81 -29.97
OA9 CDL JA . -23.96 -23.82 -29.66
C31 CDL JA . -23.06 -22.38 -31.37
C32 CDL JA . -23.87 -23.12 -32.40
C33 CDL JA . -23.58 -22.65 -33.81
CB2 CDL JA . -21.23 -19.26 -21.94
OB2 CDL JA . -19.96 -18.59 -21.73
PB2 CDL JA . -18.61 -19.30 -22.18
OB3 CDL JA . -18.79 -19.89 -23.55
OB4 CDL JA . -18.13 -20.17 -21.04
OB5 CDL JA . -17.63 -18.04 -22.32
CB3 CDL JA . -18.17 -16.80 -22.83
CB4 CDL JA . -17.18 -16.09 -23.71
OB6 CDL JA . -16.65 -17.00 -24.72
CB5 CDL JA . -16.75 -16.62 -26.01
OB7 CDL JA . -17.39 -15.66 -26.34
C51 CDL JA . -15.89 -17.45 -26.91
C52 CDL JA . -15.53 -16.76 -28.19
C53 CDL JA . -14.74 -15.49 -27.95
C54 CDL JA . -14.47 -14.65 -29.19
C55 CDL JA . -15.56 -13.66 -29.53
C56 CDL JA . -16.85 -14.28 -30.00
C57 CDL JA . -18.00 -13.31 -30.12
CB6 CDL JA . -15.98 -15.52 -22.99
OB8 CDL JA . -14.97 -15.22 -23.98
CB7 CDL JA . -13.85 -14.68 -23.54
OB9 CDL JA . -13.66 -14.38 -22.40
C71 CDL JA . -12.83 -14.55 -24.65
C72 CDL JA . -13.16 -13.51 -25.64
C73 CDL JA . -13.17 -12.11 -25.05
C74 CDL JA . -13.16 -11.01 -26.08
C75 CDL JA . -12.04 -11.15 -27.09
C76 CDL JA . -11.91 -9.99 -28.04
C77 CDL JA . -10.76 -10.15 -29.02
C78 CDL JA . -10.32 -8.87 -29.69
C79 CDL JA . -11.30 -8.28 -30.67
C80 CDL JA . -10.86 -6.96 -31.25
P 3PE KA . -8.08 21.33 2.91
N 3PE KA . -10.91 18.33 4.78
O11 3PE KA . -8.44 21.44 1.35
O12 3PE KA . -8.30 22.67 3.55
O13 3PE KA . -9.27 20.42 3.50
O14 3PE KA . -6.78 20.62 3.10
C11 3PE KA . -9.38 20.27 4.95
C12 3PE KA . -10.71 19.67 5.33
C1 3PE KA . -7.61 20.77 0.35
C2 3PE KA . -6.32 21.51 0.05
C3 3PE KA . -5.35 20.66 -0.75
O31 3PE KA . -4.41 19.97 0.11
O32 3PE KA . -3.41 19.21 -1.73
C31 3PE KA . -3.48 19.26 -0.53
C32 3PE KA . -2.57 18.53 0.43
C33 3PE KA . -1.10 18.78 0.19
C34 3PE KA . -0.61 18.27 -1.15
C35 3PE KA . -0.60 16.77 -1.29
C36 3PE KA . 0.73 16.12 -0.97
C37 3PE KA . 1.86 16.54 -1.88
C39 3PE KA . 7.23 13.30 -6.75
O21 3PE KA . -6.43 22.69 -0.81
O22 3PE KA . -8.02 23.74 0.41
C21 3PE KA . -7.22 23.74 -0.49
C22 3PE KA . -6.90 24.96 -1.30
C23 3PE KA . -7.10 24.78 -2.76
C24 3PE KA . -6.55 25.93 -3.58
C25 3PE KA . -5.09 26.22 -3.30
C26 3PE KA . -4.41 27.15 -4.27
C27 3PE KA . -5.00 28.54 -4.36
C28 3PE KA . -4.10 29.54 -5.04
C29 3PE KA . -3.64 29.12 -6.43
C2A 3PE KA . -2.62 30.04 -7.04
C1 CDL LA . -3.73 22.38 3.68
O1 CDL LA . -4.91 22.19 4.46
CA2 CDL LA . -2.87 21.14 3.73
OA2 CDL LA . -2.42 20.86 5.08
PA1 CDL LA . -1.48 19.57 5.34
OA3 CDL LA . -2.19 18.38 4.77
OA4 CDL LA . -1.06 19.58 6.79
OA5 CDL LA . -0.20 19.85 4.43
CA3 CDL LA . 0.62 21.04 4.63
CA4 CDL LA . 1.82 20.91 3.73
OA6 CDL LA . 1.45 20.94 2.33
CA5 CDL LA . 1.17 22.12 1.77
OA7 CDL LA . 1.20 23.16 2.39
C11 CDL LA . 0.86 22.00 0.30
C12 CDL LA . 1.95 21.34 -0.46
C13 CDL LA . 1.60 21.14 -1.93
C14 CDL LA . 2.67 20.43 -2.72
CA6 CDL LA . 2.63 19.67 4.01
OA8 CDL LA . 3.10 19.06 2.78
CA7 CDL LA . 4.09 19.66 2.12
OA9 CDL LA . 4.52 20.74 2.41
C31 CDL LA . 4.64 18.79 1.03
C32 CDL LA . 6.12 18.96 0.84
C33 CDL LA . 6.69 18.04 -0.23
CB2 CDL LA . -3.03 23.64 4.13
OB2 CDL LA . -3.65 24.79 3.49
PB2 CDL LA . -2.83 25.59 2.36
OB3 CDL LA . -3.76 26.60 1.75
OB4 CDL LA . -1.57 26.05 3.03
OB5 CDL LA . -2.48 24.45 1.27
CB3 CDL LA . -1.68 24.78 0.10
CB4 CDL LA . -2.52 25.14 -1.10
OB6 CDL LA . -3.21 23.97 -1.65
CB5 CDL LA . -2.48 22.96 -2.17
OB7 CDL LA . -1.28 22.83 -2.05
C51 CDL LA . -3.29 22.05 -3.05
C52 CDL LA . -4.39 22.74 -3.78
CB6 CDL LA . -1.77 25.70 -2.29
OB8 CDL LA . -0.94 26.82 -1.94
CB7 CDL LA . -0.43 27.48 -2.96
OB9 CDL LA . -0.71 27.24 -4.11
C71 CDL LA . 0.59 28.51 -2.55
C72 CDL LA . 1.35 29.07 -3.71
P 3PE MA . 4.46 24.15 4.65
N 3PE MA . -0.26 25.47 6.01
O11 3PE MA . 5.04 23.98 3.18
O12 3PE MA . 4.53 22.80 5.31
O13 3PE MA . 2.92 24.52 4.36
O14 3PE MA . 5.15 25.32 5.29
C11 3PE MA . 2.00 24.67 5.46
C12 3PE MA . 0.69 25.18 4.93
C1 3PE MA . 5.03 25.10 2.26
C2 3PE MA . 5.74 24.61 1.01
C3 3PE MA . 6.99 23.83 1.33
O31 3PE MA . 8.09 24.47 0.67
O32 3PE MA . 9.49 23.10 1.71
C31 3PE MA . 9.30 23.98 0.93
C32 3PE MA . 10.33 24.66 0.09
C33 3PE MA . 10.91 23.76 -0.95
C34 3PE MA . 9.84 23.06 -1.77
C35 3PE MA . 9.06 23.96 -2.68
O21 3PE MA . 4.86 23.82 0.16
O22 3PE MA . 3.84 23.70 -1.80
C21 3PE MA . 4.52 24.32 -1.04
C22 3PE MA . 5.04 25.71 -1.31
C23 3PE MA . 5.94 25.80 -2.50
C24 3PE MA . 5.19 25.73 -3.82
C25 3PE MA . 4.28 26.91 -4.07
CHA HEM NA . 24.60 10.53 -25.06
CHB HEM NA . 24.63 8.87 -20.49
CHC HEM NA . 19.76 9.03 -20.44
CHD HEM NA . 19.75 10.35 -25.08
C1A HEM NA . 25.00 10.10 -23.82
C2A HEM NA . 26.34 10.00 -23.42
C3A HEM NA . 26.36 9.54 -22.15
C4A HEM NA . 25.03 9.33 -21.74
CMA HEM NA . 27.60 9.30 -21.32
CAA HEM NA . 27.54 10.38 -24.25
CBA HEM NA . 27.84 11.84 -23.90
CGA HEM NA . 28.89 12.47 -24.79
O1A HEM NA . 30.05 12.63 -24.37
O2A HEM NA . 28.59 12.83 -25.94
C1B HEM NA . 23.29 8.79 -20.12
C2B HEM NA . 22.89 8.35 -18.83
C3B HEM NA . 21.53 8.38 -18.78
C4B HEM NA . 21.10 8.87 -20.11
CMB HEM NA . 23.80 7.92 -17.71
CAB HEM NA . 20.63 8.02 -17.66
CBB HEM NA . 20.62 6.82 -17.09
C1C HEM NA . 19.33 9.33 -21.71
C2C HEM NA . 18.01 9.20 -22.18
C3C HEM NA . 18.01 9.58 -23.52
C4C HEM NA . 19.35 9.92 -23.85
CMC HEM NA . 16.85 8.74 -21.35
CAC HEM NA . 16.88 9.62 -24.45
CBC HEM NA . 15.71 10.16 -24.15
C1D HEM NA . 21.09 10.49 -25.41
C2D HEM NA . 21.48 10.89 -26.76
C3D HEM NA . 22.83 10.95 -26.77
C4D HEM NA . 23.26 10.58 -25.41
CMD HEM NA . 20.56 11.18 -27.92
CAD HEM NA . 23.68 11.29 -27.96
CBD HEM NA . 24.03 12.77 -28.07
CGD HEM NA . 25.15 13.13 -27.14
O1D HEM NA . 24.96 13.95 -26.23
O2D HEM NA . 26.27 12.63 -27.30
NA HEM NA . 24.20 9.68 -22.77
NB HEM NA . 22.20 9.10 -20.84
NC HEM NA . 20.14 9.76 -22.74
ND HEM NA . 22.19 10.33 -24.64
FE HEM NA . 22.22 9.82 -22.84
CHA HEM OA . 19.32 4.50 -0.21
CHB HEM OA . 18.23 6.15 -4.62
CHC HEM OA . 21.68 3.24 -6.47
CHD HEM OA . 21.97 0.95 -2.22
C1A HEM OA . 18.82 5.25 -1.25
C2A HEM OA . 18.00 6.39 -1.08
C3A HEM OA . 17.70 6.85 -2.33
C4A HEM OA . 18.32 5.99 -3.26
CMA HEM OA . 16.85 8.05 -2.65
CAA HEM OA . 17.56 6.99 0.21
CBA HEM OA . 18.47 8.17 0.57
CGA HEM OA . 19.88 7.72 0.85
O1A HEM OA . 20.78 7.93 0.03
O2A HEM OA . 20.16 7.15 1.93
C1B HEM OA . 19.12 5.49 -5.47
C2B HEM OA . 19.17 5.80 -6.85
C3B HEM OA . 20.13 5.00 -7.41
C4B HEM OA . 20.67 4.18 -6.30
CMB HEM OA . 18.31 6.82 -7.54
CAB HEM OA . 20.57 4.95 -8.81
CBB HEM OA . 19.76 4.55 -9.79
C1C HEM OA . 22.11 2.40 -5.45
C2C HEM OA . 23.23 1.57 -5.51
C3C HEM OA . 23.33 0.90 -4.31
C4C HEM OA . 22.25 1.37 -3.50
CMC HEM OA . 24.14 1.45 -6.70
CAC HEM OA . 24.37 -0.08 -3.91
CBC HEM OA . 24.27 -1.39 -4.11
C1D HEM OA . 21.26 1.78 -1.35
C2D HEM OA . 21.19 1.49 0.09
C3D HEM OA . 20.46 2.48 0.64
C4D HEM OA . 20.08 3.37 -0.46
CMD HEM OA . 21.82 0.32 0.80
CAD HEM OA . 20.08 2.66 2.08
CBD HEM OA . 21.23 3.41 2.75
CGD HEM OA . 20.99 3.65 4.21
O1D HEM OA . 21.96 3.58 5.00
O2D HEM OA . 19.86 3.95 4.64
NA HEM OA . 19.01 5.03 -2.58
NB HEM OA . 20.02 4.54 -5.18
NC HEM OA . 21.54 2.28 -4.23
ND HEM OA . 20.59 2.91 -1.61
FE HEM OA . 20.35 3.72 -3.27
P 3PE PA . 31.74 8.88 10.88
N 3PE PA . 35.13 7.84 13.96
O11 3PE PA . 32.40 9.59 9.61
O12 3PE PA . 31.86 9.80 12.06
O13 3PE PA . 32.75 7.64 11.09
O14 3PE PA . 30.41 8.34 10.47
C11 3PE PA . 33.32 7.39 12.40
C12 3PE PA . 34.58 8.17 12.64
C1 3PE PA . 33.81 9.88 9.66
C2 3PE PA . 34.37 10.04 8.26
C3 3PE PA . 35.85 10.33 8.25
O31 3PE PA . 36.05 11.61 7.62
O32 3PE PA . 36.16 10.57 5.67
C31 3PE PA . 36.13 11.59 6.30
C32 3PE PA . 36.15 12.97 5.73
C33 3PE PA . 36.02 12.99 4.23
C34 3PE PA . 37.24 12.39 3.54
C35 3PE PA . 37.11 12.32 2.04
C36 3PE PA . 38.33 11.78 1.34
C37 3PE PA . 39.58 12.58 1.57
O21 3PE PA . 34.05 8.88 7.42
O22 3PE PA . 32.34 9.98 6.53
C21 3PE PA . 33.02 9.00 6.56
C22 3PE PA . 32.86 7.86 5.60
C23 3PE PA . 31.68 8.01 4.71
C24 3PE PA . 31.88 7.39 3.34
C25 3PE PA . 31.26 8.19 2.21
C26 3PE PA . 31.58 7.67 0.84
C27 3PE PA . 33.06 7.51 0.58
C28 3PE PA . 33.39 6.37 -0.35
C29 3PE PA . 33.12 6.62 -1.81
C2A 3PE PA . 34.31 7.17 -2.56
C2B 3PE PA . 34.11 7.25 -4.06
C1 CDL QA . 30.60 13.24 8.32
O1 CDL QA . 30.85 11.98 7.68
CA2 CDL QA . 29.61 14.03 7.49
OA2 CDL QA . 29.19 15.20 8.26
PA1 CDL QA . 28.33 16.34 7.52
OA3 CDL QA . 27.90 17.37 8.54
OA4 CDL QA . 27.30 15.65 6.67
OA5 CDL QA . 29.43 17.01 6.57
CA3 CDL QA . 29.06 18.08 5.67
CA4 CDL QA . 30.36 18.36 4.94
OA6 CDL QA . 30.29 19.46 3.98
CA5 CDL QA . 31.42 20.14 3.77
OA7 CDL QA . 32.38 20.04 4.49
C11 CDL QA . 31.40 20.91 2.49
C12 CDL QA . 30.28 21.89 2.40
C13 CDL QA . 29.81 22.11 0.97
C14 CDL QA . 29.28 20.86 0.29
C15 CDL QA . 27.87 20.45 0.67
C16 CDL QA . 27.75 19.79 2.02
CA6 CDL QA . 30.87 17.16 4.17
OA8 CDL QA . 29.98 16.90 3.06
CA7 CDL QA . 30.30 15.82 2.35
OA9 CDL QA . 31.23 15.12 2.61
C31 CDL QA . 29.32 15.60 1.23
C32 CDL QA . 29.74 16.20 -0.08
C33 CDL QA . 30.73 15.34 -0.86
C34 CDL QA . 32.15 15.36 -0.35
C35 CDL QA . 32.76 16.73 -0.32
C36 CDL QA . 34.23 16.75 0.02
C37 CDL QA . 34.86 18.11 -0.05
CB2 CDL QA . 31.91 13.96 8.53
OB2 CDL QA . 32.73 13.22 9.48
PB2 CDL QA . 33.83 14.03 10.34
OB3 CDL QA . 34.53 13.06 11.24
OB4 CDL QA . 33.10 15.20 10.93
OB5 CDL QA . 34.85 14.56 9.23
CB3 CDL QA . 36.00 15.36 9.63
CB4 CDL QA . 36.04 16.54 8.69
OB6 CDL QA . 34.82 16.40 7.93
CB5 CDL QA . 34.39 17.44 7.22
OB7 CDL QA . 34.76 18.57 7.40
C51 CDL QA . 33.63 16.96 6.04
C52 CDL QA . 34.47 16.19 5.08
C53 CDL QA . 34.29 16.64 3.64
C54 CDL QA . 34.54 18.12 3.42
C55 CDL QA . 35.94 18.57 3.77
CB6 CDL QA . 37.08 16.44 7.58
OB8 CDL QA . 38.35 16.01 8.10
CB7 CDL QA . 39.44 16.45 7.46
OB9 CDL QA . 40.53 15.97 7.65
C71 CDL QA . 39.19 17.67 6.62
C72 CDL QA . 39.17 18.95 7.42
C73 CDL QA . 39.07 20.20 6.57
C74 CDL QA . 40.35 20.57 5.87
C75 CDL QA . 40.42 22.03 5.48
C76 CDL QA . 40.26 22.98 6.63
FE HEC RA . 47.90 21.59 -42.27
CHA HEC RA . 48.04 18.52 -40.70
CHB HEC RA . 46.94 23.07 -39.28
CHC HEC RA . 48.47 24.72 -43.62
CHD HEC RA . 48.87 20.10 -45.28
NA HEC RA . 47.55 20.91 -40.32
C1A HEC RA . 47.65 19.66 -39.86
C2A HEC RA . 47.35 19.50 -38.41
C3A HEC RA . 47.02 20.85 -37.98
C4A HEC RA . 47.18 21.62 -39.24
CMA HEC RA . 46.62 21.33 -36.61
CAA HEC RA . 47.34 18.22 -37.61
CBA HEC RA . 48.67 17.87 -36.96
CGA HEC RA . 48.29 16.78 -36.01
O1A HEC RA . 47.77 15.74 -36.49
O2A HEC RA . 48.47 16.95 -34.79
NB HEC RA . 47.73 23.57 -41.57
C1B HEC RA . 47.35 23.99 -40.34
C2B HEC RA . 47.35 25.45 -40.12
C3B HEC RA . 47.82 25.94 -41.43
C4B HEC RA . 48.02 24.70 -42.23
CMB HEC RA . 46.95 26.17 -38.87
CAB HEC RA . 48.06 27.32 -41.92
CBB HEC RA . 47.86 28.57 -41.11
NC HEC RA . 48.55 22.30 -44.15
C1C HEC RA . 48.72 23.58 -44.52
C2C HEC RA . 49.21 23.81 -45.90
C3C HEC RA . 49.33 22.42 -46.38
C4C HEC RA . 48.91 21.58 -45.23
CMC HEC RA . 49.48 25.14 -46.56
CAC HEC RA . 49.78 21.86 -47.70
CBC HEC RA . 50.22 22.70 -48.88
ND HEC RA . 48.37 19.64 -42.89
C1D HEC RA . 48.74 19.19 -44.11
C2D HEC RA . 49.00 17.73 -44.20
C3D HEC RA . 48.75 17.27 -42.83
C4D HEC RA . 48.38 18.53 -42.13
CMD HEC RA . 49.42 16.90 -45.38
CAD HEC RA . 48.85 15.90 -42.25
CBD HEC RA . 50.21 15.82 -41.55
CGD HEC RA . 50.50 14.42 -41.09
O1D HEC RA . 51.69 14.07 -40.94
O2D HEC RA . 49.54 13.65 -40.87
FE1 FES SA . -1.17 21.35 -63.31
FE2 FES SA . -3.75 19.74 -63.61
S1 FES SA . -3.14 21.43 -62.27
S2 FES SA . -1.60 19.30 -64.02
P 3PE TA . 22.28 34.47 -20.47
N 3PE TA . 18.10 35.67 -20.77
O11 3PE TA . 22.37 33.73 -19.05
O12 3PE TA . 23.17 35.68 -20.43
O13 3PE TA . 20.75 34.95 -20.56
O14 3PE TA . 22.47 33.42 -21.55
C11 3PE TA . 20.24 35.90 -19.59
C12 3PE TA . 19.06 36.61 -20.19
C1 3PE TA . 21.59 32.54 -18.82
C2 3PE TA . 21.93 31.98 -17.45
C3 3PE TA . 21.69 32.94 -16.31
O31 3PE TA . 22.33 32.41 -15.13
O32 3PE TA . 20.46 31.33 -14.58
C31 3PE TA . 21.63 31.55 -14.40
C32 3PE TA . 22.49 30.84 -13.41
C33 3PE TA . 21.74 29.84 -12.58
C34 3PE TA . 22.57 29.29 -11.44
C35 3PE TA . 21.78 28.91 -10.20
C36 3PE TA . 20.77 27.80 -10.41
C37 3PE TA . 21.34 26.54 -11.01
C38 3PE TA . 20.85 26.25 -12.41
C39 3PE TA . 19.38 25.95 -12.48
C3A 3PE TA . 18.94 24.86 -11.55
C3B 3PE TA . 17.51 24.42 -11.71
C3C 3PE TA . 16.48 25.48 -11.41
C3D 3PE TA . 15.06 24.98 -11.47
C3E 3PE TA . 14.70 24.34 -12.79
O21 3PE TA . 21.12 30.79 -17.28
O22 3PE TA . 22.93 29.51 -17.13
C21 3PE TA . 21.74 29.61 -17.14
C22 3PE TA . 20.76 28.49 -16.92
C23 3PE TA . 21.09 27.64 -15.74
C24 3PE TA . 21.78 26.35 -16.15
C25 3PE TA . 20.84 25.27 -16.62
C26 3PE TA . 20.38 24.35 -15.52
C27 3PE TA . 19.21 23.48 -15.90
C28 3PE TA . 18.86 22.43 -14.86
C29 3PE TA . 17.38 22.10 -14.84
C2A 3PE TA . 16.79 21.92 -16.21
C2B 3PE TA . 15.27 21.88 -16.22
C2C 3PE TA . 14.67 21.91 -17.61
C2D 3PE TA . 13.17 21.88 -17.66
C2E 3PE TA . 12.62 21.84 -19.07
C2F 3PE TA . 11.13 21.73 -19.15
C2G 3PE TA . 10.58 21.61 -20.55
C2H 3PE TA . 10.88 22.79 -21.43
C2I 3PE TA . 10.32 22.66 -22.83
O12 PC1 UA . 8.82 30.77 4.20
P PC1 UA . 7.46 30.14 4.14
O14 PC1 UA . 7.10 29.04 5.10
O13 PC1 UA . 6.37 31.30 4.27
C11 PC1 UA . 4.96 30.97 4.12
C12 PC1 UA . 4.14 31.74 5.12
N PC1 UA . 3.87 33.21 4.83
C13 PC1 UA . 3.09 33.79 5.96
C14 PC1 UA . 5.15 33.97 4.70
C15 PC1 UA . 3.09 33.35 3.59
O11 PC1 UA . 7.22 29.63 2.63
C1 PC1 UA . 8.18 28.70 2.04
C2 PC1 UA . 8.16 28.85 0.54
O21 PC1 UA . 6.84 28.59 -0.02
C21 PC1 UA . 5.98 29.62 -0.09
O22 PC1 UA . 6.28 30.72 0.29
C22 PC1 UA . 4.66 29.29 -0.72
C23 PC1 UA . 4.24 30.28 -1.75
C24 PC1 UA . 5.28 30.41 -2.86
C25 PC1 UA . 4.86 31.25 -4.03
C26 PC1 UA . 5.66 30.97 -5.26
C27 PC1 UA . 5.18 31.65 -6.51
C28 PC1 UA . 5.49 33.12 -6.58
C29 PC1 UA . 6.15 33.54 -7.87
C2A PC1 UA . 5.36 33.24 -9.11
C2B PC1 UA . 5.95 33.80 -10.38
C3 PC1 UA . 9.24 28.04 -0.16
O31 PC1 UA . 9.03 28.12 -1.59
C31 PC1 UA . 10.10 28.37 -2.35
O32 PC1 UA . 10.07 28.35 -3.54
C32 PC1 UA . 11.32 28.73 -1.53
C33 PC1 UA . 12.60 28.25 -2.11
C34 PC1 UA . 12.69 26.74 -2.16
C35 PC1 UA . 14.11 26.20 -2.23
C36 PC1 UA . 14.87 26.59 -3.47
C37 PC1 UA . 16.31 26.12 -3.45
C38 PC1 UA . 17.07 26.37 -4.73
C39 PC1 UA . 16.43 25.79 -5.96
C3A PC1 UA . 16.50 24.29 -6.05
C3B PC1 UA . 17.90 23.74 -5.98
C3C PC1 UA . 18.05 22.39 -6.64
C3D PC1 UA . 17.98 22.44 -8.14
C3E PC1 UA . 17.97 21.09 -8.82
C3F PC1 UA . 18.09 21.16 -10.31
C3G PC1 UA . 18.08 19.81 -11.00
C1 CDL VA . 26.79 20.37 11.83
O1 CDL VA . 25.80 20.68 12.81
CA2 CDL VA . 28.16 20.42 12.46
OA2 CDL VA . 28.43 21.78 12.91
PA1 CDL VA . 29.90 22.14 13.44
OA3 CDL VA . 30.91 21.89 12.37
OA4 CDL VA . 30.06 21.52 14.80
OA5 CDL VA . 29.79 23.74 13.66
CA3 CDL VA . 28.76 24.47 12.96
CA4 CDL VA . 29.04 24.77 11.51
OA6 CDL VA . 29.55 23.67 10.71
CA5 CDL VA . 29.26 23.66 9.40
OA7 CDL VA . 28.56 24.50 8.89
C11 CDL VA . 29.91 22.56 8.61
C12 CDL VA . 29.91 22.80 7.13
C13 CDL VA . 30.74 24.00 6.73
C14 CDL VA . 30.78 24.27 5.24
CA6 CDL VA . 29.79 26.08 11.29
OA8 CDL VA . 31.22 25.98 11.54
CA7 CDL VA . 31.97 25.63 10.51
OA9 CDL VA . 31.57 25.04 9.55
C31 CDL VA . 33.31 26.29 10.52
C32 CDL VA . 33.53 27.07 9.27
C33 CDL VA . 34.82 27.87 9.26
C34 CDL VA . 35.04 28.65 7.99
CB2 CDL VA . 26.65 21.31 10.65
OB2 CDL VA . 25.31 21.26 10.11
PB2 CDL VA . 24.94 22.17 8.84
OB3 CDL VA . 25.66 23.48 9.04
OB4 CDL VA . 23.45 22.16 8.68
OB5 CDL VA . 25.61 21.41 7.60
CB3 CDL VA . 24.85 20.43 6.83
CB4 CDL VA . 25.66 20.21 5.57
OB6 CDL VA . 25.88 21.52 4.97
CB5 CDL VA . 27.14 21.96 4.93
OB7 CDL VA . 28.05 21.24 5.24
C51 CDL VA . 27.31 23.41 4.57
C52 CDL VA . 27.35 23.68 3.10
C53 CDL VA . 28.03 25.00 2.75
C54 CDL VA . 27.25 26.23 3.13
C55 CDL VA . 26.33 26.77 2.06
C56 CDL VA . 27.01 27.61 1.01
C57 CDL VA . 27.73 28.82 1.56
CB6 CDL VA . 25.05 19.24 4.57
OB8 CDL VA . 24.05 19.92 3.78
CB7 CDL VA . 23.80 19.44 2.56
OB9 CDL VA . 22.98 19.92 1.82
C71 CDL VA . 24.69 18.28 2.19
C72 CDL VA . 24.83 18.07 0.71
C73 CDL VA . 25.86 17.00 0.36
C74 CDL VA . 26.07 16.80 -1.12
C75 CDL VA . 26.67 17.99 -1.83
C76 CDL VA . 26.79 17.85 -3.33
C77 CDL VA . 27.78 16.81 -3.81
C78 CDL VA . 27.98 16.78 -5.29
C79 CDL VA . 28.88 15.67 -5.79
C80 CDL VA . 30.28 15.70 -5.23
O12 PC1 WA . 5.17 39.90 -26.18
P PC1 WA . 5.55 39.45 -27.55
O14 PC1 WA . 6.79 40.01 -28.20
O13 PC1 WA . 4.32 39.71 -28.55
C11 PC1 WA . 3.16 38.84 -28.48
C12 PC1 WA . 2.51 38.77 -29.84
N PC1 WA . 2.52 37.42 -30.51
C13 PC1 WA . 3.92 36.96 -30.73
C14 PC1 WA . 1.83 36.41 -29.67
C15 PC1 WA . 1.82 37.50 -31.83
O11 PC1 WA . 5.63 37.85 -27.58
C1 PC1 WA . 6.52 37.14 -26.67
C2 PC1 WA . 5.67 36.24 -25.80
O21 PC1 WA . 5.29 34.99 -26.45
C21 PC1 WA . 6.14 33.96 -26.31
O22 PC1 WA . 7.17 34.08 -25.72
C22 PC1 WA . 5.70 32.65 -26.93
C23 PC1 WA . 4.25 32.59 -27.31
C24 PC1 WA . 3.36 32.18 -26.14
C25 PC1 WA . 3.67 30.83 -25.56
C26 PC1 WA . 2.78 30.42 -24.41
C3 PC1 WA . 4.44 36.94 -25.27
O31 PC1 WA . 3.55 36.01 -24.63
C31 PC1 WA . 2.57 35.55 -25.39
O32 PC1 WA . 2.45 35.82 -26.56
C32 PC1 WA . 1.58 34.74 -24.58
C33 PC1 WA . 1.07 35.47 -23.39
C34 PC1 WA . -0.09 34.75 -22.72
C35 PC1 WA . -1.35 34.74 -23.55
P 3PE XA . 25.88 -25.41 -32.80
N 3PE XA . 27.62 -30.03 -33.85
O11 3PE XA . 24.40 -25.76 -32.28
O12 3PE XA . 26.46 -24.26 -32.01
O13 3PE XA . 26.73 -26.73 -32.41
O14 3PE XA . 25.82 -25.34 -34.29
C11 3PE XA . 26.49 -27.96 -33.13
C12 3PE XA . 27.76 -28.76 -33.13
C1 3PE XA . 23.31 -24.82 -32.54
C2 3PE XA . 23.36 -23.59 -31.67
C3 3PE XA . 22.48 -22.48 -32.20
O31 3PE XA . 22.29 -21.45 -31.20
O32 3PE XA . 24.40 -20.77 -31.43
C31 3PE XA . 23.29 -20.62 -30.98
C32 3PE XA . 22.84 -19.39 -30.25
C33 3PE XA . 23.96 -18.57 -29.72
C34 3PE XA . 24.27 -18.90 -28.29
C35 3PE XA . 23.11 -18.62 -27.35
C36 3PE XA . 23.28 -19.19 -25.97
C37 3PE XA . 22.21 -18.77 -24.99
C38 3PE XA . 22.21 -17.29 -24.70
O21 3PE XA . 22.88 -23.87 -30.32
O22 3PE XA . 24.89 -23.40 -29.44
C21 3PE XA . 23.73 -23.70 -29.30
C22 3PE XA . 23.06 -23.83 -27.96
C23 3PE XA . 24.01 -23.71 -26.81
C24 3PE XA . 23.30 -23.32 -25.52
C25 3PE XA . 24.22 -22.73 -24.49
C26 3PE XA . 25.12 -23.72 -23.79
C27 3PE XA . 24.39 -24.61 -22.81
#